data_8JO0
#
_entry.id   8JO0
#
loop_
_entity.id
_entity.type
_entity.pdbx_description
1 polymer 'Cell death protein 4'
2 polymer 'Cell death protein 4'
3 non-polymer 'MAGNESIUM ION'
4 non-polymer "ADENOSINE-5'-TRIPHOSPHATE"
#
loop_
_entity_poly.entity_id
_entity_poly.type
_entity_poly.pdbx_seq_one_letter_code
_entity_poly.pdbx_strand_id
1 'polypeptide(L)'
;MLCEIECRALSTAHTRLIHDFEPRDALTYLEGKNIFTEDHSELISKMSTRLERIANFLRIYRRQASELGPLIDFFNYNNQ
SHLADFLEDYIDFAINEPDLLRPVVIAPQF
;
H,I,J,K,L,M
2 'polypeptide(L)'
;MLCEIECRALSTAHTRLIHDFEPRDALTYLEGKNIFTEDHSELISKMSTRLERIANFLRIYRRQASELGPLIDFFNYNNQ
SHLADFLEDYIDFAINEPDLLRPVVIAPQFSRQMLDRKLLLGNVPKQMTCYIREYHVDRVIKKLDEMCDLDSFFLFLHGR
AGSGKSVIASQALSKSDQLIGINYDSIVWLKDSGTAPKSTFDLFTDILLMLKSEDDLLNFPSVEHVTSVVLKRMICNALI
DRPNTLFVFDDVVQEETIRWAQELRLRCLVTTRDVEISNAASQTCEFIEVTSLEIDECYDFLEAYGMPMPVGEKEEDVLN
KTIELSSGNPATLMMFFKSCEPKTFEKMAQLNNKLESRGLVGVECITPYSYKSLAMALQRCVEVLSDEDRSALAFAVVMP
PGVDIPVKLWSCVIPVDICSNEEEQLDDEVADRLKRLSKRGALLSGKRMPVLTFKIDHIIHMFLKHVVDAQTIANGISIL
EQRLLEIGNNNVSVPERHIPSHFQKFRRSSASEMYPKTTEETVIRPEDFPKFMQLHQKFYDSLKNFACC
;
A,B,C,D,E,F,G
#
# COMPACT_ATOMS: atom_id res chain seq x y z
N MET A 1 -32.29 21.50 10.89
CA MET A 1 -32.73 20.11 10.80
C MET A 1 -34.17 19.94 11.28
N LEU A 2 -34.82 18.87 10.82
CA LEU A 2 -36.18 18.55 11.23
C LEU A 2 -36.24 17.85 12.58
N CYS A 3 -36.72 16.60 12.58
CA CYS A 3 -36.73 15.72 13.75
C CYS A 3 -37.48 14.43 13.43
N GLU A 4 -37.71 13.59 14.42
CA GLU A 4 -38.38 12.33 14.17
C GLU A 4 -39.80 12.55 13.67
N ILE A 5 -40.56 13.43 14.33
CA ILE A 5 -41.96 13.66 13.97
C ILE A 5 -42.09 14.14 12.52
N GLU A 6 -41.35 15.19 12.19
CA GLU A 6 -41.41 15.81 10.88
C GLU A 6 -40.82 14.92 9.77
N CYS A 7 -39.90 14.03 10.14
CA CYS A 7 -39.30 13.09 9.18
C CYS A 7 -40.10 11.79 9.09
N ARG A 8 -40.80 11.45 10.18
CA ARG A 8 -41.69 10.29 10.19
C ARG A 8 -42.88 10.55 9.28
N ALA A 9 -43.23 11.82 9.12
CA ALA A 9 -44.31 12.24 8.24
C ALA A 9 -43.94 12.13 6.76
N LEU A 10 -42.74 12.59 6.41
CA LEU A 10 -42.26 12.47 5.05
C LEU A 10 -42.12 11.01 4.67
N SER A 11 -41.99 10.15 5.68
CA SER A 11 -41.85 8.72 5.44
C SER A 11 -43.20 7.97 5.40
N THR A 12 -44.10 8.31 6.31
CA THR A 12 -45.43 7.71 6.34
C THR A 12 -46.21 8.00 5.06
N ALA A 13 -46.18 9.28 4.68
CA ALA A 13 -46.80 9.74 3.44
C ALA A 13 -45.86 9.54 2.25
N HIS A 14 -45.22 8.38 2.18
CA HIS A 14 -44.28 8.09 1.09
C HIS A 14 -44.89 7.27 -0.04
N THR A 15 -45.76 6.33 0.30
CA THR A 15 -46.49 5.58 -0.73
C THR A 15 -47.15 6.56 -1.70
N ARG A 16 -47.51 7.74 -1.19
CA ARG A 16 -48.20 8.80 -1.96
C ARG A 16 -47.27 9.73 -2.75
N LEU A 17 -46.20 10.20 -2.11
CA LEU A 17 -45.24 11.10 -2.76
C LEU A 17 -44.51 10.47 -3.94
N ILE A 18 -44.74 9.17 -4.14
CA ILE A 18 -44.19 8.44 -5.29
C ILE A 18 -45.16 8.37 -6.48
N HIS A 19 -46.47 8.29 -6.19
CA HIS A 19 -47.51 8.18 -7.23
C HIS A 19 -47.78 9.49 -8.00
N ASP A 20 -47.64 10.62 -7.31
CA ASP A 20 -47.83 11.94 -7.92
C ASP A 20 -47.05 13.07 -7.22
N PHE A 21 -45.95 13.52 -7.85
CA PHE A 21 -45.07 14.53 -7.28
C PHE A 21 -43.86 14.68 -8.21
N GLU A 22 -43.11 15.76 -8.04
CA GLU A 22 -41.90 15.94 -8.82
C GLU A 22 -41.06 17.03 -8.21
N PRO A 23 -39.82 16.69 -7.88
CA PRO A 23 -38.92 17.64 -7.21
C PRO A 23 -38.56 18.82 -8.10
N ARG A 24 -38.66 18.67 -9.42
CA ARG A 24 -38.37 19.80 -10.31
C ARG A 24 -39.39 20.91 -10.08
N ASP A 25 -40.62 20.49 -9.78
CA ASP A 25 -41.72 21.42 -9.54
C ASP A 25 -41.48 22.29 -8.31
N ALA A 26 -40.74 21.77 -7.34
CA ALA A 26 -40.57 22.46 -6.06
C ALA A 26 -39.24 23.22 -5.93
N LEU A 27 -38.30 22.92 -6.82
CA LEU A 27 -36.96 23.49 -6.73
C LEU A 27 -36.96 25.02 -6.83
N THR A 28 -37.75 25.55 -7.76
CA THR A 28 -37.85 26.99 -7.92
C THR A 28 -38.48 27.64 -6.69
N TYR A 29 -39.53 27.02 -6.17
CA TYR A 29 -40.21 27.53 -4.98
C TYR A 29 -39.35 27.43 -3.72
N LEU A 30 -38.33 26.59 -3.73
CA LEU A 30 -37.46 26.44 -2.56
C LEU A 30 -36.08 27.13 -2.65
N GLU A 31 -35.52 27.25 -3.86
CA GLU A 31 -34.34 28.10 -4.02
C GLU A 31 -34.76 29.47 -3.53
N GLY A 32 -36.06 29.72 -3.62
CA GLY A 32 -36.69 30.99 -3.27
C GLY A 32 -36.92 31.23 -1.80
N LYS A 33 -37.76 30.40 -1.16
CA LYS A 33 -38.05 30.59 0.26
C LYS A 33 -36.82 30.33 1.13
N ASN A 34 -35.65 30.26 0.48
CA ASN A 34 -34.35 30.13 1.15
C ASN A 34 -34.16 28.84 1.96
N ILE A 35 -34.03 27.75 1.22
CA ILE A 35 -33.95 26.42 1.81
C ILE A 35 -33.11 25.50 0.90
N PHE A 36 -32.61 26.07 -0.21
CA PHE A 36 -31.76 25.34 -1.16
C PHE A 36 -30.55 26.14 -1.61
N THR A 37 -29.77 25.56 -2.52
CA THR A 37 -28.59 26.21 -3.08
C THR A 37 -28.45 25.77 -4.54
N GLU A 38 -27.77 26.59 -5.35
CA GLU A 38 -27.75 26.35 -6.79
C GLU A 38 -27.01 25.08 -7.20
N ASP A 39 -26.31 24.47 -6.25
CA ASP A 39 -25.85 23.09 -6.47
C ASP A 39 -26.92 22.08 -6.04
N HIS A 40 -27.68 22.42 -4.99
CA HIS A 40 -28.77 21.56 -4.52
C HIS A 40 -29.73 21.25 -5.64
N SER A 41 -30.21 22.33 -6.28
CA SER A 41 -31.16 22.22 -7.39
C SER A 41 -30.54 21.55 -8.61
N GLU A 42 -29.23 21.73 -8.79
CA GLU A 42 -28.50 21.03 -9.84
C GLU A 42 -28.53 19.53 -9.55
N LEU A 43 -28.20 19.16 -8.31
CA LEU A 43 -28.12 17.75 -7.93
C LEU A 43 -29.44 16.99 -8.05
N ILE A 44 -30.55 17.63 -7.67
CA ILE A 44 -31.88 17.01 -7.75
C ILE A 44 -32.59 17.19 -9.11
N SER A 45 -32.18 18.24 -9.83
CA SER A 45 -32.76 18.58 -11.13
C SER A 45 -32.25 17.73 -12.30
N LYS A 46 -30.98 17.33 -12.28
CA LYS A 46 -30.47 16.37 -13.28
C LYS A 46 -30.41 14.94 -12.72
N MET A 47 -31.54 14.26 -12.69
CA MET A 47 -31.62 12.89 -12.23
C MET A 47 -32.52 12.11 -13.17
N SER A 48 -31.99 11.03 -13.73
CA SER A 48 -32.73 10.28 -14.76
C SER A 48 -34.14 9.85 -14.34
N THR A 49 -34.26 9.11 -13.25
CA THR A 49 -35.57 8.70 -12.73
C THR A 49 -36.08 9.70 -11.67
N ARG A 50 -37.38 9.65 -11.38
CA ARG A 50 -37.98 10.53 -10.39
C ARG A 50 -37.77 10.06 -8.94
N LEU A 51 -37.77 8.74 -8.73
CA LEU A 51 -37.49 8.18 -7.40
C LEU A 51 -36.12 8.63 -6.91
N GLU A 52 -35.25 8.98 -7.85
CA GLU A 52 -33.97 9.60 -7.52
C GLU A 52 -34.14 11.05 -7.07
N ARG A 53 -34.84 11.84 -7.88
CA ARG A 53 -35.11 13.23 -7.54
C ARG A 53 -35.94 13.33 -6.27
N ILE A 54 -36.76 12.33 -6.02
CA ILE A 54 -37.58 12.29 -4.81
C ILE A 54 -36.78 11.94 -3.55
N ALA A 55 -35.93 10.91 -3.64
CA ALA A 55 -35.09 10.48 -2.52
C ALA A 55 -34.02 11.50 -2.15
N ASN A 56 -33.50 12.22 -3.15
CA ASN A 56 -32.62 13.38 -2.92
C ASN A 56 -33.33 14.63 -2.39
N PHE A 57 -34.60 14.81 -2.77
CA PHE A 57 -35.38 15.95 -2.30
C PHE A 57 -35.74 15.75 -0.83
N LEU A 58 -36.10 14.52 -0.48
CA LEU A 58 -36.42 14.17 0.90
C LEU A 58 -35.19 14.02 1.80
N ARG A 59 -34.05 13.63 1.25
CA ARG A 59 -32.79 13.62 1.98
C ARG A 59 -32.29 15.06 2.23
N ILE A 60 -32.05 15.79 1.14
CA ILE A 60 -31.59 17.19 1.19
C ILE A 60 -32.51 18.08 2.00
N TYR A 61 -33.81 17.84 1.90
CA TYR A 61 -34.78 18.68 2.60
C TYR A 61 -34.72 18.53 4.11
N ARG A 62 -34.59 17.30 4.60
CA ARG A 62 -34.64 17.05 6.04
C ARG A 62 -33.51 17.75 6.79
N ARG A 63 -32.49 18.20 6.06
CA ARG A 63 -31.31 18.84 6.65
C ARG A 63 -31.44 20.37 6.67
N GLN A 64 -32.09 20.90 5.64
CA GLN A 64 -32.06 22.33 5.34
C GLN A 64 -33.09 23.23 6.06
N ALA A 65 -34.32 22.76 6.20
CA ALA A 65 -35.41 23.57 6.74
C ALA A 65 -35.47 23.55 8.27
N SER A 66 -35.77 24.71 8.86
CA SER A 66 -35.98 24.81 10.31
C SER A 66 -37.29 24.15 10.72
N GLU A 67 -38.14 23.83 9.74
CA GLU A 67 -39.46 23.24 9.99
C GLU A 67 -40.10 22.69 8.72
N LEU A 68 -41.30 22.12 8.84
CA LEU A 68 -42.02 21.54 7.71
C LEU A 68 -43.12 22.48 7.18
N GLY A 69 -42.80 23.76 7.07
CA GLY A 69 -43.72 24.75 6.53
C GLY A 69 -43.72 24.85 5.02
N PRO A 70 -42.59 25.29 4.44
CA PRO A 70 -42.41 25.52 3.00
C PRO A 70 -42.53 24.27 2.14
N LEU A 71 -43.33 23.28 2.56
CA LEU A 71 -43.61 22.11 1.73
C LEU A 71 -45.10 21.77 1.81
N ILE A 72 -45.77 22.26 2.84
CA ILE A 72 -47.23 22.29 2.85
C ILE A 72 -47.70 23.48 2.01
N ASP A 73 -47.08 24.63 2.25
CA ASP A 73 -47.26 25.84 1.45
C ASP A 73 -46.72 25.67 0.02
N PHE A 74 -46.69 24.45 -0.47
CA PHE A 74 -46.32 24.20 -1.87
C PHE A 74 -47.21 23.18 -2.54
N PHE A 75 -47.49 22.05 -1.89
CA PHE A 75 -48.41 21.09 -2.47
C PHE A 75 -49.79 21.74 -2.65
N ASN A 76 -50.06 22.75 -1.83
CA ASN A 76 -51.22 23.61 -2.03
C ASN A 76 -51.17 24.26 -3.42
N TYR A 77 -50.20 25.14 -3.65
CA TYR A 77 -50.11 25.84 -4.93
C TYR A 77 -49.99 24.90 -6.16
N ASN A 78 -49.38 23.73 -6.01
CA ASN A 78 -49.12 22.86 -7.16
C ASN A 78 -50.28 21.95 -7.59
N ASN A 79 -51.50 22.25 -7.15
CA ASN A 79 -52.67 21.43 -7.46
C ASN A 79 -52.55 20.01 -6.90
N GLN A 80 -51.53 19.80 -6.07
CA GLN A 80 -51.33 18.56 -5.35
C GLN A 80 -51.75 18.76 -3.89
N SER A 81 -52.84 19.48 -3.68
CA SER A 81 -53.29 19.79 -2.32
C SER A 81 -53.76 18.59 -1.54
N HIS A 82 -54.12 17.51 -2.23
CA HIS A 82 -54.46 16.27 -1.54
C HIS A 82 -53.27 15.75 -0.77
N LEU A 83 -52.09 16.29 -1.08
CA LEU A 83 -50.85 15.99 -0.36
C LEU A 83 -50.63 16.92 0.84
N ALA A 84 -50.52 18.23 0.60
CA ALA A 84 -50.26 19.18 1.69
C ALA A 84 -51.35 19.13 2.77
N ASP A 85 -52.51 18.60 2.42
CA ASP A 85 -53.59 18.41 3.38
C ASP A 85 -53.31 17.20 4.30
N PHE A 86 -52.86 16.09 3.72
CA PHE A 86 -52.49 14.91 4.51
C PHE A 86 -51.37 15.20 5.52
N LEU A 87 -50.34 15.92 5.07
CA LEU A 87 -49.21 16.25 5.94
C LEU A 87 -49.58 17.26 7.03
N GLU A 88 -50.41 18.25 6.71
CA GLU A 88 -50.86 19.19 7.74
C GLU A 88 -51.77 18.51 8.78
N ASP A 89 -52.52 17.50 8.34
CA ASP A 89 -53.37 16.71 9.23
C ASP A 89 -52.48 15.94 10.21
N TYR A 90 -51.39 15.39 9.69
CA TYR A 90 -50.44 14.60 10.48
C TYR A 90 -49.69 15.44 11.53
N ILE A 91 -49.26 16.63 11.14
CA ILE A 91 -48.56 17.54 12.03
C ILE A 91 -49.51 18.03 13.14
N ASP A 92 -50.81 17.98 12.90
CA ASP A 92 -51.80 18.44 13.88
C ASP A 92 -52.15 17.36 14.90
N PHE A 93 -52.23 16.11 14.47
CA PHE A 93 -52.48 15.01 15.39
C PHE A 93 -51.21 14.64 16.20
N ALA A 94 -50.36 15.62 16.48
CA ALA A 94 -49.17 15.39 17.29
C ALA A 94 -49.02 16.45 18.39
N ILE A 95 -49.02 17.72 18.01
CA ILE A 95 -48.88 18.83 18.97
C ILE A 95 -50.11 19.02 19.87
N ASN A 96 -51.27 19.23 19.24
CA ASN A 96 -52.51 19.48 19.96
C ASN A 96 -53.10 18.21 20.57
N GLU A 97 -53.59 17.32 19.70
CA GLU A 97 -54.18 16.08 20.18
C GLU A 97 -53.27 14.87 20.01
N PRO A 98 -52.51 14.55 21.06
CA PRO A 98 -51.60 13.40 21.08
C PRO A 98 -52.38 12.09 21.09
N ASP A 99 -51.69 10.95 20.96
CA ASP A 99 -52.34 9.65 20.98
C ASP A 99 -53.07 9.35 19.67
N LEU A 100 -53.92 10.28 19.26
CA LEU A 100 -54.86 10.09 18.13
C LEU A 100 -54.14 9.82 16.80
N LEU A 101 -52.83 10.04 16.76
CA LEU A 101 -52.06 9.89 15.52
C LEU A 101 -52.01 8.44 15.01
N ARG A 102 -51.76 7.50 15.91
CA ARG A 102 -51.69 6.08 15.53
C ARG A 102 -53.05 5.46 15.13
N PRO A 103 -54.12 5.70 15.92
CA PRO A 103 -55.44 5.17 15.56
C PRO A 103 -55.98 5.81 14.28
N VAL A 104 -55.85 7.13 14.18
CA VAL A 104 -56.47 7.91 13.12
C VAL A 104 -55.66 8.03 11.82
N VAL A 105 -54.52 8.72 11.90
CA VAL A 105 -53.74 9.10 10.70
C VAL A 105 -52.64 8.11 10.27
N ILE A 106 -52.43 7.05 11.04
CA ILE A 106 -51.35 6.07 10.79
C ILE A 106 -51.83 4.68 10.35
N ALA A 107 -52.88 4.16 10.99
CA ALA A 107 -53.44 2.82 10.70
C ALA A 107 -54.18 2.58 9.35
N PRO A 108 -54.97 3.57 8.84
CA PRO A 108 -55.76 3.42 7.61
C PRO A 108 -54.96 3.18 6.32
N GLN A 109 -53.65 2.92 6.47
CA GLN A 109 -52.76 2.63 5.35
C GLN A 109 -51.90 1.38 5.59
N PHE A 110 -52.12 0.71 6.72
CA PHE A 110 -51.45 -0.57 6.97
C PHE A 110 -51.71 -1.46 5.76
N MET B 1 9.11 35.49 -16.31
CA MET B 1 8.71 35.73 -14.93
C MET B 1 8.97 37.18 -14.50
N LEU B 2 8.25 37.63 -13.48
CA LEU B 2 8.42 38.97 -12.93
C LEU B 2 9.60 39.07 -11.97
N CYS B 3 9.30 39.36 -10.71
CA CYS B 3 10.28 39.37 -9.61
C CYS B 3 9.63 39.91 -8.34
N GLU B 4 10.42 40.10 -7.29
CA GLU B 4 9.89 40.59 -6.01
C GLU B 4 9.32 42.02 -6.07
N ILE B 5 9.95 42.90 -6.83
CA ILE B 5 9.47 44.28 -6.97
C ILE B 5 8.14 44.32 -7.72
N GLU B 6 8.10 43.71 -8.89
CA GLU B 6 6.93 43.73 -9.76
C GLU B 6 5.75 42.92 -9.18
N CYS B 7 6.06 41.92 -8.34
CA CYS B 7 5.02 41.12 -7.69
C CYS B 7 4.58 41.73 -6.35
N ARG B 8 5.49 42.48 -5.72
CA ARG B 8 5.19 43.20 -4.49
C ARG B 8 4.20 44.31 -4.78
N ALA B 9 4.25 44.81 -6.03
CA ALA B 9 3.34 45.86 -6.49
C ALA B 9 1.92 45.34 -6.72
N LEU B 10 1.81 44.19 -7.37
CA LEU B 10 0.52 43.56 -7.58
C LEU B 10 -0.12 43.19 -6.26
N SER B 11 0.72 43.04 -5.24
CA SER B 11 0.25 42.69 -3.89
C SER B 11 -0.10 43.91 -3.04
N THR B 12 0.74 44.94 -3.08
CA THR B 12 0.50 46.17 -2.33
C THR B 12 -0.78 46.85 -2.79
N ALA B 13 -0.92 46.96 -4.11
CA ALA B 13 -2.11 47.51 -4.74
C ALA B 13 -3.20 46.45 -4.90
N HIS B 14 -3.40 45.65 -3.84
CA HIS B 14 -4.41 44.59 -3.90
C HIS B 14 -5.74 44.96 -3.25
N THR B 15 -5.69 45.73 -2.18
CA THR B 15 -6.92 46.25 -1.57
C THR B 15 -7.76 46.94 -2.65
N ARG B 16 -7.09 47.50 -3.66
CA ARG B 16 -7.72 48.25 -4.76
C ARG B 16 -8.20 47.38 -5.93
N LEU B 17 -7.37 46.44 -6.38
CA LEU B 17 -7.70 45.56 -7.49
C LEU B 17 -8.89 44.65 -7.20
N ILE B 18 -9.36 44.68 -5.95
CA ILE B 18 -10.55 43.93 -5.53
C ILE B 18 -11.84 44.77 -5.60
N HIS B 19 -11.74 46.06 -5.32
CA HIS B 19 -12.89 46.97 -5.30
C HIS B 19 -13.43 47.34 -6.70
N ASP B 20 -12.53 47.42 -7.68
CA ASP B 20 -12.89 47.73 -9.07
C ASP B 20 -11.91 47.17 -10.11
N PHE B 21 -12.30 46.10 -10.79
CA PHE B 21 -11.45 45.41 -11.76
C PHE B 21 -12.18 44.16 -12.23
N GLU B 22 -11.72 43.57 -13.33
CA GLU B 22 -12.31 42.33 -13.80
C GLU B 22 -11.40 41.70 -14.83
N PRO B 23 -10.99 40.46 -14.58
CA PRO B 23 -10.06 39.77 -15.46
C PRO B 23 -10.66 39.49 -16.83
N ARG B 24 -11.98 39.44 -16.94
CA ARG B 24 -12.60 39.21 -18.25
C ARG B 24 -12.31 40.40 -19.17
N ASP B 25 -12.22 41.57 -18.57
CA ASP B 25 -11.96 42.81 -19.30
C ASP B 25 -10.56 42.81 -19.92
N ALA B 26 -9.62 42.11 -19.30
CA ALA B 26 -8.23 42.15 -19.73
C ALA B 26 -7.80 40.95 -20.59
N LEU B 27 -8.61 39.90 -20.59
CA LEU B 27 -8.25 38.65 -21.27
C LEU B 27 -8.06 38.85 -22.78
N THR B 28 -8.95 39.61 -23.40
CA THR B 28 -8.87 39.89 -24.82
C THR B 28 -7.62 40.72 -25.14
N TYR B 29 -7.35 41.72 -24.31
CA TYR B 29 -6.18 42.59 -24.49
C TYR B 29 -4.86 41.83 -24.24
N LEU B 30 -4.91 40.71 -23.53
CA LEU B 30 -3.69 39.95 -23.25
C LEU B 30 -3.49 38.66 -24.09
N GLU B 31 -4.57 38.02 -24.52
CA GLU B 31 -4.43 36.95 -25.50
C GLU B 31 -3.74 37.59 -26.70
N GLY B 32 -3.94 38.90 -26.81
CA GLY B 32 -3.44 39.72 -27.91
C GLY B 32 -1.98 40.14 -27.81
N LYS B 33 -1.62 40.91 -26.79
CA LYS B 33 -0.23 41.35 -26.65
C LYS B 33 0.71 40.19 -26.36
N ASN B 34 0.22 38.97 -26.55
CA ASN B 34 0.99 37.73 -26.43
C ASN B 34 1.56 37.46 -25.04
N ILE B 35 0.66 37.11 -24.14
CA ILE B 35 0.99 36.90 -22.74
C ILE B 35 0.03 35.87 -22.13
N PHE B 36 -0.88 35.35 -22.95
CA PHE B 36 -1.85 34.32 -22.53
C PHE B 36 -1.99 33.18 -23.54
N THR B 37 -2.90 32.26 -23.24
CA THR B 37 -3.17 31.11 -24.11
C THR B 37 -4.66 30.78 -24.01
N GLU B 38 -5.21 30.14 -25.04
CA GLU B 38 -6.66 29.95 -25.11
C GLU B 38 -7.21 29.02 -24.03
N ASP B 39 -6.31 28.34 -23.31
CA ASP B 39 -6.73 27.68 -22.08
C ASP B 39 -6.64 28.65 -20.88
N HIS B 40 -5.65 29.54 -20.91
CA HIS B 40 -5.48 30.53 -19.86
C HIS B 40 -6.74 31.33 -19.69
N SER B 41 -7.21 31.89 -20.81
CA SER B 41 -8.43 32.71 -20.82
C SER B 41 -9.68 31.89 -20.48
N GLU B 42 -9.66 30.61 -20.84
CA GLU B 42 -10.73 29.69 -20.46
C GLU B 42 -10.72 29.54 -18.93
N LEU B 43 -9.55 29.29 -18.36
CA LEU B 43 -9.45 29.06 -16.92
C LEU B 43 -9.86 30.26 -16.06
N ILE B 44 -9.49 31.47 -16.49
CA ILE B 44 -9.85 32.69 -15.74
C ILE B 44 -11.23 33.28 -16.12
N SER B 45 -11.69 32.96 -17.33
CA SER B 45 -12.96 33.44 -17.86
C SER B 45 -14.21 32.71 -17.32
N LYS B 46 -14.10 31.40 -17.07
CA LYS B 46 -15.18 30.68 -16.39
C LYS B 46 -14.91 30.48 -14.90
N MET B 47 -15.15 31.51 -14.10
CA MET B 47 -14.95 31.45 -12.66
C MET B 47 -16.14 32.14 -12.00
N SER B 48 -16.82 31.43 -11.11
CA SER B 48 -18.05 31.94 -10.51
C SER B 48 -17.90 33.33 -9.85
N THR B 49 -16.98 33.45 -8.90
CA THR B 49 -16.71 34.74 -8.25
C THR B 49 -15.55 35.47 -8.94
N ARG B 50 -15.44 36.78 -8.70
CA ARG B 50 -14.37 37.59 -9.30
C ARG B 50 -13.03 37.46 -8.57
N LEU B 51 -13.08 37.30 -7.24
CA LEU B 51 -11.85 37.09 -6.45
C LEU B 51 -11.13 35.84 -6.94
N GLU B 52 -11.87 34.92 -7.57
CA GLU B 52 -11.28 33.78 -8.25
C GLU B 52 -10.58 34.19 -9.55
N ARG B 53 -11.31 34.91 -10.41
CA ARG B 53 -10.75 35.39 -11.67
C ARG B 53 -9.59 36.33 -11.41
N ILE B 54 -9.64 37.05 -10.29
CA ILE B 54 -8.56 37.97 -9.92
C ILE B 54 -7.30 37.26 -9.42
N ALA B 55 -7.48 36.27 -8.53
CA ALA B 55 -6.37 35.49 -7.97
C ALA B 55 -5.69 34.61 -9.01
N ASN B 56 -6.46 34.09 -9.97
CA ASN B 56 -5.92 33.40 -11.15
C ASN B 56 -5.25 34.32 -12.19
N PHE B 57 -5.74 35.56 -12.30
CA PHE B 57 -5.17 36.52 -13.22
C PHE B 57 -3.81 37.00 -12.69
N LEU B 58 -3.75 37.22 -11.38
CA LEU B 58 -2.51 37.62 -10.73
C LEU B 58 -1.50 36.47 -10.53
N ARG B 59 -1.98 35.24 -10.39
CA ARG B 59 -1.11 34.07 -10.38
C ARG B 59 -0.55 33.79 -11.79
N ILE B 60 -1.44 33.55 -12.75
CA ILE B 60 -1.07 33.29 -14.15
C ILE B 60 -0.21 34.40 -14.75
N TYR B 61 -0.52 35.64 -14.38
CA TYR B 61 0.20 36.77 -14.96
C TYR B 61 1.66 36.83 -14.50
N ARG B 62 1.91 36.59 -13.22
CA ARG B 62 3.27 36.75 -12.70
C ARG B 62 4.27 35.79 -13.35
N ARG B 63 3.75 34.77 -14.05
CA ARG B 63 4.60 33.76 -14.69
C ARG B 63 4.89 34.09 -16.15
N GLN B 64 3.91 34.70 -16.81
CA GLN B 64 3.88 34.83 -18.26
C GLN B 64 4.63 36.04 -18.88
N ALA B 65 4.52 37.20 -18.25
CA ALA B 65 5.08 38.43 -18.81
C ALA B 65 6.56 38.65 -18.48
N SER B 66 7.32 39.15 -19.45
CA SER B 66 8.72 39.51 -19.24
C SER B 66 8.84 40.75 -18.36
N GLU B 67 7.72 41.46 -18.16
CA GLU B 67 7.70 42.71 -17.39
C GLU B 67 6.27 43.14 -17.03
N LEU B 68 6.15 44.26 -16.32
CA LEU B 68 4.84 44.79 -15.91
C LEU B 68 4.37 45.94 -16.80
N GLY B 69 4.54 45.79 -18.11
CA GLY B 69 4.09 46.78 -19.07
C GLY B 69 2.64 46.64 -19.47
N PRO B 70 2.30 45.53 -20.16
CA PRO B 70 0.96 45.25 -20.67
C PRO B 70 -0.13 45.11 -19.61
N LEU B 71 -0.01 45.81 -18.49
CA LEU B 71 -1.07 45.86 -17.48
C LEU B 71 -1.24 47.28 -16.97
N ILE B 72 -0.22 48.12 -17.17
CA ILE B 72 -0.39 49.56 -17.03
C ILE B 72 -1.03 50.09 -18.30
N ASP B 73 -0.51 49.65 -19.45
CA ASP B 73 -1.08 49.93 -20.76
C ASP B 73 -2.44 49.23 -20.95
N PHE B 74 -3.15 48.98 -19.85
CA PHE B 74 -4.50 48.45 -19.94
C PHE B 74 -5.46 49.13 -18.98
N PHE B 75 -5.07 49.31 -17.72
CA PHE B 75 -5.93 50.04 -16.80
C PHE B 75 -6.15 51.47 -17.32
N ASN B 76 -5.20 51.95 -18.10
CA ASN B 76 -5.37 53.19 -18.85
C ASN B 76 -6.60 53.09 -19.77
N TYR B 77 -6.54 52.24 -20.78
CA TYR B 77 -7.64 52.12 -21.73
C TYR B 77 -9.00 51.76 -21.09
N ASN B 78 -9.00 51.01 -19.97
CA ASN B 78 -10.25 50.52 -19.40
C ASN B 78 -10.99 51.50 -18.46
N ASN B 79 -10.65 52.79 -18.53
CA ASN B 79 -11.25 53.81 -17.66
C ASN B 79 -10.95 53.56 -16.17
N GLN B 80 -10.07 52.60 -15.93
CA GLN B 80 -9.57 52.31 -14.59
C GLN B 80 -8.16 52.89 -14.44
N SER B 81 -7.94 54.09 -14.98
CA SER B 81 -6.62 54.70 -14.96
C SER B 81 -6.14 55.08 -13.58
N HIS B 82 -7.06 55.22 -12.63
CA HIS B 82 -6.66 55.47 -11.25
C HIS B 82 -5.87 54.29 -10.72
N LEU B 83 -5.93 53.17 -11.44
CA LEU B 83 -5.13 51.98 -11.14
C LEU B 83 -3.76 52.00 -11.83
N ALA B 84 -3.73 52.04 -13.17
CA ALA B 84 -2.46 52.02 -13.90
C ALA B 84 -1.55 53.18 -13.51
N ASP B 85 -2.14 54.23 -12.93
CA ASP B 85 -1.35 55.37 -12.43
C ASP B 85 -0.66 55.01 -11.11
N PHE B 86 -1.38 54.36 -10.20
CA PHE B 86 -0.79 53.92 -8.92
C PHE B 86 0.39 52.95 -9.13
N LEU B 87 0.21 51.99 -10.03
CA LEU B 87 1.26 51.00 -10.31
C LEU B 87 2.47 51.61 -11.03
N GLU B 88 2.25 52.53 -11.96
CA GLU B 88 3.38 53.18 -12.62
C GLU B 88 4.14 54.11 -11.65
N ASP B 89 3.42 54.67 -10.67
CA ASP B 89 4.05 55.48 -9.64
C ASP B 89 4.97 54.60 -8.78
N TYR B 90 4.49 53.39 -8.47
CA TYR B 90 5.23 52.44 -7.64
C TYR B 90 6.49 51.90 -8.34
N ILE B 91 6.38 51.60 -9.63
CA ILE B 91 7.52 51.13 -10.41
C ILE B 91 8.58 52.22 -10.56
N ASP B 92 8.17 53.48 -10.41
CA ASP B 92 9.08 54.61 -10.55
C ASP B 92 9.85 54.92 -9.26
N PHE B 93 9.17 54.79 -8.11
CA PHE B 93 9.84 54.97 -6.82
C PHE B 93 10.71 53.75 -6.44
N ALA B 94 11.27 53.07 -7.44
CA ALA B 94 12.17 51.95 -7.19
C ALA B 94 13.45 52.04 -8.01
N ILE B 95 13.32 52.17 -9.32
CA ILE B 95 14.49 52.28 -10.23
C ILE B 95 15.24 53.60 -10.09
N ASN B 96 14.54 54.71 -10.29
CA ASN B 96 15.13 56.04 -10.26
C ASN B 96 15.42 56.51 -8.83
N GLU B 97 14.34 56.79 -8.09
CA GLU B 97 14.47 57.21 -6.70
C GLU B 97 14.22 56.08 -5.73
N PRO B 98 15.28 55.49 -5.23
CA PRO B 98 15.19 54.44 -4.21
C PRO B 98 14.86 55.03 -2.84
N ASP B 99 14.61 54.19 -1.84
CA ASP B 99 14.30 54.65 -0.50
C ASP B 99 12.88 55.21 -0.40
N LEU B 100 12.55 56.14 -1.29
CA LEU B 100 11.30 56.92 -1.22
C LEU B 100 10.04 56.05 -1.31
N LEU B 101 10.20 54.79 -1.67
CA LEU B 101 9.06 53.88 -1.87
C LEU B 101 8.29 53.60 -0.57
N ARG B 102 9.02 53.31 0.51
CA ARG B 102 8.40 53.02 1.80
C ARG B 102 7.72 54.24 2.47
N PRO B 103 8.41 55.40 2.52
CA PRO B 103 7.79 56.60 3.11
C PRO B 103 6.61 57.09 2.30
N VAL B 104 6.78 57.12 0.97
CA VAL B 104 5.81 57.75 0.07
C VAL B 104 4.67 56.83 -0.40
N VAL B 105 5.01 55.80 -1.19
CA VAL B 105 4.01 54.98 -1.88
C VAL B 105 3.53 53.71 -1.13
N ILE B 106 4.11 53.44 0.04
CA ILE B 106 3.82 52.22 0.82
C ILE B 106 3.06 52.47 2.14
N ALA B 107 3.46 53.50 2.88
CA ALA B 107 2.87 53.85 4.19
C ALA B 107 1.41 54.40 4.24
N PRO B 108 1.00 55.27 3.26
CA PRO B 108 -0.32 55.91 3.25
C PRO B 108 -1.52 54.96 3.13
N GLN B 109 -1.27 53.66 3.28
CA GLN B 109 -2.31 52.62 3.22
C GLN B 109 -2.21 51.64 4.39
N PHE B 110 -1.25 51.87 5.29
CA PHE B 110 -1.17 51.07 6.51
C PHE B 110 -2.54 51.09 7.17
N MET C 1 -9.84 -4.72 -39.35
CA MET C 1 -8.51 -4.11 -39.16
C MET C 1 -7.82 -3.88 -40.49
N LEU C 2 -6.87 -2.95 -40.50
CA LEU C 2 -6.08 -2.64 -41.68
C LEU C 2 -4.93 -3.63 -41.89
N CYS C 3 -3.70 -3.12 -41.81
CA CYS C 3 -2.47 -3.93 -41.84
C CYS C 3 -1.25 -3.01 -41.89
N GLU C 4 -0.06 -3.59 -42.07
CA GLU C 4 1.17 -2.80 -42.09
C GLU C 4 1.28 -1.84 -43.29
N ILE C 5 0.78 -2.25 -44.46
CA ILE C 5 0.82 -1.39 -45.65
C ILE C 5 -0.12 -0.19 -45.48
N GLU C 6 -1.37 -0.47 -45.15
CA GLU C 6 -2.40 0.55 -45.02
C GLU C 6 -2.17 1.49 -43.83
N CYS C 7 -1.48 0.99 -42.79
CA CYS C 7 -1.16 1.79 -41.61
C CYS C 7 0.17 2.53 -41.77
N ARG C 8 1.06 1.96 -42.58
CA ARG C 8 2.33 2.59 -42.91
C ARG C 8 2.07 3.85 -43.75
N ALA C 9 0.97 3.83 -44.49
CA ALA C 9 0.55 4.96 -45.32
C ALA C 9 0.00 6.11 -44.49
N LEU C 10 -0.86 5.79 -43.52
CA LEU C 10 -1.39 6.81 -42.62
C LEU C 10 -0.26 7.43 -41.82
N SER C 11 0.84 6.70 -41.69
CA SER C 11 2.00 7.19 -40.93
C SER C 11 2.99 7.99 -41.79
N THR C 12 3.27 7.50 -43.00
CA THR C 12 4.17 8.18 -43.92
C THR C 12 3.63 9.54 -44.31
N ALA C 13 2.34 9.56 -44.66
CA ALA C 13 1.63 10.79 -44.98
C ALA C 13 1.12 11.49 -43.72
N HIS C 14 1.95 11.55 -42.69
CA HIS C 14 1.55 12.17 -41.43
C HIS C 14 2.03 13.61 -41.27
N THR C 15 3.22 13.92 -41.77
CA THR C 15 3.68 15.29 -41.78
C THR C 15 2.63 16.19 -42.43
N ARG C 16 1.85 15.62 -43.36
CA ARG C 16 0.81 16.32 -44.12
C ARG C 16 -0.56 16.41 -43.43
N LEU C 17 -1.01 15.27 -42.89
CA LEU C 17 -2.31 15.20 -42.20
C LEU C 17 -2.38 16.08 -40.95
N ILE C 18 -1.24 16.66 -40.57
CA ILE C 18 -1.16 17.61 -39.46
C ILE C 18 -1.30 19.08 -39.89
N HIS C 19 -0.78 19.41 -41.08
CA HIS C 19 -0.79 20.78 -41.61
C HIS C 19 -2.18 21.24 -42.12
N ASP C 20 -2.97 20.31 -42.65
CA ASP C 20 -4.32 20.61 -43.13
C ASP C 20 -5.26 19.39 -43.12
N PHE C 21 -6.18 19.37 -42.15
CA PHE C 21 -7.10 18.25 -41.95
C PHE C 21 -7.90 18.50 -40.67
N GLU C 22 -8.99 17.78 -40.49
CA GLU C 22 -9.76 17.90 -39.27
C GLU C 22 -10.73 16.75 -39.16
N PRO C 23 -10.62 16.01 -38.05
CA PRO C 23 -11.45 14.81 -37.86
C PRO C 23 -12.93 15.16 -37.73
N ARG C 24 -13.26 16.38 -37.34
CA ARG C 24 -14.68 16.75 -37.24
C ARG C 24 -15.31 16.73 -38.63
N ASP C 25 -14.51 17.08 -39.63
CA ASP C 25 -14.95 17.13 -41.01
C ASP C 25 -15.32 15.74 -41.53
N ALA C 26 -14.68 14.70 -41.00
CA ALA C 26 -14.88 13.35 -41.52
C ALA C 26 -15.84 12.49 -40.71
N LEU C 27 -16.16 12.93 -39.50
CA LEU C 27 -16.99 12.15 -38.57
C LEU C 27 -18.38 11.87 -39.15
N THR C 28 -18.99 12.88 -39.74
CA THR C 28 -20.31 12.72 -40.33
C THR C 28 -20.27 11.76 -41.52
N TYR C 29 -19.25 11.91 -42.35
CA TYR C 29 -19.07 11.04 -43.52
C TYR C 29 -18.74 9.59 -43.14
N LEU C 30 -18.26 9.38 -41.91
CA LEU C 30 -17.92 8.02 -41.48
C LEU C 30 -18.93 7.34 -40.52
N GLU C 31 -19.64 8.13 -39.70
CA GLU C 31 -20.76 7.56 -38.96
C GLU C 31 -21.69 6.98 -40.01
N GLY C 32 -21.60 7.56 -41.22
CA GLY C 32 -22.44 7.21 -42.35
C GLY C 32 -22.03 5.96 -43.12
N LYS C 33 -20.84 5.97 -43.73
CA LYS C 33 -20.39 4.80 -44.49
C LYS C 33 -20.16 3.58 -43.61
N ASN C 34 -20.64 3.68 -42.37
CA ASN C 34 -20.63 2.57 -41.39
C ASN C 34 -19.23 2.09 -40.99
N ILE C 35 -18.55 2.94 -40.22
CA ILE C 35 -17.18 2.72 -39.82
C ILE C 35 -16.93 3.37 -38.45
N PHE C 36 -17.97 3.98 -37.89
CA PHE C 36 -17.90 4.63 -36.57
C PHE C 36 -19.10 4.31 -35.68
N THR C 37 -19.14 4.92 -34.50
CA THR C 37 -20.23 4.73 -33.54
C THR C 37 -20.44 6.05 -32.80
N GLU C 38 -21.64 6.27 -32.27
CA GLU C 38 -21.98 7.59 -31.71
C GLU C 38 -21.18 7.93 -30.45
N ASP C 39 -20.46 6.95 -29.90
CA ASP C 39 -19.45 7.27 -28.90
C ASP C 39 -18.10 7.61 -29.57
N HIS C 40 -17.81 6.94 -30.69
CA HIS C 40 -16.59 7.19 -31.44
C HIS C 40 -16.49 8.65 -31.80
N SER C 41 -17.55 9.16 -32.43
CA SER C 41 -17.63 10.56 -32.87
C SER C 41 -17.64 11.52 -31.68
N GLU C 42 -18.23 11.07 -30.57
CA GLU C 42 -18.18 11.84 -29.33
C GLU C 42 -16.73 11.96 -28.86
N LEU C 43 -16.03 10.83 -28.82
CA LEU C 43 -14.65 10.81 -28.32
C LEU C 43 -13.67 11.67 -29.14
N ILE C 44 -13.81 11.65 -30.46
CA ILE C 44 -12.93 12.44 -31.35
C ILE C 44 -13.42 13.87 -31.60
N SER C 45 -14.72 14.08 -31.44
CA SER C 45 -15.37 15.37 -31.65
C SER C 45 -15.18 16.39 -30.50
N LYS C 46 -15.16 15.92 -29.26
CA LYS C 46 -14.81 16.81 -28.13
C LYS C 46 -13.34 16.64 -27.70
N MET C 47 -12.43 17.26 -28.43
CA MET C 47 -11.01 17.22 -28.10
C MET C 47 -10.44 18.61 -28.28
N SER C 48 -9.82 19.14 -27.24
CA SER C 48 -9.36 20.53 -27.24
C SER C 48 -8.45 20.87 -28.44
N THR C 49 -7.34 20.14 -28.60
CA THR C 49 -6.44 20.35 -29.75
C THR C 49 -6.79 19.41 -30.89
N ARG C 50 -6.31 19.72 -32.10
CA ARG C 50 -6.57 18.90 -33.29
C ARG C 50 -5.66 17.65 -33.37
N LEU C 51 -4.41 17.79 -32.92
CA LEU C 51 -3.48 16.66 -32.89
C LEU C 51 -4.06 15.54 -32.03
N GLU C 52 -4.95 15.90 -31.11
CA GLU C 52 -5.71 14.91 -30.35
C GLU C 52 -6.78 14.25 -31.21
N ARG C 53 -7.62 15.06 -31.86
CA ARG C 53 -8.66 14.54 -32.75
C ARG C 53 -8.05 13.76 -33.89
N ILE C 54 -6.84 14.14 -34.30
CA ILE C 54 -6.14 13.45 -35.38
C ILE C 54 -5.58 12.09 -34.95
N ALA C 55 -4.91 12.06 -33.79
CA ALA C 55 -4.31 10.82 -33.25
C ALA C 55 -5.37 9.79 -32.84
N ASN C 56 -6.52 10.27 -32.35
CA ASN C 56 -7.70 9.42 -32.10
C ASN C 56 -8.44 8.95 -33.38
N PHE C 57 -8.40 9.78 -34.42
CA PHE C 57 -9.03 9.44 -35.69
C PHE C 57 -8.21 8.36 -36.40
N LEU C 58 -6.90 8.50 -36.33
CA LEU C 58 -5.98 7.52 -36.91
C LEU C 58 -5.84 6.24 -36.08
N ARG C 59 -5.99 6.34 -34.76
CA ARG C 59 -6.05 5.15 -33.90
C ARG C 59 -7.36 4.39 -34.11
N ILE C 60 -8.48 5.05 -33.84
CA ILE C 60 -9.82 4.47 -34.00
C ILE C 60 -10.07 3.94 -35.40
N TYR C 61 -9.55 4.64 -36.40
CA TYR C 61 -9.78 4.25 -37.77
C TYR C 61 -9.10 2.94 -38.14
N ARG C 62 -7.86 2.75 -37.71
CA ARG C 62 -7.09 1.58 -38.11
C ARG C 62 -7.73 0.27 -37.65
N ARG C 63 -8.66 0.37 -36.70
CA ARG C 63 -9.32 -0.80 -36.13
C ARG C 63 -10.64 -1.13 -36.83
N GLN C 64 -11.33 -0.09 -37.27
CA GLN C 64 -12.73 -0.18 -37.71
C GLN C 64 -12.99 -0.59 -39.18
N ALA C 65 -12.18 -0.07 -40.11
CA ALA C 65 -12.43 -0.28 -41.53
C ALA C 65 -11.81 -1.57 -42.06
N SER C 66 -12.54 -2.24 -42.96
CA SER C 66 -12.04 -3.43 -43.64
C SER C 66 -10.95 -3.07 -44.65
N GLU C 67 -10.82 -1.79 -44.95
CA GLU C 67 -9.85 -1.30 -45.95
C GLU C 67 -9.67 0.23 -45.88
N LEU C 68 -8.81 0.76 -46.74
CA LEU C 68 -8.53 2.20 -46.78
C LEU C 68 -9.26 2.90 -47.92
N GLY C 69 -10.54 2.55 -48.12
CA GLY C 69 -11.37 3.18 -49.12
C GLY C 69 -12.03 4.47 -48.67
N PRO C 70 -12.94 4.38 -47.69
CA PRO C 70 -13.72 5.51 -47.16
C PRO C 70 -12.89 6.61 -46.51
N LEU C 71 -11.66 6.82 -46.95
CA LEU C 71 -10.84 7.95 -46.49
C LEU C 71 -10.13 8.60 -47.66
N ILE C 72 -10.00 7.86 -48.76
CA ILE C 72 -9.64 8.48 -50.04
C ILE C 72 -10.89 9.12 -50.64
N ASP C 73 -11.99 8.37 -50.62
CA ASP C 73 -13.33 8.85 -51.00
C ASP C 73 -13.84 9.90 -50.01
N PHE C 74 -12.94 10.62 -49.35
CA PHE C 74 -13.35 11.73 -48.49
C PHE C 74 -12.46 12.95 -48.66
N PHE C 75 -11.14 12.76 -48.67
CA PHE C 75 -10.25 13.90 -48.91
C PHE C 75 -10.55 14.49 -50.30
N ASN C 76 -11.06 13.65 -51.19
CA ASN C 76 -11.60 14.11 -52.46
C ASN C 76 -12.71 15.14 -52.23
N TYR C 77 -13.83 14.72 -51.66
CA TYR C 77 -14.96 15.63 -51.44
C TYR C 77 -14.62 16.87 -50.58
N ASN C 78 -13.68 16.76 -49.65
CA ASN C 78 -13.41 17.86 -48.72
C ASN C 78 -12.45 18.95 -49.23
N ASN C 79 -12.23 19.01 -50.54
CA ASN C 79 -11.31 19.98 -51.15
C ASN C 79 -9.86 19.79 -50.68
N GLN C 80 -9.64 18.69 -49.96
CA GLN C 80 -8.31 18.26 -49.54
C GLN C 80 -7.84 17.12 -50.44
N SER C 81 -8.11 17.23 -51.75
CA SER C 81 -7.77 16.17 -52.68
C SER C 81 -6.29 15.99 -52.87
N HIS C 82 -5.49 16.99 -52.53
CA HIS C 82 -4.04 16.83 -52.58
C HIS C 82 -3.60 15.78 -51.57
N LEU C 83 -4.51 15.43 -50.67
CA LEU C 83 -4.29 14.33 -49.72
C LEU C 83 -4.72 12.97 -50.26
N ALA C 84 -6.01 12.81 -50.59
CA ALA C 84 -6.52 11.53 -51.10
C ALA C 84 -5.79 11.06 -52.34
N ASP C 85 -5.14 11.99 -53.04
CA ASP C 85 -4.32 11.66 -54.21
C ASP C 85 -2.98 11.03 -53.79
N PHE C 86 -2.33 11.61 -52.78
CA PHE C 86 -1.07 11.06 -52.26
C PHE C 86 -1.26 9.63 -51.71
N LEU C 87 -2.33 9.40 -50.96
CA LEU C 87 -2.59 8.08 -50.39
C LEU C 87 -2.99 7.04 -51.45
N GLU C 88 -3.77 7.43 -52.46
CA GLU C 88 -4.10 6.49 -53.53
C GLU C 88 -2.88 6.16 -54.38
N ASP C 89 -1.94 7.10 -54.50
CA ASP C 89 -0.70 6.87 -55.20
C ASP C 89 0.13 5.83 -54.45
N TYR C 90 0.15 5.94 -53.13
CA TYR C 90 0.90 5.05 -52.25
C TYR C 90 0.35 3.61 -52.25
N ILE C 91 -0.98 3.49 -52.22
CA ILE C 91 -1.64 2.18 -52.26
C ILE C 91 -1.41 1.50 -53.61
N ASP C 92 -1.11 2.29 -54.64
CA ASP C 92 -0.89 1.74 -55.98
C ASP C 92 0.55 1.26 -56.20
N PHE C 93 1.51 1.97 -55.65
CA PHE C 93 2.91 1.54 -55.72
C PHE C 93 3.21 0.38 -54.74
N ALA C 94 2.22 -0.46 -54.48
CA ALA C 94 2.41 -1.63 -53.62
C ALA C 94 1.84 -2.90 -54.25
N ILE C 95 0.57 -2.88 -54.60
CA ILE C 95 -0.09 -4.05 -55.23
C ILE C 95 0.40 -4.34 -56.65
N ASN C 96 0.27 -3.35 -57.53
CA ASN C 96 0.64 -3.51 -58.93
C ASN C 96 2.16 -3.49 -59.15
N GLU C 97 2.74 -2.30 -58.94
CA GLU C 97 4.18 -2.14 -59.09
C GLU C 97 4.91 -2.14 -57.76
N PRO C 98 5.46 -3.28 -57.37
CA PRO C 98 6.24 -3.41 -56.14
C PRO C 98 7.61 -2.77 -56.31
N ASP C 99 8.39 -2.69 -55.23
CA ASP C 99 9.73 -2.10 -55.28
C ASP C 99 9.69 -0.58 -55.39
N LEU C 100 8.93 -0.08 -56.37
CA LEU C 100 8.93 1.35 -56.73
C LEU C 100 8.48 2.27 -55.60
N LEU C 101 7.94 1.69 -54.54
CA LEU C 101 7.40 2.48 -53.41
C LEU C 101 8.47 3.25 -52.65
N ARG C 102 9.58 2.60 -52.35
CA ARG C 102 10.70 3.23 -51.62
C ARG C 102 11.45 4.31 -52.43
N PRO C 103 11.82 4.02 -53.70
CA PRO C 103 12.49 5.03 -54.52
C PRO C 103 11.59 6.22 -54.84
N VAL C 104 10.35 5.93 -55.20
CA VAL C 104 9.41 6.93 -55.71
C VAL C 104 8.61 7.68 -54.64
N VAL C 105 7.72 6.97 -53.95
CA VAL C 105 6.74 7.59 -53.04
C VAL C 105 7.17 7.74 -51.56
N ILE C 106 8.35 7.22 -51.22
CA ILE C 106 8.84 7.21 -49.82
C ILE C 106 10.04 8.15 -49.56
N ALA C 107 11.01 8.16 -50.47
CA ALA C 107 12.24 8.97 -50.35
C ALA C 107 12.14 10.53 -50.45
N PRO C 108 11.28 11.06 -51.37
CA PRO C 108 11.17 12.52 -51.60
C PRO C 108 10.69 13.35 -50.41
N GLN C 109 10.62 12.73 -49.22
CA GLN C 109 10.22 13.40 -47.99
C GLN C 109 11.20 13.12 -46.83
N PHE C 110 12.28 12.39 -47.12
CA PHE C 110 13.33 12.19 -46.13
C PHE C 110 13.75 13.57 -45.63
N MET D 1 -61.37 32.15 -2.64
CA MET D 1 -60.38 31.78 -1.65
C MET D 1 -60.19 32.90 -0.62
N LEU D 2 -59.69 32.54 0.56
CA LEU D 2 -59.40 33.51 1.62
C LEU D 2 -58.06 34.23 1.39
N CYS D 3 -57.12 34.00 2.31
CA CYS D 3 -55.74 34.50 2.21
C CYS D 3 -54.97 34.19 3.50
N GLU D 4 -53.75 34.71 3.62
CA GLU D 4 -52.93 34.46 4.82
C GLU D 4 -53.50 35.06 6.12
N ILE D 5 -54.11 36.25 6.04
CA ILE D 5 -54.70 36.90 7.21
C ILE D 5 -55.93 36.14 7.72
N GLU D 6 -56.86 35.88 6.81
CA GLU D 6 -58.11 35.23 7.13
C GLU D 6 -57.93 33.74 7.50
N CYS D 7 -56.86 33.13 6.99
CA CYS D 7 -56.52 31.73 7.30
C CYS D 7 -55.62 31.60 8.53
N ARG D 8 -54.83 32.65 8.78
CA ARG D 8 -54.03 32.73 9.99
C ARG D 8 -54.92 32.88 11.22
N ALA D 9 -56.10 33.47 11.00
CA ALA D 9 -57.11 33.64 12.05
C ALA D 9 -57.79 32.33 12.43
N LEU D 10 -58.20 31.56 11.43
CA LEU D 10 -58.81 30.24 11.66
C LEU D 10 -57.81 29.31 12.34
N SER D 11 -56.52 29.62 12.18
CA SER D 11 -55.47 28.82 12.77
C SER D 11 -55.10 29.28 14.19
N THR D 12 -54.99 30.59 14.38
CA THR D 12 -54.65 31.15 15.69
C THR D 12 -55.74 30.82 16.73
N ALA D 13 -56.99 31.03 16.33
CA ALA D 13 -58.13 30.69 17.17
C ALA D 13 -58.50 29.22 17.01
N HIS D 14 -57.50 28.34 17.01
CA HIS D 14 -57.75 26.90 16.82
C HIS D 14 -57.81 26.12 18.13
N THR D 15 -56.98 26.52 19.10
CA THR D 15 -57.06 25.90 20.42
C THR D 15 -58.50 25.97 20.93
N ARG D 16 -59.24 27.01 20.50
CA ARG D 16 -60.62 27.27 20.93
C ARG D 16 -61.69 26.52 20.11
N LEU D 17 -61.58 26.56 18.78
CA LEU D 17 -62.53 25.89 17.90
C LEU D 17 -62.56 24.37 18.07
N ILE D 18 -61.66 23.87 18.91
CA ILE D 18 -61.64 22.44 19.25
C ILE D 18 -62.41 22.14 20.55
N HIS D 19 -62.37 23.06 21.50
CA HIS D 19 -63.00 22.86 22.82
C HIS D 19 -64.52 22.96 22.76
N ASP D 20 -65.04 23.82 21.88
CA ASP D 20 -66.49 24.02 21.73
C ASP D 20 -66.90 24.50 20.34
N PHE D 21 -67.43 23.58 19.54
CA PHE D 21 -67.83 23.89 18.16
C PHE D 21 -68.29 22.59 17.54
N GLU D 22 -68.93 22.70 16.38
CA GLU D 22 -69.38 21.52 15.66
C GLU D 22 -69.79 21.89 14.25
N PRO D 23 -69.16 21.26 13.26
CA PRO D 23 -69.43 21.59 11.86
C PRO D 23 -70.86 21.21 11.42
N ARG D 24 -71.48 20.26 12.09
CA ARG D 24 -72.86 19.91 11.75
C ARG D 24 -73.78 21.10 12.01
N ASP D 25 -73.46 21.85 13.04
CA ASP D 25 -74.23 23.02 13.44
C ASP D 25 -74.21 24.12 12.36
N ALA D 26 -73.13 24.17 11.59
CA ALA D 26 -72.96 25.26 10.62
C ALA D 26 -73.31 24.87 9.19
N LEU D 27 -73.44 23.57 8.93
CA LEU D 27 -73.64 23.06 7.58
C LEU D 27 -74.93 23.59 6.96
N THR D 28 -76.00 23.61 7.74
CA THR D 28 -77.28 24.11 7.27
C THR D 28 -77.21 25.61 6.99
N TYR D 29 -76.54 26.35 7.88
CA TYR D 29 -76.40 27.79 7.71
C TYR D 29 -75.49 28.16 6.54
N LEU D 30 -74.66 27.21 6.09
CA LEU D 30 -73.75 27.50 4.97
C LEU D 30 -74.18 26.91 3.62
N GLU D 31 -74.87 25.76 3.61
CA GLU D 31 -75.46 25.29 2.37
C GLU D 31 -76.39 26.41 1.93
N GLY D 32 -76.79 27.22 2.90
CA GLY D 32 -77.72 28.30 2.66
C GLY D 32 -77.13 29.59 2.15
N LYS D 33 -76.22 30.20 2.91
CA LYS D 33 -75.62 31.47 2.48
C LYS D 33 -74.74 31.29 1.23
N ASN D 34 -74.89 30.13 0.59
CA ASN D 34 -74.21 29.80 -0.67
C ASN D 34 -72.67 29.74 -0.60
N ILE D 35 -72.17 28.69 0.06
CA ILE D 35 -70.76 28.56 0.33
C ILE D 35 -70.42 27.07 0.46
N PHE D 36 -71.42 26.22 0.26
CA PHE D 36 -71.24 24.76 0.30
C PHE D 36 -71.98 24.05 -0.82
N THR D 37 -71.90 22.72 -0.81
CA THR D 37 -72.56 21.87 -1.80
C THR D 37 -73.01 20.59 -1.13
N GLU D 38 -74.07 19.95 -1.65
CA GLU D 38 -74.67 18.79 -0.97
C GLU D 38 -73.73 17.58 -0.88
N ASP D 39 -72.60 17.60 -1.58
CA ASP D 39 -71.53 16.65 -1.28
C ASP D 39 -70.62 17.18 -0.15
N HIS D 40 -70.44 18.49 -0.11
CA HIS D 40 -69.64 19.12 0.94
C HIS D 40 -70.18 18.78 2.30
N SER D 41 -71.47 19.01 2.49
CA SER D 41 -72.13 18.74 3.77
C SER D 41 -72.17 17.24 4.07
N GLU D 42 -72.26 16.42 3.03
CA GLU D 42 -72.17 14.97 3.19
C GLU D 42 -70.79 14.60 3.72
N LEU D 43 -69.76 15.14 3.10
CA LEU D 43 -68.38 14.82 3.48
C LEU D 43 -68.03 15.22 4.93
N ILE D 44 -68.50 16.38 5.37
CA ILE D 44 -68.19 16.85 6.71
C ILE D 44 -69.22 16.35 7.75
N SER D 45 -70.42 16.03 7.28
CA SER D 45 -71.52 15.58 8.15
C SER D 45 -71.43 14.11 8.61
N LYS D 46 -70.89 13.24 7.75
CA LYS D 46 -70.59 11.86 8.17
C LYS D 46 -69.11 11.65 8.49
N MET D 47 -68.71 12.06 9.69
CA MET D 47 -67.34 11.90 10.15
C MET D 47 -67.36 11.44 11.61
N SER D 48 -66.71 10.32 11.90
CA SER D 48 -66.78 9.72 13.23
C SER D 48 -66.41 10.68 14.37
N THR D 49 -65.19 11.24 14.33
CA THR D 49 -64.78 12.21 15.35
C THR D 49 -65.04 13.64 14.88
N ARG D 50 -65.02 14.58 15.81
CA ARG D 50 -65.29 15.98 15.49
C ARG D 50 -64.07 16.70 14.93
N LEU D 51 -62.88 16.34 15.41
CA LEU D 51 -61.62 16.91 14.89
C LEU D 51 -61.51 16.64 13.38
N GLU D 52 -62.20 15.60 12.92
CA GLU D 52 -62.34 15.31 11.49
C GLU D 52 -63.29 16.32 10.83
N ARG D 53 -64.49 16.46 11.38
CA ARG D 53 -65.48 17.40 10.87
C ARG D 53 -64.96 18.84 10.95
N ILE D 54 -64.13 19.11 11.95
CA ILE D 54 -63.52 20.43 12.10
C ILE D 54 -62.42 20.73 11.09
N ALA D 55 -61.51 19.75 10.89
CA ALA D 55 -60.40 19.88 9.93
C ALA D 55 -60.88 19.93 8.48
N ASN D 56 -61.95 19.21 8.18
CA ASN D 56 -62.63 19.31 6.88
C ASN D 56 -63.46 20.59 6.69
N PHE D 57 -64.02 21.13 7.78
CA PHE D 57 -64.79 22.36 7.72
C PHE D 57 -63.85 23.55 7.48
N LEU D 58 -62.70 23.52 8.14
CA LEU D 58 -61.67 24.55 7.98
C LEU D 58 -60.84 24.43 6.68
N ARG D 59 -60.67 23.21 6.16
CA ARG D 59 -60.07 23.01 4.84
C ARG D 59 -61.03 23.45 3.72
N ILE D 60 -62.19 22.80 3.65
CA ILE D 60 -63.25 23.14 2.68
C ILE D 60 -63.67 24.61 2.69
N TYR D 61 -63.76 25.19 3.89
CA TYR D 61 -64.17 26.57 4.02
C TYR D 61 -63.18 27.57 3.39
N ARG D 62 -61.87 27.35 3.59
CA ARG D 62 -60.85 28.31 3.15
C ARG D 62 -60.81 28.46 1.63
N ARG D 63 -61.44 27.52 0.93
CA ARG D 63 -61.49 27.50 -0.53
C ARG D 63 -62.73 28.21 -1.10
N GLN D 64 -63.84 28.07 -0.37
CA GLN D 64 -65.17 28.39 -0.88
C GLN D 64 -65.66 29.85 -0.75
N ALA D 65 -65.36 30.47 0.39
CA ALA D 65 -65.86 31.81 0.68
C ALA D 65 -65.00 32.93 0.11
N SER D 66 -65.64 33.97 -0.42
CA SER D 66 -64.92 35.16 -0.88
C SER D 66 -64.34 35.97 0.29
N GLU D 67 -64.77 35.64 1.51
CA GLU D 67 -64.34 36.37 2.71
C GLU D 67 -64.69 35.60 4.00
N LEU D 68 -64.35 36.17 5.15
CA LEU D 68 -64.63 35.57 6.45
C LEU D 68 -65.85 36.19 7.15
N GLY D 69 -66.92 36.41 6.39
CA GLY D 69 -68.15 36.95 6.95
C GLY D 69 -69.10 35.91 7.52
N PRO D 70 -69.62 35.01 6.65
CA PRO D 70 -70.59 33.97 7.02
C PRO D 70 -70.07 32.93 8.03
N LEU D 71 -69.16 33.32 8.91
CA LEU D 71 -68.70 32.43 9.97
C LEU D 71 -68.62 33.21 11.28
N ILE D 72 -68.52 34.54 11.18
CA ILE D 72 -68.74 35.40 12.34
C ILE D 72 -70.25 35.54 12.54
N ASP D 73 -70.95 35.78 11.43
CA ASP D 73 -72.41 35.81 11.39
C ASP D 73 -73.00 34.42 11.64
N PHE D 74 -72.26 33.56 12.34
CA PHE D 74 -72.80 32.26 12.72
C PHE D 74 -72.49 31.90 14.16
N PHE D 75 -71.25 32.09 14.59
CA PHE D 75 -70.94 31.83 15.99
C PHE D 75 -71.78 32.75 16.88
N ASN D 76 -72.18 33.90 16.32
CA ASN D 76 -73.15 34.78 16.97
C ASN D 76 -74.45 34.02 17.24
N TYR D 77 -75.16 33.62 16.18
CA TYR D 77 -76.45 32.94 16.34
C TYR D 77 -76.37 31.62 17.15
N ASN D 78 -75.24 30.92 17.11
CA ASN D 78 -75.12 29.60 17.75
C ASN D 78 -74.79 29.61 19.26
N ASN D 79 -74.98 30.75 19.92
CA ASN D 79 -74.64 30.89 21.35
C ASN D 79 -73.15 30.67 21.63
N GLN D 80 -72.38 30.57 20.55
CA GLN D 80 -70.93 30.49 20.62
C GLN D 80 -70.33 31.86 20.27
N SER D 81 -70.97 32.92 20.76
CA SER D 81 -70.54 34.28 20.42
C SER D 81 -69.17 34.63 20.98
N HIS D 82 -68.73 33.94 22.02
CA HIS D 82 -67.39 34.15 22.53
C HIS D 82 -66.35 33.80 21.47
N LEU D 83 -66.80 33.09 20.43
CA LEU D 83 -65.95 32.76 19.27
C LEU D 83 -66.00 33.85 18.19
N ALA D 84 -67.18 34.14 17.65
CA ALA D 84 -67.32 35.15 16.59
C ALA D 84 -66.82 36.53 17.03
N ASP D 85 -66.75 36.75 18.34
CA ASP D 85 -66.20 37.99 18.88
C ASP D 85 -64.67 38.00 18.80
N PHE D 86 -64.02 36.89 19.17
CA PHE D 86 -62.57 36.77 19.04
C PHE D 86 -62.07 36.94 17.60
N LEU D 87 -62.76 36.31 16.64
CA LEU D 87 -62.37 36.41 15.23
C LEU D 87 -62.63 37.80 14.63
N GLU D 88 -63.75 38.44 15.01
CA GLU D 88 -63.98 39.81 14.54
C GLU D 88 -62.98 40.80 15.13
N ASP D 89 -62.53 40.54 16.35
CA ASP D 89 -61.50 41.35 17.00
C ASP D 89 -60.18 41.23 16.22
N TYR D 90 -59.88 40.02 15.77
CA TYR D 90 -58.64 39.72 15.04
C TYR D 90 -58.64 40.35 13.63
N ILE D 91 -59.79 40.30 12.95
CA ILE D 91 -59.92 40.89 11.62
C ILE D 91 -59.82 42.41 11.70
N ASP D 92 -60.11 42.98 12.86
CA ASP D 92 -60.05 44.43 13.05
C ASP D 92 -58.64 44.95 13.37
N PHE D 93 -57.88 44.19 14.16
CA PHE D 93 -56.50 44.55 14.45
C PHE D 93 -55.58 44.29 13.25
N ALA D 94 -56.15 44.48 12.06
CA ALA D 94 -55.43 44.33 10.79
C ALA D 94 -56.12 45.16 9.69
N ILE D 95 -57.45 45.23 9.76
CA ILE D 95 -58.25 46.02 8.82
C ILE D 95 -58.13 47.53 9.05
N ASN D 96 -58.07 47.94 10.32
CA ASN D 96 -57.99 49.37 10.67
C ASN D 96 -56.55 49.91 10.92
N GLU D 97 -55.53 49.05 10.74
CA GLU D 97 -54.13 49.47 10.95
C GLU D 97 -53.15 48.81 9.96
N PRO D 98 -52.21 49.60 9.43
CA PRO D 98 -51.24 49.15 8.41
C PRO D 98 -49.90 48.68 8.98
N ASP D 99 -49.89 48.10 10.19
CA ASP D 99 -48.63 47.69 10.82
C ASP D 99 -48.74 46.43 11.69
N LEU D 100 -47.75 45.53 11.56
CA LEU D 100 -47.77 44.23 12.24
C LEU D 100 -46.40 43.74 12.79
N LEU D 101 -45.77 42.77 12.13
CA LEU D 101 -44.65 42.02 12.74
C LEU D 101 -43.32 41.89 11.94
N ARG D 102 -43.34 42.06 10.61
CA ARG D 102 -42.11 41.99 9.80
C ARG D 102 -41.48 40.57 9.95
N PRO D 103 -40.40 40.28 9.20
CA PRO D 103 -39.62 39.05 9.51
C PRO D 103 -38.72 39.26 10.72
N VAL D 104 -39.17 38.83 11.90
CA VAL D 104 -38.38 39.02 13.13
C VAL D 104 -38.53 37.85 14.14
N VAL D 105 -38.70 38.23 15.41
CA VAL D 105 -38.63 37.29 16.54
C VAL D 105 -39.85 37.42 17.51
N MET E 1 -4.43 64.34 -26.61
CA MET E 1 -3.43 63.36 -26.18
C MET E 1 -2.19 63.41 -27.07
N LEU E 2 -1.07 62.94 -26.54
CA LEU E 2 0.19 62.86 -27.30
C LEU E 2 0.22 61.63 -28.22
N CYS E 3 1.16 60.72 -27.94
CA CYS E 3 1.28 59.43 -28.62
C CYS E 3 2.56 58.72 -28.15
N GLU E 4 2.89 57.59 -28.79
CA GLU E 4 4.08 56.82 -28.40
C GLU E 4 5.43 57.56 -28.64
N ILE E 5 5.52 58.32 -29.73
CA ILE E 5 6.73 59.08 -30.04
C ILE E 5 6.98 60.21 -29.03
N GLU E 6 5.95 61.03 -28.85
CA GLU E 6 6.02 62.20 -27.98
C GLU E 6 6.10 61.82 -26.50
N CYS E 7 5.59 60.64 -26.14
CA CYS E 7 5.64 60.12 -24.77
C CYS E 7 6.90 59.29 -24.51
N ARG E 8 7.42 58.68 -25.58
CA ARG E 8 8.69 57.97 -25.51
C ARG E 8 9.84 58.95 -25.29
N ALA E 9 9.64 60.19 -25.75
CA ALA E 9 10.61 61.28 -25.55
C ALA E 9 10.65 61.78 -24.11
N LEU E 10 9.48 62.01 -23.52
CA LEU E 10 9.40 62.44 -22.12
C LEU E 10 9.97 61.35 -21.21
N SER E 11 9.99 60.12 -21.71
CA SER E 11 10.51 58.99 -20.96
C SER E 11 12.02 58.78 -21.16
N THR E 12 12.48 58.87 -22.40
CA THR E 12 13.89 58.72 -22.70
C THR E 12 14.74 59.81 -22.03
N ALA E 13 14.28 61.05 -22.15
CA ALA E 13 14.93 62.18 -21.50
C ALA E 13 14.44 62.31 -20.05
N HIS E 14 14.36 61.19 -19.34
CA HIS E 14 13.87 61.21 -17.95
C HIS E 14 15.00 61.23 -16.92
N THR E 15 16.10 60.55 -17.20
CA THR E 15 17.26 60.62 -16.33
C THR E 15 17.64 62.08 -16.09
N ARG E 16 17.35 62.94 -17.09
CA ARG E 16 17.69 64.37 -17.07
C ARG E 16 16.64 65.26 -16.38
N LEU E 17 15.37 65.07 -16.71
CA LEU E 17 14.28 65.86 -16.11
C LEU E 17 14.14 65.67 -14.61
N ILE E 18 14.95 64.76 -14.06
CA ILE E 18 15.01 64.55 -12.61
C ILE E 18 16.15 65.34 -11.94
N HIS E 19 17.27 65.50 -12.64
CA HIS E 19 18.44 66.18 -12.09
C HIS E 19 18.27 67.69 -12.01
N ASP E 20 17.53 68.27 -12.95
CA ASP E 20 17.30 69.72 -12.97
C ASP E 20 16.00 70.11 -13.68
N PHE E 21 14.98 70.45 -12.89
CA PHE E 21 13.68 70.80 -13.42
C PHE E 21 12.75 71.03 -12.23
N GLU E 22 11.59 71.61 -12.49
CA GLU E 22 10.61 71.82 -11.44
C GLU E 22 9.27 72.20 -12.04
N PRO E 23 8.23 71.42 -11.72
CA PRO E 23 6.90 71.65 -12.29
C PRO E 23 6.27 72.97 -11.82
N ARG E 24 6.69 73.50 -10.68
CA ARG E 24 6.15 74.78 -10.23
C ARG E 24 6.56 75.88 -11.21
N ASP E 25 7.76 75.73 -11.77
CA ASP E 25 8.30 76.70 -12.72
C ASP E 25 7.46 76.77 -14.00
N ALA E 26 6.81 75.66 -14.36
CA ALA E 26 6.11 75.60 -15.64
C ALA E 26 4.59 75.80 -15.52
N LEU E 27 4.08 75.72 -14.29
CA LEU E 27 2.64 75.75 -14.06
C LEU E 27 2.02 77.06 -14.54
N THR E 28 2.68 78.17 -14.24
CA THR E 28 2.20 79.49 -14.66
C THR E 28 2.23 79.62 -16.18
N TYR E 29 3.31 79.12 -16.79
CA TYR E 29 3.44 79.18 -18.24
C TYR E 29 2.45 78.26 -18.97
N LEU E 30 1.91 77.28 -18.26
CA LEU E 30 0.95 76.35 -18.87
C LEU E 30 -0.53 76.60 -18.53
N GLU E 31 -0.81 77.12 -17.33
CA GLU E 31 -2.18 77.56 -17.06
C GLU E 31 -2.47 78.61 -18.11
N GLY E 32 -1.41 79.18 -18.65
CA GLY E 32 -1.51 80.25 -19.62
C GLY E 32 -1.70 79.81 -21.06
N LYS E 33 -0.75 79.06 -21.60
CA LYS E 33 -0.87 78.63 -23.00
C LYS E 33 -2.03 77.65 -23.20
N ASN E 34 -2.90 77.59 -22.20
CA ASN E 34 -4.14 76.80 -22.23
C ASN E 34 -3.95 75.27 -22.36
N ILE E 35 -3.46 74.67 -21.27
CA ILE E 35 -3.08 73.26 -21.27
C ILE E 35 -3.22 72.72 -19.85
N PHE E 36 -3.68 73.57 -18.93
CA PHE E 36 -3.91 73.18 -17.53
C PHE E 36 -5.22 73.73 -16.97
N THR E 37 -5.46 73.45 -15.69
CA THR E 37 -6.66 73.92 -14.99
C THR E 37 -6.28 74.23 -13.54
N GLU E 38 -7.02 75.13 -12.90
CA GLU E 38 -6.64 75.60 -11.57
C GLU E 38 -6.70 74.51 -10.48
N ASP E 39 -7.29 73.35 -10.81
CA ASP E 39 -7.08 72.18 -9.96
C ASP E 39 -5.79 71.43 -10.36
N HIS E 40 -5.47 71.44 -11.65
CA HIS E 40 -4.26 70.80 -12.14
C HIS E 40 -3.04 71.37 -11.45
N SER E 41 -2.92 72.69 -11.47
CA SER E 41 -1.78 73.38 -10.85
C SER E 41 -1.80 73.23 -9.34
N GLU E 42 -2.99 73.12 -8.75
CA GLU E 42 -3.10 72.84 -7.33
C GLU E 42 -2.52 71.45 -7.03
N LEU E 43 -2.94 70.47 -7.83
CA LEU E 43 -2.50 69.08 -7.61
C LEU E 43 -0.98 68.90 -7.74
N ILE E 44 -0.36 69.55 -8.73
CA ILE E 44 1.07 69.41 -8.93
C ILE E 44 1.89 70.41 -8.10
N SER E 45 1.26 71.53 -7.72
CA SER E 45 1.92 72.60 -6.96
C SER E 45 2.08 72.32 -5.46
N LYS E 46 1.12 71.60 -4.86
CA LYS E 46 1.29 71.13 -3.48
C LYS E 46 1.69 69.66 -3.40
N MET E 47 2.98 69.40 -3.61
CA MET E 47 3.53 68.04 -3.53
C MET E 47 4.85 68.08 -2.78
N SER E 48 4.99 67.30 -1.72
CA SER E 48 6.16 67.37 -0.85
C SER E 48 7.49 67.21 -1.59
N THR E 49 7.68 66.09 -2.30
CA THR E 49 8.90 65.90 -3.08
C THR E 49 8.70 66.33 -4.53
N ARG E 50 9.79 66.51 -5.26
CA ARG E 50 9.73 66.96 -6.65
C ARG E 50 9.44 65.83 -7.63
N LEU E 51 9.94 64.63 -7.33
CA LEU E 51 9.66 63.44 -8.16
C LEU E 51 8.14 63.20 -8.22
N GLU E 52 7.43 63.70 -7.22
CA GLU E 52 5.97 63.71 -7.22
C GLU E 52 5.43 64.75 -8.21
N ARG E 53 5.89 65.98 -8.07
CA ARG E 53 5.48 67.07 -8.96
C ARG E 53 5.89 66.78 -10.40
N ILE E 54 6.99 66.05 -10.57
CA ILE E 54 7.47 65.66 -11.90
C ILE E 54 6.63 64.55 -12.54
N ALA E 55 6.34 63.50 -11.77
CA ALA E 55 5.53 62.36 -12.23
C ALA E 55 4.07 62.75 -12.52
N ASN E 56 3.53 63.68 -11.73
CA ASN E 56 2.22 64.29 -12.02
C ASN E 56 2.22 65.29 -13.19
N PHE E 57 3.33 65.98 -13.41
CA PHE E 57 3.45 66.93 -14.52
C PHE E 57 3.53 66.17 -15.84
N LEU E 58 4.28 65.07 -15.83
CA LEU E 58 4.41 64.18 -17.00
C LEU E 58 3.19 63.27 -17.26
N ARG E 59 2.47 62.88 -16.21
CA ARG E 59 1.19 62.18 -16.36
C ARG E 59 0.10 63.12 -16.90
N ILE E 60 -0.20 64.17 -16.14
CA ILE E 60 -1.18 65.21 -16.51
C ILE E 60 -0.91 65.84 -17.88
N TYR E 61 0.37 66.08 -18.18
CA TYR E 61 0.73 66.71 -19.45
C TYR E 61 0.40 65.83 -20.68
N ARG E 62 0.67 64.52 -20.59
CA ARG E 62 0.51 63.62 -21.75
C ARG E 62 -0.93 63.52 -22.22
N ARG E 63 -1.85 63.95 -21.36
CA ARG E 63 -3.29 63.90 -21.65
C ARG E 63 -3.81 65.20 -22.28
N GLN E 64 -3.24 66.33 -21.86
CA GLN E 64 -3.80 67.65 -22.09
C GLN E 64 -3.43 68.35 -23.41
N ALA E 65 -2.16 68.23 -23.82
CA ALA E 65 -1.66 68.94 -24.99
C ALA E 65 -1.92 68.21 -26.32
N SER E 66 -2.29 68.96 -27.35
CA SER E 66 -2.44 68.40 -28.69
C SER E 66 -1.08 68.03 -29.31
N GLU E 67 0.00 68.47 -28.67
CA GLU E 67 1.36 68.23 -29.18
C GLU E 67 2.43 68.55 -28.13
N LEU E 68 3.70 68.35 -28.49
CA LEU E 68 4.83 68.64 -27.59
C LEU E 68 5.52 69.97 -27.89
N GLY E 69 4.73 71.02 -28.12
CA GLY E 69 5.26 72.35 -28.37
C GLY E 69 5.52 73.16 -27.12
N PRO E 70 4.45 73.49 -26.36
CA PRO E 70 4.52 74.32 -25.14
C PRO E 70 5.34 73.72 -24.00
N LEU E 71 6.37 72.93 -24.31
CA LEU E 71 7.28 72.41 -23.28
C LEU E 71 8.72 72.53 -23.78
N ILE E 72 8.89 72.63 -25.10
CA ILE E 72 10.17 73.04 -25.67
C ILE E 72 10.24 74.56 -25.56
N ASP E 73 9.15 75.22 -25.94
CA ASP E 73 8.98 76.66 -25.79
C ASP E 73 8.90 77.05 -24.31
N PHE E 74 9.48 76.24 -23.43
CA PHE E 74 9.54 76.61 -22.01
C PHE E 74 10.91 76.34 -21.41
N PHE E 75 11.48 75.16 -21.66
CA PHE E 75 12.82 74.91 -21.17
C PHE E 75 13.80 75.94 -21.75
N ASN E 76 13.44 76.47 -22.93
CA ASN E 76 14.15 77.59 -23.52
C ASN E 76 14.15 78.78 -22.55
N TYR E 77 12.97 79.35 -22.30
CA TYR E 77 12.88 80.53 -21.43
C TYR E 77 13.42 80.32 -20.00
N ASN E 78 13.35 79.09 -19.48
CA ASN E 78 13.72 78.82 -18.08
C ASN E 78 15.22 78.59 -17.82
N ASN E 79 16.08 78.98 -18.77
CA ASN E 79 17.53 78.76 -18.64
C ASN E 79 17.90 77.28 -18.58
N GLN E 80 16.90 76.44 -18.80
CA GLN E 80 17.08 75.00 -18.90
C GLN E 80 17.06 74.59 -20.38
N SER E 81 17.68 75.39 -21.22
CA SER E 81 17.67 75.16 -22.67
C SER E 81 18.41 73.89 -23.08
N HIS E 82 19.32 73.42 -22.24
CA HIS E 82 20.00 72.16 -22.52
C HIS E 82 18.98 71.02 -22.53
N LEU E 83 17.79 71.29 -22.01
CA LEU E 83 16.67 70.33 -22.03
C LEU E 83 15.83 70.47 -23.31
N ALA E 84 15.25 71.64 -23.55
CA ALA E 84 14.40 71.86 -24.73
C ALA E 84 15.14 71.61 -26.04
N ASP E 85 16.46 71.66 -25.99
CA ASP E 85 17.29 71.32 -27.15
C ASP E 85 17.35 69.81 -27.38
N PHE E 86 17.54 69.03 -26.31
CA PHE E 86 17.54 67.56 -26.41
C PHE E 86 16.21 67.02 -26.95
N LEU E 87 15.10 67.54 -26.45
CA LEU E 87 13.78 67.08 -26.88
C LEU E 87 13.43 67.52 -28.31
N GLU E 88 13.83 68.72 -28.72
CA GLU E 88 13.62 69.13 -30.11
C GLU E 88 14.48 68.33 -31.08
N ASP E 89 15.66 67.92 -30.63
CA ASP E 89 16.54 67.07 -31.43
C ASP E 89 15.87 65.70 -31.65
N TYR E 90 15.24 65.18 -30.59
CA TYR E 90 14.58 63.88 -30.62
C TYR E 90 13.33 63.88 -31.53
N ILE E 91 12.55 64.96 -31.47
CA ILE E 91 11.35 65.10 -32.31
C ILE E 91 11.73 65.23 -33.78
N ASP E 92 12.96 65.68 -34.05
CA ASP E 92 13.43 65.84 -35.42
C ASP E 92 13.97 64.54 -36.04
N PHE E 93 14.66 63.73 -35.24
CA PHE E 93 15.15 62.44 -35.72
C PHE E 93 14.01 61.42 -35.83
N ALA E 94 12.83 61.93 -36.19
CA ALA E 94 11.64 61.12 -36.41
C ALA E 94 10.66 61.86 -37.34
N ILE E 95 10.61 63.19 -37.22
CA ILE E 95 9.77 64.04 -38.08
C ILE E 95 10.32 64.15 -39.51
N ASN E 96 11.65 64.24 -39.65
CA ASN E 96 12.27 64.38 -40.98
C ASN E 96 12.75 63.05 -41.63
N GLU E 97 12.50 61.91 -40.98
CA GLU E 97 12.91 60.61 -41.52
C GLU E 97 11.92 59.48 -41.22
N PRO E 98 11.63 58.64 -42.22
CA PRO E 98 10.64 57.55 -42.12
C PRO E 98 11.22 56.20 -41.72
N ASP E 99 12.29 56.17 -40.92
CA ASP E 99 12.94 54.90 -40.55
C ASP E 99 13.53 54.88 -39.13
N LEU E 100 13.33 53.77 -38.42
CA LEU E 100 13.74 53.64 -37.00
C LEU E 100 14.30 52.25 -36.60
N LEU E 101 13.52 51.45 -35.89
CA LEU E 101 14.05 50.27 -35.18
C LEU E 101 13.38 48.88 -35.39
N ARG E 102 12.11 48.84 -35.83
CA ARG E 102 11.42 47.56 -36.10
C ARG E 102 11.34 46.75 -34.78
N PRO E 103 10.65 45.58 -34.78
CA PRO E 103 10.78 44.67 -33.64
C PRO E 103 12.10 43.87 -33.70
N VAL E 104 13.13 44.33 -32.99
CA VAL E 104 14.43 43.65 -33.01
C VAL E 104 15.17 43.70 -31.65
N VAL E 105 16.46 44.00 -31.73
CA VAL E 105 17.40 43.86 -30.60
C VAL E 105 18.25 45.14 -30.37
N MET F 1 -16.69 16.04 -64.05
CA MET F 1 -16.25 14.83 -63.36
C MET F 1 -16.96 13.60 -63.92
N LEU F 2 -16.35 12.44 -63.72
CA LEU F 2 -16.93 11.16 -64.14
C LEU F 2 -17.98 10.65 -63.16
N CYS F 3 -17.69 9.51 -62.54
CA CYS F 3 -18.51 8.91 -61.47
C CYS F 3 -17.96 7.53 -61.10
N GLU F 4 -18.68 6.80 -60.25
CA GLU F 4 -18.25 5.47 -59.81
C GLU F 4 -18.20 4.41 -60.94
N ILE F 5 -19.16 4.47 -61.87
CA ILE F 5 -19.20 3.53 -63.00
C ILE F 5 -18.03 3.75 -63.95
N GLU F 6 -17.90 5.00 -64.41
CA GLU F 6 -16.89 5.38 -65.38
C GLU F 6 -15.46 5.32 -64.81
N CYS F 7 -15.33 5.46 -63.48
CA CYS F 7 -14.05 5.37 -62.79
C CYS F 7 -13.72 3.94 -62.34
N ARG F 8 -14.78 3.16 -62.10
CA ARG F 8 -14.63 1.74 -61.80
C ARG F 8 -14.12 0.99 -63.04
N ALA F 9 -14.44 1.52 -64.21
CA ALA F 9 -13.99 0.98 -65.48
C ALA F 9 -12.50 1.22 -65.75
N LEU F 10 -12.05 2.45 -65.51
CA LEU F 10 -10.64 2.79 -65.66
C LEU F 10 -9.80 1.99 -64.66
N SER F 11 -10.44 1.54 -63.59
CA SER F 11 -9.76 0.76 -62.56
C SER F 11 -9.79 -0.74 -62.84
N THR F 12 -10.94 -1.26 -63.27
CA THR F 12 -11.06 -2.68 -63.60
C THR F 12 -10.14 -3.08 -64.77
N ALA F 13 -10.17 -2.27 -65.82
CA ALA F 13 -9.29 -2.46 -66.96
C ALA F 13 -7.93 -1.83 -66.72
N HIS F 14 -7.37 -2.04 -65.52
CA HIS F 14 -6.07 -1.44 -65.17
C HIS F 14 -4.90 -2.40 -65.36
N THR F 15 -5.12 -3.69 -65.08
CA THR F 15 -4.10 -4.67 -65.36
C THR F 15 -3.62 -4.55 -66.82
N ARG F 16 -4.54 -4.11 -67.69
CA ARG F 16 -4.29 -3.96 -69.14
C ARG F 16 -3.64 -2.63 -69.55
N LEU F 17 -4.16 -1.52 -69.04
CA LEU F 17 -3.64 -0.20 -69.37
C LEU F 17 -2.19 0.01 -68.91
N ILE F 18 -1.65 -0.98 -68.21
CA ILE F 18 -0.25 -0.97 -67.79
C ILE F 18 0.66 -1.74 -68.77
N HIS F 19 0.14 -2.81 -69.36
CA HIS F 19 0.93 -3.66 -70.26
C HIS F 19 1.18 -3.01 -71.61
N ASP F 20 0.23 -2.21 -72.09
CA ASP F 20 0.35 -1.54 -73.39
C ASP F 20 -0.47 -0.25 -73.49
N PHE F 21 0.21 0.88 -73.37
CA PHE F 21 -0.44 2.20 -73.39
C PHE F 21 0.62 3.24 -73.14
N GLU F 22 0.29 4.50 -73.38
CA GLU F 22 1.22 5.58 -73.13
C GLU F 22 0.48 6.91 -73.17
N PRO F 23 0.56 7.67 -72.08
CA PRO F 23 -0.15 8.95 -71.99
C PRO F 23 0.38 10.00 -72.97
N ARG F 24 1.63 9.88 -73.40
CA ARG F 24 2.15 10.83 -74.38
C ARG F 24 1.38 10.71 -75.68
N ASP F 25 0.99 9.48 -76.00
CA ASP F 25 0.24 9.19 -77.22
C ASP F 25 -1.11 9.89 -77.24
N ALA F 26 -1.70 10.11 -76.07
CA ALA F 26 -3.06 10.65 -76.00
C ALA F 26 -3.11 12.15 -75.72
N LEU F 27 -2.00 12.71 -75.29
CA LEU F 27 -1.96 14.12 -74.86
C LEU F 27 -2.35 15.07 -75.97
N THR F 28 -1.83 14.81 -77.17
CA THR F 28 -2.14 15.64 -78.33
C THR F 28 -3.61 15.52 -78.72
N TYR F 29 -4.13 14.30 -78.67
CA TYR F 29 -5.54 14.05 -79.00
C TYR F 29 -6.49 14.63 -77.96
N LEU F 30 -5.99 14.90 -76.75
CA LEU F 30 -6.84 15.45 -75.70
C LEU F 30 -6.68 16.97 -75.44
N GLU F 31 -5.48 17.50 -75.64
CA GLU F 31 -5.33 18.96 -75.61
C GLU F 31 -6.28 19.47 -76.66
N GLY F 32 -6.59 18.60 -77.62
CA GLY F 32 -7.42 18.94 -78.76
C GLY F 32 -8.91 18.85 -78.52
N LYS F 33 -9.42 17.68 -78.17
CA LYS F 33 -10.86 17.52 -77.96
C LYS F 33 -11.34 18.29 -76.73
N ASN F 34 -10.47 19.18 -76.25
CA ASN F 34 -10.78 20.10 -75.14
C ASN F 34 -11.07 19.43 -73.78
N ILE F 35 -10.02 18.87 -73.18
CA ILE F 35 -10.14 18.08 -71.97
C ILE F 35 -8.83 18.17 -71.19
N PHE F 36 -7.88 18.95 -71.70
CA PHE F 36 -6.59 19.16 -71.05
C PHE F 36 -6.15 20.63 -71.09
N THR F 37 -4.96 20.89 -70.54
CA THR F 37 -4.37 22.23 -70.51
C THR F 37 -2.86 22.11 -70.67
N GLU F 38 -2.22 23.14 -71.20
CA GLU F 38 -0.80 23.06 -71.54
C GLU F 38 0.12 22.87 -70.32
N ASP F 39 -0.42 23.02 -69.11
CA ASP F 39 0.29 22.53 -67.93
C ASP F 39 -0.02 21.05 -67.67
N HIS F 40 -1.24 20.64 -67.98
CA HIS F 40 -1.65 19.24 -67.84
C HIS F 40 -0.73 18.33 -68.62
N SER F 41 -0.57 18.64 -69.90
CA SER F 41 0.29 17.84 -70.79
C SER F 41 1.76 17.94 -70.39
N GLU F 42 2.15 19.08 -69.84
CA GLU F 42 3.51 19.23 -69.31
C GLU F 42 3.70 18.28 -68.13
N LEU F 43 2.75 18.29 -67.20
CA LEU F 43 2.83 17.45 -66.01
C LEU F 43 2.89 15.95 -66.31
N ILE F 44 2.10 15.48 -67.27
CA ILE F 44 2.06 14.06 -67.60
C ILE F 44 3.12 13.68 -68.64
N SER F 45 3.55 14.66 -69.44
CA SER F 45 4.52 14.45 -70.52
C SER F 45 5.98 14.34 -70.07
N LYS F 46 6.35 15.08 -69.01
CA LYS F 46 7.67 14.90 -68.40
C LYS F 46 7.62 14.04 -67.11
N MET F 47 7.56 12.73 -67.29
CA MET F 47 7.55 11.80 -66.16
C MET F 47 8.46 10.63 -66.48
N SER F 48 9.42 10.35 -65.61
CA SER F 48 10.44 9.34 -65.88
C SER F 48 9.88 7.97 -66.25
N THR F 49 9.07 7.38 -65.37
CA THR F 49 8.44 6.09 -65.68
C THR F 49 7.04 6.28 -66.26
N ARG F 50 6.50 5.24 -66.87
CA ARG F 50 5.18 5.31 -67.51
C ARG F 50 4.04 5.15 -66.52
N LEU F 51 4.25 4.32 -65.50
CA LEU F 51 3.25 4.13 -64.42
C LEU F 51 2.96 5.48 -63.75
N GLU F 52 3.90 6.40 -63.84
CA GLU F 52 3.69 7.79 -63.41
C GLU F 52 2.78 8.53 -64.39
N ARG F 53 3.14 8.50 -65.68
CA ARG F 53 2.34 9.15 -66.71
C ARG F 53 0.94 8.54 -66.80
N ILE F 54 0.85 7.25 -66.47
CA ILE F 54 -0.44 6.56 -66.47
C ILE F 54 -1.33 6.94 -65.27
N ALA F 55 -0.74 6.96 -64.06
CA ALA F 55 -1.45 7.32 -62.83
C ALA F 55 -1.89 8.80 -62.81
N ASN F 56 -1.07 9.67 -63.40
CA ASN F 56 -1.45 11.07 -63.62
C ASN F 56 -2.48 11.29 -64.75
N PHE F 57 -2.46 10.43 -65.76
CA PHE F 57 -3.41 10.52 -66.88
C PHE F 57 -4.80 10.08 -66.39
N LEU F 58 -4.82 9.03 -65.59
CA LEU F 58 -6.05 8.52 -64.98
C LEU F 58 -6.60 9.36 -63.80
N ARG F 59 -5.71 10.02 -63.05
CA ARG F 59 -6.13 10.98 -62.03
C ARG F 59 -6.68 12.26 -62.68
N ILE F 60 -5.84 12.96 -63.45
CA ILE F 60 -6.22 14.17 -64.19
C ILE F 60 -7.45 13.99 -65.09
N TYR F 61 -7.54 12.84 -65.75
CA TYR F 61 -8.66 12.58 -66.66
C TYR F 61 -10.02 12.50 -65.92
N ARG F 62 -10.07 11.83 -64.77
CA ARG F 62 -11.33 11.58 -64.06
C ARG F 62 -12.01 12.88 -63.61
N ARG F 63 -11.26 13.99 -63.64
CA ARG F 63 -11.81 15.27 -63.16
C ARG F 63 -12.03 16.29 -64.28
N GLN F 64 -11.61 15.98 -65.49
CA GLN F 64 -11.76 16.91 -66.62
C GLN F 64 -12.91 16.65 -67.60
N ALA F 65 -13.15 15.39 -67.93
CA ALA F 65 -14.15 15.04 -68.94
C ALA F 65 -15.57 14.93 -68.39
N SER F 66 -16.55 15.41 -69.16
CA SER F 66 -17.96 15.26 -68.80
C SER F 66 -18.42 13.80 -68.95
N GLU F 67 -17.59 12.98 -69.59
CA GLU F 67 -17.94 11.58 -69.86
C GLU F 67 -16.72 10.76 -70.31
N LEU F 68 -16.93 9.47 -70.56
CA LEU F 68 -15.85 8.57 -71.02
C LEU F 68 -15.88 8.31 -72.53
N GLY F 69 -16.08 9.37 -73.31
CA GLY F 69 -16.09 9.26 -74.75
C GLY F 69 -14.72 9.39 -75.40
N PRO F 70 -14.09 10.56 -75.27
CA PRO F 70 -12.77 10.88 -75.86
C PRO F 70 -11.62 10.02 -75.37
N LEU F 71 -11.88 8.78 -74.97
CA LEU F 71 -10.81 7.84 -74.60
C LEU F 71 -11.09 6.47 -75.22
N ILE F 72 -12.35 6.22 -75.57
CA ILE F 72 -12.67 5.10 -76.43
C ILE F 72 -12.37 5.51 -77.88
N ASP F 73 -12.81 6.72 -78.22
CA ASP F 73 -12.50 7.34 -79.51
C ASP F 73 -11.01 7.68 -79.61
N PHE F 74 -10.17 6.96 -78.88
CA PHE F 74 -8.72 7.14 -79.00
C PHE F 74 -7.98 5.82 -79.07
N PHE F 75 -8.29 4.89 -78.18
CA PHE F 75 -7.65 3.58 -78.26
C PHE F 75 -7.97 2.94 -79.61
N ASN F 76 -9.10 3.34 -80.19
CA ASN F 76 -9.45 2.96 -81.57
C ASN F 76 -8.36 3.43 -82.52
N TYR F 77 -8.19 4.74 -82.67
CA TYR F 77 -7.20 5.28 -83.61
C TYR F 77 -5.74 4.83 -83.33
N ASN F 78 -5.40 4.57 -82.07
CA ASN F 78 -4.01 4.25 -81.71
C ASN F 78 -3.58 2.79 -81.90
N ASN F 79 -4.34 2.02 -82.67
CA ASN F 79 -4.05 0.59 -82.89
C ASN F 79 -4.11 -0.23 -81.58
N GLN F 80 -4.58 0.43 -80.53
CA GLN F 80 -4.84 -0.21 -79.24
C GLN F 80 -6.34 -0.45 -79.10
N SER F 81 -6.98 -0.86 -80.18
CA SER F 81 -8.44 -1.05 -80.18
C SER F 81 -8.89 -2.19 -79.28
N HIS F 82 -8.00 -3.13 -78.98
CA HIS F 82 -8.35 -4.18 -78.03
C HIS F 82 -8.65 -3.58 -76.66
N LEU F 83 -8.26 -2.33 -76.47
CA LEU F 83 -8.56 -1.57 -75.24
C LEU F 83 -9.91 -0.85 -75.32
N ALA F 84 -10.07 0.05 -76.30
CA ALA F 84 -11.32 0.81 -76.44
C ALA F 84 -12.55 -0.09 -76.64
N ASP F 85 -12.31 -1.33 -77.07
CA ASP F 85 -13.38 -2.31 -77.19
C ASP F 85 -13.79 -2.87 -75.82
N PHE F 86 -12.82 -3.20 -74.98
CA PHE F 86 -13.09 -3.67 -73.61
C PHE F 86 -13.87 -2.63 -72.79
N LEU F 87 -13.45 -1.37 -72.86
CA LEU F 87 -14.13 -0.30 -72.11
C LEU F 87 -15.53 0.02 -72.64
N GLU F 88 -15.73 0.00 -73.96
CA GLU F 88 -17.06 0.20 -74.52
C GLU F 88 -18.00 -0.96 -74.18
N ASP F 89 -17.45 -2.17 -74.07
CA ASP F 89 -18.21 -3.33 -73.65
C ASP F 89 -18.70 -3.17 -72.21
N TYR F 90 -17.82 -2.63 -71.37
CA TYR F 90 -18.10 -2.42 -69.94
C TYR F 90 -19.15 -1.32 -69.72
N ILE F 91 -19.08 -0.24 -70.49
CA ILE F 91 -20.04 0.86 -70.40
C ILE F 91 -21.42 0.41 -70.87
N ASP F 92 -21.45 -0.63 -71.70
CA ASP F 92 -22.72 -1.14 -72.23
C ASP F 92 -23.42 -2.12 -71.27
N PHE F 93 -22.64 -2.96 -70.58
CA PHE F 93 -23.21 -3.88 -69.58
C PHE F 93 -23.60 -3.13 -68.31
N ALA F 94 -24.04 -1.89 -68.49
CA ALA F 94 -24.52 -1.04 -67.41
C ALA F 94 -25.48 0.03 -67.96
N ILE F 95 -25.20 0.51 -69.17
CA ILE F 95 -26.05 1.49 -69.87
C ILE F 95 -27.38 0.88 -70.36
N ASN F 96 -27.32 -0.36 -70.87
CA ASN F 96 -28.52 -1.02 -71.40
C ASN F 96 -29.26 -1.95 -70.42
N GLU F 97 -28.80 -2.02 -69.16
CA GLU F 97 -29.43 -2.87 -68.14
C GLU F 97 -29.42 -2.26 -66.73
N PRO F 98 -30.55 -2.34 -66.01
CA PRO F 98 -30.73 -1.74 -64.68
C PRO F 98 -30.42 -2.69 -63.51
N ASP F 99 -29.49 -3.63 -63.67
CA ASP F 99 -29.21 -4.60 -62.62
C ASP F 99 -27.73 -5.04 -62.55
N LEU F 100 -27.20 -5.13 -61.32
CA LEU F 100 -25.77 -5.44 -61.10
C LEU F 100 -25.48 -6.37 -59.90
N LEU F 101 -24.98 -5.82 -58.78
CA LEU F 101 -24.36 -6.64 -57.73
C LEU F 101 -24.84 -6.45 -56.25
N ARG F 102 -25.44 -5.31 -55.91
CA ARG F 102 -25.96 -5.09 -54.55
C ARG F 102 -24.78 -5.15 -53.54
N PRO F 103 -25.03 -4.86 -52.24
CA PRO F 103 -24.00 -5.18 -51.23
C PRO F 103 -23.98 -6.67 -50.89
N VAL F 104 -23.08 -7.43 -51.51
CA VAL F 104 -23.00 -8.88 -51.27
C VAL F 104 -21.58 -9.45 -51.31
N VAL F 105 -21.43 -10.58 -51.99
CA VAL F 105 -20.20 -11.40 -51.96
C VAL F 105 -19.70 -11.78 -53.38
N ARG G 112 -35.73 24.55 23.60
CA ARG G 112 -35.32 23.40 24.41
C ARG G 112 -35.23 22.06 23.64
N GLN G 113 -35.19 22.13 22.33
CA GLN G 113 -35.11 20.94 21.51
C GLN G 113 -33.88 21.05 20.62
N MET G 114 -33.41 22.31 20.47
CA MET G 114 -32.18 22.66 19.75
C MET G 114 -30.94 22.34 20.58
N LEU G 115 -31.04 22.56 21.90
CA LEU G 115 -29.99 22.19 22.84
C LEU G 115 -29.65 20.75 22.64
N ASP G 116 -30.64 19.90 22.82
CA ASP G 116 -30.45 18.47 22.75
C ASP G 116 -29.73 18.01 21.46
N ARG G 117 -30.12 18.57 20.32
CA ARG G 117 -29.32 18.47 19.09
C ARG G 117 -27.87 18.85 19.31
N LYS G 118 -27.64 20.02 19.91
CA LYS G 118 -26.27 20.49 20.12
C LYS G 118 -25.52 19.66 21.19
N LEU G 119 -26.22 19.28 22.26
CA LEU G 119 -25.61 18.43 23.30
C LEU G 119 -25.20 17.12 22.70
N LEU G 120 -26.11 16.43 22.02
CA LEU G 120 -25.80 15.13 21.45
C LEU G 120 -24.59 15.17 20.51
N LEU G 121 -24.53 16.19 19.67
CA LEU G 121 -23.49 16.26 18.65
C LEU G 121 -22.13 16.63 19.23
N GLY G 122 -22.14 17.29 20.39
CA GLY G 122 -20.94 17.66 21.11
C GLY G 122 -20.56 16.56 22.07
N ASN G 123 -21.21 15.41 21.92
CA ASN G 123 -20.93 14.21 22.73
C ASN G 123 -21.03 14.42 24.21
N VAL G 124 -21.93 15.32 24.62
CA VAL G 124 -22.27 15.53 26.03
C VAL G 124 -23.16 14.38 26.54
N PRO G 125 -22.79 13.82 27.69
CA PRO G 125 -23.44 12.71 28.38
C PRO G 125 -24.81 13.09 28.98
N LYS G 126 -25.71 12.12 29.15
CA LYS G 126 -27.05 12.43 29.70
C LYS G 126 -26.89 13.04 31.10
N GLN G 127 -27.41 14.26 31.29
CA GLN G 127 -27.31 14.92 32.62
C GLN G 127 -28.07 14.10 33.66
N MET G 128 -27.54 14.02 34.89
CA MET G 128 -28.24 13.29 35.96
C MET G 128 -29.49 14.04 36.46
N THR G 129 -30.48 13.30 36.96
CA THR G 129 -31.82 13.87 37.17
C THR G 129 -32.40 13.68 38.57
N CYS G 130 -32.20 12.49 39.13
CA CYS G 130 -32.77 12.11 40.44
C CYS G 130 -32.15 12.81 41.67
N TYR G 131 -31.04 13.52 41.46
CA TYR G 131 -30.41 14.30 42.51
C TYR G 131 -29.43 15.29 41.88
N ILE G 132 -29.65 16.58 42.11
CA ILE G 132 -28.79 17.58 41.51
C ILE G 132 -28.07 18.33 42.61
N ARG G 133 -26.76 18.43 42.49
CA ARG G 133 -26.03 19.24 43.45
C ARG G 133 -26.26 20.71 43.08
N GLU G 134 -27.22 21.34 43.76
CA GLU G 134 -27.59 22.73 43.36
C GLU G 134 -26.34 23.63 43.38
N TYR G 135 -25.82 23.92 44.57
CA TYR G 135 -24.69 24.85 44.69
C TYR G 135 -23.53 24.76 43.71
N HIS G 136 -23.23 23.57 43.22
CA HIS G 136 -22.12 23.43 42.30
C HIS G 136 -22.54 23.66 40.86
N VAL G 137 -23.49 22.89 40.37
CA VAL G 137 -23.94 23.04 38.99
C VAL G 137 -24.24 24.51 38.72
N ASP G 138 -24.77 25.19 39.75
CA ASP G 138 -25.12 26.59 39.67
C ASP G 138 -23.89 27.49 39.81
N ARG G 139 -22.76 26.88 40.12
CA ARG G 139 -21.52 27.61 40.25
C ARG G 139 -20.61 27.33 39.05
N VAL G 140 -20.94 26.29 38.30
CA VAL G 140 -20.18 25.93 37.12
C VAL G 140 -20.80 26.63 35.93
N ILE G 141 -22.05 27.07 36.08
CA ILE G 141 -22.74 27.78 35.01
C ILE G 141 -22.46 29.26 35.07
N LYS G 142 -22.48 29.78 36.30
CA LYS G 142 -22.19 31.18 36.56
C LYS G 142 -20.84 31.58 36.00
N LYS G 143 -19.80 30.91 36.50
CA LYS G 143 -18.45 31.21 36.06
C LYS G 143 -18.29 31.10 34.55
N LEU G 144 -19.07 30.21 33.93
CA LEU G 144 -18.98 30.03 32.49
C LEU G 144 -19.62 31.21 31.76
N ASP G 145 -20.73 31.70 32.29
CA ASP G 145 -21.36 32.88 31.69
C ASP G 145 -20.42 34.07 31.78
N GLU G 146 -19.70 34.20 32.90
CA GLU G 146 -18.84 35.37 33.08
C GLU G 146 -17.75 35.44 32.02
N MET G 147 -17.49 34.31 31.36
CA MET G 147 -16.46 34.24 30.35
C MET G 147 -16.99 34.13 28.94
N CYS G 148 -17.17 35.29 28.31
CA CYS G 148 -17.65 35.38 26.95
C CYS G 148 -16.63 36.17 26.16
N ASP G 149 -16.08 37.21 26.79
CA ASP G 149 -15.08 38.05 26.17
C ASP G 149 -13.73 37.38 26.29
N LEU G 150 -13.27 37.23 27.54
CA LEU G 150 -11.98 36.55 27.79
C LEU G 150 -11.94 35.27 26.95
N ASP G 151 -11.14 35.26 25.89
CA ASP G 151 -11.04 34.06 25.02
C ASP G 151 -9.92 33.16 25.55
N SER G 152 -9.98 31.86 25.23
CA SER G 152 -8.94 30.92 25.63
C SER G 152 -8.79 30.89 27.14
N PHE G 153 -9.85 30.46 27.82
CA PHE G 153 -9.82 30.38 29.29
C PHE G 153 -9.96 28.93 29.81
N PHE G 154 -9.42 28.67 31.01
CA PHE G 154 -9.55 27.34 31.64
C PHE G 154 -10.46 27.37 32.85
N LEU G 155 -11.43 26.48 32.86
CA LEU G 155 -12.22 26.29 34.07
C LEU G 155 -11.94 24.90 34.64
N PHE G 156 -11.41 24.85 35.87
CA PHE G 156 -11.02 23.58 36.48
C PHE G 156 -12.00 23.08 37.50
N LEU G 157 -12.81 22.12 37.09
CA LEU G 157 -13.73 21.47 37.99
C LEU G 157 -13.01 20.27 38.60
N HIS G 158 -12.13 20.53 39.55
CA HIS G 158 -11.27 19.51 40.13
C HIS G 158 -11.77 18.91 41.44
N GLY G 159 -11.60 17.61 41.63
CA GLY G 159 -11.99 16.96 42.89
C GLY G 159 -11.40 15.60 43.17
N ARG G 160 -11.84 14.99 44.28
CA ARG G 160 -11.38 13.61 44.58
C ARG G 160 -11.88 12.69 43.45
N ALA G 161 -11.53 11.41 43.53
CA ALA G 161 -11.89 10.49 42.48
C ALA G 161 -13.26 9.96 42.79
N GLY G 162 -14.10 9.86 41.77
CA GLY G 162 -15.49 9.48 41.98
C GLY G 162 -16.26 10.53 42.78
N SER G 163 -15.61 11.68 43.00
CA SER G 163 -16.15 12.78 43.80
C SER G 163 -17.29 13.45 43.08
N GLY G 164 -17.49 13.13 41.80
CA GLY G 164 -18.66 13.59 41.07
C GLY G 164 -18.52 14.77 40.10
N LYS G 165 -17.29 15.14 39.76
CA LYS G 165 -17.02 16.29 38.87
C LYS G 165 -17.68 16.18 37.48
N SER G 166 -17.51 15.03 36.84
CA SER G 166 -17.93 14.86 35.45
C SER G 166 -19.45 14.99 35.36
N VAL G 167 -20.17 14.47 36.35
CA VAL G 167 -21.64 14.54 36.35
C VAL G 167 -22.17 15.98 36.36
N ILE G 168 -21.56 16.81 37.21
CA ILE G 168 -21.85 18.24 37.27
C ILE G 168 -21.65 19.00 35.94
N ALA G 169 -20.69 18.57 35.11
CA ALA G 169 -20.49 19.27 33.85
C ALA G 169 -21.64 18.84 32.94
N SER G 170 -22.13 17.62 33.14
CA SER G 170 -23.24 17.13 32.34
C SER G 170 -24.48 17.96 32.63
N GLN G 171 -24.62 18.37 33.89
CA GLN G 171 -25.80 19.10 34.37
C GLN G 171 -25.70 20.60 34.13
N ALA G 172 -24.50 21.13 34.32
CA ALA G 172 -24.24 22.56 34.13
C ALA G 172 -24.40 22.96 32.67
N LEU G 173 -24.20 22.02 31.76
CA LEU G 173 -24.47 22.29 30.35
C LEU G 173 -25.85 21.75 29.91
N SER G 174 -26.66 21.34 30.86
CA SER G 174 -27.95 20.74 30.52
C SER G 174 -29.16 21.41 31.19
N LYS G 175 -28.92 22.18 32.26
CA LYS G 175 -30.00 22.93 32.92
C LYS G 175 -30.45 24.13 32.10
N SER G 176 -29.66 25.19 32.15
CA SER G 176 -30.03 26.46 31.45
C SER G 176 -30.03 26.29 29.93
N ASP G 177 -30.67 27.23 29.22
CA ASP G 177 -30.71 27.21 27.75
C ASP G 177 -29.73 28.25 27.22
N GLN G 178 -29.05 28.91 28.17
CA GLN G 178 -28.15 30.02 27.89
C GLN G 178 -26.76 29.59 27.46
N LEU G 179 -26.14 28.70 28.24
CA LEU G 179 -24.78 28.29 27.96
C LEU G 179 -24.55 27.86 26.50
N ILE G 180 -25.50 27.08 25.99
CA ILE G 180 -25.47 26.67 24.58
C ILE G 180 -26.55 27.39 23.74
N GLY G 181 -26.11 28.30 22.86
CA GLY G 181 -27.01 29.09 22.04
C GLY G 181 -26.86 30.58 22.31
N ILE G 182 -26.93 30.94 23.59
CA ILE G 182 -26.83 32.31 24.06
C ILE G 182 -25.36 32.73 24.34
N ASN G 183 -24.66 31.98 25.20
CA ASN G 183 -23.27 32.28 25.60
C ASN G 183 -22.20 31.66 24.71
N TYR G 184 -22.43 30.41 24.31
CA TYR G 184 -21.55 29.69 23.39
C TYR G 184 -22.40 29.04 22.31
N ASP G 185 -21.91 29.05 21.07
CA ASP G 185 -22.66 28.52 19.92
C ASP G 185 -22.72 27.02 19.88
N SER G 186 -21.58 26.36 20.10
CA SER G 186 -21.50 24.89 20.06
C SER G 186 -20.77 24.30 21.26
N ILE G 187 -20.90 22.98 21.42
CA ILE G 187 -20.20 22.22 22.48
C ILE G 187 -19.37 21.03 21.93
N VAL G 188 -18.14 20.90 22.44
CA VAL G 188 -17.30 19.72 22.19
C VAL G 188 -16.81 19.10 23.51
N TRP G 189 -17.34 17.94 23.85
CA TRP G 189 -17.01 17.27 25.10
C TRP G 189 -16.30 15.98 24.78
N LEU G 190 -15.04 15.94 25.20
CA LEU G 190 -14.11 14.85 24.92
C LEU G 190 -13.51 14.34 26.22
N LYS G 191 -13.53 13.02 26.41
CA LYS G 191 -12.89 12.41 27.57
C LYS G 191 -11.43 12.13 27.27
N ASP G 192 -10.55 12.58 28.17
CA ASP G 192 -9.10 12.47 27.98
C ASP G 192 -8.62 11.12 28.52
N SER G 193 -8.18 11.11 29.79
CA SER G 193 -7.70 9.91 30.46
C SER G 193 -6.38 9.40 29.88
N GLY G 194 -5.62 10.32 29.28
CA GLY G 194 -4.38 10.01 28.60
C GLY G 194 -3.18 9.86 29.51
N THR G 195 -2.42 8.80 29.29
CA THR G 195 -1.26 8.45 30.11
C THR G 195 -0.01 8.33 29.27
N ALA G 196 -0.15 7.71 28.10
CA ALA G 196 0.93 7.61 27.13
C ALA G 196 1.31 9.01 26.66
N PRO G 197 2.46 9.15 25.98
CA PRO G 197 2.88 10.44 25.42
C PRO G 197 2.23 10.76 24.06
N LYS G 198 1.73 9.71 23.42
CA LYS G 198 0.97 9.81 22.19
C LYS G 198 -0.47 10.23 22.47
N SER G 199 -0.87 10.18 23.73
CA SER G 199 -2.27 10.43 24.09
C SER G 199 -2.67 11.91 23.88
N THR G 200 -1.74 12.82 24.18
CA THR G 200 -2.05 14.25 24.10
C THR G 200 -2.18 14.66 22.64
N PHE G 201 -1.70 13.82 21.74
CA PHE G 201 -1.79 14.08 20.32
C PHE G 201 -3.04 13.40 19.79
N ASP G 202 -3.30 12.20 20.29
CA ASP G 202 -4.46 11.44 19.87
C ASP G 202 -5.75 12.14 20.26
N LEU G 203 -5.75 12.84 21.38
CA LEU G 203 -6.97 13.52 21.79
C LEU G 203 -7.39 14.53 20.72
N PHE G 204 -6.41 15.28 20.22
CA PHE G 204 -6.69 16.30 19.20
C PHE G 204 -7.09 15.77 17.84
N THR G 205 -6.74 14.52 17.54
CA THR G 205 -7.16 13.89 16.29
C THR G 205 -8.66 13.62 16.40
N ASP G 206 -9.10 13.26 17.61
CA ASP G 206 -10.50 13.01 17.91
C ASP G 206 -11.25 14.33 18.05
N ILE G 207 -10.51 15.43 18.20
CA ILE G 207 -11.09 16.75 18.33
C ILE G 207 -11.05 17.50 17.00
N LEU G 208 -10.45 16.85 16.00
CA LEU G 208 -10.36 17.43 14.66
C LEU G 208 -11.58 16.97 13.88
N LEU G 209 -11.87 15.68 13.98
CA LEU G 209 -13.02 15.09 13.30
C LEU G 209 -14.32 15.55 13.97
N MET G 210 -14.27 15.80 15.28
CA MET G 210 -15.42 16.29 16.01
C MET G 210 -15.78 17.59 15.33
N LEU G 211 -14.82 18.50 15.27
CA LEU G 211 -15.00 19.82 14.68
C LEU G 211 -15.34 19.80 13.20
N LYS G 212 -14.99 18.71 12.53
CA LYS G 212 -15.25 18.59 11.10
C LYS G 212 -16.72 18.41 10.76
N SER G 213 -17.01 18.57 9.47
CA SER G 213 -18.36 18.46 8.94
C SER G 213 -18.77 17.01 8.76
N GLU G 214 -20.07 16.76 8.76
CA GLU G 214 -20.60 15.42 8.56
C GLU G 214 -20.11 14.93 7.21
N ASP G 215 -20.09 15.85 6.25
CA ASP G 215 -19.39 15.64 4.99
C ASP G 215 -17.91 15.59 5.28
N ASP G 216 -17.18 14.80 4.51
CA ASP G 216 -15.74 14.65 4.68
C ASP G 216 -15.41 14.13 6.08
N LEU G 217 -16.11 13.09 6.47
CA LEU G 217 -15.64 12.14 7.46
C LEU G 217 -15.25 10.92 6.64
N LEU G 218 -15.81 10.87 5.43
CA LEU G 218 -15.44 9.89 4.43
C LEU G 218 -14.00 10.15 3.96
N ASN G 219 -13.75 11.41 3.61
CA ASN G 219 -12.43 11.83 3.19
C ASN G 219 -11.37 11.85 4.31
N PHE G 220 -11.80 11.68 5.56
CA PHE G 220 -10.86 11.62 6.68
C PHE G 220 -9.67 10.85 6.15
N PRO G 221 -8.50 11.51 6.13
CA PRO G 221 -7.23 10.89 5.73
C PRO G 221 -6.52 10.05 6.81
N SER G 222 -5.29 9.61 6.47
CA SER G 222 -4.42 8.94 7.47
C SER G 222 -3.94 10.05 8.42
N VAL G 223 -4.85 10.54 9.28
CA VAL G 223 -4.62 11.67 10.22
C VAL G 223 -3.51 11.35 11.22
N GLU G 224 -3.40 10.10 11.65
CA GLU G 224 -2.38 9.70 12.66
C GLU G 224 -0.97 10.00 12.13
N HIS G 225 -0.72 9.74 10.84
CA HIS G 225 0.62 10.00 10.25
C HIS G 225 0.74 11.46 9.82
N VAL G 226 0.85 12.39 10.78
CA VAL G 226 1.01 13.83 10.44
C VAL G 226 1.73 14.49 11.61
N THR G 227 2.37 15.64 11.38
CA THR G 227 3.18 16.27 12.46
C THR G 227 2.28 17.04 13.42
N SER G 228 2.74 17.22 14.67
CA SER G 228 1.94 17.91 15.67
C SER G 228 1.80 19.38 15.31
N VAL G 229 2.61 19.84 14.36
CA VAL G 229 2.55 21.20 13.88
C VAL G 229 1.51 21.32 12.77
N VAL G 230 1.07 20.16 12.26
CA VAL G 230 0.04 20.11 11.24
C VAL G 230 -1.31 19.87 11.90
N LEU G 231 -1.39 18.93 12.85
CA LEU G 231 -2.67 18.69 13.49
C LEU G 231 -3.12 19.97 14.19
N LYS G 232 -2.17 20.66 14.82
CA LYS G 232 -2.46 21.91 15.52
C LYS G 232 -2.88 23.02 14.53
N ARG G 233 -2.11 23.18 13.46
CA ARG G 233 -2.43 24.19 12.45
C ARG G 233 -3.72 23.78 11.73
N MET G 234 -3.82 22.51 11.40
CA MET G 234 -5.02 21.96 10.78
C MET G 234 -6.31 22.17 11.60
N ILE G 235 -6.19 22.18 12.93
CA ILE G 235 -7.33 22.42 13.82
C ILE G 235 -7.71 23.89 13.88
N CYS G 236 -6.73 24.74 14.14
CA CYS G 236 -6.96 26.17 14.21
C CYS G 236 -7.20 26.76 12.83
N ASN G 237 -7.26 25.89 11.82
CA ASN G 237 -7.50 26.32 10.45
C ASN G 237 -8.96 26.09 10.11
N ALA G 238 -9.56 25.11 10.77
CA ALA G 238 -10.97 24.77 10.58
C ALA G 238 -11.80 25.32 11.73
N LEU G 239 -11.12 25.77 12.79
CA LEU G 239 -11.78 26.32 13.96
C LEU G 239 -12.41 27.65 13.64
N ILE G 240 -12.22 28.14 12.42
CA ILE G 240 -12.82 29.41 12.01
C ILE G 240 -14.33 29.28 12.00
N ASP G 241 -14.83 28.24 11.36
CA ASP G 241 -16.28 28.02 11.27
C ASP G 241 -16.98 28.31 12.57
N ARG G 242 -16.65 27.56 13.61
CA ARG G 242 -17.33 27.72 14.89
C ARG G 242 -16.58 28.68 15.80
N PRO G 243 -17.13 29.89 16.01
CA PRO G 243 -16.51 30.86 16.90
C PRO G 243 -17.05 30.72 18.31
N ASN G 244 -16.33 31.24 19.30
CA ASN G 244 -16.80 31.19 20.67
C ASN G 244 -17.22 29.77 21.03
N THR G 245 -16.37 28.80 20.69
CA THR G 245 -16.69 27.41 20.98
C THR G 245 -15.93 26.91 22.20
N LEU G 246 -16.64 26.28 23.13
CA LEU G 246 -15.99 25.74 24.30
C LEU G 246 -15.79 24.25 24.15
N PHE G 247 -14.76 23.70 24.78
CA PHE G 247 -14.46 22.28 24.66
C PHE G 247 -14.34 21.65 26.03
N VAL G 248 -15.19 20.66 26.32
CA VAL G 248 -15.16 20.06 27.65
C VAL G 248 -14.17 18.90 27.63
N PHE G 249 -13.22 18.89 28.56
CA PHE G 249 -12.18 17.90 28.54
C PHE G 249 -12.31 17.01 29.76
N ASP G 250 -13.24 16.07 29.68
CA ASP G 250 -13.57 15.29 30.83
C ASP G 250 -12.37 14.40 31.09
N ASP G 251 -11.82 14.53 32.30
CA ASP G 251 -10.73 13.69 32.85
C ASP G 251 -9.33 13.90 32.30
N VAL G 252 -8.75 15.07 32.53
CA VAL G 252 -7.38 15.30 32.14
C VAL G 252 -6.50 14.81 33.26
N VAL G 253 -5.49 14.02 32.88
CA VAL G 253 -4.42 13.60 33.78
C VAL G 253 -3.09 14.25 33.44
N GLN G 254 -2.79 14.38 32.15
CA GLN G 254 -1.54 14.99 31.70
C GLN G 254 -1.57 16.49 31.43
N GLU G 255 -0.58 17.20 31.96
CA GLU G 255 -0.44 18.63 31.77
C GLU G 255 -0.13 18.94 30.31
N GLU G 256 0.22 17.90 29.54
CA GLU G 256 0.54 18.09 28.11
C GLU G 256 -0.74 18.55 27.40
N THR G 257 -1.88 17.99 27.80
CA THR G 257 -3.17 18.45 27.23
C THR G 257 -3.28 19.96 27.50
N ILE G 258 -3.33 20.34 28.77
CA ILE G 258 -3.36 21.78 29.10
C ILE G 258 -2.37 22.65 28.30
N ARG G 259 -1.24 22.05 27.93
CA ARG G 259 -0.22 22.74 27.14
C ARG G 259 -0.71 23.03 25.72
N TRP G 260 -0.99 21.98 24.95
CA TRP G 260 -1.47 22.11 23.57
C TRP G 260 -2.65 23.06 23.48
N ALA G 261 -3.64 22.83 24.33
CA ALA G 261 -4.85 23.65 24.37
C ALA G 261 -4.56 25.14 24.44
N GLN G 262 -3.66 25.53 25.33
CA GLN G 262 -3.30 26.94 25.45
C GLN G 262 -2.64 27.43 24.16
N GLU G 263 -2.03 26.52 23.42
CA GLU G 263 -1.39 26.89 22.16
C GLU G 263 -2.48 26.99 21.10
N LEU G 264 -3.61 26.35 21.37
CA LEU G 264 -4.76 26.35 20.46
C LEU G 264 -5.79 27.40 20.88
N ARG G 265 -5.39 28.29 21.78
CA ARG G 265 -6.28 29.34 22.25
C ARG G 265 -7.72 28.84 22.36
N LEU G 266 -7.92 27.77 23.14
CA LEU G 266 -9.25 27.21 23.33
C LEU G 266 -9.99 27.70 24.57
N ARG G 267 -11.29 27.53 24.53
CA ARG G 267 -12.16 27.81 25.66
C ARG G 267 -12.50 26.46 26.28
N CYS G 268 -12.00 26.20 27.51
CA CYS G 268 -12.06 24.86 28.13
C CYS G 268 -12.74 24.74 29.51
N LEU G 269 -13.70 23.85 29.60
CA LEU G 269 -14.11 23.31 30.88
C LEU G 269 -13.19 22.11 31.07
N VAL G 270 -12.76 21.86 32.30
CA VAL G 270 -11.83 20.76 32.57
C VAL G 270 -12.18 20.01 33.87
N THR G 271 -12.40 18.71 33.74
CA THR G 271 -12.66 17.85 34.87
C THR G 271 -11.35 17.07 35.09
N THR G 272 -10.81 17.14 36.30
CA THR G 272 -9.54 16.49 36.64
C THR G 272 -9.49 16.17 38.12
N ARG G 273 -8.54 15.32 38.52
CA ARG G 273 -8.37 15.02 39.93
C ARG G 273 -7.14 15.76 40.47
N ASP G 274 -6.07 15.78 39.67
CA ASP G 274 -4.87 16.49 40.08
C ASP G 274 -4.91 17.93 39.60
N VAL G 275 -4.87 18.87 40.53
CA VAL G 275 -4.93 20.28 40.18
C VAL G 275 -3.51 20.83 40.08
N GLU G 276 -2.55 19.94 39.87
CA GLU G 276 -1.14 20.31 39.76
C GLU G 276 -0.70 20.53 38.33
N ILE G 277 -1.67 20.59 37.41
CA ILE G 277 -1.33 20.71 35.96
C ILE G 277 -1.70 22.13 35.47
N SER G 278 -2.69 22.76 36.09
CA SER G 278 -3.05 24.15 35.72
C SER G 278 -1.77 24.99 35.65
N ASN G 279 -0.74 24.57 36.38
CA ASN G 279 0.52 25.30 36.42
C ASN G 279 1.03 25.43 34.98
N ALA G 280 0.66 24.46 34.14
CA ALA G 280 1.05 24.45 32.73
C ALA G 280 0.57 25.71 31.99
N ALA G 281 -0.58 26.25 32.39
CA ALA G 281 -1.17 27.43 31.76
C ALA G 281 -0.79 28.73 32.44
N SER G 282 -0.20 29.65 31.68
CA SER G 282 0.04 31.02 32.14
C SER G 282 -1.14 31.89 31.70
N GLN G 283 -2.19 31.90 32.50
CA GLN G 283 -3.46 32.40 32.00
C GLN G 283 -4.58 32.53 33.02
N THR G 284 -5.73 32.99 32.50
CA THR G 284 -6.94 33.17 33.34
C THR G 284 -7.47 31.81 33.78
N CYS G 285 -6.95 31.30 34.89
CA CYS G 285 -7.37 30.02 35.45
C CYS G 285 -8.26 30.29 36.62
N GLU G 286 -9.43 29.68 36.60
CA GLU G 286 -10.43 29.87 37.64
C GLU G 286 -10.82 28.47 38.07
N PHE G 287 -11.18 28.28 39.33
CA PHE G 287 -11.30 26.96 39.89
C PHE G 287 -12.57 26.71 40.68
N ILE G 288 -13.08 25.48 40.61
CA ILE G 288 -14.22 25.04 41.42
C ILE G 288 -13.99 23.63 41.97
N GLU G 289 -13.91 23.49 43.28
CA GLU G 289 -13.53 22.19 43.88
C GLU G 289 -14.74 21.35 44.28
N VAL G 290 -14.80 20.12 43.81
CA VAL G 290 -15.93 19.26 44.18
C VAL G 290 -15.59 18.59 45.51
N THR G 291 -16.08 19.17 46.58
CA THR G 291 -15.82 18.68 47.93
C THR G 291 -16.56 17.38 48.26
N SER G 292 -16.22 16.80 49.40
CA SER G 292 -16.95 15.63 49.87
C SER G 292 -18.37 16.08 50.20
N LEU G 293 -19.36 15.25 49.92
CA LEU G 293 -20.75 15.61 50.20
C LEU G 293 -21.02 15.93 51.68
N GLU G 294 -21.40 17.18 51.94
CA GLU G 294 -21.76 17.61 53.30
C GLU G 294 -22.79 16.68 53.94
N ILE G 295 -22.81 16.63 55.27
CA ILE G 295 -23.74 15.75 56.00
C ILE G 295 -25.20 15.97 55.63
N ASP G 296 -25.65 17.22 55.69
CA ASP G 296 -27.04 17.54 55.37
C ASP G 296 -27.37 17.09 53.95
N GLU G 297 -26.49 17.40 53.00
CA GLU G 297 -26.70 17.02 51.62
C GLU G 297 -26.90 15.53 51.48
N CYS G 298 -25.91 14.74 51.89
CA CYS G 298 -26.01 13.29 51.78
C CYS G 298 -27.45 12.86 51.98
N TYR G 299 -28.01 13.14 53.15
CA TYR G 299 -29.39 12.76 53.42
C TYR G 299 -30.22 12.90 52.16
N ASP G 300 -30.23 14.10 51.59
CA ASP G 300 -31.00 14.36 50.39
C ASP G 300 -30.68 13.35 49.29
N PHE G 301 -29.40 13.06 49.12
CA PHE G 301 -28.99 12.11 48.08
C PHE G 301 -29.66 10.77 48.30
N LEU G 302 -29.63 10.28 49.53
CA LEU G 302 -30.26 9.00 49.85
C LEU G 302 -31.75 9.07 49.54
N GLU G 303 -32.48 9.92 50.28
CA GLU G 303 -33.90 10.05 50.03
C GLU G 303 -34.22 10.05 48.53
N ALA G 304 -33.43 10.78 47.76
CA ALA G 304 -33.64 10.85 46.32
C ALA G 304 -33.74 9.48 45.65
N TYR G 305 -32.81 8.58 46.00
CA TYR G 305 -32.73 7.25 45.35
C TYR G 305 -33.68 6.23 45.98
N GLY G 306 -34.47 6.65 46.98
CA GLY G 306 -35.42 5.73 47.64
C GLY G 306 -34.73 4.89 48.69
N MET G 307 -34.92 5.21 49.97
CA MET G 307 -34.20 4.50 51.03
C MET G 307 -34.77 4.87 52.38
N PRO G 308 -34.83 3.89 53.30
CA PRO G 308 -35.27 4.23 54.66
C PRO G 308 -34.46 5.37 55.21
N MET G 309 -35.12 6.44 55.62
CA MET G 309 -34.43 7.60 56.15
C MET G 309 -34.11 7.44 57.64
N PRO G 310 -33.22 8.28 58.16
CA PRO G 310 -32.90 8.19 59.59
C PRO G 310 -34.12 8.54 60.42
N VAL G 311 -34.58 7.59 61.25
CA VAL G 311 -35.75 7.83 62.08
C VAL G 311 -35.51 7.33 63.49
N GLY G 312 -35.33 6.02 63.63
CA GLY G 312 -35.07 5.45 64.94
C GLY G 312 -33.75 5.92 65.50
N GLU G 313 -33.58 5.79 66.80
CA GLU G 313 -32.34 6.24 67.43
C GLU G 313 -31.16 5.39 66.97
N LYS G 314 -31.13 4.13 67.42
CA LYS G 314 -29.99 3.28 67.09
C LYS G 314 -29.75 3.30 65.58
N GLU G 315 -30.82 3.52 64.82
CA GLU G 315 -30.71 3.48 63.37
C GLU G 315 -30.18 4.79 62.85
N GLU G 316 -30.65 5.89 63.42
CA GLU G 316 -30.09 7.18 63.04
C GLU G 316 -28.63 7.04 63.27
N ASP G 317 -28.28 6.63 64.47
CA ASP G 317 -26.90 6.39 64.81
C ASP G 317 -26.34 5.33 63.86
N VAL G 318 -27.19 4.50 63.27
CA VAL G 318 -26.64 3.51 62.36
C VAL G 318 -26.50 4.06 60.94
N LEU G 319 -27.42 4.94 60.57
CA LEU G 319 -27.38 5.59 59.27
C LEU G 319 -26.18 6.53 59.18
N ASN G 320 -25.87 7.18 60.31
CA ASN G 320 -24.74 8.10 60.38
C ASN G 320 -23.50 7.32 59.96
N LYS G 321 -23.16 6.28 60.73
CA LYS G 321 -21.91 5.51 60.45
C LYS G 321 -21.69 5.40 58.93
N THR G 322 -22.74 5.07 58.18
CA THR G 322 -22.60 4.90 56.70
C THR G 322 -21.80 6.06 56.11
N ILE G 323 -22.38 7.25 56.08
CA ILE G 323 -21.69 8.43 55.47
C ILE G 323 -20.22 8.44 55.89
N GLU G 324 -19.94 8.33 57.19
CA GLU G 324 -18.57 8.41 57.68
C GLU G 324 -17.65 7.54 56.85
N LEU G 325 -18.07 6.29 56.64
CA LEU G 325 -17.31 5.33 55.88
C LEU G 325 -17.03 5.82 54.47
N SER G 326 -18.08 6.11 53.72
CA SER G 326 -17.91 6.67 52.35
C SER G 326 -17.25 8.05 52.45
N SER G 327 -17.28 8.65 53.65
CA SER G 327 -16.68 9.99 53.89
C SER G 327 -17.17 10.95 52.81
N GLY G 328 -18.49 11.00 52.60
CA GLY G 328 -19.14 11.82 51.55
C GLY G 328 -18.55 11.56 50.17
N ASN G 329 -18.88 10.41 49.56
CA ASN G 329 -18.40 10.12 48.20
C ASN G 329 -19.45 9.49 47.30
N PRO G 330 -20.09 10.31 46.47
CA PRO G 330 -21.13 9.89 45.51
C PRO G 330 -20.85 8.58 44.79
N ALA G 331 -19.69 8.40 44.16
CA ALA G 331 -19.44 7.15 43.48
C ALA G 331 -19.59 5.89 44.35
N THR G 332 -18.95 5.90 45.51
CA THR G 332 -19.04 4.81 46.47
C THR G 332 -20.27 4.93 47.35
N LEU G 333 -21.07 5.96 47.11
CA LEU G 333 -22.30 6.15 47.85
C LEU G 333 -23.38 5.55 46.98
N MET G 334 -23.04 5.41 45.70
CA MET G 334 -23.92 4.78 44.73
C MET G 334 -23.68 3.27 44.81
N MET G 335 -22.41 2.88 44.77
CA MET G 335 -22.01 1.48 44.83
C MET G 335 -22.54 0.77 46.07
N PHE G 336 -22.74 1.52 47.15
CA PHE G 336 -23.22 0.95 48.39
C PHE G 336 -24.74 0.84 48.39
N PHE G 337 -25.39 1.53 47.45
CA PHE G 337 -26.83 1.48 47.35
C PHE G 337 -27.23 0.40 46.36
N LYS G 338 -26.56 0.37 45.20
CA LYS G 338 -26.81 -0.72 44.24
C LYS G 338 -26.50 -2.05 44.89
N SER G 339 -26.11 -2.05 46.15
CA SER G 339 -25.88 -3.28 46.95
C SER G 339 -26.74 -3.31 48.23
N CYS G 340 -27.69 -2.39 48.31
CA CYS G 340 -28.73 -2.35 49.36
C CYS G 340 -30.01 -2.78 48.65
N GLU G 341 -29.91 -3.89 47.89
CA GLU G 341 -31.01 -4.46 47.07
C GLU G 341 -32.27 -4.64 47.90
N PRO G 342 -32.19 -5.27 49.10
CA PRO G 342 -33.37 -5.45 49.96
C PRO G 342 -33.97 -4.11 50.39
N LYS G 343 -33.10 -3.11 50.64
CA LYS G 343 -33.40 -1.72 51.10
C LYS G 343 -33.83 -1.74 52.57
N THR G 344 -33.44 -2.80 53.30
CA THR G 344 -33.78 -2.97 54.73
C THR G 344 -32.57 -2.51 55.56
N PHE G 345 -32.83 -1.62 56.53
CA PHE G 345 -31.83 -1.09 57.44
C PHE G 345 -31.04 -2.26 57.98
N GLU G 346 -31.76 -3.31 58.36
CA GLU G 346 -31.13 -4.52 58.88
C GLU G 346 -30.09 -5.04 57.91
N LYS G 347 -30.22 -4.68 56.64
CA LYS G 347 -29.25 -5.13 55.64
C LYS G 347 -28.18 -4.07 55.38
N MET G 348 -28.43 -2.84 55.83
CA MET G 348 -27.41 -1.81 55.71
C MET G 348 -26.40 -2.11 56.79
N ALA G 349 -26.90 -2.49 57.96
CA ALA G 349 -26.00 -2.79 59.08
C ALA G 349 -25.20 -4.05 58.81
N GLN G 350 -25.80 -5.00 58.09
CA GLN G 350 -25.11 -6.25 57.77
C GLN G 350 -23.87 -5.88 57.00
N LEU G 351 -23.91 -4.73 56.29
CA LEU G 351 -22.81 -4.36 55.37
C LEU G 351 -21.82 -3.34 55.96
N ASN G 352 -22.27 -2.26 56.59
CA ASN G 352 -21.28 -1.34 57.23
C ASN G 352 -20.17 -2.22 57.78
N ASN G 353 -20.54 -3.40 58.29
CA ASN G 353 -19.58 -4.38 58.79
C ASN G 353 -18.63 -4.85 57.70
N LYS G 354 -19.22 -5.45 56.66
CA LYS G 354 -18.52 -5.94 55.47
C LYS G 354 -17.42 -4.98 55.05
N LEU G 355 -17.63 -3.70 55.35
CA LEU G 355 -16.70 -2.65 54.96
C LEU G 355 -15.44 -2.62 55.83
N GLU G 356 -15.64 -2.78 57.15
CA GLU G 356 -14.48 -2.66 58.08
C GLU G 356 -13.74 -4.01 58.06
N SER G 357 -13.96 -4.80 57.02
CA SER G 357 -13.31 -6.14 56.92
C SER G 357 -12.98 -6.43 55.46
N ARG G 358 -13.49 -5.65 54.51
CA ARG G 358 -13.28 -5.94 53.10
C ARG G 358 -12.96 -4.70 52.27
N GLY G 359 -12.82 -3.56 52.94
CA GLY G 359 -12.55 -2.31 52.25
C GLY G 359 -13.63 -2.01 51.21
N LEU G 360 -13.29 -1.27 50.16
CA LEU G 360 -14.27 -1.00 49.11
C LEU G 360 -14.61 -2.25 48.31
N VAL G 361 -13.70 -3.22 48.38
CA VAL G 361 -13.73 -4.41 47.53
C VAL G 361 -15.08 -5.11 47.61
N GLY G 362 -15.49 -5.44 48.83
CA GLY G 362 -16.76 -6.13 49.05
C GLY G 362 -17.96 -5.32 48.58
N VAL G 363 -17.90 -4.01 48.76
CA VAL G 363 -19.00 -3.13 48.37
C VAL G 363 -19.12 -2.91 46.86
N GLU G 364 -18.07 -3.28 46.13
CA GLU G 364 -18.06 -3.07 44.69
C GLU G 364 -19.34 -3.57 44.07
N CYS G 365 -20.06 -2.67 43.44
CA CYS G 365 -21.34 -3.03 42.74
C CYS G 365 -21.39 -2.33 41.38
N ILE G 366 -21.51 -3.09 40.28
CA ILE G 366 -21.47 -2.47 38.92
C ILE G 366 -22.54 -1.39 38.82
N THR G 367 -22.16 -0.20 38.36
CA THR G 367 -23.04 0.99 38.31
C THR G 367 -22.63 1.90 37.14
N PRO G 368 -23.17 3.13 37.04
CA PRO G 368 -22.85 4.04 35.92
C PRO G 368 -21.34 4.35 35.88
N TYR G 369 -20.70 4.53 37.04
CA TYR G 369 -19.24 4.79 37.08
C TYR G 369 -18.52 3.69 36.29
N SER G 370 -17.64 4.07 35.38
CA SER G 370 -16.92 3.15 34.51
C SER G 370 -16.26 2.07 35.35
N TYR G 371 -16.27 2.30 36.66
CA TYR G 371 -15.51 1.50 37.62
C TYR G 371 -16.38 0.66 38.58
N LYS G 372 -16.03 -0.63 38.70
CA LYS G 372 -16.79 -1.53 39.62
C LYS G 372 -16.34 -1.24 41.05
N SER G 373 -15.08 -0.84 41.24
CA SER G 373 -14.54 -0.55 42.59
C SER G 373 -13.83 0.80 42.60
N LEU G 374 -13.94 1.55 43.71
CA LEU G 374 -13.25 2.85 43.83
C LEU G 374 -11.74 2.60 43.92
N ALA G 375 -11.33 1.52 44.59
CA ALA G 375 -9.91 1.20 44.67
C ALA G 375 -9.31 1.09 43.27
N MET G 376 -10.13 0.71 42.30
CA MET G 376 -9.68 0.56 40.91
C MET G 376 -9.38 1.93 40.35
N ALA G 377 -10.07 2.93 40.89
CA ALA G 377 -9.95 4.29 40.39
C ALA G 377 -8.70 4.93 40.96
N LEU G 378 -8.66 4.86 42.28
CA LEU G 378 -7.61 5.49 43.06
C LEU G 378 -6.23 4.91 42.72
N GLN G 379 -6.22 3.66 42.31
CA GLN G 379 -5.02 3.05 41.79
C GLN G 379 -4.27 4.12 41.02
N ARG G 380 -4.87 4.49 39.89
CA ARG G 380 -4.38 5.45 38.93
C ARG G 380 -3.90 6.75 39.55
N CYS G 381 -4.40 7.05 40.74
CA CYS G 381 -3.99 8.25 41.45
C CYS G 381 -2.73 7.97 42.25
N VAL G 382 -2.42 6.69 42.43
CA VAL G 382 -1.24 6.27 43.16
C VAL G 382 -0.13 5.87 42.19
N GLU G 383 -0.43 5.82 40.89
CA GLU G 383 0.63 5.46 39.96
C GLU G 383 1.34 6.72 39.50
N VAL G 384 0.56 7.72 39.21
CA VAL G 384 1.05 9.00 38.73
C VAL G 384 1.96 9.71 39.75
N LEU G 385 1.84 9.30 41.00
CA LEU G 385 2.46 10.00 42.10
C LEU G 385 3.98 9.97 42.02
N SER G 386 4.62 11.09 42.28
CA SER G 386 6.07 11.13 42.42
C SER G 386 6.52 9.88 43.18
N ASP G 387 7.57 9.19 42.69
CA ASP G 387 8.08 7.96 43.33
C ASP G 387 8.26 8.10 44.87
N GLU G 388 8.79 9.23 45.29
CA GLU G 388 9.03 9.49 46.71
C GLU G 388 7.75 9.93 47.39
N ASP G 389 6.82 10.49 46.62
CA ASP G 389 5.55 10.93 47.17
C ASP G 389 4.64 9.72 47.33
N ARG G 390 4.87 8.70 46.51
CA ARG G 390 4.11 7.47 46.57
C ARG G 390 4.32 6.82 47.93
N SER G 391 5.58 6.79 48.38
CA SER G 391 5.95 6.18 49.68
C SER G 391 5.15 6.83 50.82
N ALA G 392 4.82 8.12 50.66
CA ALA G 392 4.05 8.89 51.68
C ALA G 392 2.67 8.28 51.86
N LEU G 393 2.05 7.82 50.76
CA LEU G 393 0.68 7.25 50.79
C LEU G 393 0.64 6.00 51.69
N ALA G 394 1.67 5.15 51.61
CA ALA G 394 1.69 3.91 52.39
C ALA G 394 1.56 4.17 53.87
N PHE G 395 2.26 5.18 54.36
CA PHE G 395 2.23 5.45 55.79
C PHE G 395 0.96 6.17 56.20
N ALA G 396 0.36 6.93 55.29
CA ALA G 396 -0.95 7.53 55.64
C ALA G 396 -1.90 6.50 56.26
N VAL G 397 -1.90 5.26 55.76
CA VAL G 397 -2.79 4.16 56.26
C VAL G 397 -2.76 4.14 57.81
N VAL G 398 -1.61 3.80 58.38
CA VAL G 398 -1.40 3.82 59.86
C VAL G 398 -1.52 5.27 60.33
N MET G 399 -2.73 5.67 60.76
CA MET G 399 -3.08 7.05 61.20
C MET G 399 -4.53 7.07 61.66
N PRO G 400 -4.89 7.76 62.76
CA PRO G 400 -6.29 7.86 63.19
C PRO G 400 -7.12 8.37 62.00
N PRO G 401 -7.91 7.51 61.33
CA PRO G 401 -8.65 7.94 60.15
C PRO G 401 -9.59 9.10 60.52
N GLY G 402 -9.64 10.16 59.70
CA GLY G 402 -10.62 11.21 60.01
C GLY G 402 -10.32 11.91 61.33
N VAL G 403 -9.11 12.47 61.44
CA VAL G 403 -8.70 13.15 62.71
C VAL G 403 -7.72 14.28 62.39
N ASP G 404 -7.87 15.45 63.02
CA ASP G 404 -6.89 16.56 62.80
C ASP G 404 -5.64 16.22 63.60
N ILE G 405 -4.53 15.91 62.92
CA ILE G 405 -3.31 15.49 63.61
C ILE G 405 -2.08 16.24 63.13
N PRO G 406 -1.17 16.60 64.05
CA PRO G 406 0.01 17.44 63.82
C PRO G 406 1.03 16.90 62.82
N VAL G 407 1.89 17.78 62.33
CA VAL G 407 2.89 17.43 61.33
C VAL G 407 3.94 16.53 61.92
N LYS G 408 4.39 16.88 63.13
CA LYS G 408 5.41 16.08 63.79
C LYS G 408 4.92 14.65 64.04
N LEU G 409 3.70 14.51 64.54
CA LEU G 409 3.15 13.17 64.73
C LEU G 409 3.18 12.39 63.43
N TRP G 410 3.27 13.08 62.30
CA TRP G 410 3.31 12.41 61.01
C TRP G 410 4.75 12.12 60.66
N SER G 411 5.64 13.05 61.03
CA SER G 411 7.08 12.92 60.77
C SER G 411 7.62 11.57 61.24
N CYS G 412 6.83 10.91 62.07
CA CYS G 412 7.19 9.65 62.71
C CYS G 412 7.12 8.46 61.77
N VAL G 413 6.07 8.37 60.95
CA VAL G 413 5.95 7.23 60.02
C VAL G 413 6.53 7.50 58.62
N ILE G 414 6.54 8.76 58.21
CA ILE G 414 6.96 9.12 56.86
C ILE G 414 8.49 9.09 56.67
N PRO G 415 8.97 8.42 55.60
CA PRO G 415 10.39 8.36 55.15
C PRO G 415 11.07 9.71 54.81
N VAL G 416 12.39 9.68 54.63
CA VAL G 416 13.19 10.82 54.12
C VAL G 416 14.68 10.46 53.98
N GLU G 424 18.79 16.14 58.87
CA GLU G 424 18.50 17.59 58.73
C GLU G 424 18.20 18.18 60.11
N GLN G 425 18.90 19.28 60.47
CA GLN G 425 18.70 19.95 61.78
C GLN G 425 17.25 20.47 61.86
N LEU G 426 16.74 21.02 60.76
CA LEU G 426 15.36 21.55 60.71
C LEU G 426 14.51 20.63 59.81
N ASP G 427 13.33 20.24 60.28
CA ASP G 427 12.45 19.33 59.50
C ASP G 427 11.23 20.10 58.97
N ASP G 428 11.00 20.01 57.66
CA ASP G 428 9.86 20.66 56.97
C ASP G 428 9.55 19.84 55.72
N GLU G 429 10.30 18.76 55.54
CA GLU G 429 10.16 17.86 54.41
C GLU G 429 8.91 17.02 54.53
N VAL G 430 8.51 16.69 55.75
CA VAL G 430 7.26 15.97 55.96
C VAL G 430 6.08 16.80 55.45
N ALA G 431 6.05 18.06 55.83
CA ALA G 431 4.99 18.95 55.37
C ALA G 431 4.93 19.09 53.84
N ASP G 432 6.09 19.15 53.18
CA ASP G 432 6.15 19.30 51.73
C ASP G 432 5.51 18.13 51.02
N ARG G 433 5.73 16.94 51.57
CA ARG G 433 5.16 15.74 51.01
C ARG G 433 3.65 15.75 51.23
N LEU G 434 3.23 16.13 52.43
CA LEU G 434 1.80 16.16 52.78
C LEU G 434 0.98 17.19 51.98
N LYS G 435 1.64 18.26 51.55
CA LYS G 435 0.98 19.29 50.75
C LYS G 435 0.88 18.81 49.32
N ARG G 436 1.99 18.35 48.77
CA ARG G 436 1.97 17.84 47.41
C ARG G 436 0.95 16.73 47.31
N LEU G 437 1.00 15.77 48.22
CA LEU G 437 0.09 14.63 48.19
C LEU G 437 -1.36 15.08 48.29
N SER G 438 -1.60 16.19 49.00
CA SER G 438 -2.93 16.75 49.15
C SER G 438 -3.38 17.47 47.88
N LYS G 439 -2.42 17.89 47.06
CA LYS G 439 -2.76 18.59 45.81
C LYS G 439 -2.61 17.68 44.59
N ARG G 440 -3.09 16.45 44.69
CA ARG G 440 -2.99 15.52 43.57
C ARG G 440 -3.90 14.29 43.63
N GLY G 441 -5.20 14.51 43.83
CA GLY G 441 -6.14 13.42 43.87
C GLY G 441 -6.91 13.65 45.14
N ALA G 442 -6.49 14.68 45.85
CA ALA G 442 -7.12 15.07 47.10
C ALA G 442 -7.18 13.85 47.97
N LEU G 443 -6.00 13.28 48.22
CA LEU G 443 -5.86 12.09 49.03
C LEU G 443 -5.78 12.48 50.49
N LEU G 444 -5.11 13.61 50.74
CA LEU G 444 -4.92 14.08 52.14
C LEU G 444 -5.56 15.46 52.30
N SER G 445 -6.06 15.77 53.50
CA SER G 445 -6.67 17.11 53.76
C SER G 445 -5.86 17.83 54.83
N GLY G 446 -5.18 18.92 54.46
CA GLY G 446 -4.37 19.67 55.44
C GLY G 446 -4.99 21.02 55.77
N LYS G 447 -4.85 21.47 57.01
CA LYS G 447 -5.36 22.78 57.39
C LYS G 447 -4.20 23.64 57.83
N ARG G 448 -4.40 24.95 57.83
CA ARG G 448 -3.37 25.90 58.24
C ARG G 448 -3.43 26.21 59.73
N MET G 449 -4.56 26.77 60.17
CA MET G 449 -4.73 27.12 61.57
C MET G 449 -5.21 25.93 62.41
N PRO G 450 -5.41 26.14 63.71
CA PRO G 450 -4.48 26.76 64.67
C PRO G 450 -3.03 26.33 64.40
N VAL G 451 -2.82 25.05 64.16
CA VAL G 451 -1.48 24.55 63.86
C VAL G 451 -1.51 23.67 62.60
N LEU G 452 -0.44 23.72 61.81
CA LEU G 452 -0.34 22.93 60.57
C LEU G 452 -0.59 21.44 60.78
N THR G 453 -1.77 20.98 60.36
CA THR G 453 -2.18 19.60 60.56
C THR G 453 -2.87 19.11 59.31
N PHE G 454 -2.74 17.81 59.03
CA PHE G 454 -3.45 17.21 57.91
C PHE G 454 -4.41 16.17 58.44
N LYS G 455 -5.07 15.45 57.54
CA LYS G 455 -6.01 14.42 57.98
C LYS G 455 -6.41 13.52 56.83
N ILE G 456 -6.60 12.25 57.13
CA ILE G 456 -7.00 11.28 56.11
C ILE G 456 -8.52 11.10 56.18
N ASP G 457 -9.10 10.60 55.08
CA ASP G 457 -10.54 10.36 54.98
C ASP G 457 -10.77 8.85 54.89
N HIS G 458 -11.82 8.36 55.52
CA HIS G 458 -12.08 6.93 55.50
C HIS G 458 -11.93 6.29 54.12
N ILE G 459 -12.62 6.82 53.13
CA ILE G 459 -12.61 6.25 51.78
C ILE G 459 -11.17 6.24 51.34
N ILE G 460 -10.48 7.37 51.55
CA ILE G 460 -9.06 7.47 51.24
C ILE G 460 -8.22 6.52 52.14
N HIS G 461 -8.85 6.06 53.21
CA HIS G 461 -8.18 5.20 54.20
C HIS G 461 -8.35 3.72 53.95
N MET G 462 -9.54 3.32 53.51
CA MET G 462 -9.80 1.92 53.24
C MET G 462 -9.09 1.46 51.98
N PHE G 463 -8.88 2.38 51.04
CA PHE G 463 -8.17 2.04 49.83
C PHE G 463 -6.80 1.55 50.24
N LEU G 464 -6.13 2.30 51.08
CA LEU G 464 -4.80 1.86 51.55
C LEU G 464 -4.80 0.61 52.46
N LYS G 465 -5.73 0.58 53.42
CA LYS G 465 -5.82 -0.56 54.36
C LYS G 465 -5.83 -1.86 53.55
N HIS G 466 -6.48 -1.87 52.38
CA HIS G 466 -6.48 -3.11 51.55
C HIS G 466 -5.53 -2.94 50.35
N VAL G 467 -4.85 -1.79 50.24
CA VAL G 467 -3.97 -1.52 49.07
C VAL G 467 -2.48 -1.44 49.43
N VAL G 468 -2.06 -1.85 50.64
CA VAL G 468 -0.61 -1.73 51.00
C VAL G 468 -0.07 -3.09 51.46
N ASP G 469 1.26 -3.28 51.37
CA ASP G 469 1.85 -4.55 51.82
C ASP G 469 1.45 -4.84 53.25
N ALA G 470 0.79 -5.97 53.47
CA ALA G 470 0.31 -6.31 54.80
C ALA G 470 1.41 -6.10 55.85
N GLN G 471 2.66 -6.25 55.42
CA GLN G 471 3.83 -6.01 56.27
C GLN G 471 4.01 -4.54 56.59
N THR G 472 4.04 -3.72 55.54
CA THR G 472 4.33 -2.29 55.67
C THR G 472 3.36 -1.56 56.60
N ILE G 473 2.22 -2.19 56.86
CA ILE G 473 1.26 -1.64 57.80
C ILE G 473 1.87 -1.83 59.19
N ALA G 474 2.07 -3.10 59.55
CA ALA G 474 2.64 -3.48 60.84
C ALA G 474 4.03 -2.89 61.05
N ASN G 475 4.84 -2.87 59.99
CA ASN G 475 6.17 -2.31 60.06
C ASN G 475 6.07 -0.86 60.53
N GLY G 476 5.24 -0.09 59.80
CA GLY G 476 5.05 1.35 60.08
C GLY G 476 4.52 1.60 61.48
N ILE G 477 3.66 0.71 61.99
CA ILE G 477 3.06 0.88 63.35
C ILE G 477 4.18 0.87 64.40
N SER G 478 5.17 -0.03 64.22
CA SER G 478 6.30 -0.15 65.18
C SER G 478 7.10 1.16 65.21
N ILE G 479 7.34 1.75 64.03
CA ILE G 479 8.14 3.02 63.94
C ILE G 479 7.41 4.14 64.67
N LEU G 480 6.08 4.22 64.52
CA LEU G 480 5.28 5.28 65.19
C LEU G 480 5.39 5.12 66.71
N GLU G 481 5.31 3.87 67.20
CA GLU G 481 5.40 3.59 68.66
C GLU G 481 6.79 4.01 69.16
N GLN G 482 7.82 3.74 68.36
CA GLN G 482 9.22 4.08 68.73
C GLN G 482 9.33 5.59 69.03
N ARG G 483 9.11 6.42 68.01
CA ARG G 483 9.21 7.90 68.20
C ARG G 483 8.03 8.38 69.06
N LEU G 484 7.11 7.50 69.39
CA LEU G 484 5.96 7.89 70.20
C LEU G 484 6.41 8.40 71.56
N LEU G 485 7.27 7.64 72.22
CA LEU G 485 7.72 8.05 73.59
C LEU G 485 8.39 9.42 73.52
N GLU G 486 9.20 9.66 72.48
CA GLU G 486 9.90 10.96 72.27
C GLU G 486 10.73 11.30 73.52
N ILE G 487 10.59 12.52 74.03
CA ILE G 487 11.34 12.96 75.25
C ILE G 487 10.46 13.91 76.06
N THR G 522 -12.11 18.09 69.32
CA THR G 522 -11.46 18.49 68.08
C THR G 522 -10.32 19.47 68.34
N VAL G 523 -10.07 19.75 69.62
CA VAL G 523 -9.02 20.67 70.02
C VAL G 523 -7.80 19.91 70.50
N ILE G 524 -7.49 18.80 69.84
CA ILE G 524 -6.34 17.97 70.22
C ILE G 524 -5.06 18.79 70.28
N ARG G 525 -4.30 18.61 71.36
CA ARG G 525 -3.06 19.33 71.55
C ARG G 525 -1.90 18.39 71.84
N PRO G 526 -1.46 17.65 70.80
CA PRO G 526 -0.34 16.71 70.96
C PRO G 526 0.96 17.44 71.20
N GLU G 527 0.98 18.30 72.22
CA GLU G 527 2.18 19.06 72.55
C GLU G 527 2.78 18.59 73.87
N ASP G 528 1.94 17.99 74.71
CA ASP G 528 2.37 17.48 76.01
C ASP G 528 1.80 16.08 76.17
N PHE G 529 0.90 15.74 75.26
CA PHE G 529 0.23 14.46 75.21
C PHE G 529 0.43 13.67 73.90
N PRO G 530 1.56 13.89 73.19
CA PRO G 530 1.77 13.07 72.00
C PRO G 530 2.31 11.71 72.39
N LYS G 531 3.04 11.70 73.50
CA LYS G 531 3.61 10.47 74.04
C LYS G 531 2.58 9.36 73.93
N PHE G 532 1.31 9.73 74.08
CA PHE G 532 0.23 8.74 73.99
C PHE G 532 -0.78 8.93 72.83
N MET G 533 -0.49 8.31 71.69
CA MET G 533 -1.43 8.38 70.54
C MET G 533 -2.61 7.47 70.87
N GLN G 534 -3.01 7.43 72.14
CA GLN G 534 -4.10 6.58 72.58
C GLN G 534 -5.42 7.19 72.17
N LEU G 535 -5.47 8.51 72.10
CA LEU G 535 -6.68 9.16 71.63
C LEU G 535 -6.95 8.57 70.27
N HIS G 536 -5.88 8.18 69.58
CA HIS G 536 -6.02 7.59 68.27
C HIS G 536 -5.77 6.10 68.32
N GLN G 537 -5.43 5.59 69.52
CA GLN G 537 -5.18 4.17 69.68
C GLN G 537 -6.46 3.42 69.35
N LYS G 538 -7.60 4.08 69.52
CA LYS G 538 -8.86 3.45 69.16
C LYS G 538 -8.70 2.89 67.77
N PHE G 539 -7.88 3.54 66.96
CA PHE G 539 -7.59 3.03 65.63
C PHE G 539 -6.29 2.26 65.66
N TYR G 540 -5.31 2.78 66.38
CA TYR G 540 -3.99 2.15 66.41
C TYR G 540 -4.06 0.72 66.95
N ASP G 541 -5.07 0.44 67.76
CA ASP G 541 -5.23 -0.91 68.29
C ASP G 541 -5.28 -1.91 67.13
N SER G 542 -5.91 -1.52 66.03
CA SER G 542 -5.99 -2.39 64.87
C SER G 542 -4.59 -2.64 64.32
N LEU G 543 -4.34 -3.87 63.88
CA LEU G 543 -3.04 -4.21 63.32
C LEU G 543 -2.56 -3.10 62.38
N ARG H 112 -49.65 -6.53 5.28
CA ARG H 112 -48.96 -7.72 5.77
C ARG H 112 -47.86 -8.27 4.82
N GLN H 113 -47.42 -7.45 3.89
CA GLN H 113 -46.41 -7.87 2.95
C GLN H 113 -45.26 -6.87 3.04
N MET H 114 -45.57 -5.70 3.59
CA MET H 114 -44.61 -4.62 3.89
C MET H 114 -43.79 -4.94 5.13
N LEU H 115 -44.43 -5.56 6.12
CA LEU H 115 -43.76 -6.03 7.34
C LEU H 115 -42.61 -6.89 6.92
N ASP H 116 -42.93 -7.95 6.21
CA ASP H 116 -41.93 -8.93 5.81
C ASP H 116 -40.70 -8.31 5.13
N ARG H 117 -40.92 -7.36 4.23
CA ARG H 117 -39.85 -6.48 3.74
C ARG H 117 -39.06 -5.85 4.88
N LYS H 118 -39.77 -5.24 5.82
CA LYS H 118 -39.09 -4.56 6.94
C LYS H 118 -38.43 -5.55 7.91
N LEU H 119 -39.09 -6.68 8.19
CA LEU H 119 -38.50 -7.71 9.05
C LEU H 119 -37.22 -8.24 8.43
N LEU H 120 -37.29 -8.66 7.17
CA LEU H 120 -36.11 -9.22 6.52
C LEU H 120 -34.92 -8.26 6.53
N LEU H 121 -35.18 -6.99 6.26
CA LEU H 121 -34.09 -6.03 6.13
C LEU H 121 -33.48 -5.64 7.48
N GLY H 122 -34.27 -5.80 8.54
CA GLY H 122 -33.83 -5.55 9.89
C GLY H 122 -33.24 -6.80 10.49
N ASN H 123 -33.01 -7.80 9.64
CA ASN H 123 -32.39 -9.07 10.03
C ASN H 123 -33.10 -9.80 11.15
N VAL H 124 -34.42 -9.65 11.21
CA VAL H 124 -35.25 -10.27 12.28
C VAL H 124 -35.50 -11.75 11.94
N PRO H 125 -35.14 -12.71 12.84
CA PRO H 125 -35.36 -14.13 12.60
C PRO H 125 -36.87 -14.44 12.57
N LYS H 126 -37.28 -15.42 11.77
CA LYS H 126 -38.71 -15.80 11.67
C LYS H 126 -39.21 -16.29 13.03
N GLN H 127 -40.41 -15.85 13.43
CA GLN H 127 -41.02 -16.26 14.73
C GLN H 127 -41.48 -17.72 14.68
N MET H 128 -41.49 -18.41 15.81
CA MET H 128 -41.94 -19.83 15.89
C MET H 128 -43.43 -19.90 15.49
N THR H 129 -43.82 -20.96 14.79
CA THR H 129 -45.21 -21.08 14.36
C THR H 129 -46.02 -22.21 15.00
N CYS H 130 -45.38 -23.37 15.15
CA CYS H 130 -46.02 -24.59 15.68
C CYS H 130 -46.39 -24.55 17.18
N TYR H 131 -45.89 -23.54 17.89
CA TYR H 131 -46.23 -23.35 19.30
C TYR H 131 -45.86 -21.93 19.72
N ILE H 132 -46.86 -21.14 20.11
CA ILE H 132 -46.58 -19.72 20.49
C ILE H 132 -47.09 -19.46 21.91
N ARG H 133 -46.34 -18.67 22.68
CA ARG H 133 -46.76 -18.32 24.06
C ARG H 133 -47.50 -16.98 24.00
N GLU H 134 -48.83 -17.02 24.12
CA GLU H 134 -49.68 -15.80 24.05
C GLU H 134 -49.35 -14.87 25.22
N TYR H 135 -49.11 -15.46 26.40
CA TYR H 135 -48.83 -14.64 27.62
C TYR H 135 -47.53 -13.84 27.46
N HIS H 136 -46.46 -14.44 26.95
CA HIS H 136 -45.24 -13.66 26.87
C HIS H 136 -45.19 -12.79 25.61
N VAL H 137 -45.29 -13.41 24.44
CA VAL H 137 -45.25 -12.66 23.21
C VAL H 137 -46.22 -11.48 23.30
N ASP H 138 -47.34 -11.74 23.97
CA ASP H 138 -48.40 -10.73 24.15
C ASP H 138 -48.03 -9.75 25.24
N ARG H 139 -46.95 -10.02 25.95
CA ARG H 139 -46.49 -9.14 27.01
C ARG H 139 -45.25 -8.38 26.55
N VAL H 140 -44.64 -8.84 25.47
CA VAL H 140 -43.47 -8.19 24.92
C VAL H 140 -43.92 -7.18 23.89
N ILE H 141 -45.15 -7.34 23.41
CA ILE H 141 -45.72 -6.41 22.42
C ILE H 141 -46.38 -5.24 23.11
N LYS H 142 -47.11 -5.56 24.17
CA LYS H 142 -47.79 -4.56 24.98
C LYS H 142 -46.81 -3.50 25.48
N LYS H 143 -45.83 -3.94 26.24
CA LYS H 143 -44.85 -3.03 26.80
C LYS H 143 -44.16 -2.21 25.73
N LEU H 144 -44.02 -2.77 24.54
CA LEU H 144 -43.35 -2.06 23.46
C LEU H 144 -44.26 -0.96 22.89
N ASP H 145 -45.54 -1.25 22.80
CA ASP H 145 -46.48 -0.23 22.36
C ASP H 145 -46.50 0.93 23.35
N GLU H 146 -46.42 0.62 24.65
CA GLU H 146 -46.51 1.68 25.65
C GLU H 146 -45.37 2.69 25.52
N MET H 147 -44.29 2.28 24.85
CA MET H 147 -43.08 3.12 24.76
C MET H 147 -43.02 3.91 23.44
N CYS H 148 -44.13 4.07 22.73
CA CYS H 148 -44.07 4.85 21.47
C CYS H 148 -43.68 6.30 21.79
N ASP H 149 -44.30 6.88 22.83
CA ASP H 149 -44.01 8.27 23.27
C ASP H 149 -42.60 8.39 23.84
N LEU H 150 -42.18 7.39 24.62
CA LEU H 150 -40.85 7.40 25.30
C LEU H 150 -39.71 7.23 24.29
N ASP H 151 -38.53 7.73 24.63
CA ASP H 151 -37.32 7.63 23.76
C ASP H 151 -36.14 7.06 24.55
N SER H 152 -35.24 6.35 23.87
CA SER H 152 -34.05 5.75 24.48
C SER H 152 -34.44 4.92 25.68
N PHE H 153 -35.21 3.86 25.44
CA PHE H 153 -35.64 2.97 26.52
C PHE H 153 -35.10 1.54 26.37
N PHE H 154 -34.94 0.83 27.51
CA PHE H 154 -34.50 -0.58 27.48
C PHE H 154 -35.59 -1.54 27.87
N LEU H 155 -35.82 -2.54 27.03
CA LEU H 155 -36.71 -3.62 27.40
C LEU H 155 -35.90 -4.90 27.57
N PHE H 156 -35.89 -5.47 28.77
CA PHE H 156 -35.07 -6.65 29.06
C PHE H 156 -35.87 -7.93 29.09
N LEU H 157 -35.77 -8.68 28.00
CA LEU H 157 -36.39 -9.99 27.94
C LEU H 157 -35.38 -10.99 28.42
N HIS H 158 -35.20 -11.06 29.74
CA HIS H 158 -34.16 -11.89 30.36
C HIS H 158 -34.64 -13.26 30.85
N GLY H 159 -33.82 -14.29 30.68
CA GLY H 159 -34.17 -15.62 31.20
C GLY H 159 -33.04 -16.63 31.32
N ARG H 160 -33.38 -17.86 31.69
CA ARG H 160 -32.34 -18.93 31.83
C ARG H 160 -31.87 -19.33 30.43
N ALA H 161 -30.64 -19.85 30.32
CA ALA H 161 -30.16 -20.24 28.97
C ALA H 161 -31.09 -21.34 28.43
N GLY H 162 -31.53 -21.18 27.18
CA GLY H 162 -32.44 -22.15 26.53
C GLY H 162 -33.89 -21.96 26.90
N SER H 163 -34.22 -20.92 27.67
CA SER H 163 -35.64 -20.67 28.04
C SER H 163 -36.45 -20.38 26.77
N GLY H 164 -35.86 -19.58 25.86
CA GLY H 164 -36.53 -19.24 24.59
C GLY H 164 -36.74 -17.75 24.44
N LYS H 165 -36.01 -16.91 25.18
CA LYS H 165 -36.17 -15.47 25.04
C LYS H 165 -36.12 -14.97 23.58
N SER H 166 -35.12 -15.41 22.83
CA SER H 166 -34.86 -14.88 21.50
C SER H 166 -36.03 -15.21 20.58
N VAL H 167 -36.61 -16.40 20.73
CA VAL H 167 -37.75 -16.83 19.90
C VAL H 167 -38.97 -15.91 20.05
N ILE H 168 -39.24 -15.53 21.29
CA ILE H 168 -40.42 -14.69 21.59
C ILE H 168 -40.31 -13.25 21.13
N ALA H 169 -39.10 -12.70 21.12
CA ALA H 169 -38.92 -11.33 20.65
C ALA H 169 -39.33 -11.26 19.19
N SER H 170 -38.77 -12.14 18.39
CA SER H 170 -39.12 -12.18 16.98
C SER H 170 -40.59 -12.46 16.85
N GLN H 171 -41.10 -13.34 17.70
CA GLN H 171 -42.52 -13.68 17.65
C GLN H 171 -43.34 -12.41 17.72
N ALA H 172 -43.12 -11.61 18.75
CA ALA H 172 -43.86 -10.38 18.92
C ALA H 172 -43.67 -9.47 17.73
N LEU H 173 -42.42 -9.25 17.36
CA LEU H 173 -42.14 -8.34 16.25
C LEU H 173 -42.93 -8.69 15.00
N SER H 174 -43.11 -9.98 14.71
CA SER H 174 -43.78 -10.35 13.47
C SER H 174 -45.30 -10.51 13.60
N LYS H 175 -45.78 -10.83 14.80
CA LYS H 175 -47.22 -11.00 15.01
C LYS H 175 -47.99 -9.74 14.64
N SER H 176 -48.49 -9.02 15.64
CA SER H 176 -49.16 -7.74 15.31
C SER H 176 -48.29 -6.94 14.33
N ASP H 177 -48.94 -6.27 13.36
CA ASP H 177 -48.21 -5.46 12.34
C ASP H 177 -48.08 -4.02 12.85
N GLN H 178 -48.65 -3.73 14.02
CA GLN H 178 -48.61 -2.36 14.62
C GLN H 178 -47.19 -2.01 15.04
N LEU H 179 -46.47 -2.94 15.67
CA LEU H 179 -45.12 -2.66 16.13
C LEU H 179 -44.21 -2.08 15.03
N ILE H 180 -44.29 -2.68 13.85
CA ILE H 180 -43.56 -2.18 12.68
C ILE H 180 -44.49 -1.50 11.65
N GLY H 181 -44.39 -0.18 11.54
CA GLY H 181 -45.24 0.60 10.65
C GLY H 181 -46.07 1.63 11.41
N ILE H 182 -46.76 1.14 12.43
CA ILE H 182 -47.64 1.93 13.29
C ILE H 182 -46.88 2.57 14.48
N ASN H 183 -46.22 1.74 15.29
CA ASN H 183 -45.50 2.18 16.49
C ASN H 183 -44.04 2.57 16.26
N TYR H 184 -43.36 1.77 15.44
CA TYR H 184 -41.97 2.04 15.05
C TYR H 184 -41.86 1.90 13.53
N ASP H 185 -41.08 2.77 12.89
CA ASP H 185 -40.95 2.80 11.43
C ASP H 185 -40.12 1.65 10.88
N SER H 186 -38.96 1.39 11.51
CA SER H 186 -38.05 0.33 11.07
C SER H 186 -37.58 -0.57 12.20
N ILE H 187 -36.97 -1.71 11.83
CA ILE H 187 -36.36 -2.65 12.79
C ILE H 187 -34.87 -2.96 12.50
N VAL H 188 -34.06 -2.96 13.54
CA VAL H 188 -32.67 -3.43 13.48
C VAL H 188 -32.40 -4.50 14.56
N TRP H 189 -32.24 -5.74 14.14
CA TRP H 189 -32.05 -6.85 15.06
C TRP H 189 -30.66 -7.43 14.82
N LEU H 190 -29.84 -7.29 15.86
CA LEU H 190 -28.43 -7.64 15.86
C LEU H 190 -28.14 -8.58 17.01
N LYS H 191 -27.45 -9.70 16.73
CA LYS H 191 -27.02 -10.61 17.78
C LYS H 191 -25.67 -10.17 18.32
N ASP H 192 -25.58 -10.07 19.64
CA ASP H 192 -24.37 -9.58 20.32
C ASP H 192 -23.42 -10.75 20.58
N SER H 193 -23.52 -11.33 21.78
CA SER H 193 -22.71 -12.49 22.19
C SER H 193 -21.23 -12.10 22.36
N GLY H 194 -20.99 -10.82 22.64
CA GLY H 194 -19.65 -10.26 22.77
C GLY H 194 -19.00 -10.51 24.11
N THR H 195 -17.74 -10.94 24.05
CA THR H 195 -16.96 -11.31 25.24
C THR H 195 -15.66 -10.51 25.30
N ALA H 196 -15.01 -10.35 24.14
CA ALA H 196 -13.82 -9.53 24.02
C ALA H 196 -14.18 -8.09 24.33
N PRO H 197 -13.18 -7.22 24.54
CA PRO H 197 -13.42 -5.79 24.78
C PRO H 197 -13.62 -4.98 23.47
N LYS H 198 -13.18 -5.57 22.37
CA LYS H 198 -13.38 -5.03 21.04
C LYS H 198 -14.79 -5.34 20.54
N SER H 199 -15.49 -6.23 21.24
CA SER H 199 -16.79 -6.69 20.76
C SER H 199 -17.86 -5.59 20.85
N THR H 200 -17.80 -4.78 21.90
CA THR H 200 -18.82 -3.74 22.10
C THR H 200 -18.67 -2.64 21.06
N PHE H 201 -17.51 -2.61 20.41
CA PHE H 201 -17.24 -1.62 19.37
C PHE H 201 -17.61 -2.24 18.03
N ASP H 202 -17.29 -3.53 17.89
CA ASP H 202 -17.56 -4.23 16.64
C ASP H 202 -19.07 -4.34 16.40
N LEU H 203 -19.86 -4.46 17.46
CA LEU H 203 -21.29 -4.56 17.28
C LEU H 203 -21.81 -3.33 16.55
N PHE H 204 -21.34 -2.17 16.97
CA PHE H 204 -21.79 -0.90 16.38
C PHE H 204 -21.32 -0.65 14.96
N THR H 205 -20.24 -1.32 14.54
CA THR H 205 -19.77 -1.21 13.17
C THR H 205 -20.77 -1.96 12.28
N ASP H 206 -21.29 -3.06 12.82
CA ASP H 206 -22.30 -3.87 12.15
C ASP H 206 -23.67 -3.20 12.23
N ILE H 207 -23.81 -2.22 13.13
CA ILE H 207 -25.04 -1.48 13.30
C ILE H 207 -24.97 -0.15 12.55
N LEU H 208 -23.82 0.15 11.95
CA LEU H 208 -23.63 1.37 11.19
C LEU H 208 -24.01 1.06 9.75
N LEU H 209 -23.52 -0.06 9.24
CA LEU H 209 -23.81 -0.48 7.89
C LEU H 209 -25.26 -0.93 7.77
N MET H 210 -25.81 -1.48 8.85
CA MET H 210 -27.20 -1.90 8.89
C MET H 210 -27.99 -0.64 8.57
N LEU H 211 -27.78 0.39 9.38
CA LEU H 211 -28.47 1.66 9.25
C LEU H 211 -28.19 2.37 7.93
N LYS H 212 -27.08 2.04 7.29
CA LYS H 212 -26.72 2.69 6.04
C LYS H 212 -27.60 2.29 4.86
N SER H 213 -27.47 3.04 3.78
CA SER H 213 -28.23 2.83 2.57
C SER H 213 -27.64 1.71 1.73
N GLU H 214 -28.47 1.09 0.90
CA GLU H 214 -28.02 0.04 0.01
C GLU H 214 -26.92 0.59 -0.87
N ASP H 215 -27.10 1.84 -1.28
CA ASP H 215 -26.03 2.62 -1.88
C ASP H 215 -25.00 2.89 -0.81
N ASP H 216 -23.74 2.98 -1.22
CA ASP H 216 -22.64 3.23 -0.29
C ASP H 216 -22.57 2.15 0.78
N LEU H 217 -22.63 0.90 0.34
CA LEU H 217 -22.07 -0.22 1.06
C LEU H 217 -20.80 -0.56 0.28
N LEU H 218 -20.78 -0.09 -0.96
CA LEU H 218 -19.60 -0.12 -1.80
C LEU H 218 -18.53 0.80 -1.24
N ASN H 219 -18.93 2.03 -0.95
CA ASN H 219 -18.05 3.01 -0.35
C ASN H 219 -17.66 2.73 1.10
N PHE H 220 -18.31 1.74 1.74
CA PHE H 220 -17.95 1.37 3.10
C PHE H 220 -16.44 1.47 3.16
N PRO H 221 -15.94 2.36 4.03
CA PRO H 221 -14.50 2.53 4.28
C PRO H 221 -13.86 1.51 5.25
N SER H 222 -12.56 1.74 5.53
CA SER H 222 -11.84 0.93 6.54
C SER H 222 -12.39 1.34 7.91
N VAL H 223 -13.62 0.91 8.19
CA VAL H 223 -14.38 1.24 9.45
C VAL H 223 -13.63 0.71 10.68
N GLU H 224 -12.96 -0.43 10.54
CA GLU H 224 -12.19 -1.03 11.68
C GLU H 224 -11.24 0.03 12.24
N HIS H 225 -10.47 0.68 11.37
CA HIS H 225 -9.49 1.73 11.82
C HIS H 225 -10.20 3.08 11.95
N VAL H 226 -11.09 3.23 12.94
CA VAL H 226 -11.81 4.51 13.16
C VAL H 226 -11.92 4.74 14.67
N THR H 227 -11.89 5.98 15.13
CA THR H 227 -12.00 6.17 16.55
C THR H 227 -13.43 5.93 16.99
N SER H 228 -13.59 5.48 18.22
CA SER H 228 -14.95 5.18 18.77
C SER H 228 -15.78 6.45 18.72
N VAL H 229 -15.25 7.53 19.31
CA VAL H 229 -15.91 8.82 19.35
C VAL H 229 -16.38 9.20 17.94
N VAL H 230 -15.88 8.48 16.94
CA VAL H 230 -16.26 8.69 15.56
C VAL H 230 -17.35 7.70 15.19
N LEU H 231 -17.20 6.42 15.56
CA LEU H 231 -18.23 5.46 15.20
C LEU H 231 -19.54 5.89 15.88
N LYS H 232 -19.44 6.35 17.11
CA LYS H 232 -20.60 6.80 17.86
C LYS H 232 -21.23 8.06 17.23
N ARG H 233 -20.39 9.05 16.93
CA ARG H 233 -20.86 10.29 16.30
C ARG H 233 -21.34 9.99 14.90
N MET H 234 -20.58 9.17 14.18
CA MET H 234 -20.94 8.72 12.84
C MET H 234 -22.30 8.00 12.76
N ILE H 235 -22.67 7.28 13.83
CA ILE H 235 -23.95 6.59 13.90
C ILE H 235 -25.09 7.54 14.19
N CYS H 236 -24.95 8.35 15.23
CA CYS H 236 -25.97 9.32 15.60
C CYS H 236 -26.02 10.47 14.60
N ASN H 237 -25.22 10.37 13.55
CA ASN H 237 -25.18 11.40 12.52
C ASN H 237 -26.01 10.96 11.34
N ALA H 238 -26.12 9.65 11.17
CA ALA H 238 -26.90 9.04 10.11
C ALA H 238 -28.24 8.54 10.65
N LEU H 239 -28.35 8.48 11.97
CA LEU H 239 -29.54 8.02 12.64
C LEU H 239 -30.69 9.00 12.45
N ILE H 240 -30.40 10.13 11.81
CA ILE H 240 -31.44 11.15 11.55
C ILE H 240 -32.49 10.55 10.62
N ASP H 241 -32.01 9.96 9.52
CA ASP H 241 -32.85 9.39 8.47
C ASP H 241 -33.67 8.23 8.99
N ARG H 242 -33.57 7.99 10.28
CA ARG H 242 -34.28 6.87 10.88
C ARG H 242 -35.16 7.32 12.04
N PRO H 243 -36.38 7.75 11.71
CA PRO H 243 -37.45 8.07 12.64
C PRO H 243 -37.89 6.78 13.31
N ASN H 244 -38.32 6.90 14.58
CA ASN H 244 -38.82 5.80 15.47
C ASN H 244 -38.12 4.47 15.17
N THR H 245 -36.85 4.34 15.57
CA THR H 245 -36.08 3.10 15.27
C THR H 245 -36.04 2.18 16.49
N LEU H 246 -36.38 0.92 16.28
CA LEU H 246 -36.32 -0.07 17.33
C LEU H 246 -35.18 -1.00 17.00
N PHE H 247 -34.21 -1.10 17.89
CA PHE H 247 -33.05 -1.99 17.73
C PHE H 247 -33.20 -3.20 18.63
N VAL H 248 -33.04 -4.41 18.10
CA VAL H 248 -33.14 -5.60 18.93
C VAL H 248 -31.72 -6.15 19.12
N PHE H 249 -31.34 -6.38 20.36
CA PHE H 249 -29.97 -6.79 20.65
C PHE H 249 -29.98 -8.20 21.21
N ASP H 250 -30.10 -9.15 20.30
CA ASP H 250 -30.29 -10.51 20.72
C ASP H 250 -28.97 -10.94 21.34
N ASP H 251 -29.05 -11.35 22.61
CA ASP H 251 -27.95 -11.96 23.39
C ASP H 251 -26.83 -11.04 23.88
N VAL H 252 -27.16 -10.10 24.75
CA VAL H 252 -26.14 -9.26 25.33
C VAL H 252 -25.57 -9.99 26.53
N VAL H 253 -24.23 -10.04 26.58
CA VAL H 253 -23.51 -10.52 27.76
C VAL H 253 -22.78 -9.41 28.48
N GLN H 254 -22.13 -8.52 27.72
CA GLN H 254 -21.33 -7.41 28.33
C GLN H 254 -22.23 -6.20 28.57
N GLU H 255 -21.87 -5.37 29.57
CA GLU H 255 -22.63 -4.14 29.90
C GLU H 255 -22.14 -2.99 29.03
N GLU H 256 -21.05 -3.17 28.30
CA GLU H 256 -20.54 -2.10 27.47
C GLU H 256 -21.53 -1.78 26.36
N THR H 257 -22.15 -2.82 25.79
CA THR H 257 -23.18 -2.59 24.75
C THR H 257 -24.32 -1.77 25.35
N ILE H 258 -24.71 -2.08 26.60
CA ILE H 258 -25.79 -1.33 27.29
C ILE H 258 -25.28 0.10 27.52
N ARG H 259 -24.01 0.22 27.90
CA ARG H 259 -23.37 1.52 28.12
C ARG H 259 -23.42 2.39 26.87
N TRP H 260 -22.77 1.94 25.79
CA TRP H 260 -22.73 2.68 24.53
C TRP H 260 -24.12 3.07 24.07
N ALA H 261 -25.02 2.09 24.05
CA ALA H 261 -26.40 2.30 23.63
C ALA H 261 -27.06 3.48 24.32
N GLN H 262 -26.93 3.57 25.64
CA GLN H 262 -27.51 4.67 26.38
C GLN H 262 -26.86 5.98 25.96
N GLU H 263 -25.63 5.92 25.47
CA GLU H 263 -24.94 7.12 25.02
C GLU H 263 -25.44 7.46 23.63
N LEU H 264 -26.00 6.45 22.97
CA LEU H 264 -26.56 6.59 21.63
C LEU H 264 -28.08 6.83 21.66
N ARG H 265 -28.58 7.10 22.85
CA ARG H 265 -30.01 7.34 23.01
C ARG H 265 -30.83 6.44 22.08
N LEU H 266 -30.63 5.13 22.21
CA LEU H 266 -31.37 4.17 21.41
C LEU H 266 -32.62 3.60 22.06
N ARG H 267 -33.48 3.06 21.20
CA ARG H 267 -34.67 2.35 21.63
C ARG H 267 -34.36 0.86 21.48
N CYS H 268 -34.25 0.13 22.61
CA CYS H 268 -33.74 -1.26 22.60
C CYS H 268 -34.65 -2.34 23.21
N LEU H 269 -34.89 -3.38 22.42
CA LEU H 269 -35.31 -4.66 22.98
C LEU H 269 -34.01 -5.38 23.27
N VAL H 270 -33.96 -6.12 24.37
CA VAL H 270 -32.73 -6.81 24.77
C VAL H 270 -33.00 -8.23 25.30
N THR H 271 -32.36 -9.20 24.66
CA THR H 271 -32.45 -10.59 25.08
C THR H 271 -31.11 -10.89 25.76
N THR H 272 -31.15 -11.35 27.01
CA THR H 272 -29.95 -11.62 27.81
C THR H 272 -30.24 -12.70 28.83
N ARG H 273 -29.18 -13.25 29.43
CA ARG H 273 -29.35 -14.23 30.49
C ARG H 273 -29.05 -13.59 31.85
N ASP H 274 -28.01 -12.77 31.85
CA ASP H 274 -27.66 -12.06 33.06
C ASP H 274 -28.43 -10.76 33.11
N VAL H 275 -29.17 -10.54 34.19
CA VAL H 275 -29.91 -9.30 34.34
C VAL H 275 -29.13 -8.37 35.27
N GLU H 276 -27.83 -8.61 35.39
CA GLU H 276 -26.97 -7.81 36.25
C GLU H 276 -26.27 -6.69 35.51
N ILE H 277 -26.62 -6.52 34.22
CA ILE H 277 -25.98 -5.50 33.36
C ILE H 277 -27.02 -4.48 32.88
N SER H 278 -28.31 -4.87 32.94
CA SER H 278 -29.45 -4.01 32.56
C SER H 278 -29.51 -2.79 33.49
N ASN H 279 -29.04 -2.99 34.73
CA ASN H 279 -29.02 -1.97 35.81
C ASN H 279 -27.95 -0.89 35.57
N ALA H 280 -26.96 -1.14 34.71
CA ALA H 280 -25.92 -0.13 34.41
C ALA H 280 -26.64 1.15 34.01
N ALA H 281 -27.45 1.06 32.94
CA ALA H 281 -28.35 2.12 32.49
C ALA H 281 -29.05 2.84 33.64
N SER H 282 -28.84 4.16 33.71
CA SER H 282 -29.43 5.03 34.75
C SER H 282 -30.71 5.67 34.22
N GLN H 283 -31.56 4.89 33.55
CA GLN H 283 -32.84 5.36 32.98
C GLN H 283 -33.93 4.34 33.32
N THR H 284 -35.20 4.74 33.25
CA THR H 284 -36.29 3.79 33.60
C THR H 284 -36.18 2.57 32.66
N CYS H 285 -36.25 1.36 33.23
CA CYS H 285 -36.13 0.12 32.44
C CYS H 285 -37.28 -0.83 32.76
N GLU H 286 -37.87 -1.45 31.72
CA GLU H 286 -38.98 -2.42 31.89
C GLU H 286 -38.43 -3.83 31.73
N PHE H 287 -38.87 -4.77 32.58
CA PHE H 287 -38.38 -6.13 32.50
C PHE H 287 -39.45 -7.18 32.27
N ILE H 288 -39.10 -8.24 31.53
CA ILE H 288 -39.98 -9.40 31.34
C ILE H 288 -39.19 -10.70 31.43
N GLU H 289 -39.48 -11.53 32.42
CA GLU H 289 -38.67 -12.72 32.67
C GLU H 289 -39.22 -13.98 32.00
N VAL H 290 -38.40 -14.67 31.23
CA VAL H 290 -38.87 -15.89 30.58
C VAL H 290 -38.68 -17.04 31.56
N THR H 291 -39.74 -17.38 32.26
CA THR H 291 -39.73 -18.43 33.25
C THR H 291 -39.64 -19.84 32.67
N SER H 292 -39.44 -20.82 33.53
CA SER H 292 -39.47 -22.21 33.10
C SER H 292 -40.91 -22.51 32.65
N LEU H 293 -41.08 -23.30 31.60
CA LEU H 293 -42.41 -23.63 31.11
C LEU H 293 -43.30 -24.32 32.16
N GLU H 294 -44.39 -23.66 32.52
CA GLU H 294 -45.36 -24.22 33.46
C GLU H 294 -45.81 -25.62 33.05
N ILE H 295 -46.25 -26.43 34.01
CA ILE H 295 -46.69 -27.80 33.74
C ILE H 295 -47.77 -27.89 32.67
N ASP H 296 -48.84 -27.14 32.86
CA ASP H 296 -49.96 -27.15 31.90
C ASP H 296 -49.47 -26.80 30.51
N GLU H 297 -48.67 -25.73 30.41
CA GLU H 297 -48.13 -25.29 29.14
C GLU H 297 -47.39 -26.42 28.44
N CYS H 298 -46.33 -26.91 29.07
CA CYS H 298 -45.54 -27.98 28.49
C CYS H 298 -46.42 -28.89 27.65
N TYR H 299 -47.40 -29.52 28.29
CA TYR H 299 -48.29 -30.41 27.56
C TYR H 299 -48.57 -29.86 26.18
N ASP H 300 -49.07 -28.62 26.13
CA ASP H 300 -49.38 -27.99 24.86
C ASP H 300 -48.20 -28.02 23.91
N PHE H 301 -47.01 -27.73 24.44
CA PHE H 301 -45.82 -27.73 23.60
C PHE H 301 -45.61 -29.08 22.95
N LEU H 302 -45.74 -30.14 23.74
CA LEU H 302 -45.58 -31.49 23.20
C LEU H 302 -46.62 -31.76 22.13
N GLU H 303 -47.89 -31.76 22.51
CA GLU H 303 -48.95 -31.97 21.53
C GLU H 303 -48.68 -31.22 20.23
N ALA H 304 -48.30 -29.95 20.37
CA ALA H 304 -47.99 -29.06 19.21
C ALA H 304 -46.99 -29.78 18.30
N TYR H 305 -45.78 -30.04 18.77
CA TYR H 305 -44.80 -30.75 17.96
C TYR H 305 -45.27 -32.18 17.74
N GLY H 306 -45.84 -32.77 18.77
CA GLY H 306 -46.37 -34.15 18.69
C GLY H 306 -45.78 -35.03 19.78
N MET H 307 -46.64 -35.81 20.43
CA MET H 307 -46.26 -36.73 21.55
C MET H 307 -47.46 -37.61 21.90
N PRO H 308 -47.27 -38.80 22.53
CA PRO H 308 -48.40 -39.66 22.90
C PRO H 308 -49.29 -38.95 23.92
N MET H 309 -50.61 -39.04 23.74
CA MET H 309 -51.58 -38.41 24.66
C MET H 309 -51.63 -39.18 25.98
N PRO H 310 -51.91 -38.51 27.13
CA PRO H 310 -51.98 -39.21 28.42
C PRO H 310 -52.93 -40.41 28.34
N VAL H 311 -52.41 -41.62 28.52
CA VAL H 311 -53.26 -42.81 28.41
C VAL H 311 -53.09 -43.73 29.61
N GLY H 312 -51.89 -44.24 29.83
CA GLY H 312 -51.64 -45.10 30.97
C GLY H 312 -51.33 -44.23 32.17
N GLU H 313 -52.06 -44.43 33.26
CA GLU H 313 -51.87 -43.57 34.43
C GLU H 313 -50.38 -43.43 34.71
N LYS H 314 -49.64 -44.52 34.65
CA LYS H 314 -48.21 -44.46 34.85
C LYS H 314 -47.58 -43.60 33.78
N GLU H 315 -47.95 -43.84 32.53
CA GLU H 315 -47.41 -43.06 31.43
C GLU H 315 -47.69 -41.60 31.73
N GLU H 316 -48.91 -41.30 32.15
CA GLU H 316 -49.22 -39.94 32.54
C GLU H 316 -48.16 -39.51 33.52
N ASP H 317 -48.23 -40.07 34.72
CA ASP H 317 -47.23 -39.73 35.74
C ASP H 317 -45.78 -39.55 35.24
N VAL H 318 -45.31 -40.47 34.40
CA VAL H 318 -43.95 -40.37 33.87
C VAL H 318 -43.73 -39.12 33.03
N LEU H 319 -44.70 -38.77 32.21
CA LEU H 319 -44.60 -37.56 31.40
C LEU H 319 -44.51 -36.35 32.31
N ASN H 320 -45.28 -36.38 33.40
CA ASN H 320 -45.24 -35.28 34.35
C ASN H 320 -43.85 -35.19 34.94
N LYS H 321 -43.29 -36.32 35.34
CA LYS H 321 -41.94 -36.33 35.88
C LYS H 321 -40.95 -35.74 34.90
N THR H 322 -41.11 -36.08 33.62
CA THR H 322 -40.22 -35.58 32.59
C THR H 322 -40.33 -34.06 32.42
N ILE H 323 -41.55 -33.54 32.44
CA ILE H 323 -41.74 -32.10 32.30
C ILE H 323 -41.15 -31.42 33.54
N GLU H 324 -41.20 -32.09 34.67
CA GLU H 324 -40.60 -31.55 35.88
C GLU H 324 -39.09 -31.45 35.71
N LEU H 325 -38.47 -32.54 35.26
CA LEU H 325 -37.02 -32.56 35.11
C LEU H 325 -36.56 -31.34 34.34
N SER H 326 -36.88 -31.30 33.06
CA SER H 326 -36.54 -30.13 32.27
C SER H 326 -37.38 -29.00 32.81
N SER H 327 -36.82 -28.22 33.72
CA SER H 327 -37.57 -27.14 34.32
C SER H 327 -37.83 -26.08 33.28
N GLY H 328 -38.85 -26.31 32.46
CA GLY H 328 -39.19 -25.34 31.44
C GLY H 328 -38.01 -24.83 30.64
N ASN H 329 -37.33 -25.71 29.94
CA ASN H 329 -36.25 -25.25 29.07
C ASN H 329 -36.54 -25.75 27.66
N PRO H 330 -37.31 -24.99 26.90
CA PRO H 330 -37.70 -25.44 25.55
C PRO H 330 -36.49 -25.94 24.77
N ALA H 331 -35.34 -25.30 24.97
CA ALA H 331 -34.14 -25.78 24.30
C ALA H 331 -33.91 -27.23 24.64
N THR H 332 -33.90 -27.55 25.93
CA THR H 332 -33.75 -28.94 26.34
C THR H 332 -34.98 -29.74 25.94
N LEU H 333 -36.15 -29.13 26.09
CA LEU H 333 -37.38 -29.80 25.74
C LEU H 333 -37.26 -30.24 24.30
N MET H 334 -36.80 -29.33 23.45
CA MET H 334 -36.60 -29.67 22.04
C MET H 334 -35.59 -30.80 21.92
N MET H 335 -34.50 -30.70 22.70
CA MET H 335 -33.48 -31.73 22.65
C MET H 335 -34.07 -33.08 22.97
N PHE H 336 -34.90 -33.13 24.02
CA PHE H 336 -35.56 -34.37 24.37
C PHE H 336 -36.46 -34.82 23.23
N PHE H 337 -37.25 -33.88 22.70
CA PHE H 337 -38.17 -34.22 21.63
C PHE H 337 -37.42 -34.73 20.41
N LYS H 338 -36.69 -33.85 19.75
CA LYS H 338 -35.98 -34.25 18.52
C LYS H 338 -35.46 -35.67 18.67
N SER H 339 -34.99 -36.02 19.87
CA SER H 339 -34.37 -37.34 20.15
C SER H 339 -35.38 -38.38 20.69
N CYS H 340 -36.61 -38.41 20.17
CA CYS H 340 -37.58 -39.44 20.59
C CYS H 340 -38.19 -39.88 19.27
N GLU H 341 -37.44 -39.79 18.17
CA GLU H 341 -37.96 -40.12 16.85
C GLU H 341 -38.98 -41.25 16.81
N PRO H 342 -38.63 -42.41 17.40
CA PRO H 342 -39.62 -43.50 17.46
C PRO H 342 -40.99 -42.95 17.89
N LYS H 343 -41.02 -41.74 18.45
CA LYS H 343 -42.30 -41.15 18.96
C LYS H 343 -42.99 -42.23 19.78
N THR H 344 -42.22 -43.24 20.20
CA THR H 344 -42.82 -44.31 21.04
C THR H 344 -42.61 -44.00 22.52
N PHE H 345 -43.65 -44.16 23.34
CA PHE H 345 -43.52 -43.95 24.77
C PHE H 345 -42.44 -44.89 25.28
N GLU H 346 -42.51 -46.13 24.81
CA GLU H 346 -41.53 -47.14 25.18
C GLU H 346 -40.12 -46.64 24.90
N LYS H 347 -39.99 -45.69 23.98
CA LYS H 347 -38.67 -45.14 23.66
C LYS H 347 -38.40 -43.85 24.44
N MET H 348 -39.44 -43.27 25.00
CA MET H 348 -39.25 -42.09 25.84
C MET H 348 -38.72 -42.58 27.16
N ALA H 349 -39.23 -43.72 27.60
CA ALA H 349 -38.76 -44.30 28.86
C ALA H 349 -37.35 -44.84 28.74
N GLN H 350 -36.96 -45.19 27.51
CA GLN H 350 -35.54 -45.60 27.30
C GLN H 350 -34.70 -44.31 27.39
N LEU H 351 -35.19 -43.23 26.78
CA LEU H 351 -34.52 -41.91 26.74
C LEU H 351 -34.39 -41.27 28.13
N ASN H 352 -35.43 -41.35 28.97
CA ASN H 352 -35.39 -40.74 30.32
C ASN H 352 -34.14 -41.23 31.05
N ASN H 353 -34.09 -42.54 31.28
CA ASN H 353 -32.97 -43.27 31.91
C ASN H 353 -31.62 -42.69 31.50
N LYS H 354 -31.37 -42.74 30.18
CA LYS H 354 -30.16 -42.21 29.55
C LYS H 354 -29.75 -40.88 30.18
N LEU H 355 -30.75 -40.15 30.69
CA LEU H 355 -30.52 -38.83 31.28
C LEU H 355 -29.90 -38.91 32.67
N GLU H 356 -30.41 -39.84 33.49
CA GLU H 356 -29.92 -39.95 34.88
C GLU H 356 -28.61 -40.72 34.86
N SER H 357 -27.96 -40.77 33.70
CA SER H 357 -26.71 -41.55 33.56
C SER H 357 -25.79 -40.85 32.57
N ARG H 358 -26.28 -39.79 31.90
CA ARG H 358 -25.42 -39.17 30.87
C ARG H 358 -25.62 -37.66 30.83
N GLY H 359 -26.42 -37.12 31.75
CA GLY H 359 -26.71 -35.69 31.78
C GLY H 359 -27.32 -35.23 30.47
N LEU H 360 -27.14 -33.97 30.11
CA LEU H 360 -27.69 -33.47 28.85
C LEU H 360 -26.92 -34.07 27.65
N VAL H 361 -25.72 -34.55 27.93
CA VAL H 361 -24.77 -34.98 26.90
C VAL H 361 -25.40 -35.99 25.95
N GLY H 362 -25.93 -37.07 26.52
CA GLY H 362 -26.56 -38.11 25.73
C GLY H 362 -27.76 -37.63 24.93
N VAL H 363 -28.53 -36.71 25.51
CA VAL H 363 -29.71 -36.19 24.85
C VAL H 363 -29.42 -35.20 23.71
N GLU H 364 -28.19 -34.66 23.70
CA GLU H 364 -27.76 -33.64 22.70
C GLU H 364 -28.09 -34.11 21.28
N CYS H 365 -28.80 -33.27 20.52
CA CYS H 365 -29.17 -33.57 19.11
C CYS H 365 -29.23 -32.27 18.30
N ILE H 366 -29.18 -32.36 16.98
CA ILE H 366 -29.27 -31.15 16.11
C ILE H 366 -30.65 -30.50 16.33
N THR H 367 -30.68 -29.21 16.65
CA THR H 367 -31.95 -28.47 16.92
C THR H 367 -31.85 -27.06 16.35
N PRO H 368 -32.95 -26.29 16.24
CA PRO H 368 -32.89 -24.92 15.73
C PRO H 368 -31.84 -24.13 16.52
N TYR H 369 -31.59 -24.55 17.76
CA TYR H 369 -30.60 -23.93 18.67
C TYR H 369 -29.19 -23.96 18.05
N SER H 370 -28.42 -22.88 18.21
CA SER H 370 -27.06 -22.86 17.68
C SER H 370 -26.25 -23.95 18.36
N TYR H 371 -26.82 -24.53 19.41
CA TYR H 371 -26.12 -25.44 20.32
C TYR H 371 -26.61 -26.90 20.27
N LYS H 372 -25.68 -27.81 20.13
CA LYS H 372 -26.06 -29.19 20.13
C LYS H 372 -26.45 -29.56 21.55
N SER H 373 -25.66 -29.14 22.51
CA SER H 373 -25.88 -29.53 23.94
C SER H 373 -26.13 -28.28 24.78
N LEU H 374 -27.02 -28.37 25.77
CA LEU H 374 -27.30 -27.22 26.68
C LEU H 374 -26.07 -26.98 27.56
N ALA H 375 -25.39 -28.05 27.98
CA ALA H 375 -24.19 -27.88 28.76
C ALA H 375 -23.19 -26.96 28.04
N MET H 376 -23.25 -26.97 26.70
CA MET H 376 -22.36 -26.14 25.90
C MET H 376 -22.74 -24.69 26.09
N ALA H 377 -24.01 -24.46 26.39
CA ALA H 377 -24.53 -23.11 26.52
C ALA H 377 -24.16 -22.56 27.87
N LEU H 378 -24.54 -23.34 28.87
CA LEU H 378 -24.39 -22.97 30.26
C LEU H 378 -22.92 -22.77 30.63
N GLN H 379 -22.04 -23.49 29.93
CA GLN H 379 -20.62 -23.26 30.05
C GLN H 379 -20.41 -21.76 30.26
N ARG H 380 -20.69 -21.05 29.18
CA ARG H 380 -20.55 -19.60 29.05
C ARG H 380 -21.15 -18.83 30.21
N CYS H 381 -22.11 -19.44 30.90
CA CYS H 381 -22.72 -18.80 32.05
C CYS H 381 -21.90 -19.06 33.30
N VAL H 382 -20.99 -20.04 33.21
CA VAL H 382 -20.13 -20.39 34.31
C VAL H 382 -18.74 -19.79 34.10
N GLU H 383 -18.49 -19.17 32.94
CA GLU H 383 -17.18 -18.58 32.75
C GLU H 383 -17.20 -17.13 33.23
N VAL H 384 -18.28 -16.46 32.86
CA VAL H 384 -18.47 -15.06 33.20
C VAL H 384 -18.54 -14.82 34.71
N LEU H 385 -18.83 -15.88 35.45
CA LEU H 385 -19.15 -15.78 36.87
C LEU H 385 -17.97 -15.26 37.67
N SER H 386 -18.24 -14.36 38.60
CA SER H 386 -17.21 -13.94 39.56
C SER H 386 -16.43 -15.18 40.00
N ASP H 387 -15.09 -15.08 40.03
CA ASP H 387 -14.21 -16.21 40.42
C ASP H 387 -14.69 -16.94 41.71
N GLU H 388 -15.08 -16.14 42.70
CA GLU H 388 -15.54 -16.67 43.98
C GLU H 388 -16.98 -17.15 43.89
N ASP H 389 -17.72 -16.59 42.93
CA ASP H 389 -19.11 -16.97 42.74
C ASP H 389 -19.14 -18.27 41.96
N ARG H 390 -18.10 -18.50 41.16
CA ARG H 390 -17.99 -19.71 40.37
C ARG H 390 -17.93 -20.91 41.30
N SER H 391 -17.12 -20.78 42.35
CA SER H 391 -16.96 -21.89 43.31
C SER H 391 -18.20 -22.09 44.15
N ALA H 392 -18.92 -21.01 44.44
CA ALA H 392 -20.16 -21.17 45.17
C ALA H 392 -21.04 -22.10 44.37
N LEU H 393 -21.12 -21.86 43.07
CA LEU H 393 -21.89 -22.73 42.20
C LEU H 393 -21.28 -24.11 42.17
N ALA H 394 -19.95 -24.18 42.16
CA ALA H 394 -19.26 -25.46 42.11
C ALA H 394 -19.62 -26.31 43.33
N PHE H 395 -19.76 -25.67 44.48
CA PHE H 395 -20.12 -26.40 45.69
C PHE H 395 -21.62 -26.52 45.83
N ALA H 396 -22.36 -25.86 44.93
CA ALA H 396 -23.81 -25.96 44.95
C ALA H 396 -24.26 -27.26 44.32
N VAL H 397 -23.32 -27.98 43.71
CA VAL H 397 -23.65 -29.24 43.05
C VAL H 397 -24.21 -30.25 44.04
N VAL H 398 -23.57 -30.36 45.20
CA VAL H 398 -24.02 -31.31 46.22
C VAL H 398 -25.21 -30.76 46.99
N MET H 399 -26.36 -30.66 46.33
CA MET H 399 -27.52 -30.08 46.98
C MET H 399 -28.82 -30.73 46.54
N PRO H 400 -29.87 -30.64 47.37
CA PRO H 400 -31.16 -31.16 46.92
C PRO H 400 -31.54 -30.50 45.58
N PRO H 401 -32.11 -31.25 44.61
CA PRO H 401 -32.49 -30.69 43.32
C PRO H 401 -34.00 -30.39 43.30
N GLY H 402 -34.36 -29.15 42.97
CA GLY H 402 -35.77 -28.73 42.93
C GLY H 402 -36.47 -28.91 44.27
N VAL H 403 -35.77 -28.63 45.37
CA VAL H 403 -36.33 -28.77 46.74
C VAL H 403 -36.05 -27.47 47.51
N ASP H 404 -37.08 -26.92 48.16
CA ASP H 404 -36.92 -25.65 48.92
C ASP H 404 -36.06 -25.95 50.15
N ILE H 405 -34.83 -25.45 50.19
CA ILE H 405 -33.92 -25.77 51.28
C ILE H 405 -33.27 -24.51 51.88
N PRO H 406 -33.11 -24.48 53.22
CA PRO H 406 -32.63 -23.33 54.01
C PRO H 406 -31.23 -22.85 53.68
N VAL H 407 -30.93 -21.62 54.10
CA VAL H 407 -29.65 -20.99 53.82
C VAL H 407 -28.54 -21.68 54.60
N LYS H 408 -28.81 -21.96 55.87
CA LYS H 408 -27.83 -22.60 56.71
C LYS H 408 -27.45 -23.99 56.16
N LEU H 409 -28.45 -24.78 55.78
CA LEU H 409 -28.17 -26.07 55.18
C LEU H 409 -27.22 -25.91 53.99
N TRP H 410 -27.19 -24.72 53.40
CA TRP H 410 -26.33 -24.47 52.25
C TRP H 410 -24.97 -24.02 52.74
N SER H 411 -24.97 -23.25 53.83
CA SER H 411 -23.74 -22.73 54.44
C SER H 411 -22.72 -23.84 54.68
N CYS H 412 -23.22 -25.08 54.62
CA CYS H 412 -22.44 -26.28 54.92
C CYS H 412 -21.48 -26.66 53.78
N VAL H 413 -21.94 -26.60 52.54
CA VAL H 413 -21.06 -26.97 51.41
C VAL H 413 -20.31 -25.78 50.79
N ILE H 414 -20.88 -24.59 50.89
CA ILE H 414 -20.32 -23.42 50.24
C ILE H 414 -19.09 -22.84 50.99
N PRO H 415 -17.99 -22.57 50.25
CA PRO H 415 -16.75 -21.90 50.73
C PRO H 415 -16.90 -20.48 51.29
N VAL H 416 -15.83 -19.97 51.93
CA VAL H 416 -15.71 -18.56 52.37
C VAL H 416 -14.35 -18.28 53.02
N GLU H 424 -17.82 -15.46 62.32
CA GLU H 424 -18.70 -15.70 63.49
C GLU H 424 -20.14 -15.91 63.01
N GLN H 425 -21.14 -15.26 63.60
CA GLN H 425 -22.54 -15.42 63.06
C GLN H 425 -22.69 -14.64 61.74
N LEU H 426 -21.72 -14.79 60.82
CA LEU H 426 -21.64 -14.07 59.52
C LEU H 426 -21.98 -14.99 58.34
N ASP H 427 -22.72 -16.08 58.59
CA ASP H 427 -23.14 -17.02 57.52
C ASP H 427 -23.79 -16.29 56.34
N ASP H 428 -24.35 -15.10 56.57
CA ASP H 428 -25.02 -14.26 55.52
C ASP H 428 -24.25 -14.26 54.19
N GLU H 429 -22.92 -14.31 54.25
CA GLU H 429 -22.12 -14.38 53.03
C GLU H 429 -22.61 -15.49 52.13
N VAL H 430 -23.13 -16.56 52.71
CA VAL H 430 -23.72 -17.64 51.90
C VAL H 430 -24.90 -17.09 51.09
N ALA H 431 -25.79 -16.37 51.76
CA ALA H 431 -26.93 -15.77 51.07
C ALA H 431 -26.53 -14.81 49.93
N ASP H 432 -25.48 -14.02 50.15
CA ASP H 432 -25.03 -13.05 49.15
C ASP H 432 -24.59 -13.75 47.87
N ARG H 433 -23.92 -14.88 48.04
CA ARG H 433 -23.47 -15.66 46.90
C ARG H 433 -24.66 -16.26 46.19
N LEU H 434 -25.61 -16.79 46.96
CA LEU H 434 -26.81 -17.43 46.39
C LEU H 434 -27.75 -16.45 45.65
N LYS H 435 -27.72 -15.18 46.04
CA LYS H 435 -28.53 -14.17 45.39
C LYS H 435 -27.84 -13.74 44.10
N ARG H 436 -26.56 -13.43 44.20
CA ARG H 436 -25.82 -13.05 43.00
C ARG H 436 -25.89 -14.15 41.97
N LEU H 437 -25.63 -15.38 42.40
CA LEU H 437 -25.65 -16.52 41.49
C LEU H 437 -27.03 -16.70 40.85
N SER H 438 -28.07 -16.34 41.58
CA SER H 438 -29.44 -16.44 41.10
C SER H 438 -29.76 -15.31 40.12
N LYS H 439 -29.00 -14.21 40.19
CA LYS H 439 -29.23 -13.09 39.28
C LYS H 439 -28.19 -13.03 38.17
N ARG H 440 -27.86 -14.20 37.62
CA ARG H 440 -26.88 -14.35 36.51
C ARG H 440 -27.34 -15.53 35.65
N GLY H 441 -28.32 -15.31 34.76
CA GLY H 441 -28.88 -16.39 33.93
C GLY H 441 -29.81 -17.28 34.72
N ALA H 442 -30.34 -16.76 35.86
CA ALA H 442 -31.26 -17.48 36.76
C ALA H 442 -30.61 -18.78 37.27
N LEU H 443 -29.32 -18.73 37.59
CA LEU H 443 -28.59 -19.92 38.10
C LEU H 443 -29.20 -20.36 39.43
N LEU H 444 -29.78 -19.48 40.23
CA LEU H 444 -30.43 -19.99 41.46
C LEU H 444 -31.86 -19.45 41.55
N SER H 445 -32.67 -19.98 42.47
CA SER H 445 -34.07 -19.51 42.63
C SER H 445 -34.35 -19.25 44.11
N GLY H 446 -33.76 -18.19 44.67
CA GLY H 446 -33.97 -17.85 46.09
C GLY H 446 -35.40 -17.39 46.33
N LYS H 447 -36.00 -17.85 47.44
CA LYS H 447 -37.38 -17.44 47.81
C LYS H 447 -37.28 -16.61 49.11
N ARG H 448 -38.20 -15.67 49.32
CA ARG H 448 -38.10 -14.85 50.53
C ARG H 448 -38.85 -15.48 51.70
N MET H 449 -40.15 -15.68 51.54
CA MET H 449 -40.97 -16.27 52.60
C MET H 449 -40.92 -17.80 52.57
N PRO H 450 -41.64 -18.46 53.50
CA PRO H 450 -41.62 -18.22 54.94
C PRO H 450 -40.21 -17.93 55.46
N VAL H 451 -39.23 -18.70 55.00
CA VAL H 451 -37.84 -18.48 55.40
C VAL H 451 -36.94 -18.43 54.18
N LEU H 452 -35.90 -17.59 54.22
CA LEU H 452 -34.94 -17.44 53.10
C LEU H 452 -34.33 -18.78 52.63
N THR H 453 -34.82 -19.26 51.50
CA THR H 453 -34.40 -20.55 50.97
C THR H 453 -34.20 -20.43 49.47
N PHE H 454 -33.27 -21.20 48.93
CA PHE H 454 -33.07 -21.25 47.50
C PHE H 454 -33.37 -22.65 46.99
N LYS H 455 -33.13 -22.90 45.72
CA LYS H 455 -33.40 -24.22 45.17
C LYS H 455 -32.78 -24.38 43.78
N ILE H 456 -32.29 -25.58 43.50
CA ILE H 456 -31.70 -25.85 42.20
C ILE H 456 -32.75 -26.51 41.30
N ASP H 457 -32.52 -26.45 39.99
CA ASP H 457 -33.42 -27.04 38.99
C ASP H 457 -32.69 -28.20 38.32
N HIS H 458 -33.41 -29.28 38.01
CA HIS H 458 -32.76 -30.42 37.40
C HIS H 458 -31.82 -30.08 36.26
N ILE H 459 -32.30 -29.32 35.28
CA ILE H 459 -31.51 -28.99 34.09
C ILE H 459 -30.28 -28.27 34.60
N ILE H 460 -30.48 -27.33 35.52
CA ILE H 460 -29.38 -26.60 36.15
C ILE H 460 -28.52 -27.56 37.03
N HIS H 461 -29.08 -28.74 37.30
CA HIS H 461 -28.43 -29.73 38.17
C HIS H 461 -27.62 -30.77 37.40
N MET H 462 -28.13 -31.20 36.26
CA MET H 462 -27.43 -32.20 35.46
C MET H 462 -26.21 -31.59 34.80
N PHE H 463 -26.24 -30.28 34.57
CA PHE H 463 -25.09 -29.60 33.99
C PHE H 463 -23.95 -29.59 34.98
N LEU H 464 -24.15 -28.92 36.12
CA LEU H 464 -23.09 -28.82 37.11
C LEU H 464 -22.62 -30.19 37.56
N LYS H 465 -23.57 -31.08 37.88
CA LYS H 465 -23.22 -32.39 38.38
C LYS H 465 -22.29 -33.14 37.44
N HIS H 466 -22.64 -33.17 36.16
CA HIS H 466 -21.83 -33.93 35.20
C HIS H 466 -20.59 -33.16 34.77
N VAL H 467 -20.46 -31.92 35.25
CA VAL H 467 -19.32 -31.09 34.85
C VAL H 467 -18.33 -30.83 35.97
N VAL H 468 -18.81 -30.63 37.19
CA VAL H 468 -17.92 -30.28 38.31
C VAL H 468 -17.08 -31.44 38.82
N ASP H 469 -16.15 -31.14 39.72
CA ASP H 469 -15.27 -32.17 40.28
C ASP H 469 -15.99 -33.09 41.24
N ALA H 470 -15.82 -34.40 41.05
CA ALA H 470 -16.43 -35.37 41.95
C ALA H 470 -15.80 -35.28 43.33
N GLN H 471 -14.51 -35.05 43.39
CA GLN H 471 -13.83 -34.93 44.67
C GLN H 471 -14.44 -33.80 45.46
N THR H 472 -14.66 -32.67 44.80
CA THR H 472 -15.31 -31.55 45.46
C THR H 472 -16.66 -32.02 45.95
N ILE H 473 -17.35 -32.78 45.11
CA ILE H 473 -18.65 -33.31 45.49
C ILE H 473 -18.52 -34.11 46.77
N ALA H 474 -17.53 -34.99 46.83
CA ALA H 474 -17.31 -35.80 48.02
C ALA H 474 -16.88 -34.91 49.17
N ASN H 475 -15.84 -34.11 48.95
CA ASN H 475 -15.36 -33.22 49.99
C ASN H 475 -16.56 -32.53 50.63
N GLY H 476 -17.38 -31.93 49.79
CA GLY H 476 -18.58 -31.23 50.24
C GLY H 476 -19.48 -32.15 51.04
N ILE H 477 -19.70 -33.36 50.54
CA ILE H 477 -20.57 -34.31 51.24
C ILE H 477 -20.01 -34.73 52.58
N SER H 478 -18.69 -34.58 52.76
CA SER H 478 -18.03 -34.93 54.04
C SER H 478 -18.24 -33.78 55.05
N ILE H 479 -18.08 -32.55 54.62
CA ILE H 479 -18.24 -31.41 55.51
C ILE H 479 -19.67 -31.29 56.01
N LEU H 480 -20.64 -31.49 55.10
CA LEU H 480 -22.03 -31.37 55.49
C LEU H 480 -22.32 -32.11 56.77
N GLU H 481 -21.76 -33.30 56.90
CA GLU H 481 -22.00 -34.11 58.10
C GLU H 481 -21.48 -33.41 59.35
N GLN H 482 -20.37 -32.69 59.21
CA GLN H 482 -19.84 -31.97 60.35
C GLN H 482 -20.83 -30.93 60.82
N ARG H 483 -21.35 -30.14 59.88
CA ARG H 483 -22.33 -29.13 60.23
C ARG H 483 -23.54 -29.78 60.85
N LEU H 484 -23.90 -30.94 60.32
CA LEU H 484 -25.07 -31.65 60.82
C LEU H 484 -24.91 -32.02 62.28
N LEU H 485 -23.74 -32.57 62.62
CA LEU H 485 -23.48 -32.97 63.99
C LEU H 485 -23.41 -31.74 64.88
N GLU H 486 -22.88 -30.65 64.34
CA GLU H 486 -22.82 -29.40 65.10
C GLU H 486 -24.22 -28.96 65.47
N ILE H 487 -25.13 -29.04 64.52
CA ILE H 487 -26.52 -28.68 64.80
C ILE H 487 -27.13 -29.61 65.84
N THR H 522 -43.90 -29.89 51.24
CA THR H 522 -43.22 -28.67 50.81
C THR H 522 -43.04 -27.72 51.99
N VAL H 523 -43.44 -28.15 53.18
CA VAL H 523 -43.32 -27.34 54.37
C VAL H 523 -42.14 -27.80 55.22
N ILE H 524 -41.05 -28.16 54.55
CA ILE H 524 -39.85 -28.63 55.24
C ILE H 524 -39.39 -27.64 56.29
N ARG H 525 -39.08 -28.15 57.49
CA ARG H 525 -38.64 -27.30 58.58
C ARG H 525 -37.33 -27.81 59.18
N PRO H 526 -36.22 -27.65 58.44
CA PRO H 526 -34.90 -28.08 58.90
C PRO H 526 -34.44 -27.24 60.08
N GLU H 527 -35.25 -27.17 61.12
CA GLU H 527 -34.91 -26.40 62.31
C GLU H 527 -34.65 -27.31 63.49
N ASP H 528 -35.21 -28.51 63.45
CA ASP H 528 -35.04 -29.50 64.50
C ASP H 528 -34.72 -30.83 63.85
N PHE H 529 -34.88 -30.86 62.54
CA PHE H 529 -34.63 -32.02 61.71
C PHE H 529 -33.59 -31.80 60.60
N PRO H 530 -32.63 -30.86 60.80
CA PRO H 530 -31.59 -30.73 59.76
C PRO H 530 -30.54 -31.82 59.95
N LYS H 531 -30.37 -32.23 61.20
CA LYS H 531 -29.42 -33.28 61.55
C LYS H 531 -29.52 -34.38 60.52
N PHE H 532 -30.75 -34.59 60.05
CA PHE H 532 -31.02 -35.70 59.14
C PHE H 532 -30.93 -35.38 57.67
N MET H 533 -29.98 -36.01 57.01
CA MET H 533 -29.81 -35.87 55.55
C MET H 533 -30.47 -37.08 54.85
N GLN H 534 -31.10 -37.95 55.65
CA GLN H 534 -31.79 -39.20 55.22
C GLN H 534 -33.11 -38.91 54.49
N LEU H 535 -33.64 -37.68 54.61
CA LEU H 535 -34.91 -37.33 53.93
C LEU H 535 -34.73 -37.48 52.40
N HIS H 536 -33.58 -37.06 51.88
CA HIS H 536 -33.30 -37.19 50.42
C HIS H 536 -32.23 -38.28 50.22
N GLN H 537 -32.20 -39.29 51.10
CA GLN H 537 -31.22 -40.37 50.99
C GLN H 537 -31.35 -41.02 49.62
N LYS H 538 -32.54 -40.88 49.02
CA LYS H 538 -32.73 -41.42 47.64
C LYS H 538 -31.71 -40.72 46.74
N PHE H 539 -31.79 -39.38 46.68
CA PHE H 539 -30.84 -38.53 45.90
C PHE H 539 -29.43 -38.65 46.50
N TYR H 540 -29.36 -38.73 47.83
CA TYR H 540 -28.07 -38.77 48.58
C TYR H 540 -27.23 -39.99 48.19
N ASP H 541 -27.86 -41.16 48.00
CA ASP H 541 -27.07 -42.38 47.65
C ASP H 541 -26.35 -42.18 46.32
N SER H 542 -27.02 -41.54 45.34
CA SER H 542 -26.38 -41.30 44.02
C SER H 542 -25.18 -40.36 44.21
N LEU H 543 -24.08 -40.62 43.51
CA LEU H 543 -22.85 -39.79 43.60
C LEU H 543 -21.93 -40.11 42.42
N ARG I 112 -35.92 -24.02 -26.37
CA ARG I 112 -34.88 -24.98 -25.97
C ARG I 112 -33.42 -24.50 -26.21
N GLN I 113 -33.26 -23.21 -26.39
CA GLN I 113 -31.94 -22.66 -26.63
C GLN I 113 -31.68 -21.58 -25.58
N MET I 114 -32.77 -21.11 -24.97
CA MET I 114 -32.78 -20.17 -23.86
C MET I 114 -32.42 -20.85 -22.54
N LEU I 115 -32.88 -22.10 -22.38
CA LEU I 115 -32.52 -22.92 -21.23
C LEU I 115 -31.02 -22.96 -21.13
N ASP I 116 -30.40 -23.47 -22.19
CA ASP I 116 -28.97 -23.66 -22.21
C ASP I 116 -28.18 -22.40 -21.80
N ARG I 117 -28.58 -21.24 -22.31
CA ARG I 117 -28.12 -19.96 -21.77
C ARG I 117 -28.28 -19.87 -20.26
N LYS I 118 -29.48 -20.17 -19.77
CA LYS I 118 -29.75 -20.08 -18.33
C LYS I 118 -29.01 -21.18 -17.52
N LEU I 119 -28.95 -22.40 -18.06
CA LEU I 119 -28.21 -23.48 -17.40
C LEU I 119 -26.75 -23.11 -17.29
N LEU I 120 -26.12 -22.73 -18.39
CA LEU I 120 -24.71 -22.40 -18.37
C LEU I 120 -24.38 -21.29 -17.36
N LEU I 121 -25.21 -20.27 -17.31
CA LEU I 121 -24.90 -19.13 -16.47
C LEU I 121 -25.14 -19.40 -14.98
N GLY I 122 -26.00 -20.38 -14.71
CA GLY I 122 -26.27 -20.82 -13.36
C GLY I 122 -25.31 -21.92 -12.95
N ASN I 123 -24.29 -22.11 -13.77
CA ASN I 123 -23.22 -23.10 -13.53
C ASN I 123 -23.70 -24.51 -13.33
N VAL I 124 -24.80 -24.86 -14.01
CA VAL I 124 -25.42 -26.22 -13.89
C VAL I 124 -24.62 -27.22 -14.72
N PRO I 125 -24.14 -28.34 -14.14
CA PRO I 125 -23.39 -29.35 -14.88
C PRO I 125 -24.30 -30.05 -15.90
N LYS I 126 -23.73 -30.46 -17.04
CA LYS I 126 -24.54 -31.13 -18.10
C LYS I 126 -25.11 -32.44 -17.54
N GLN I 127 -26.38 -32.71 -17.83
CA GLN I 127 -27.07 -33.95 -17.36
C GLN I 127 -26.56 -35.17 -18.12
N MET I 128 -26.61 -36.34 -17.48
CA MET I 128 -26.16 -37.61 -18.12
C MET I 128 -27.08 -37.92 -19.31
N THR I 129 -26.54 -38.48 -20.39
CA THR I 129 -27.35 -38.76 -21.58
C THR I 129 -27.51 -40.23 -21.92
N CYS I 130 -26.43 -41.00 -21.79
CA CYS I 130 -26.38 -42.43 -22.16
C CYS I 130 -27.19 -43.38 -21.24
N TYR I 131 -27.64 -42.87 -20.11
CA TYR I 131 -28.50 -43.63 -19.19
C TYR I 131 -29.17 -42.67 -18.22
N ILE I 132 -30.50 -42.62 -18.25
CA ILE I 132 -31.24 -41.68 -17.35
C ILE I 132 -32.25 -42.46 -16.51
N ARG I 133 -32.42 -42.06 -15.25
CA ARG I 133 -33.40 -42.72 -14.35
C ARG I 133 -34.70 -41.90 -14.42
N GLU I 134 -35.70 -42.44 -15.12
CA GLU I 134 -37.02 -41.76 -15.27
C GLU I 134 -37.70 -41.62 -13.91
N TYR I 135 -37.59 -42.64 -13.07
CA TYR I 135 -38.26 -42.63 -11.75
C TYR I 135 -37.69 -41.52 -10.85
N HIS I 136 -36.38 -41.34 -10.80
CA HIS I 136 -35.88 -40.30 -9.89
C HIS I 136 -35.93 -38.92 -10.53
N VAL I 137 -35.25 -38.76 -11.66
CA VAL I 137 -35.23 -37.46 -12.32
C VAL I 137 -36.65 -36.94 -12.46
N ASP I 138 -37.58 -37.87 -12.69
CA ASP I 138 -38.99 -37.56 -12.86
C ASP I 138 -39.66 -37.32 -11.52
N ARG I 139 -38.94 -37.59 -10.44
CA ARG I 139 -39.46 -37.38 -9.10
C ARG I 139 -38.82 -36.14 -8.48
N VAL I 140 -37.73 -35.68 -9.07
CA VAL I 140 -37.04 -34.49 -8.60
C VAL I 140 -37.61 -33.28 -9.31
N ILE I 141 -38.27 -33.54 -10.44
CA ILE I 141 -38.89 -32.46 -11.21
C ILE I 141 -40.29 -32.17 -10.73
N LYS I 142 -41.02 -33.24 -10.45
CA LYS I 142 -42.36 -33.17 -9.94
C LYS I 142 -42.42 -32.35 -8.66
N LYS I 143 -41.69 -32.80 -7.65
CA LYS I 143 -41.68 -32.12 -6.37
C LYS I 143 -41.27 -30.66 -6.50
N LEU I 144 -40.43 -30.36 -7.49
CA LEU I 144 -39.98 -28.98 -7.69
C LEU I 144 -41.10 -28.13 -8.29
N ASP I 145 -41.86 -28.71 -9.20
CA ASP I 145 -42.99 -27.99 -9.76
C ASP I 145 -44.00 -27.69 -8.67
N GLU I 146 -44.20 -28.63 -7.75
CA GLU I 146 -45.23 -28.43 -6.72
C GLU I 146 -44.92 -27.23 -5.83
N MET I 147 -43.67 -26.80 -5.86
CA MET I 147 -43.24 -25.67 -5.04
C MET I 147 -42.97 -24.41 -5.83
N CYS I 148 -44.01 -23.59 -5.95
CA CYS I 148 -43.94 -22.33 -6.65
C CYS I 148 -44.40 -21.25 -5.69
N ASP I 149 -45.56 -21.51 -5.09
CA ASP I 149 -46.22 -20.58 -4.14
C ASP I 149 -45.44 -20.63 -2.83
N LEU I 150 -45.21 -21.84 -2.32
CA LEU I 150 -44.41 -21.95 -1.07
C LEU I 150 -43.03 -21.38 -1.42
N ASP I 151 -42.52 -20.50 -0.57
CA ASP I 151 -41.20 -19.85 -0.80
C ASP I 151 -40.22 -20.40 0.25
N SER I 152 -38.91 -20.24 0.04
CA SER I 152 -37.87 -20.66 1.02
C SER I 152 -37.89 -22.15 1.39
N PHE I 153 -38.00 -23.02 0.41
CA PHE I 153 -38.18 -24.45 0.70
C PHE I 153 -36.90 -25.28 0.45
N PHE I 154 -36.76 -26.41 1.16
CA PHE I 154 -35.62 -27.32 0.97
C PHE I 154 -36.00 -28.62 0.31
N LEU I 155 -35.32 -28.96 -0.76
CA LEU I 155 -35.48 -30.28 -1.33
C LEU I 155 -34.19 -31.08 -1.15
N PHE I 156 -34.27 -32.19 -0.42
CA PHE I 156 -33.10 -32.99 -0.10
C PHE I 156 -32.96 -34.23 -0.94
N LEU I 157 -32.09 -34.15 -1.93
CA LEU I 157 -31.78 -35.29 -2.76
C LEU I 157 -30.61 -36.01 -2.13
N HIS I 158 -30.90 -36.63 -0.98
CA HIS I 158 -29.90 -37.31 -0.11
C HIS I 158 -29.87 -38.82 -0.39
N GLY I 159 -28.65 -39.37 -0.40
CA GLY I 159 -28.39 -40.81 -0.63
C GLY I 159 -26.99 -41.16 -0.16
N ARG I 160 -26.63 -42.45 -0.19
CA ARG I 160 -25.26 -42.87 0.20
C ARG I 160 -24.26 -42.23 -0.77
N ALA I 161 -23.09 -41.83 -0.28
CA ALA I 161 -22.12 -41.13 -1.15
C ALA I 161 -21.76 -42.01 -2.36
N GLY I 162 -21.75 -41.41 -3.55
CA GLY I 162 -21.45 -42.12 -4.81
C GLY I 162 -22.68 -42.74 -5.45
N SER I 163 -23.87 -42.54 -4.86
CA SER I 163 -25.11 -43.11 -5.47
C SER I 163 -25.35 -42.46 -6.83
N GLY I 164 -25.14 -41.15 -6.93
CA GLY I 164 -25.33 -40.41 -8.19
C GLY I 164 -26.30 -39.25 -8.04
N LYS I 165 -26.57 -38.84 -6.79
CA LYS I 165 -27.48 -37.70 -6.53
C LYS I 165 -27.23 -36.48 -7.43
N SER I 166 -25.98 -36.06 -7.55
CA SER I 166 -25.63 -34.82 -8.23
C SER I 166 -25.99 -34.93 -9.70
N VAL I 167 -25.79 -36.10 -10.30
CA VAL I 167 -26.11 -36.31 -11.72
C VAL I 167 -27.61 -36.11 -12.04
N ILE I 168 -28.46 -36.65 -11.18
CA ILE I 168 -29.90 -36.47 -11.24
C ILE I 168 -30.36 -35.00 -11.19
N ALA I 169 -29.64 -34.14 -10.47
CA ALA I 169 -30.05 -32.75 -10.41
C ALA I 169 -29.67 -32.12 -11.75
N SER I 170 -28.59 -32.59 -12.36
CA SER I 170 -28.23 -32.06 -13.66
C SER I 170 -29.28 -32.42 -14.69
N GLN I 171 -29.89 -33.58 -14.53
CA GLN I 171 -30.88 -34.08 -15.50
C GLN I 171 -32.27 -33.53 -15.24
N ALA I 172 -32.64 -33.41 -13.96
CA ALA I 172 -33.93 -32.90 -13.55
C ALA I 172 -34.09 -31.43 -13.91
N LEU I 173 -32.97 -30.71 -14.01
CA LEU I 173 -33.01 -29.34 -14.49
C LEU I 173 -32.66 -29.22 -15.98
N SER I 174 -32.57 -30.36 -16.67
CA SER I 174 -32.14 -30.33 -18.06
C SER I 174 -33.13 -31.03 -19.03
N LYS I 175 -34.03 -31.84 -18.46
CA LYS I 175 -35.05 -32.55 -19.27
C LYS I 175 -36.15 -31.56 -19.67
N SER I 176 -37.15 -31.38 -18.80
CA SER I 176 -38.28 -30.44 -19.06
C SER I 176 -37.78 -28.99 -19.06
N ASP I 177 -38.36 -28.15 -19.92
CA ASP I 177 -37.96 -26.71 -20.01
C ASP I 177 -38.80 -25.91 -19.01
N GLN I 178 -39.82 -26.54 -18.43
CA GLN I 178 -40.70 -25.91 -17.44
C GLN I 178 -39.97 -25.38 -16.22
N LEU I 179 -39.15 -26.21 -15.61
CA LEU I 179 -38.46 -25.84 -14.39
C LEU I 179 -37.74 -24.48 -14.50
N ILE I 180 -37.05 -24.28 -15.61
CA ILE I 180 -36.40 -23.01 -15.90
C ILE I 180 -37.13 -22.20 -17.00
N GLY I 181 -37.78 -21.10 -16.61
CA GLY I 181 -38.55 -20.27 -17.52
C GLY I 181 -40.02 -20.20 -17.11
N ILE I 182 -40.60 -21.38 -16.91
CA ILE I 182 -42.00 -21.54 -16.53
C ILE I 182 -42.21 -21.50 -15.00
N ASN I 183 -41.52 -22.39 -14.27
CA ASN I 183 -41.65 -22.50 -12.81
C ASN I 183 -40.70 -21.61 -12.01
N TYR I 184 -39.46 -21.52 -12.48
CA TYR I 184 -38.44 -20.64 -11.88
C TYR I 184 -37.76 -19.86 -12.99
N ASP I 185 -37.46 -18.58 -12.73
CA ASP I 185 -36.88 -17.69 -13.74
C ASP I 185 -35.42 -17.97 -14.01
N SER I 186 -34.63 -18.16 -12.97
CA SER I 186 -33.18 -18.41 -13.09
C SER I 186 -32.70 -19.58 -12.25
N ILE I 187 -31.47 -20.02 -12.53
CA ILE I 187 -30.81 -21.09 -11.76
C ILE I 187 -29.42 -20.69 -11.20
N VAL I 188 -29.17 -21.03 -9.94
CA VAL I 188 -27.84 -20.90 -9.33
C VAL I 188 -27.40 -22.23 -8.70
N TRP I 189 -26.42 -22.89 -9.31
CA TRP I 189 -25.95 -24.18 -8.86
C TRP I 189 -24.52 -24.03 -8.41
N LEU I 190 -24.33 -24.26 -7.11
CA LEU I 190 -23.07 -24.07 -6.40
C LEU I 190 -22.72 -25.35 -5.66
N LYS I 191 -21.47 -25.81 -5.82
CA LYS I 191 -20.97 -26.96 -5.07
C LYS I 191 -20.41 -26.50 -3.74
N ASP I 192 -20.85 -27.15 -2.66
CA ASP I 192 -20.46 -26.77 -1.30
C ASP I 192 -19.18 -27.50 -0.91
N SER I 193 -19.32 -28.66 -0.26
CA SER I 193 -18.19 -29.49 0.15
C SER I 193 -17.37 -28.83 1.26
N GLY I 194 -18.03 -27.95 2.02
CA GLY I 194 -17.39 -27.17 3.07
C GLY I 194 -17.21 -27.90 4.39
N THR I 195 -16.01 -27.79 4.94
CA THR I 195 -15.62 -28.49 6.16
C THR I 195 -15.14 -27.51 7.23
N ALA I 196 -14.35 -26.54 6.79
CA ALA I 196 -13.90 -25.45 7.66
C ALA I 196 -15.10 -24.66 8.13
N PRO I 197 -14.92 -23.79 9.15
CA PRO I 197 -16.00 -22.93 9.64
C PRO I 197 -16.17 -21.64 8.80
N LYS I 198 -15.12 -21.31 8.05
CA LYS I 198 -15.13 -20.21 7.10
C LYS I 198 -15.84 -20.61 5.81
N SER I 199 -16.08 -21.91 5.64
CA SER I 199 -16.63 -22.41 4.37
C SER I 199 -18.09 -21.96 4.15
N THR I 200 -18.87 -21.93 5.23
CA THR I 200 -20.29 -21.60 5.12
C THR I 200 -20.46 -20.12 4.78
N PHE I 201 -19.39 -19.35 4.97
CA PHE I 201 -19.40 -17.93 4.66
C PHE I 201 -18.86 -17.74 3.26
N ASP I 202 -17.85 -18.53 2.94
CA ASP I 202 -17.21 -18.45 1.62
C ASP I 202 -18.19 -18.87 0.53
N LEU I 203 -19.06 -19.82 0.83
CA LEU I 203 -20.01 -20.25 -0.19
C LEU I 203 -20.86 -19.07 -0.65
N PHE I 204 -21.33 -18.28 0.31
CA PHE I 204 -22.18 -17.14 0.00
C PHE I 204 -21.49 -15.99 -0.71
N THR I 205 -20.17 -15.91 -0.60
CA THR I 205 -19.41 -14.88 -1.32
C THR I 205 -19.42 -15.27 -2.80
N ASP I 206 -19.35 -16.57 -3.05
CA ASP I 206 -19.42 -17.12 -4.40
C ASP I 206 -20.85 -17.11 -4.92
N ILE I 207 -21.82 -16.92 -4.02
CA ILE I 207 -23.22 -16.86 -4.38
C ILE I 207 -23.68 -15.40 -4.48
N LEU I 208 -22.79 -14.48 -4.17
CA LEU I 208 -23.09 -13.06 -4.24
C LEU I 208 -22.71 -12.58 -5.62
N LEU I 209 -21.53 -12.99 -6.07
CA LEU I 209 -21.04 -12.63 -7.40
C LEU I 209 -21.81 -13.37 -8.48
N MET I 210 -22.29 -14.57 -8.15
CA MET I 210 -23.09 -15.35 -9.08
C MET I 210 -24.28 -14.48 -9.38
N LEU I 211 -25.00 -14.09 -8.32
CA LEU I 211 -26.20 -13.28 -8.42
C LEU I 211 -25.96 -11.90 -9.02
N LYS I 212 -24.72 -11.43 -8.96
CA LYS I 212 -24.40 -10.10 -9.48
C LYS I 212 -24.41 -10.02 -11.01
N SER I 213 -24.39 -8.80 -11.49
CA SER I 213 -24.41 -8.51 -12.92
C SER I 213 -23.04 -8.70 -13.54
N GLU I 214 -23.03 -8.94 -14.85
CA GLU I 214 -21.79 -9.10 -15.59
C GLU I 214 -20.99 -7.81 -15.42
N ASP I 215 -21.70 -6.69 -15.44
CA ASP I 215 -21.14 -5.42 -15.03
C ASP I 215 -20.90 -5.49 -13.53
N ASP I 216 -19.87 -4.79 -13.07
CA ASP I 216 -19.51 -4.78 -11.65
C ASP I 216 -19.21 -6.18 -11.15
N LEU I 217 -18.38 -6.89 -11.91
CA LEU I 217 -17.56 -7.98 -11.39
C LEU I 217 -16.17 -7.37 -11.34
N LEU I 218 -15.99 -6.30 -12.12
CA LEU I 218 -14.80 -5.47 -12.06
C LEU I 218 -14.72 -4.76 -10.71
N ASN I 219 -15.84 -4.12 -10.35
CA ASN I 219 -15.94 -3.43 -9.07
C ASN I 219 -15.99 -4.35 -7.85
N PHE I 220 -15.98 -5.67 -8.11
CA PHE I 220 -15.96 -6.72 -7.05
C PHE I 220 -14.80 -6.38 -6.09
N PRO I 221 -15.12 -5.84 -4.89
CA PRO I 221 -14.12 -5.32 -3.96
C PRO I 221 -13.62 -6.41 -3.00
N SER I 222 -12.98 -6.00 -1.90
CA SER I 222 -12.55 -6.98 -0.91
C SER I 222 -13.74 -7.41 -0.07
N VAL I 223 -14.50 -8.38 -0.57
CA VAL I 223 -15.66 -8.85 0.17
C VAL I 223 -15.23 -9.45 1.49
N GLU I 224 -13.94 -9.70 1.65
CA GLU I 224 -13.42 -10.24 2.91
C GLU I 224 -13.80 -9.32 4.06
N HIS I 225 -13.67 -8.02 3.84
CA HIS I 225 -14.03 -7.05 4.88
C HIS I 225 -15.51 -7.19 5.22
N VAL I 226 -16.33 -7.43 4.20
CA VAL I 226 -17.76 -7.57 4.42
C VAL I 226 -18.02 -8.62 5.50
N THR I 227 -18.80 -8.25 6.51
CA THR I 227 -19.11 -9.19 7.59
C THR I 227 -20.33 -10.03 7.24
N SER I 228 -20.61 -11.02 8.07
CA SER I 228 -21.77 -11.88 7.84
C SER I 228 -23.03 -11.04 7.72
N VAL I 229 -23.35 -10.32 8.78
CA VAL I 229 -24.57 -9.44 8.76
C VAL I 229 -24.52 -8.57 7.50
N VAL I 230 -23.36 -8.46 6.84
CA VAL I 230 -23.30 -7.64 5.64
C VAL I 230 -23.41 -8.54 4.42
N LEU I 231 -22.69 -9.65 4.38
CA LEU I 231 -22.79 -10.52 3.21
C LEU I 231 -24.23 -10.99 3.08
N LYS I 232 -24.85 -11.32 4.21
CA LYS I 232 -26.23 -11.78 4.23
C LYS I 232 -27.20 -10.66 3.80
N ARG I 233 -27.04 -9.47 4.38
CA ARG I 233 -27.89 -8.34 4.01
C ARG I 233 -27.59 -7.92 2.59
N MET I 234 -26.31 -7.88 2.24
CA MET I 234 -25.87 -7.57 0.89
C MET I 234 -26.44 -8.51 -0.19
N ILE I 235 -26.66 -9.78 0.17
CA ILE I 235 -27.25 -10.76 -0.74
C ILE I 235 -28.74 -10.57 -0.90
N CYS I 236 -29.45 -10.51 0.21
CA CYS I 236 -30.90 -10.32 0.19
C CYS I 236 -31.25 -8.89 -0.21
N ASN I 237 -30.24 -8.10 -0.55
CA ASN I 237 -30.46 -6.73 -0.98
C ASN I 237 -30.42 -6.66 -2.50
N ALA I 238 -29.69 -7.59 -3.10
CA ALA I 238 -29.56 -7.68 -4.55
C ALA I 238 -30.45 -8.81 -5.07
N LEU I 239 -30.95 -9.64 -4.16
CA LEU I 239 -31.81 -10.75 -4.51
C LEU I 239 -33.16 -10.27 -5.02
N ILE I 240 -33.37 -8.96 -4.98
CA ILE I 240 -34.63 -8.39 -5.46
C ILE I 240 -34.76 -8.64 -6.95
N ASP I 241 -33.69 -8.30 -7.68
CA ASP I 241 -33.63 -8.40 -9.13
C ASP I 241 -33.75 -9.84 -9.59
N ARG I 242 -33.98 -10.73 -8.64
CA ARG I 242 -34.06 -12.15 -8.96
C ARG I 242 -35.38 -12.76 -8.48
N PRO I 243 -36.42 -12.62 -9.30
CA PRO I 243 -37.72 -13.27 -9.13
C PRO I 243 -37.54 -14.76 -9.29
N ASN I 244 -38.36 -15.54 -8.56
CA ASN I 244 -38.41 -17.03 -8.54
C ASN I 244 -37.02 -17.64 -8.76
N THR I 245 -36.14 -17.55 -7.75
CA THR I 245 -34.75 -18.07 -7.90
C THR I 245 -34.60 -19.45 -7.27
N LEU I 246 -34.05 -20.39 -8.03
CA LEU I 246 -33.81 -21.72 -7.53
C LEU I 246 -32.30 -21.87 -7.40
N PHE I 247 -31.84 -22.15 -6.20
CA PHE I 247 -30.41 -22.35 -5.92
C PHE I 247 -30.13 -23.83 -5.71
N VAL I 248 -29.13 -24.39 -6.40
CA VAL I 248 -28.79 -25.79 -6.22
C VAL I 248 -27.50 -25.87 -5.41
N PHE I 249 -27.50 -26.62 -4.33
CA PHE I 249 -26.35 -26.65 -3.45
C PHE I 249 -25.74 -28.04 -3.49
N ASP I 250 -24.97 -28.29 -4.53
CA ASP I 250 -24.47 -29.61 -4.75
C ASP I 250 -23.46 -29.86 -3.65
N ASP I 251 -23.70 -30.92 -2.88
CA ASP I 251 -22.81 -31.48 -1.84
C ASP I 251 -22.67 -30.69 -0.54
N VAL I 252 -23.75 -30.59 0.22
CA VAL I 252 -23.66 -29.97 1.51
C VAL I 252 -23.24 -31.01 2.51
N VAL I 253 -22.23 -30.65 3.32
CA VAL I 253 -21.81 -31.45 4.46
C VAL I 253 -22.16 -30.79 5.78
N GLN I 254 -21.99 -29.47 5.87
CA GLN I 254 -22.29 -28.72 7.09
C GLN I 254 -23.71 -28.15 7.21
N GLU I 255 -24.31 -28.38 8.37
CA GLU I 255 -25.64 -27.87 8.66
C GLU I 255 -25.63 -26.35 8.76
N GLU I 256 -24.41 -25.78 8.78
CA GLU I 256 -24.20 -24.32 8.89
C GLU I 256 -24.75 -23.62 7.64
N THR I 257 -24.55 -24.23 6.47
CA THR I 257 -25.06 -23.64 5.20
C THR I 257 -26.58 -23.57 5.25
N ILE I 258 -27.23 -24.62 5.79
CA ILE I 258 -28.70 -24.67 5.91
C ILE I 258 -29.15 -23.55 6.86
N ARG I 259 -28.40 -23.35 7.94
CA ARG I 259 -28.71 -22.29 8.94
C ARG I 259 -28.73 -20.92 8.24
N TRP I 260 -27.75 -20.67 7.36
CA TRP I 260 -27.71 -19.38 6.67
C TRP I 260 -28.82 -19.27 5.64
N ALA I 261 -28.92 -20.30 4.79
CA ALA I 261 -29.93 -20.34 3.73
C ALA I 261 -31.33 -20.06 4.23
N GLN I 262 -31.72 -20.70 5.33
CA GLN I 262 -33.05 -20.47 5.88
C GLN I 262 -33.17 -19.03 6.37
N GLU I 263 -32.05 -18.41 6.70
CA GLU I 263 -32.07 -17.02 7.14
C GLU I 263 -32.17 -16.14 5.92
N LEU I 264 -31.78 -16.69 4.78
CA LEU I 264 -31.82 -16.00 3.49
C LEU I 264 -33.09 -16.33 2.71
N ARG I 265 -34.04 -16.96 3.38
CA ARG I 265 -35.29 -17.33 2.75
C ARG I 265 -35.08 -17.76 1.30
N LEU I 266 -34.22 -18.75 1.09
CA LEU I 266 -33.94 -19.26 -0.25
C LEU I 266 -34.75 -20.46 -0.68
N ARG I 267 -34.81 -20.66 -1.98
CA ARG I 267 -35.43 -21.82 -2.58
C ARG I 267 -34.29 -22.76 -2.98
N CYS I 268 -34.18 -23.92 -2.31
CA CYS I 268 -33.00 -24.80 -2.45
C CYS I 268 -33.25 -26.26 -2.88
N LEU I 269 -32.57 -26.68 -3.92
CA LEU I 269 -32.35 -28.09 -4.17
C LEU I 269 -31.06 -28.38 -3.41
N VAL I 270 -30.97 -29.55 -2.79
CA VAL I 270 -29.79 -29.91 -2.00
C VAL I 270 -29.36 -31.36 -2.20
N THR I 271 -28.12 -31.54 -2.62
CA THR I 271 -27.52 -32.85 -2.79
C THR I 271 -26.58 -33.04 -1.59
N THR I 272 -26.77 -34.11 -0.83
CA THR I 272 -25.99 -34.38 0.38
C THR I 272 -25.94 -35.88 0.65
N ARG I 273 -25.04 -36.30 1.53
CA ARG I 273 -24.97 -37.70 1.92
C ARG I 273 -25.57 -37.88 3.30
N ASP I 274 -25.27 -36.94 4.20
CA ASP I 274 -25.81 -37.01 5.55
C ASP I 274 -27.14 -36.26 5.62
N VAL I 275 -28.21 -36.96 5.95
CA VAL I 275 -29.52 -36.33 6.03
C VAL I 275 -29.80 -35.92 7.47
N GLU I 276 -28.73 -35.75 8.24
CA GLU I 276 -28.84 -35.36 9.64
C GLU I 276 -28.71 -33.87 9.85
N ILE I 277 -28.85 -33.10 8.76
CA ILE I 277 -28.84 -31.61 8.81
C ILE I 277 -30.27 -31.10 8.62
N SER I 278 -31.23 -32.02 8.46
CA SER I 278 -32.67 -31.71 8.25
C SER I 278 -33.23 -30.98 9.47
N ASN I 279 -32.78 -31.34 10.67
CA ASN I 279 -33.25 -30.73 11.94
C ASN I 279 -32.94 -29.22 11.93
N ALA I 280 -31.78 -28.83 11.40
CA ALA I 280 -31.39 -27.39 11.33
C ALA I 280 -32.56 -26.54 10.81
N ALA I 281 -33.17 -26.93 9.68
CA ALA I 281 -34.29 -26.16 9.16
C ALA I 281 -35.61 -26.49 9.84
N SER I 282 -36.19 -25.47 10.46
CA SER I 282 -37.50 -25.56 11.18
C SER I 282 -38.60 -25.03 10.24
N GLN I 283 -38.52 -25.38 8.96
CA GLN I 283 -39.54 -25.00 7.99
C GLN I 283 -39.91 -26.26 7.23
N THR I 284 -40.91 -26.19 6.35
CA THR I 284 -41.37 -27.42 5.63
C THR I 284 -40.22 -27.93 4.75
N CYS I 285 -39.96 -29.24 4.81
CA CYS I 285 -38.87 -29.88 4.04
C CYS I 285 -39.45 -31.10 3.31
N GLU I 286 -38.75 -31.61 2.29
CA GLU I 286 -39.29 -32.73 1.54
C GLU I 286 -38.08 -33.48 1.04
N PHE I 287 -38.19 -34.80 0.90
CA PHE I 287 -37.01 -35.64 0.69
C PHE I 287 -37.14 -36.63 -0.43
N ILE I 288 -36.02 -36.90 -1.11
CA ILE I 288 -35.94 -37.95 -2.14
C ILE I 288 -34.63 -38.73 -2.02
N GLU I 289 -34.72 -40.01 -1.70
CA GLU I 289 -33.51 -40.80 -1.42
C GLU I 289 -32.97 -41.54 -2.65
N VAL I 290 -31.70 -41.35 -2.95
CA VAL I 290 -31.13 -42.05 -4.10
C VAL I 290 -30.66 -43.42 -3.63
N THR I 291 -31.50 -44.43 -3.83
CA THR I 291 -31.22 -45.78 -3.41
C THR I 291 -30.15 -46.49 -4.23
N SER I 292 -29.73 -47.66 -3.78
CA SER I 292 -28.81 -48.46 -4.58
C SER I 292 -29.56 -48.89 -5.84
N LEU I 293 -28.87 -48.95 -6.98
CA LEU I 293 -29.50 -49.35 -8.22
C LEU I 293 -30.12 -50.75 -8.17
N GLU I 294 -31.44 -50.81 -8.33
CA GLU I 294 -32.16 -52.10 -8.38
C GLU I 294 -31.56 -53.05 -9.39
N ILE I 295 -31.75 -54.35 -9.18
CA ILE I 295 -31.19 -55.37 -10.07
C ILE I 295 -31.58 -55.19 -11.53
N ASP I 296 -32.88 -55.07 -11.79
CA ASP I 296 -33.36 -54.89 -13.15
C ASP I 296 -32.73 -53.67 -13.79
N GLU I 297 -32.72 -52.56 -13.06
CA GLU I 297 -32.14 -51.33 -13.56
C GLU I 297 -30.70 -51.53 -14.00
N CYS I 298 -29.84 -51.93 -13.06
CA CYS I 298 -28.44 -52.14 -13.37
C CYS I 298 -28.30 -52.64 -14.81
N TYR I 299 -28.87 -53.80 -15.10
CA TYR I 299 -28.78 -54.35 -16.44
C TYR I 299 -28.84 -53.22 -17.46
N ASP I 300 -29.90 -52.42 -17.41
CA ASP I 300 -30.07 -51.33 -18.34
C ASP I 300 -28.84 -50.42 -18.37
N PHE I 301 -28.33 -50.08 -17.18
CA PHE I 301 -27.14 -49.24 -17.09
C PHE I 301 -26.04 -49.81 -17.95
N LEU I 302 -25.60 -51.02 -17.63
CA LEU I 302 -24.51 -51.67 -18.41
C LEU I 302 -24.93 -51.79 -19.88
N GLU I 303 -26.20 -52.13 -20.12
CA GLU I 303 -26.71 -52.29 -21.51
C GLU I 303 -26.62 -50.95 -22.24
N ALA I 304 -26.97 -49.85 -21.57
CA ALA I 304 -26.90 -48.50 -22.17
C ALA I 304 -25.44 -48.17 -22.52
N TYR I 305 -24.53 -48.54 -21.60
CA TYR I 305 -23.07 -48.31 -21.78
C TYR I 305 -22.56 -49.12 -22.98
N GLY I 306 -23.10 -50.34 -23.16
CA GLY I 306 -22.69 -51.22 -24.27
C GLY I 306 -21.67 -52.26 -23.82
N MET I 307 -22.16 -53.38 -23.29
CA MET I 307 -21.29 -54.48 -22.88
C MET I 307 -21.93 -55.80 -23.29
N PRO I 308 -21.16 -56.90 -23.31
CA PRO I 308 -21.71 -58.19 -23.77
C PRO I 308 -22.97 -58.56 -22.98
N MET I 309 -24.05 -58.89 -23.71
CA MET I 309 -25.37 -59.20 -23.10
C MET I 309 -25.35 -60.58 -22.43
N PRO I 310 -26.31 -60.86 -21.51
CA PRO I 310 -26.38 -62.16 -20.81
C PRO I 310 -26.98 -63.26 -21.70
N VAL I 311 -26.33 -64.42 -21.76
CA VAL I 311 -26.86 -65.55 -22.60
C VAL I 311 -26.71 -66.90 -21.87
N GLY I 312 -25.48 -67.36 -21.67
CA GLY I 312 -25.19 -68.67 -21.03
C GLY I 312 -25.58 -68.73 -19.56
N GLU I 313 -26.03 -69.89 -19.08
CA GLU I 313 -26.43 -69.99 -17.66
C GLU I 313 -25.22 -69.70 -16.75
N LYS I 314 -24.06 -70.27 -17.08
CA LYS I 314 -22.83 -70.06 -16.29
C LYS I 314 -22.41 -68.59 -16.37
N GLU I 315 -22.45 -68.01 -17.59
CA GLU I 315 -22.08 -66.59 -17.81
C GLU I 315 -23.08 -65.68 -17.08
N GLU I 316 -24.36 -66.08 -17.05
CA GLU I 316 -25.42 -65.29 -16.37
C GLU I 316 -25.08 -65.20 -14.88
N ASP I 317 -24.61 -66.30 -14.30
CA ASP I 317 -24.25 -66.34 -12.85
C ASP I 317 -22.96 -65.53 -12.63
N VAL I 318 -22.19 -65.25 -13.68
CA VAL I 318 -20.96 -64.48 -13.44
C VAL I 318 -21.23 -62.99 -13.48
N LEU I 319 -22.17 -62.57 -14.31
CA LEU I 319 -22.54 -61.17 -14.42
C LEU I 319 -23.25 -60.73 -13.15
N ASN I 320 -24.02 -61.63 -12.54
CA ASN I 320 -24.80 -61.26 -11.32
C ASN I 320 -23.83 -60.86 -10.20
N LYS I 321 -22.64 -61.45 -10.18
CA LYS I 321 -21.65 -61.16 -9.10
C LYS I 321 -21.43 -59.64 -8.98
N THR I 322 -21.07 -58.99 -10.09
CA THR I 322 -20.78 -57.53 -10.05
C THR I 322 -21.93 -56.80 -9.34
N ILE I 323 -23.17 -57.03 -9.80
CA ILE I 323 -24.35 -56.35 -9.19
C ILE I 323 -24.32 -56.52 -7.68
N GLU I 324 -23.57 -57.52 -7.20
CA GLU I 324 -23.48 -57.81 -5.74
C GLU I 324 -22.21 -57.16 -5.18
N LEU I 325 -21.03 -57.44 -5.74
CA LEU I 325 -19.84 -56.77 -5.24
C LEU I 325 -20.09 -55.28 -5.14
N SER I 326 -21.05 -54.78 -5.91
CA SER I 326 -21.39 -53.36 -5.84
C SER I 326 -22.88 -53.19 -5.63
N SER I 327 -23.27 -52.72 -4.45
CA SER I 327 -24.69 -52.55 -4.14
C SER I 327 -25.24 -51.28 -4.75
N GLY I 328 -25.56 -51.32 -6.04
CA GLY I 328 -26.14 -50.17 -6.70
C GLY I 328 -25.40 -48.88 -6.54
N ASN I 329 -24.12 -48.86 -6.89
CA ASN I 329 -23.34 -47.63 -6.83
C ASN I 329 -22.80 -47.31 -8.21
N PRO I 330 -23.51 -46.45 -8.96
CA PRO I 330 -23.08 -46.13 -10.32
C PRO I 330 -21.65 -45.67 -10.36
N ALA I 331 -21.24 -44.87 -9.38
CA ALA I 331 -19.88 -44.36 -9.37
C ALA I 331 -18.91 -45.53 -9.42
N THR I 332 -19.13 -46.54 -8.58
CA THR I 332 -18.28 -47.72 -8.62
C THR I 332 -18.53 -48.47 -9.92
N LEU I 333 -19.79 -48.64 -10.28
CA LEU I 333 -20.13 -49.35 -11.50
C LEU I 333 -19.38 -48.76 -12.68
N MET I 334 -19.19 -47.45 -12.66
CA MET I 334 -18.55 -46.77 -13.78
C MET I 334 -17.07 -47.12 -13.75
N MET I 335 -16.47 -46.97 -12.57
CA MET I 335 -15.05 -47.26 -12.37
C MET I 335 -14.68 -48.68 -12.75
N PHE I 336 -15.67 -49.57 -12.60
CA PHE I 336 -15.55 -51.01 -12.94
C PHE I 336 -15.90 -51.16 -14.44
N PHE I 337 -16.91 -50.41 -14.87
CA PHE I 337 -17.32 -50.39 -16.31
C PHE I 337 -16.17 -49.79 -17.12
N LYS I 338 -15.53 -48.75 -16.57
CA LYS I 338 -14.36 -48.11 -17.22
C LYS I 338 -13.20 -49.12 -17.24
N SER I 339 -13.06 -49.90 -16.16
CA SER I 339 -11.94 -50.87 -16.02
C SER I 339 -12.27 -52.28 -16.52
N CYS I 340 -12.98 -52.41 -17.66
CA CYS I 340 -13.25 -53.74 -18.23
C CYS I 340 -13.02 -53.51 -19.72
N GLU I 341 -12.15 -52.57 -20.07
CA GLU I 341 -11.92 -52.23 -21.48
C GLU I 341 -12.02 -53.43 -22.43
N PRO I 342 -11.25 -54.50 -22.17
CA PRO I 342 -11.38 -55.67 -23.04
C PRO I 342 -12.86 -55.97 -23.34
N LYS I 343 -13.77 -55.38 -22.55
CA LYS I 343 -15.22 -55.64 -22.73
C LYS I 343 -15.39 -57.15 -22.87
N THR I 344 -14.39 -57.90 -22.43
CA THR I 344 -14.48 -59.39 -22.49
C THR I 344 -15.01 -59.93 -21.16
N PHE I 345 -16.00 -60.83 -21.22
CA PHE I 345 -16.50 -61.44 -20.01
C PHE I 345 -15.33 -62.10 -19.30
N GLU I 346 -14.51 -62.79 -20.08
CA GLU I 346 -13.33 -63.45 -19.55
C GLU I 346 -12.47 -62.46 -18.77
N LYS I 347 -12.61 -61.17 -19.08
CA LYS I 347 -11.83 -60.15 -18.38
C LYS I 347 -12.63 -59.53 -17.23
N MET I 348 -13.94 -59.74 -17.24
CA MET I 348 -14.74 -59.26 -16.13
C MET I 348 -14.50 -60.22 -14.98
N ALA I 349 -14.40 -61.51 -15.31
CA ALA I 349 -14.16 -62.51 -14.28
C ALA I 349 -12.75 -62.40 -13.72
N GLN I 350 -11.81 -61.99 -14.56
CA GLN I 350 -10.43 -61.83 -14.12
C GLN I 350 -10.43 -60.82 -12.98
N LEU I 351 -11.40 -59.92 -13.01
CA LEU I 351 -11.42 -58.84 -12.01
C LEU I 351 -12.37 -59.03 -10.84
N ASN I 352 -13.36 -59.91 -10.97
CA ASN I 352 -14.32 -60.07 -9.89
C ASN I 352 -13.60 -60.34 -8.58
N ASN I 353 -12.74 -61.35 -8.57
CA ASN I 353 -11.97 -61.66 -7.38
C ASN I 353 -11.00 -60.53 -7.10
N LYS I 354 -10.41 -59.98 -8.15
CA LYS I 354 -9.49 -58.87 -7.99
C LYS I 354 -10.15 -57.78 -7.16
N LEU I 355 -11.41 -57.49 -7.48
CA LEU I 355 -12.13 -56.45 -6.76
C LEU I 355 -12.25 -56.77 -5.29
N GLU I 356 -12.78 -57.95 -4.98
CA GLU I 356 -12.97 -58.31 -3.58
C GLU I 356 -11.63 -58.38 -2.86
N SER I 357 -10.61 -58.89 -3.54
CA SER I 357 -9.29 -59.02 -2.94
C SER I 357 -8.62 -57.67 -2.72
N ARG I 358 -8.70 -56.80 -3.72
CA ARG I 358 -8.06 -55.49 -3.63
C ARG I 358 -9.06 -54.39 -3.28
N GLY I 359 -10.28 -54.77 -2.92
CA GLY I 359 -11.27 -53.79 -2.51
C GLY I 359 -11.61 -52.81 -3.61
N LEU I 360 -12.14 -51.65 -3.23
CA LEU I 360 -12.51 -50.64 -4.21
C LEU I 360 -11.32 -50.27 -5.09
N VAL I 361 -10.12 -50.36 -4.52
CA VAL I 361 -8.92 -50.00 -5.27
C VAL I 361 -8.84 -50.80 -6.55
N GLY I 362 -9.18 -52.07 -6.49
CA GLY I 362 -9.13 -52.91 -7.67
C GLY I 362 -9.96 -52.31 -8.79
N VAL I 363 -11.06 -51.67 -8.44
CA VAL I 363 -11.95 -51.08 -9.45
C VAL I 363 -11.62 -49.62 -9.72
N GLU I 364 -11.04 -48.92 -8.74
CA GLU I 364 -10.75 -47.50 -8.91
C GLU I 364 -10.08 -47.16 -10.23
N CYS I 365 -10.45 -46.02 -10.84
CA CYS I 365 -9.82 -45.58 -12.11
C CYS I 365 -10.39 -44.20 -12.50
N ILE I 366 -9.75 -43.53 -13.46
CA ILE I 366 -10.21 -42.19 -13.95
C ILE I 366 -11.69 -42.27 -14.34
N THR I 367 -12.49 -41.27 -13.94
CA THR I 367 -13.92 -41.30 -14.20
C THR I 367 -14.50 -39.88 -14.10
N PRO I 368 -15.62 -39.62 -14.78
CA PRO I 368 -16.37 -38.37 -14.55
C PRO I 368 -16.53 -38.00 -13.05
N TYR I 369 -16.38 -38.95 -12.15
CA TYR I 369 -16.30 -38.67 -10.70
C TYR I 369 -15.02 -37.89 -10.34
N SER I 370 -15.12 -36.93 -9.44
CA SER I 370 -13.94 -36.18 -9.03
C SER I 370 -12.94 -37.12 -8.39
N TYR I 371 -13.39 -38.34 -8.12
CA TYR I 371 -12.66 -39.32 -7.33
C TYR I 371 -12.17 -40.55 -8.10
N LYS I 372 -10.88 -40.86 -7.94
CA LYS I 372 -10.30 -42.04 -8.64
C LYS I 372 -10.75 -43.32 -7.90
N SER I 373 -10.94 -43.21 -6.58
CA SER I 373 -11.36 -44.38 -5.76
C SER I 373 -12.56 -44.01 -4.88
N LEU I 374 -13.51 -44.93 -4.70
CA LEU I 374 -14.68 -44.66 -3.82
C LEU I 374 -14.21 -44.60 -2.37
N ALA I 375 -13.23 -45.43 -2.00
CA ALA I 375 -12.69 -45.35 -0.64
C ALA I 375 -12.24 -43.94 -0.33
N MET I 376 -11.83 -43.20 -1.35
CA MET I 376 -11.37 -41.82 -1.18
C MET I 376 -12.54 -40.95 -0.80
N ALA I 377 -13.72 -41.38 -1.24
CA ALA I 377 -14.92 -40.58 -1.02
C ALA I 377 -15.43 -40.82 0.38
N LEU I 378 -15.60 -42.11 0.67
CA LEU I 378 -16.17 -42.57 1.91
C LEU I 378 -15.32 -42.15 3.10
N GLN I 379 -14.01 -42.01 2.86
CA GLN I 379 -13.13 -41.46 3.86
C GLN I 379 -13.90 -40.38 4.60
N ARG I 380 -14.15 -39.31 3.86
CA ARG I 380 -14.84 -38.09 4.31
C ARG I 380 -16.12 -38.37 5.05
N CYS I 381 -16.72 -39.53 4.82
CA CYS I 381 -17.93 -39.91 5.52
C CYS I 381 -17.60 -40.55 6.86
N VAL I 382 -16.33 -40.95 7.01
CA VAL I 382 -15.85 -41.56 8.23
C VAL I 382 -15.10 -40.54 9.08
N GLU I 383 -14.87 -39.33 8.55
CA GLU I 383 -14.18 -38.35 9.37
C GLU I 383 -15.19 -37.54 10.16
N VAL I 384 -16.25 -37.17 9.47
CA VAL I 384 -17.31 -36.36 10.05
C VAL I 384 -18.03 -37.07 11.22
N LEU I 385 -17.88 -38.39 11.26
CA LEU I 385 -18.65 -39.22 12.16
C LEU I 385 -18.34 -38.91 13.61
N SER I 386 -19.37 -38.84 14.44
CA SER I 386 -19.18 -38.74 15.89
C SER I 386 -18.04 -39.68 16.29
N ASP I 387 -17.11 -39.19 17.13
CA ASP I 387 -15.93 -39.98 17.57
C ASP I 387 -16.32 -41.42 18.04
N GLU I 388 -17.41 -41.51 18.80
CA GLU I 388 -17.88 -42.78 19.32
C GLU I 388 -18.64 -43.56 18.25
N ASP I 389 -19.20 -42.83 17.28
CA ASP I 389 -19.93 -43.46 16.20
C ASP I 389 -18.95 -44.01 15.19
N ARG I 390 -17.77 -43.39 15.13
CA ARG I 390 -16.73 -43.81 14.22
C ARG I 390 -16.30 -45.23 14.57
N SER I 391 -16.14 -45.49 15.87
CA SER I 391 -15.76 -46.82 16.33
C SER I 391 -16.80 -47.81 15.84
N ALA I 392 -18.05 -47.62 16.25
CA ALA I 392 -19.13 -48.52 15.81
C ALA I 392 -18.98 -49.01 14.36
N LEU I 393 -18.73 -48.06 13.47
CA LEU I 393 -18.59 -48.36 12.06
C LEU I 393 -17.39 -49.23 11.85
N ALA I 394 -16.28 -48.89 12.50
CA ALA I 394 -15.07 -49.68 12.38
C ALA I 394 -15.36 -51.14 12.69
N PHE I 395 -16.09 -51.39 13.76
CA PHE I 395 -16.40 -52.77 14.15
C PHE I 395 -17.45 -53.40 13.26
N ALA I 396 -18.20 -52.58 12.53
CA ALA I 396 -19.27 -53.10 11.68
C ALA I 396 -18.75 -54.04 10.60
N VAL I 397 -17.46 -53.93 10.27
CA VAL I 397 -16.90 -54.77 9.21
C VAL I 397 -17.04 -56.26 9.53
N VAL I 398 -17.02 -56.60 10.81
CA VAL I 398 -17.09 -58.01 11.19
C VAL I 398 -18.36 -58.70 10.70
N MET I 399 -19.48 -58.00 10.75
CA MET I 399 -20.76 -58.60 10.36
C MET I 399 -20.85 -58.93 8.88
N PRO I 400 -21.69 -59.93 8.53
CA PRO I 400 -21.84 -60.34 7.13
C PRO I 400 -22.37 -59.22 6.23
N PRO I 401 -21.99 -59.22 4.94
CA PRO I 401 -22.42 -58.19 4.02
C PRO I 401 -23.78 -58.55 3.38
N GLY I 402 -24.72 -57.60 3.39
CA GLY I 402 -26.07 -57.82 2.81
C GLY I 402 -26.79 -58.99 3.43
N VAL I 403 -26.65 -59.16 4.76
CA VAL I 403 -27.32 -60.28 5.49
C VAL I 403 -28.13 -59.67 6.63
N ASP I 404 -29.46 -59.85 6.61
CA ASP I 404 -30.32 -59.28 7.67
C ASP I 404 -29.93 -59.93 9.00
N ILE I 405 -29.32 -59.17 9.91
CA ILE I 405 -28.83 -59.74 11.16
C ILE I 405 -29.26 -58.94 12.38
N PRO I 406 -29.62 -59.63 13.47
CA PRO I 406 -30.19 -59.04 14.71
C PRO I 406 -29.31 -58.04 15.44
N VAL I 407 -29.94 -57.26 16.32
CA VAL I 407 -29.25 -56.21 17.06
C VAL I 407 -28.30 -56.82 18.07
N LYS I 408 -28.77 -57.85 18.76
CA LYS I 408 -27.95 -58.49 19.77
C LYS I 408 -26.69 -59.11 19.14
N LEU I 409 -26.85 -59.80 18.02
CA LEU I 409 -25.69 -60.34 17.34
C LEU I 409 -24.68 -59.24 17.05
N TRP I 410 -25.14 -57.98 17.00
CA TRP I 410 -24.25 -56.88 16.72
C TRP I 410 -23.66 -56.37 18.02
N SER I 411 -24.47 -56.41 19.08
CA SER I 411 -24.06 -55.97 20.42
C SER I 411 -22.75 -56.62 20.84
N CYS I 412 -22.39 -57.68 20.12
CA CYS I 412 -21.22 -58.51 20.42
C CYS I 412 -19.91 -57.84 20.02
N VAL I 413 -19.85 -57.23 18.84
CA VAL I 413 -18.61 -56.59 18.40
C VAL I 413 -18.51 -55.09 18.75
N ILE I 414 -19.65 -54.44 18.86
CA ILE I 414 -19.69 -52.99 19.07
C ILE I 414 -19.37 -52.59 20.52
N PRO I 415 -18.45 -51.62 20.71
CA PRO I 415 -18.06 -50.99 22.00
C PRO I 415 -19.19 -50.27 22.78
N VAL I 416 -18.91 -49.90 24.03
CA VAL I 416 -19.78 -49.05 24.88
C VAL I 416 -19.15 -48.77 26.26
N GLU I 424 -27.49 -54.08 30.99
CA GLU I 424 -28.50 -55.09 30.67
C GLU I 424 -29.84 -54.43 30.36
N GLN I 425 -30.48 -53.90 31.40
CA GLN I 425 -31.76 -53.21 31.20
C GLN I 425 -31.70 -52.41 29.93
N LEU I 426 -30.58 -51.70 29.73
CA LEU I 426 -30.42 -50.93 28.51
C LEU I 426 -29.67 -51.75 27.47
N ASP I 427 -28.43 -51.39 27.19
CA ASP I 427 -27.65 -52.06 26.14
C ASP I 427 -28.24 -51.70 24.80
N ASP I 428 -29.52 -51.39 24.77
CA ASP I 428 -30.17 -51.00 23.53
C ASP I 428 -29.33 -49.98 22.79
N GLU I 429 -28.36 -49.40 23.49
CA GLU I 429 -27.49 -48.41 22.87
C GLU I 429 -26.98 -48.87 21.51
N VAL I 430 -26.56 -50.14 21.43
CA VAL I 430 -26.12 -50.68 20.15
C VAL I 430 -27.02 -50.17 19.02
N ALA I 431 -28.33 -50.30 19.22
CA ALA I 431 -29.28 -49.82 18.23
C ALA I 431 -29.15 -48.31 17.93
N ASP I 432 -28.90 -47.51 18.95
CA ASP I 432 -28.77 -46.06 18.76
C ASP I 432 -27.62 -45.71 17.85
N ARG I 433 -26.53 -46.44 18.01
CA ARG I 433 -25.36 -46.25 17.17
C ARG I 433 -25.66 -46.68 15.75
N LEU I 434 -26.32 -47.82 15.61
CA LEU I 434 -26.66 -48.36 14.29
C LEU I 434 -27.65 -47.50 13.49
N LYS I 435 -28.50 -46.76 14.20
CA LYS I 435 -29.47 -45.89 13.55
C LYS I 435 -28.76 -44.61 13.13
N ARG I 436 -28.02 -44.01 14.05
CA ARG I 436 -27.28 -42.80 13.72
C ARG I 436 -26.36 -43.08 12.55
N LEU I 437 -25.58 -44.16 12.64
CA LEU I 437 -24.64 -44.50 11.59
C LEU I 437 -25.35 -44.72 10.25
N SER I 438 -26.58 -45.21 10.30
CA SER I 438 -27.37 -45.44 9.10
C SER I 438 -27.93 -44.14 8.54
N LYS I 439 -28.02 -43.11 9.38
CA LYS I 439 -28.53 -41.82 8.93
C LYS I 439 -27.40 -40.80 8.73
N ARG I 440 -26.31 -41.22 8.09
CA ARG I 440 -25.18 -40.30 7.88
C ARG I 440 -24.17 -40.75 6.83
N GLY I 441 -24.64 -41.09 5.63
CA GLY I 441 -23.75 -41.51 4.57
C GLY I 441 -24.32 -42.79 4.08
N ALA I 442 -25.39 -43.21 4.76
CA ALA I 442 -26.09 -44.43 4.42
C ALA I 442 -25.07 -45.53 4.35
N LEU I 443 -24.45 -45.82 5.50
CA LEU I 443 -23.43 -46.86 5.55
C LEU I 443 -23.93 -48.00 6.42
N LEU I 444 -25.12 -47.85 6.98
CA LEU I 444 -25.75 -48.91 7.80
C LEU I 444 -27.22 -49.05 7.41
N SER I 445 -27.80 -50.22 7.65
CA SER I 445 -29.24 -50.45 7.35
C SER I 445 -29.91 -51.14 8.55
N GLY I 446 -31.11 -50.71 8.92
CA GLY I 446 -31.76 -51.29 10.09
C GLY I 446 -33.27 -51.43 10.00
N LYS I 447 -33.74 -52.36 9.16
CA LYS I 447 -35.16 -52.60 9.06
C LYS I 447 -35.67 -53.17 10.38
N ARG I 448 -36.90 -52.82 10.75
CA ARG I 448 -37.43 -53.27 12.04
C ARG I 448 -38.40 -54.44 11.91
N MET I 449 -39.18 -54.47 10.83
CA MET I 449 -40.15 -55.54 10.66
C MET I 449 -39.58 -56.68 9.81
N PRO I 450 -39.62 -57.90 10.35
CA PRO I 450 -40.36 -58.22 11.57
C PRO I 450 -39.54 -57.96 12.82
N VAL I 451 -38.26 -58.31 12.80
CA VAL I 451 -37.40 -58.11 13.95
C VAL I 451 -36.32 -57.09 13.65
N LEU I 452 -36.22 -56.07 14.49
CA LEU I 452 -35.23 -55.02 14.25
C LEU I 452 -33.89 -55.64 13.93
N THR I 453 -33.40 -55.42 12.71
CA THR I 453 -32.12 -55.99 12.30
C THR I 453 -31.43 -55.03 11.36
N PHE I 454 -30.11 -55.13 11.25
CA PHE I 454 -29.36 -54.19 10.42
C PHE I 454 -28.61 -54.89 9.30
N LYS I 455 -27.99 -54.15 8.35
CA LYS I 455 -27.24 -54.92 7.37
C LYS I 455 -26.22 -54.05 6.65
N ILE I 456 -25.07 -54.63 6.34
CA ILE I 456 -24.03 -53.92 5.63
C ILE I 456 -24.13 -54.23 4.14
N ASP I 457 -23.54 -53.37 3.32
CA ASP I 457 -23.53 -53.53 1.86
C ASP I 457 -22.09 -53.80 1.42
N HIS I 458 -21.91 -54.66 0.43
CA HIS I 458 -20.57 -54.97 -0.01
C HIS I 458 -19.67 -53.75 -0.20
N ILE I 459 -20.13 -52.78 -0.98
CA ILE I 459 -19.33 -51.60 -1.30
C ILE I 459 -19.00 -50.94 0.02
N ILE I 460 -20.00 -50.83 0.89
CA ILE I 460 -19.80 -50.29 2.23
C ILE I 460 -18.92 -51.23 3.09
N HIS I 461 -18.75 -52.46 2.60
CA HIS I 461 -18.00 -53.48 3.31
C HIS I 461 -16.54 -53.58 2.88
N MET I 462 -16.28 -53.42 1.60
CA MET I 462 -14.91 -53.48 1.10
C MET I 462 -14.13 -52.26 1.51
N PHE I 463 -14.81 -51.13 1.67
CA PHE I 463 -14.14 -49.91 2.09
C PHE I 463 -13.51 -50.21 3.43
N LEU I 464 -14.32 -50.72 4.35
CA LEU I 464 -13.94 -51.02 5.76
C LEU I 464 -12.75 -51.96 5.84
N LYS I 465 -12.85 -53.16 5.26
CA LYS I 465 -11.83 -54.23 5.39
C LYS I 465 -10.46 -53.75 4.90
N HIS I 466 -10.40 -52.97 3.82
CA HIS I 466 -9.11 -52.46 3.29
C HIS I 466 -8.66 -51.19 4.01
N VAL I 467 -9.47 -50.66 4.94
CA VAL I 467 -9.10 -49.37 5.62
C VAL I 467 -8.86 -49.56 7.13
N VAL I 468 -9.62 -50.43 7.81
CA VAL I 468 -9.46 -50.56 9.26
C VAL I 468 -8.14 -51.30 9.59
N ASP I 469 -7.66 -51.10 10.83
CA ASP I 469 -6.41 -51.70 11.31
C ASP I 469 -6.45 -53.20 11.14
N ALA I 470 -5.51 -53.75 10.37
CA ALA I 470 -5.50 -55.18 10.10
C ALA I 470 -5.71 -55.98 11.39
N GLN I 471 -5.27 -55.41 12.51
CA GLN I 471 -5.46 -56.01 13.83
C GLN I 471 -6.92 -55.98 14.26
N THR I 472 -7.52 -54.79 14.22
CA THR I 472 -8.87 -54.59 14.72
C THR I 472 -9.91 -55.48 14.06
N ILE I 473 -9.54 -56.03 12.90
CA ILE I 473 -10.41 -56.97 12.21
C ILE I 473 -10.37 -58.26 13.03
N ALA I 474 -9.17 -58.84 13.11
CA ALA I 474 -8.94 -60.08 13.85
C ALA I 474 -9.31 -59.95 15.31
N ASN I 475 -9.24 -58.79 15.92
CA ASN I 475 -9.75 -58.68 17.30
C ASN I 475 -11.28 -58.84 17.28
N GLY I 476 -11.91 -58.14 16.34
CA GLY I 476 -13.36 -58.16 16.27
C GLY I 476 -14.09 -59.48 16.21
N ILE I 477 -13.66 -60.40 15.35
CA ILE I 477 -14.41 -61.65 15.21
C ILE I 477 -14.32 -62.45 16.50
N SER I 478 -13.17 -62.38 17.15
CA SER I 478 -13.00 -63.08 18.41
C SER I 478 -13.99 -62.49 19.38
N ILE I 479 -13.97 -61.16 19.48
CA ILE I 479 -14.91 -60.50 20.39
C ILE I 479 -16.31 -61.01 20.13
N LEU I 480 -16.71 -61.04 18.86
CA LEU I 480 -18.05 -61.48 18.48
C LEU I 480 -18.37 -62.87 18.99
N GLU I 481 -17.57 -63.85 18.61
CA GLU I 481 -17.85 -65.23 19.01
C GLU I 481 -17.98 -65.32 20.52
N GLN I 482 -17.09 -64.58 21.19
CA GLN I 482 -17.13 -64.58 22.65
C GLN I 482 -18.48 -64.10 23.15
N ARG I 483 -18.85 -62.86 22.85
CA ARG I 483 -20.10 -62.33 23.38
C ARG I 483 -21.21 -63.29 22.99
N LEU I 484 -21.04 -63.96 21.87
CA LEU I 484 -22.04 -64.92 21.38
C LEU I 484 -22.31 -66.17 22.23
N LEU I 485 -21.28 -66.97 22.56
CA LEU I 485 -21.68 -68.21 23.37
C LEU I 485 -22.45 -67.90 24.68
N GLU I 486 -23.76 -67.66 24.63
CA GLU I 486 -24.39 -67.11 25.85
C GLU I 486 -25.06 -68.24 26.63
N ILE I 487 -25.73 -69.15 25.92
CA ILE I 487 -26.42 -70.31 26.57
C ILE I 487 -26.76 -71.35 25.49
N THR I 522 -33.88 -66.05 3.98
CA THR I 522 -33.92 -64.66 4.45
C THR I 522 -34.73 -64.55 5.73
N VAL I 523 -35.18 -65.69 6.25
CA VAL I 523 -35.98 -65.72 7.47
C VAL I 523 -35.12 -66.17 8.64
N ILE I 524 -33.87 -65.71 8.67
CA ILE I 524 -32.94 -66.08 9.73
C ILE I 524 -33.53 -65.78 11.11
N ARG I 525 -33.41 -66.74 12.01
CA ARG I 525 -33.95 -66.59 13.37
C ARG I 525 -32.89 -66.89 14.41
N PRO I 526 -31.90 -65.98 14.56
CA PRO I 526 -30.82 -66.15 15.54
C PRO I 526 -31.36 -66.04 16.96
N GLU I 527 -32.37 -66.85 17.28
CA GLU I 527 -32.96 -66.82 18.61
C GLU I 527 -32.65 -68.12 19.37
N ASP I 528 -32.36 -69.17 18.62
CA ASP I 528 -32.02 -70.46 19.21
C ASP I 528 -30.80 -71.00 18.48
N PHE I 529 -30.45 -70.33 17.39
CA PHE I 529 -29.31 -70.65 16.55
C PHE I 529 -28.28 -69.52 16.40
N PRO I 530 -28.18 -68.61 17.40
CA PRO I 530 -27.14 -67.58 17.29
C PRO I 530 -25.78 -68.17 17.70
N LYS I 531 -25.85 -69.14 18.61
CA LYS I 531 -24.66 -69.83 19.08
C LYS I 531 -23.74 -70.11 17.91
N PHE I 532 -24.34 -70.36 16.75
CA PHE I 532 -23.56 -70.64 15.54
C PHE I 532 -23.70 -69.64 14.38
N MET I 533 -22.86 -68.60 14.42
CA MET I 533 -22.75 -67.69 13.25
C MET I 533 -21.87 -68.44 12.25
N GLN I 534 -21.95 -69.78 12.27
CA GLN I 534 -21.18 -70.73 11.43
C GLN I 534 -21.88 -70.93 10.08
N LEU I 535 -23.07 -70.35 9.91
CA LEU I 535 -23.81 -70.39 8.63
C LEU I 535 -22.96 -69.64 7.58
N HIS I 536 -22.36 -68.52 7.99
CA HIS I 536 -21.49 -67.71 7.09
C HIS I 536 -20.01 -68.08 7.30
N GLN I 537 -19.72 -69.30 7.75
CA GLN I 537 -18.34 -69.74 7.90
C GLN I 537 -17.59 -69.49 6.61
N LYS I 538 -18.34 -69.47 5.51
CA LYS I 538 -17.77 -69.23 4.20
C LYS I 538 -17.01 -67.91 4.22
N PHE I 539 -17.62 -66.89 4.81
CA PHE I 539 -17.02 -65.57 4.90
C PHE I 539 -16.37 -65.39 6.27
N TYR I 540 -16.74 -66.22 7.23
CA TYR I 540 -16.21 -66.12 8.61
C TYR I 540 -14.79 -66.64 8.83
N ASP I 541 -14.20 -67.23 7.77
CA ASP I 541 -12.82 -67.78 7.85
C ASP I 541 -11.83 -66.72 7.33
N SER I 542 -12.34 -65.72 6.62
CA SER I 542 -11.48 -64.63 6.07
C SER I 542 -10.82 -63.87 7.22
N LEU I 543 -9.54 -63.50 7.05
CA LEU I 543 -8.79 -62.74 8.08
C LEU I 543 -7.78 -61.82 7.40
N ARG J 112 -4.89 -14.72 -47.47
CA ARG J 112 -3.71 -15.34 -46.87
C ARG J 112 -2.81 -14.38 -46.04
N GLN J 113 -3.37 -13.24 -45.68
CA GLN J 113 -2.62 -12.26 -44.91
C GLN J 113 -3.41 -11.97 -43.63
N MET J 114 -4.70 -12.31 -43.68
CA MET J 114 -5.63 -12.24 -42.54
C MET J 114 -5.40 -13.39 -41.56
N LEU J 115 -5.09 -14.57 -42.10
CA LEU J 115 -4.73 -15.73 -41.29
C LEU J 115 -3.64 -15.34 -40.36
N ASP J 116 -2.53 -14.92 -40.94
CA ASP J 116 -1.33 -14.59 -40.18
C ASP J 116 -1.61 -13.62 -39.02
N ARG J 117 -2.41 -12.57 -39.27
CA ARG J 117 -2.98 -11.76 -38.19
C ARG J 117 -3.67 -12.63 -37.13
N LYS J 118 -4.55 -13.51 -37.56
CA LYS J 118 -5.29 -14.36 -36.62
C LYS J 118 -4.39 -15.40 -35.93
N LEU J 119 -3.47 -16.00 -36.67
CA LEU J 119 -2.52 -16.96 -36.09
C LEU J 119 -1.68 -16.27 -35.04
N LEU J 120 -1.05 -15.15 -35.38
CA LEU J 120 -0.21 -14.46 -34.42
C LEU J 120 -0.93 -14.11 -33.13
N LEU J 121 -2.15 -13.62 -33.26
CA LEU J 121 -2.87 -13.14 -32.09
C LEU J 121 -3.38 -14.27 -31.20
N GLY J 122 -3.56 -15.45 -31.80
CA GLY J 122 -3.97 -16.64 -31.09
C GLY J 122 -2.77 -17.40 -30.59
N ASN J 123 -1.60 -16.74 -30.66
CA ASN J 123 -0.33 -17.29 -30.16
C ASN J 123 0.05 -18.62 -30.75
N VAL J 124 -0.33 -18.85 -32.00
CA VAL J 124 -0.05 -20.14 -32.71
C VAL J 124 1.37 -20.13 -33.27
N PRO J 125 2.23 -21.12 -32.92
CA PRO J 125 3.59 -21.20 -33.44
C PRO J 125 3.59 -21.44 -34.96
N LYS J 126 4.53 -20.81 -35.69
CA LYS J 126 4.62 -20.96 -37.16
C LYS J 126 5.01 -22.40 -37.51
N GLN J 127 4.38 -22.96 -38.55
CA GLN J 127 4.66 -24.34 -39.03
C GLN J 127 6.00 -24.36 -39.80
N MET J 128 6.64 -25.53 -39.88
CA MET J 128 7.93 -25.66 -40.61
C MET J 128 7.69 -26.40 -41.93
N THR J 129 8.08 -25.79 -43.06
CA THR J 129 7.88 -26.41 -44.39
C THR J 129 9.10 -27.25 -44.81
N CYS J 130 10.20 -27.19 -44.04
CA CYS J 130 11.42 -27.96 -44.37
C CYS J 130 11.06 -29.44 -44.56
N TYR J 131 9.96 -29.86 -43.91
CA TYR J 131 9.46 -31.23 -43.96
C TYR J 131 8.08 -31.29 -43.33
N ILE J 132 7.06 -31.65 -44.12
CA ILE J 132 5.68 -31.70 -43.59
C ILE J 132 5.08 -33.09 -43.80
N ARG J 133 4.30 -33.56 -42.82
CA ARG J 133 3.64 -34.89 -42.93
C ARG J 133 2.24 -34.66 -43.49
N GLU J 134 2.02 -34.99 -44.77
CA GLU J 134 0.71 -34.80 -45.43
C GLU J 134 -0.34 -35.70 -44.76
N TYR J 135 0.05 -36.92 -44.41
CA TYR J 135 -0.91 -37.88 -43.80
C TYR J 135 -1.43 -37.38 -42.45
N HIS J 136 -0.57 -36.84 -41.58
CA HIS J 136 -1.11 -36.41 -40.30
C HIS J 136 -1.72 -35.03 -40.36
N VAL J 137 -0.93 -34.03 -40.75
CA VAL J 137 -1.42 -32.67 -40.82
C VAL J 137 -2.75 -32.66 -41.60
N ASP J 138 -2.82 -33.53 -42.60
CA ASP J 138 -3.99 -33.65 -43.46
C ASP J 138 -5.08 -34.45 -42.77
N ARG J 139 -4.76 -35.03 -41.62
CA ARG J 139 -5.73 -35.81 -40.86
C ARG J 139 -6.17 -35.03 -39.63
N VAL J 140 -5.42 -33.98 -39.30
CA VAL J 140 -5.76 -33.15 -38.17
C VAL J 140 -6.63 -32.01 -38.66
N ILE J 141 -6.59 -31.76 -39.96
CA ILE J 141 -7.41 -30.70 -40.56
C ILE J 141 -8.79 -31.21 -40.92
N LYS J 142 -8.79 -32.42 -41.48
CA LYS J 142 -10.02 -33.09 -41.87
C LYS J 142 -10.97 -33.21 -40.69
N LYS J 143 -10.51 -33.90 -39.64
CA LYS J 143 -11.33 -34.12 -38.46
C LYS J 143 -11.81 -32.80 -37.87
N LEU J 144 -11.02 -31.74 -38.02
CA LEU J 144 -11.41 -30.46 -37.46
C LEU J 144 -12.53 -29.81 -38.30
N ASP J 145 -12.46 -29.98 -39.61
CA ASP J 145 -13.52 -29.48 -40.46
C ASP J 145 -14.83 -30.21 -40.15
N GLU J 146 -14.75 -31.50 -39.87
CA GLU J 146 -15.97 -32.27 -39.63
C GLU J 146 -16.73 -31.77 -38.41
N MET J 147 -16.04 -31.03 -37.56
CA MET J 147 -16.64 -30.52 -36.34
C MET J 147 -16.90 -29.03 -36.38
N CYS J 148 -18.10 -28.67 -36.81
CA CYS J 148 -18.53 -27.28 -36.91
C CYS J 148 -19.82 -27.17 -36.11
N ASP J 149 -20.69 -28.17 -36.26
CA ASP J 149 -22.02 -28.19 -35.59
C ASP J 149 -21.87 -28.73 -34.17
N LEU J 150 -20.90 -29.63 -33.95
CA LEU J 150 -20.68 -30.21 -32.60
C LEU J 150 -20.28 -29.09 -31.64
N ASP J 151 -20.76 -29.15 -30.40
CA ASP J 151 -20.44 -28.10 -29.39
C ASP J 151 -19.52 -28.69 -28.32
N SER J 152 -18.42 -27.98 -28.01
CA SER J 152 -17.43 -28.39 -26.99
C SER J 152 -16.90 -29.80 -27.29
N PHE J 153 -16.11 -29.94 -28.36
CA PHE J 153 -15.53 -31.25 -28.71
C PHE J 153 -14.02 -31.32 -28.40
N PHE J 154 -13.51 -32.53 -28.15
CA PHE J 154 -12.07 -32.73 -27.92
C PHE J 154 -11.39 -33.46 -29.05
N LEU J 155 -10.31 -32.89 -29.56
CA LEU J 155 -9.48 -33.61 -30.50
C LEU J 155 -8.13 -33.90 -29.86
N PHE J 156 -7.79 -35.18 -29.72
CA PHE J 156 -6.56 -35.59 -29.04
C PHE J 156 -5.47 -36.00 -29.98
N LEU J 157 -4.52 -35.09 -30.19
CA LEU J 157 -3.36 -35.39 -30.99
C LEU J 157 -2.29 -35.92 -30.04
N HIS J 158 -2.43 -37.18 -29.65
CA HIS J 158 -1.56 -37.78 -28.64
C HIS J 158 -0.42 -38.62 -29.21
N GLY J 159 0.76 -38.53 -28.57
CA GLY J 159 1.93 -39.29 -29.04
C GLY J 159 3.04 -39.33 -28.00
N ARG J 160 4.10 -40.11 -28.28
CA ARG J 160 5.26 -40.24 -27.36
C ARG J 160 6.05 -38.92 -27.35
N ALA J 161 6.70 -38.62 -26.22
CA ALA J 161 7.48 -37.38 -26.04
C ALA J 161 8.41 -37.12 -27.24
N GLY J 162 8.41 -35.87 -27.73
CA GLY J 162 9.22 -35.44 -28.86
C GLY J 162 8.81 -36.10 -30.16
N SER J 163 7.67 -36.81 -30.11
CA SER J 163 7.14 -37.57 -31.25
C SER J 163 6.62 -36.65 -32.31
N GLY J 164 6.51 -35.35 -32.00
CA GLY J 164 6.16 -34.35 -33.01
C GLY J 164 4.73 -33.82 -33.09
N LYS J 165 3.93 -34.08 -32.06
CA LYS J 165 2.52 -33.67 -32.04
C LYS J 165 2.30 -32.15 -32.18
N SER J 166 3.03 -31.37 -31.41
CA SER J 166 2.81 -29.93 -31.32
C SER J 166 3.10 -29.29 -32.67
N VAL J 167 4.13 -29.77 -33.37
CA VAL J 167 4.49 -29.21 -34.69
C VAL J 167 3.37 -29.35 -35.73
N ILE J 168 2.76 -30.54 -35.76
CA ILE J 168 1.61 -30.83 -36.60
C ILE J 168 0.39 -29.90 -36.35
N ALA J 169 0.19 -29.42 -35.12
CA ALA J 169 -0.93 -28.54 -34.88
C ALA J 169 -0.56 -27.19 -35.46
N SER J 170 0.73 -26.84 -35.43
CA SER J 170 1.15 -25.58 -36.02
C SER J 170 0.92 -25.60 -37.52
N GLN J 171 1.07 -26.76 -38.13
CA GLN J 171 0.94 -26.91 -39.58
C GLN J 171 -0.51 -27.09 -40.03
N ALA J 172 -1.26 -27.84 -39.25
CA ALA J 172 -2.66 -28.12 -39.54
C ALA J 172 -3.50 -26.84 -39.44
N LEU J 173 -3.06 -25.89 -38.64
CA LEU J 173 -3.71 -24.59 -38.58
C LEU J 173 -3.01 -23.53 -39.45
N SER J 174 -2.07 -23.97 -40.27
CA SER J 174 -1.29 -23.02 -41.06
C SER J 174 -1.28 -23.31 -42.57
N LYS J 175 -1.69 -24.52 -42.93
CA LYS J 175 -1.77 -24.94 -44.37
C LYS J 175 -3.02 -24.32 -44.99
N SER J 176 -4.16 -25.01 -44.87
CA SER J 176 -5.45 -24.52 -45.42
C SER J 176 -5.91 -23.26 -44.67
N ASP J 177 -6.53 -22.31 -45.38
CA ASP J 177 -7.02 -21.06 -44.77
C ASP J 177 -8.45 -21.29 -44.24
N GLN J 178 -9.05 -22.42 -44.62
CA GLN J 178 -10.40 -22.78 -44.20
C GLN J 178 -10.57 -22.85 -42.69
N LEU J 179 -9.69 -23.56 -42.02
CA LEU J 179 -9.81 -23.76 -40.58
C LEU J 179 -10.02 -22.44 -39.81
N ILE J 180 -9.25 -21.43 -40.19
CA ILE J 180 -9.39 -20.09 -39.61
C ILE J 180 -10.03 -19.09 -40.61
N GLY J 181 -11.28 -18.70 -40.35
CA GLY J 181 -12.02 -17.79 -41.21
C GLY J 181 -13.28 -18.44 -41.75
N ILE J 182 -13.11 -19.64 -42.31
CA ILE J 182 -14.19 -20.43 -42.90
C ILE J 182 -14.88 -21.34 -41.86
N ASN J 183 -14.11 -22.20 -41.19
CA ASN J 183 -14.64 -23.16 -40.21
C ASN J 183 -14.72 -22.65 -38.78
N TYR J 184 -13.68 -21.92 -38.37
CA TYR J 184 -13.64 -21.27 -37.06
C TYR J 184 -13.20 -19.82 -37.24
N ASP J 185 -13.80 -18.91 -36.47
CA ASP J 185 -13.54 -17.47 -36.60
C ASP J 185 -12.20 -17.05 -36.04
N SER J 186 -11.86 -17.54 -34.85
CA SER J 186 -10.61 -17.19 -34.18
C SER J 186 -9.85 -18.41 -33.64
N ILE J 187 -8.58 -18.19 -33.27
CA ILE J 187 -7.73 -19.22 -32.64
C ILE J 187 -7.12 -18.78 -31.30
N VAL J 188 -7.18 -19.67 -30.31
CA VAL J 188 -6.47 -19.50 -29.02
C VAL J 188 -5.58 -20.73 -28.72
N TRP J 189 -4.28 -20.55 -28.82
CA TRP J 189 -3.33 -21.64 -28.61
C TRP J 189 -2.50 -21.32 -27.39
N LEU J 190 -2.68 -22.18 -26.39
CA LEU J 190 -2.09 -22.03 -25.06
C LEU J 190 -1.35 -23.31 -24.69
N LYS J 191 -0.09 -23.16 -24.24
CA LYS J 191 0.68 -24.30 -23.76
C LYS J 191 0.38 -24.53 -22.28
N ASP J 192 0.06 -25.78 -21.93
CA ASP J 192 -0.32 -26.15 -20.58
C ASP J 192 0.92 -26.51 -19.76
N SER J 193 1.26 -27.80 -19.74
CA SER J 193 2.44 -28.31 -19.02
C SER J 193 2.29 -28.18 -17.50
N GLY J 194 1.04 -28.16 -17.04
CA GLY J 194 0.70 -27.96 -15.64
C GLY J 194 0.81 -29.21 -14.79
N THR J 195 1.46 -29.06 -13.64
CA THR J 195 1.73 -30.15 -12.72
C THR J 195 1.16 -29.87 -11.33
N ALA J 196 1.34 -28.63 -10.89
CA ALA J 196 0.76 -28.16 -9.63
C ALA J 196 -0.76 -28.22 -9.73
N PRO J 197 -1.46 -28.09 -8.59
CA PRO J 197 -2.93 -28.07 -8.58
C PRO J 197 -3.51 -26.67 -8.89
N LYS J 198 -2.66 -25.66 -8.74
CA LYS J 198 -2.99 -24.29 -9.11
C LYS J 198 -2.83 -24.08 -10.61
N SER J 199 -2.22 -25.03 -11.30
CA SER J 199 -1.91 -24.87 -12.71
C SER J 199 -3.18 -24.88 -13.59
N THR J 200 -4.14 -25.72 -13.23
CA THR J 200 -5.35 -25.85 -14.04
C THR J 200 -6.21 -24.61 -13.93
N PHE J 201 -5.92 -23.79 -12.91
CA PHE J 201 -6.64 -22.55 -12.71
C PHE J 201 -5.87 -21.44 -13.38
N ASP J 202 -4.56 -21.51 -13.27
CA ASP J 202 -3.68 -20.49 -13.85
C ASP J 202 -3.80 -20.51 -15.38
N LEU J 203 -4.01 -21.67 -15.97
CA LEU J 203 -4.12 -21.72 -17.43
C LEU J 203 -5.27 -20.83 -17.89
N PHE J 204 -6.40 -20.95 -17.20
CA PHE J 204 -7.59 -20.18 -17.57
C PHE J 204 -7.49 -18.67 -17.33
N THR J 205 -6.59 -18.25 -16.44
CA THR J 205 -6.36 -16.83 -16.22
C THR J 205 -5.64 -16.28 -17.44
N ASP J 206 -4.76 -17.10 -18.02
CA ASP J 206 -4.04 -16.76 -19.24
C ASP J 206 -4.93 -16.91 -20.46
N ILE J 207 -6.07 -17.59 -20.28
CA ILE J 207 -7.03 -17.80 -21.36
C ILE J 207 -8.17 -16.79 -21.25
N LEU J 208 -8.14 -15.98 -20.19
CA LEU J 208 -9.16 -14.96 -19.96
C LEU J 208 -8.69 -13.68 -20.63
N LEU J 209 -7.41 -13.36 -20.41
CA LEU J 209 -6.80 -12.17 -20.99
C LEU J 209 -6.60 -12.36 -22.49
N MET J 210 -6.36 -13.61 -22.90
CA MET J 210 -6.19 -13.94 -24.31
C MET J 210 -7.49 -13.49 -24.95
N LEU J 211 -8.60 -14.03 -24.47
CA LEU J 211 -9.93 -13.74 -24.98
C LEU J 211 -10.34 -12.28 -24.86
N LYS J 212 -9.71 -11.56 -23.94
CA LYS J 212 -10.06 -10.16 -23.72
C LYS J 212 -9.58 -9.24 -24.84
N SER J 213 -10.12 -8.02 -24.80
CA SER J 213 -9.81 -7.00 -25.80
C SER J 213 -8.48 -6.33 -25.52
N GLU J 214 -7.88 -5.77 -26.56
CA GLU J 214 -6.62 -5.07 -26.43
C GLU J 214 -6.81 -3.94 -25.44
N ASP J 215 -7.98 -3.31 -25.52
CA ASP J 215 -8.44 -2.41 -24.47
C ASP J 215 -8.72 -3.24 -23.24
N ASP J 216 -8.51 -2.65 -22.07
CA ASP J 216 -8.74 -3.33 -20.80
C ASP J 216 -7.87 -4.58 -20.70
N LEU J 217 -6.59 -4.41 -21.00
CA LEU J 217 -5.54 -5.26 -20.48
C LEU J 217 -4.86 -4.39 -19.43
N LEU J 218 -5.08 -3.08 -19.57
CA LEU J 218 -4.70 -2.10 -18.57
C LEU J 218 -5.51 -2.30 -17.29
N ASN J 219 -6.82 -2.39 -17.48
CA ASN J 219 -7.74 -2.62 -16.36
C ASN J 219 -7.65 -4.04 -15.77
N PHE J 220 -6.92 -4.96 -16.42
CA PHE J 220 -6.74 -6.29 -15.88
C PHE J 220 -6.59 -6.10 -14.39
N PRO J 221 -7.53 -6.70 -13.62
CA PRO J 221 -7.49 -6.69 -12.14
C PRO J 221 -6.56 -7.74 -11.49
N SER J 222 -6.64 -7.78 -10.15
CA SER J 222 -5.94 -8.85 -9.40
C SER J 222 -6.75 -10.13 -9.62
N VAL J 223 -6.68 -10.65 -10.86
CA VAL J 223 -7.46 -11.83 -11.34
C VAL J 223 -7.13 -13.09 -10.52
N GLU J 224 -5.87 -13.25 -10.11
CA GLU J 224 -5.46 -14.48 -9.37
C GLU J 224 -6.28 -14.65 -8.09
N HIS J 225 -6.56 -13.55 -7.39
CA HIS J 225 -7.35 -13.58 -6.13
C HIS J 225 -8.84 -13.58 -6.47
N VAL J 226 -9.24 -14.36 -7.47
CA VAL J 226 -10.67 -14.46 -7.91
C VAL J 226 -11.11 -15.92 -7.75
N THR J 227 -12.30 -16.14 -7.19
CA THR J 227 -12.82 -17.53 -6.99
C THR J 227 -12.99 -18.21 -8.36
N SER J 228 -12.63 -19.49 -8.44
CA SER J 228 -12.73 -20.26 -9.70
C SER J 228 -14.12 -20.09 -10.32
N VAL J 229 -15.17 -20.31 -9.51
CA VAL J 229 -16.54 -20.17 -9.97
C VAL J 229 -16.73 -18.81 -10.62
N VAL J 230 -15.77 -17.91 -10.40
CA VAL J 230 -15.79 -16.59 -11.00
C VAL J 230 -14.94 -16.59 -12.27
N LEU J 231 -13.75 -17.19 -12.22
CA LEU J 231 -12.94 -17.20 -13.43
C LEU J 231 -13.69 -17.96 -14.52
N LYS J 232 -14.34 -19.05 -14.14
CA LYS J 232 -15.12 -19.85 -15.08
C LYS J 232 -16.33 -19.07 -15.62
N ARG J 233 -17.09 -18.45 -14.71
CA ARG J 233 -18.25 -17.67 -15.13
C ARG J 233 -17.79 -16.43 -15.89
N MET J 234 -16.74 -15.79 -15.38
CA MET J 234 -16.13 -14.65 -16.03
C MET J 234 -15.65 -14.93 -17.47
N ILE J 235 -15.21 -16.16 -17.74
CA ILE J 235 -14.77 -16.56 -19.07
C ILE J 235 -15.94 -16.82 -20.00
N CYS J 236 -16.89 -17.63 -19.56
CA CYS J 236 -18.06 -17.94 -20.37
C CYS J 236 -19.01 -16.75 -20.43
N ASN J 237 -18.59 -15.63 -19.85
CA ASN J 237 -19.39 -14.42 -19.85
C ASN J 237 -18.89 -13.49 -20.94
N ALA J 238 -17.60 -13.61 -21.25
CA ALA J 238 -16.97 -12.82 -22.29
C ALA J 238 -16.79 -13.65 -23.56
N LEU J 239 -17.00 -14.96 -23.43
CA LEU J 239 -16.88 -15.88 -24.56
C LEU J 239 -18.00 -15.66 -25.57
N ILE J 240 -18.94 -14.78 -25.22
CA ILE J 240 -20.10 -14.49 -26.12
C ILE J 240 -19.67 -13.46 -27.17
N ASP J 241 -18.58 -12.73 -26.89
CA ASP J 241 -18.06 -11.69 -27.82
C ASP J 241 -17.62 -12.35 -29.14
N ARG J 242 -16.99 -13.53 -29.06
CA ARG J 242 -16.50 -14.21 -30.29
C ARG J 242 -17.25 -15.52 -30.53
N PRO J 243 -17.84 -15.74 -31.72
CA PRO J 243 -18.55 -16.97 -32.05
C PRO J 243 -17.63 -17.87 -32.91
N ASN J 244 -17.64 -19.18 -32.65
CA ASN J 244 -16.82 -20.20 -33.36
C ASN J 244 -15.33 -19.88 -33.15
N THR J 245 -14.82 -20.26 -31.97
CA THR J 245 -13.44 -20.02 -31.57
C THR J 245 -12.92 -21.40 -31.23
N LEU J 246 -11.70 -21.70 -31.68
CA LEU J 246 -11.06 -22.98 -31.44
C LEU J 246 -9.90 -22.72 -30.48
N PHE J 247 -9.79 -23.52 -29.43
CA PHE J 247 -8.71 -23.37 -28.45
C PHE J 247 -7.71 -24.52 -28.59
N VAL J 248 -6.42 -24.22 -28.71
CA VAL J 248 -5.43 -25.28 -28.82
C VAL J 248 -4.68 -25.39 -27.48
N PHE J 249 -4.62 -26.57 -26.91
CA PHE J 249 -4.05 -26.72 -25.59
C PHE J 249 -2.78 -27.56 -25.70
N ASP J 250 -1.71 -26.90 -26.10
CA ASP J 250 -0.51 -27.61 -26.40
C ASP J 250 0.03 -28.10 -25.06
N ASP J 251 0.18 -29.43 -24.97
CA ASP J 251 0.82 -30.14 -23.83
C ASP J 251 0.03 -30.26 -22.54
N VAL J 252 -1.10 -30.96 -22.57
CA VAL J 252 -1.83 -31.20 -21.35
C VAL J 252 -1.25 -32.41 -20.69
N VAL J 253 -0.98 -32.28 -19.39
CA VAL J 253 -0.60 -33.41 -18.54
C VAL J 253 -1.69 -33.78 -17.55
N GLN J 254 -2.35 -32.78 -16.97
CA GLN J 254 -3.42 -33.01 -15.99
C GLN J 254 -4.85 -33.10 -16.56
N GLU J 255 -5.55 -34.14 -16.11
CA GLU J 255 -6.93 -34.34 -16.51
C GLU J 255 -7.83 -33.24 -15.95
N GLU J 256 -7.28 -32.43 -15.04
CA GLU J 256 -8.05 -31.33 -14.40
C GLU J 256 -8.53 -30.34 -15.47
N THR J 257 -7.68 -30.05 -16.45
CA THR J 257 -8.02 -29.09 -17.53
C THR J 257 -9.21 -29.64 -18.32
N ILE J 258 -9.22 -30.95 -18.58
CA ILE J 258 -10.34 -31.59 -19.34
C ILE J 258 -11.63 -31.43 -18.54
N ARG J 259 -11.55 -31.60 -17.22
CA ARG J 259 -12.74 -31.46 -16.34
C ARG J 259 -13.24 -30.02 -16.41
N TRP J 260 -12.31 -29.04 -16.42
CA TRP J 260 -12.73 -27.62 -16.50
C TRP J 260 -13.26 -27.29 -17.90
N ALA J 261 -12.42 -27.47 -18.93
CA ALA J 261 -12.77 -27.22 -20.32
C ALA J 261 -14.16 -27.74 -20.67
N GLN J 262 -14.45 -28.97 -20.29
CA GLN J 262 -15.76 -29.55 -20.58
C GLN J 262 -16.85 -28.77 -19.84
N GLU J 263 -16.48 -28.14 -18.74
CA GLU J 263 -17.45 -27.36 -17.98
C GLU J 263 -17.61 -26.01 -18.67
N LEU J 264 -16.62 -25.66 -19.48
CA LEU J 264 -16.60 -24.41 -20.24
C LEU J 264 -17.09 -24.62 -21.67
N ARG J 265 -17.66 -25.79 -21.93
CA ARG J 265 -18.17 -26.11 -23.26
C ARG J 265 -17.26 -25.53 -24.34
N LEU J 266 -15.99 -25.88 -24.30
CA LEU J 266 -15.03 -25.42 -25.30
C LEU J 266 -14.81 -26.35 -26.48
N ARG J 267 -14.28 -25.76 -27.55
CA ARG J 267 -13.88 -26.51 -28.72
C ARG J 267 -12.36 -26.61 -28.66
N CYS J 268 -11.83 -27.83 -28.46
CA CYS J 268 -10.40 -28.04 -28.15
C CYS J 268 -9.60 -28.99 -29.08
N LEU J 269 -8.50 -28.48 -29.59
CA LEU J 269 -7.45 -29.33 -30.08
C LEU J 269 -6.56 -29.57 -28.85
N VAL J 270 -6.04 -30.78 -28.71
CA VAL J 270 -5.24 -31.13 -27.55
C VAL J 270 -4.00 -31.96 -27.91
N THR J 271 -2.83 -31.46 -27.55
CA THR J 271 -1.58 -32.16 -27.74
C THR J 271 -1.18 -32.69 -26.35
N THR J 272 -0.98 -34.00 -26.23
CA THR J 272 -0.65 -34.63 -24.96
C THR J 272 0.16 -35.90 -25.20
N ARG J 273 0.78 -36.43 -24.14
CA ARG J 273 1.51 -37.69 -24.26
C ARG J 273 0.69 -38.82 -23.63
N ASP J 274 0.07 -38.51 -22.50
CA ASP J 274 -0.77 -39.48 -21.86
C ASP J 274 -2.18 -39.38 -22.40
N VAL J 275 -2.70 -40.48 -22.91
CA VAL J 275 -4.07 -40.48 -23.42
C VAL J 275 -5.01 -41.07 -22.38
N GLU J 276 -4.57 -41.04 -21.13
CA GLU J 276 -5.35 -41.59 -20.02
C GLU J 276 -6.18 -40.53 -19.32
N ILE J 277 -6.34 -39.37 -19.97
CA ILE J 277 -7.20 -38.27 -19.43
C ILE J 277 -8.49 -38.21 -20.28
N SER J 278 -8.62 -39.12 -21.24
CA SER J 278 -9.80 -39.21 -22.16
C SER J 278 -11.06 -39.53 -21.36
N ASN J 279 -10.93 -40.35 -20.31
CA ASN J 279 -12.07 -40.78 -19.46
C ASN J 279 -12.71 -39.55 -18.81
N ALA J 280 -11.90 -38.58 -18.36
CA ALA J 280 -12.38 -37.33 -17.73
C ALA J 280 -13.56 -36.75 -18.52
N ALA J 281 -13.42 -36.63 -19.85
CA ALA J 281 -14.53 -36.11 -20.66
C ALA J 281 -15.55 -37.17 -21.03
N SER J 282 -16.79 -36.96 -20.57
CA SER J 282 -17.95 -37.86 -20.82
C SER J 282 -18.75 -37.31 -22.00
N GLN J 283 -18.04 -36.80 -23.00
CA GLN J 283 -18.62 -36.21 -24.24
C GLN J 283 -17.92 -36.86 -25.45
N THR J 284 -18.50 -36.74 -26.64
CA THR J 284 -17.88 -37.38 -27.84
C THR J 284 -16.44 -36.88 -27.98
N CYS J 285 -15.50 -37.81 -28.19
CA CYS J 285 -14.06 -37.50 -28.33
C CYS J 285 -13.55 -38.17 -29.61
N GLU J 286 -12.38 -37.74 -30.12
CA GLU J 286 -11.88 -38.33 -31.35
C GLU J 286 -10.38 -38.22 -31.26
N PHE J 287 -9.66 -39.17 -31.84
CA PHE J 287 -8.25 -39.31 -31.57
C PHE J 287 -7.38 -39.46 -32.80
N ILE J 288 -6.15 -38.91 -32.74
CA ILE J 288 -5.15 -39.08 -33.78
C ILE J 288 -3.77 -39.33 -33.17
N GLU J 289 -3.19 -40.51 -33.41
CA GLU J 289 -1.94 -40.87 -32.74
C GLU J 289 -0.70 -40.55 -33.57
N VAL J 290 0.26 -39.83 -32.99
CA VAL J 290 1.46 -39.52 -33.74
C VAL J 290 2.44 -40.68 -33.54
N THR J 291 2.45 -41.58 -34.50
CA THR J 291 3.30 -42.77 -34.46
C THR J 291 4.79 -42.47 -34.67
N SER J 292 5.56 -43.54 -34.60
CA SER J 292 6.96 -43.45 -34.88
C SER J 292 7.10 -43.15 -36.35
N LEU J 293 8.09 -42.35 -36.73
CA LEU J 293 8.27 -42.15 -38.17
C LEU J 293 8.60 -43.43 -38.94
N GLU J 294 7.71 -43.81 -39.85
CA GLU J 294 7.92 -44.99 -40.71
C GLU J 294 9.27 -44.94 -41.41
N ILE J 295 9.79 -46.10 -41.79
CA ILE J 295 11.10 -46.18 -42.43
C ILE J 295 11.20 -45.33 -43.70
N ASP J 296 10.26 -45.52 -44.61
CA ASP J 296 10.25 -44.76 -45.85
C ASP J 296 10.24 -43.27 -45.59
N GLU J 297 9.36 -42.84 -44.68
CA GLU J 297 9.26 -41.43 -44.33
C GLU J 297 10.60 -40.87 -43.87
N CYS J 298 11.15 -41.44 -42.80
CA CYS J 298 12.42 -40.97 -42.29
C CYS J 298 13.29 -40.48 -43.43
N TYR J 299 13.64 -41.38 -44.35
CA TYR J 299 14.48 -40.99 -45.47
C TYR J 299 14.13 -39.57 -45.91
N ASP J 300 12.86 -39.35 -46.23
CA ASP J 300 12.43 -38.03 -46.68
C ASP J 300 12.83 -36.95 -45.70
N PHE J 301 12.66 -37.22 -44.41
CA PHE J 301 13.01 -36.24 -43.39
C PHE J 301 14.47 -35.85 -43.50
N LEU J 302 15.34 -36.85 -43.63
CA LEU J 302 16.76 -36.59 -43.75
C LEU J 302 17.04 -35.75 -45.00
N GLU J 303 16.76 -36.32 -46.17
CA GLU J 303 16.97 -35.58 -47.40
C GLU J 303 16.52 -34.12 -47.27
N ALA J 304 15.29 -33.95 -46.73
CA ALA J 304 14.66 -32.62 -46.54
C ALA J 304 15.64 -31.65 -45.87
N TYR J 305 16.12 -32.01 -44.68
CA TYR J 305 17.09 -31.17 -43.93
C TYR J 305 18.40 -31.04 -44.73
N GLY J 306 18.81 -32.14 -45.39
CA GLY J 306 20.03 -32.18 -46.21
C GLY J 306 21.10 -33.06 -45.59
N MET J 307 21.26 -34.26 -46.14
CA MET J 307 22.26 -35.25 -45.67
C MET J 307 22.74 -36.05 -46.87
N PRO J 308 23.95 -36.65 -46.86
CA PRO J 308 24.43 -37.45 -47.99
C PRO J 308 23.44 -38.58 -48.28
N MET J 309 23.16 -38.84 -49.56
CA MET J 309 22.23 -39.94 -49.94
C MET J 309 22.98 -41.27 -49.81
N PRO J 310 22.28 -42.41 -49.58
CA PRO J 310 22.94 -43.72 -49.45
C PRO J 310 23.64 -44.12 -50.76
N VAL J 311 24.82 -44.75 -50.67
CA VAL J 311 25.55 -45.17 -51.90
C VAL J 311 26.19 -46.54 -51.69
N GLY J 312 27.19 -46.65 -50.79
CA GLY J 312 27.86 -47.92 -50.56
C GLY J 312 26.95 -48.86 -49.78
N GLU J 313 27.04 -50.15 -50.08
CA GLU J 313 26.19 -51.19 -49.43
C GLU J 313 26.44 -51.15 -47.93
N LYS J 314 27.72 -51.13 -47.54
CA LYS J 314 28.06 -51.09 -46.10
C LYS J 314 27.47 -49.78 -45.52
N GLU J 315 27.67 -48.65 -46.22
CA GLU J 315 27.14 -47.34 -45.77
C GLU J 315 25.60 -47.34 -45.79
N GLU J 316 24.99 -48.03 -46.77
CA GLU J 316 23.51 -48.14 -46.86
C GLU J 316 23.02 -48.81 -45.58
N ASP J 317 23.71 -49.88 -45.17
CA ASP J 317 23.40 -50.58 -43.90
C ASP J 317 23.85 -49.68 -42.74
N VAL J 318 24.71 -48.68 -42.99
CA VAL J 318 25.10 -47.84 -41.85
C VAL J 318 24.05 -46.78 -41.56
N LEU J 319 23.40 -46.28 -42.61
CA LEU J 319 22.36 -45.29 -42.47
C LEU J 319 21.14 -45.91 -41.79
N ASN J 320 20.89 -47.19 -42.07
CA ASN J 320 19.70 -47.87 -41.49
C ASN J 320 19.80 -47.86 -39.96
N LYS J 321 21.03 -47.92 -39.42
CA LYS J 321 21.23 -47.98 -37.95
C LYS J 321 20.50 -46.83 -37.26
N THR J 322 20.96 -45.59 -37.48
CA THR J 322 20.35 -44.41 -36.80
C THR J 322 18.84 -44.60 -36.67
N ILE J 323 18.14 -44.83 -37.78
CA ILE J 323 16.68 -44.95 -37.75
C ILE J 323 16.22 -45.96 -36.71
N GLU J 324 17.02 -46.98 -36.50
CA GLU J 324 16.73 -47.97 -35.47
C GLU J 324 16.92 -47.38 -34.08
N LEU J 325 18.07 -46.74 -33.86
CA LEU J 325 18.32 -46.13 -32.56
C LEU J 325 17.28 -45.06 -32.34
N SER J 326 17.25 -44.06 -33.22
CA SER J 326 16.23 -43.03 -33.11
C SER J 326 15.00 -43.57 -33.80
N SER J 327 14.14 -44.28 -33.07
CA SER J 327 12.98 -44.91 -33.68
C SER J 327 11.91 -43.90 -34.08
N GLY J 328 12.11 -43.23 -35.22
CA GLY J 328 11.11 -42.30 -35.71
C GLY J 328 10.77 -41.15 -34.81
N ASN J 329 11.67 -40.78 -33.91
CA ASN J 329 11.44 -39.63 -33.05
C ASN J 329 12.04 -38.41 -33.71
N PRO J 330 11.20 -37.55 -34.29
CA PRO J 330 11.72 -36.39 -35.01
C PRO J 330 12.62 -35.53 -34.13
N ALA J 331 12.22 -35.33 -32.89
CA ALA J 331 13.01 -34.51 -31.98
C ALA J 331 14.42 -35.07 -31.86
N THR J 332 14.52 -36.37 -31.63
CA THR J 332 15.83 -37.01 -31.55
C THR J 332 16.48 -36.96 -32.93
N LEU J 333 15.70 -37.27 -33.95
CA LEU J 333 16.22 -37.23 -35.31
C LEU J 333 16.80 -35.87 -35.59
N MET J 334 16.36 -34.85 -34.85
CA MET J 334 16.83 -33.51 -35.10
C MET J 334 18.13 -33.31 -34.31
N MET J 335 18.08 -33.68 -33.04
CA MET J 335 19.24 -33.55 -32.15
C MET J 335 20.46 -34.29 -32.68
N PHE J 336 20.20 -35.33 -33.47
CA PHE J 336 21.28 -36.13 -34.11
C PHE J 336 21.81 -35.34 -35.31
N PHE J 337 20.89 -34.83 -36.13
CA PHE J 337 21.22 -34.03 -37.35
C PHE J 337 21.92 -32.72 -36.95
N LYS J 338 21.45 -32.07 -35.89
CA LYS J 338 22.03 -30.77 -35.42
C LYS J 338 23.32 -31.04 -34.64
N SER J 339 24.05 -32.09 -35.01
CA SER J 339 25.28 -32.45 -34.31
C SER J 339 26.26 -32.97 -35.35
N CYS J 340 25.78 -33.80 -36.26
CA CYS J 340 26.63 -34.27 -37.33
C CYS J 340 26.67 -33.17 -38.37
N GLU J 341 27.16 -32.01 -37.97
CA GLU J 341 27.18 -30.86 -38.89
C GLU J 341 27.87 -31.14 -40.22
N PRO J 342 29.00 -31.86 -40.20
CA PRO J 342 29.59 -32.17 -41.51
C PRO J 342 28.69 -33.07 -42.33
N LYS J 343 27.78 -33.80 -41.69
CA LYS J 343 26.94 -34.75 -42.40
C LYS J 343 27.80 -35.87 -42.94
N THR J 344 29.11 -35.74 -42.75
CA THR J 344 30.03 -36.76 -43.20
C THR J 344 29.56 -38.11 -42.69
N PHE J 345 29.34 -39.04 -43.61
CA PHE J 345 28.91 -40.36 -43.19
C PHE J 345 29.91 -40.88 -42.19
N GLU J 346 31.19 -40.69 -42.50
CA GLU J 346 32.27 -41.12 -41.63
C GLU J 346 32.07 -40.54 -40.23
N LYS J 347 31.33 -39.43 -40.14
CA LYS J 347 31.08 -38.82 -38.83
C LYS J 347 29.74 -39.26 -38.25
N MET J 348 28.88 -39.84 -39.09
CA MET J 348 27.56 -40.32 -38.63
C MET J 348 27.76 -41.64 -37.89
N ALA J 349 28.68 -42.47 -38.39
CA ALA J 349 28.99 -43.79 -37.78
C ALA J 349 29.51 -43.57 -36.36
N GLN J 350 30.36 -42.55 -36.16
CA GLN J 350 30.92 -42.25 -34.82
C GLN J 350 29.78 -41.88 -33.86
N LEU J 351 28.81 -41.09 -34.33
CA LEU J 351 27.65 -40.68 -33.49
C LEU J 351 26.85 -41.94 -33.13
N ASN J 352 26.69 -42.83 -34.11
CA ASN J 352 25.93 -44.09 -33.88
C ASN J 352 26.66 -44.91 -32.81
N ASN J 353 28.00 -44.95 -32.89
CA ASN J 353 28.85 -45.70 -31.92
C ASN J 353 28.68 -45.10 -30.52
N LYS J 354 28.63 -43.77 -30.44
CA LYS J 354 28.46 -43.08 -29.13
C LYS J 354 27.08 -43.44 -28.55
N LEU J 355 26.06 -43.51 -29.42
CA LEU J 355 24.67 -43.82 -29.00
C LEU J 355 24.58 -45.15 -28.23
N GLU J 356 25.61 -46.00 -28.28
CA GLU J 356 25.52 -47.31 -27.58
C GLU J 356 26.44 -47.27 -26.37
N SER J 357 26.87 -46.07 -25.99
CA SER J 357 27.81 -45.92 -24.85
C SER J 357 27.45 -44.69 -24.03
N ARG J 358 26.53 -43.85 -24.54
CA ARG J 358 26.26 -42.61 -23.81
C ARG J 358 24.77 -42.28 -23.79
N GLY J 359 23.96 -43.17 -24.35
CA GLY J 359 22.52 -42.96 -24.43
C GLY J 359 22.19 -41.69 -25.19
N LEU J 360 21.06 -41.05 -24.90
CA LEU J 360 20.73 -39.80 -25.59
C LEU J 360 21.65 -38.65 -25.15
N VAL J 361 22.27 -38.84 -23.99
CA VAL J 361 23.03 -37.79 -23.32
C VAL J 361 24.08 -37.19 -24.23
N GLY J 362 24.93 -38.03 -24.82
CA GLY J 362 25.95 -37.50 -25.74
C GLY J 362 25.31 -36.80 -26.93
N VAL J 363 24.13 -37.26 -27.33
CA VAL J 363 23.34 -36.73 -28.48
C VAL J 363 22.88 -35.28 -28.24
N GLU J 364 22.51 -34.96 -27.00
CA GLU J 364 22.01 -33.63 -26.65
C GLU J 364 22.58 -32.47 -27.47
N CYS J 365 21.70 -31.56 -27.87
CA CYS J 365 22.14 -30.39 -28.60
C CYS J 365 21.03 -29.35 -28.52
N ILE J 366 21.33 -28.11 -28.86
CA ILE J 366 20.29 -27.09 -28.88
C ILE J 366 19.33 -27.41 -30.02
N THR J 367 18.03 -27.44 -29.73
CA THR J 367 17.06 -27.83 -30.75
C THR J 367 15.77 -27.02 -30.62
N PRO J 368 14.98 -26.94 -31.71
CA PRO J 368 13.71 -26.25 -31.54
C PRO J 368 13.03 -26.76 -30.25
N TYR J 369 13.08 -28.08 -30.04
CA TYR J 369 12.43 -28.70 -28.88
C TYR J 369 12.77 -28.05 -27.55
N SER J 370 11.81 -28.05 -26.63
CA SER J 370 12.03 -27.46 -25.33
C SER J 370 13.10 -28.19 -24.53
N TYR J 371 13.03 -29.52 -24.52
CA TYR J 371 13.99 -30.30 -23.75
C TYR J 371 15.33 -30.43 -24.45
N LYS J 372 16.42 -30.18 -23.73
CA LYS J 372 17.74 -30.32 -24.31
C LYS J 372 17.97 -31.75 -24.73
N SER J 373 17.54 -32.70 -23.91
CA SER J 373 17.65 -34.11 -24.27
C SER J 373 16.31 -34.77 -24.10
N LEU J 374 15.96 -35.66 -25.04
CA LEU J 374 14.67 -36.31 -24.97
C LEU J 374 14.54 -37.01 -23.63
N ALA J 375 15.67 -37.42 -23.04
CA ALA J 375 15.56 -38.01 -21.69
C ALA J 375 14.99 -36.95 -20.73
N MET J 376 15.56 -35.74 -20.76
CA MET J 376 15.05 -34.66 -19.91
C MET J 376 13.55 -34.59 -20.05
N ALA J 377 13.06 -35.03 -21.20
CA ALA J 377 11.64 -34.96 -21.50
C ALA J 377 10.92 -36.10 -20.82
N LEU J 378 11.44 -37.28 -21.11
CA LEU J 378 10.86 -38.53 -20.67
C LEU J 378 10.85 -38.62 -19.14
N GLN J 379 11.82 -37.96 -18.51
CA GLN J 379 11.82 -37.83 -17.08
C GLN J 379 10.37 -37.69 -16.63
N ARG J 380 9.82 -36.53 -17.00
CA ARG J 380 8.46 -36.10 -16.68
C ARG J 380 7.41 -37.14 -16.96
N CYS J 381 7.71 -38.08 -17.85
CA CYS J 381 6.78 -39.15 -18.16
C CYS J 381 6.96 -40.29 -17.16
N VAL J 382 8.07 -40.27 -16.43
CA VAL J 382 8.36 -41.28 -15.44
C VAL J 382 8.05 -40.75 -14.04
N GLU J 383 7.71 -39.46 -13.92
CA GLU J 383 7.38 -38.97 -12.60
C GLU J 383 5.89 -39.13 -12.34
N VAL J 384 5.12 -38.80 -13.35
CA VAL J 384 3.67 -38.87 -13.29
C VAL J 384 3.15 -40.29 -13.05
N LEU J 385 4.01 -41.26 -13.36
CA LEU J 385 3.59 -42.66 -13.40
C LEU J 385 3.15 -43.15 -12.03
N SER J 386 2.07 -43.92 -12.00
CA SER J 386 1.67 -44.60 -10.78
C SER J 386 2.91 -45.16 -10.10
N ASP J 387 3.03 -44.98 -8.77
CA ASP J 387 4.22 -45.45 -8.01
C ASP J 387 4.60 -46.93 -8.34
N GLU J 388 3.59 -47.78 -8.44
CA GLU J 388 3.80 -49.19 -8.73
C GLU J 388 4.03 -49.41 -10.22
N ASP J 389 3.54 -48.49 -11.03
CA ASP J 389 3.71 -48.58 -12.47
C ASP J 389 5.10 -48.09 -12.82
N ARG J 390 5.63 -47.21 -11.98
CA ARG J 390 6.97 -46.68 -12.18
C ARG J 390 7.98 -47.82 -12.12
N SER J 391 7.81 -48.71 -11.14
CA SER J 391 8.69 -49.85 -10.99
C SER J 391 8.66 -50.65 -12.29
N ALA J 392 7.48 -51.14 -12.65
CA ALA J 392 7.34 -51.92 -13.90
C ALA J 392 8.23 -51.41 -15.04
N LEU J 393 8.18 -50.10 -15.26
CA LEU J 393 8.93 -49.47 -16.33
C LEU J 393 10.40 -49.63 -16.06
N ALA J 394 10.80 -49.40 -14.80
CA ALA J 394 12.20 -49.53 -14.44
C ALA J 394 12.68 -50.97 -14.51
N PHE J 395 11.74 -51.89 -14.61
CA PHE J 395 12.09 -53.32 -14.66
C PHE J 395 12.03 -53.88 -16.06
N ALA J 396 11.74 -53.04 -17.05
CA ALA J 396 11.69 -53.49 -18.43
C ALA J 396 12.98 -53.17 -19.16
N VAL J 397 13.95 -52.63 -18.43
CA VAL J 397 15.23 -52.25 -19.05
C VAL J 397 15.94 -53.46 -19.66
N VAL J 398 15.94 -54.58 -18.95
CA VAL J 398 16.64 -55.77 -19.42
C VAL J 398 15.98 -56.41 -20.64
N MET J 399 14.77 -55.98 -20.98
CA MET J 399 14.04 -56.58 -22.09
C MET J 399 14.70 -56.37 -23.44
N PRO J 400 14.50 -57.32 -24.37
CA PRO J 400 15.04 -57.16 -25.72
C PRO J 400 14.47 -55.94 -26.40
N PRO J 401 15.31 -55.09 -27.02
CA PRO J 401 14.67 -53.91 -27.62
C PRO J 401 13.98 -54.26 -28.93
N GLY J 402 12.86 -53.60 -29.21
CA GLY J 402 12.15 -53.85 -30.46
C GLY J 402 11.74 -55.29 -30.63
N VAL J 403 11.45 -55.97 -29.52
CA VAL J 403 11.05 -57.37 -29.59
C VAL J 403 9.69 -57.57 -28.96
N ASP J 404 8.75 -58.14 -29.71
CA ASP J 404 7.43 -58.40 -29.18
C ASP J 404 7.46 -59.64 -28.32
N ILE J 405 8.06 -59.53 -27.13
CA ILE J 405 8.22 -60.69 -26.27
C ILE J 405 6.94 -61.05 -25.52
N PRO J 406 6.71 -62.35 -25.27
CA PRO J 406 5.54 -62.79 -24.51
C PRO J 406 5.37 -62.16 -23.14
N VAL J 407 4.15 -62.28 -22.59
CA VAL J 407 3.81 -61.69 -21.31
C VAL J 407 4.52 -62.42 -20.19
N LYS J 408 4.52 -63.74 -20.28
CA LYS J 408 5.16 -64.54 -19.25
C LYS J 408 6.67 -64.24 -19.17
N LEU J 409 7.32 -64.18 -20.33
CA LEU J 409 8.73 -63.83 -20.33
C LEU J 409 8.96 -62.50 -19.62
N TRP J 410 7.91 -61.68 -19.52
CA TRP J 410 8.03 -60.39 -18.85
C TRP J 410 7.74 -60.57 -17.38
N SER J 411 6.79 -61.47 -17.07
CA SER J 411 6.39 -61.77 -15.69
C SER J 411 7.60 -62.07 -14.81
N CYS J 412 8.72 -62.35 -15.47
CA CYS J 412 9.96 -62.77 -14.83
C CYS J 412 10.70 -61.61 -14.15
N VAL J 413 10.79 -60.46 -14.81
CA VAL J 413 11.49 -59.32 -14.21
C VAL J 413 10.58 -58.36 -13.42
N ILE J 414 9.31 -58.30 -13.80
CA ILE J 414 8.39 -57.34 -13.20
C ILE J 414 7.91 -57.76 -11.79
N PRO J 415 7.97 -56.84 -10.81
CA PRO J 415 7.46 -56.98 -9.43
C PRO J 415 5.94 -57.24 -9.28
N VAL J 416 5.51 -57.59 -8.05
CA VAL J 416 4.08 -57.72 -7.67
C VAL J 416 3.93 -58.09 -6.18
N GLU J 424 -1.86 -66.86 -7.28
CA GLU J 424 -2.25 -67.98 -8.17
C GLU J 424 -2.27 -67.50 -9.62
N GLN J 425 -3.37 -67.71 -10.34
CA GLN J 425 -3.46 -67.29 -11.73
C GLN J 425 -3.59 -65.77 -11.84
N LEU J 426 -3.04 -65.05 -10.87
CA LEU J 426 -3.09 -63.59 -10.89
C LEU J 426 -1.89 -63.02 -11.61
N ASP J 427 -1.09 -63.88 -12.23
CA ASP J 427 0.08 -63.42 -12.95
C ASP J 427 -0.35 -62.52 -14.08
N ASP J 428 -1.64 -62.53 -14.38
CA ASP J 428 -2.17 -61.66 -15.43
C ASP J 428 -1.80 -60.22 -15.12
N GLU J 429 -1.68 -59.90 -13.83
CA GLU J 429 -1.33 -58.55 -13.43
C GLU J 429 -0.22 -57.96 -14.30
N VAL J 430 0.83 -58.74 -14.55
CA VAL J 430 1.91 -58.27 -15.42
C VAL J 430 1.33 -57.54 -16.64
N ALA J 431 0.36 -58.17 -17.28
CA ALA J 431 -0.30 -57.55 -18.43
C ALA J 431 -0.95 -56.20 -18.11
N ASP J 432 -1.57 -56.09 -16.94
CA ASP J 432 -2.25 -54.85 -16.55
C ASP J 432 -1.28 -53.69 -16.45
N ARG J 433 -0.10 -53.98 -15.92
CA ARG J 433 0.94 -52.99 -15.79
C ARG J 433 1.44 -52.59 -17.18
N LEU J 434 1.66 -53.59 -18.02
CA LEU J 434 2.17 -53.35 -19.38
C LEU J 434 1.21 -52.57 -20.29
N LYS J 435 -0.09 -52.69 -20.02
CA LYS J 435 -1.09 -51.97 -20.79
C LYS J 435 -1.16 -50.53 -20.29
N ARG J 436 -1.26 -50.37 -18.97
CA ARG J 436 -1.30 -49.02 -18.42
C ARG J 436 -0.05 -48.26 -18.81
N LEU J 437 1.11 -48.89 -18.66
CA LEU J 437 2.37 -48.25 -19.00
C LEU J 437 2.42 -47.87 -20.48
N SER J 438 1.77 -48.67 -21.32
CA SER J 438 1.72 -48.41 -22.75
C SER J 438 0.75 -47.29 -23.08
N LYS J 439 -0.19 -47.02 -22.18
CA LYS J 439 -1.17 -45.94 -22.41
C LYS J 439 -0.85 -44.70 -21.58
N ARG J 440 0.44 -44.35 -21.53
CA ARG J 440 0.95 -43.17 -20.79
C ARG J 440 2.17 -42.64 -21.56
N GLY J 441 1.92 -41.90 -22.65
CA GLY J 441 3.01 -41.38 -23.50
C GLY J 441 3.59 -42.48 -24.39
N ALA J 442 2.81 -43.55 -24.61
CA ALA J 442 3.19 -44.72 -25.43
C ALA J 442 4.48 -45.36 -24.89
N LEU J 443 4.59 -45.45 -23.55
CA LEU J 443 5.78 -46.07 -22.91
C LEU J 443 5.87 -47.54 -23.32
N LEU J 444 4.73 -48.23 -23.35
CA LEU J 444 4.69 -49.66 -23.75
C LEU J 444 3.82 -49.82 -24.99
N SER J 445 4.34 -50.51 -26.01
CA SER J 445 3.58 -50.71 -27.28
C SER J 445 3.39 -52.21 -27.53
N GLY J 446 2.37 -52.81 -26.92
CA GLY J 446 2.09 -54.22 -27.08
C GLY J 446 1.19 -54.51 -28.26
N LYS J 447 0.92 -55.79 -28.48
CA LYS J 447 0.05 -56.23 -29.57
C LYS J 447 -0.89 -57.27 -29.01
N ARG J 448 -1.99 -57.51 -29.71
CA ARG J 448 -2.99 -58.49 -29.29
C ARG J 448 -2.72 -59.86 -29.89
N MET J 449 -2.72 -59.95 -31.22
CA MET J 449 -2.48 -61.21 -31.91
C MET J 449 -0.99 -61.49 -32.07
N PRO J 450 -0.64 -62.63 -32.70
CA PRO J 450 -1.11 -63.98 -32.39
C PRO J 450 -1.25 -64.21 -30.90
N VAL J 451 -0.26 -63.78 -30.12
CA VAL J 451 -0.31 -63.92 -28.67
C VAL J 451 0.01 -62.59 -27.99
N LEU J 452 -0.63 -62.30 -26.85
CA LEU J 452 -0.40 -61.05 -26.11
C LEU J 452 1.07 -60.78 -25.79
N THR J 453 1.66 -59.85 -26.52
CA THR J 453 3.08 -59.55 -26.39
C THR J 453 3.27 -58.04 -26.45
N PHE J 454 4.27 -57.54 -25.74
CA PHE J 454 4.61 -56.13 -25.81
C PHE J 454 6.00 -55.98 -26.39
N LYS J 455 6.52 -54.76 -26.42
CA LYS J 455 7.85 -54.54 -26.96
C LYS J 455 8.36 -53.14 -26.63
N ILE J 456 9.66 -53.03 -26.37
CA ILE J 456 10.26 -51.75 -26.06
C ILE J 456 10.88 -51.17 -27.33
N ASP J 457 11.09 -49.86 -27.34
CA ASP J 457 11.69 -49.15 -28.47
C ASP J 457 13.06 -48.63 -28.05
N HIS J 458 14.03 -48.65 -28.94
CA HIS J 458 15.36 -48.21 -28.60
C HIS J 458 15.39 -46.89 -27.82
N ILE J 459 14.76 -45.86 -28.36
CA ILE J 459 14.79 -44.52 -27.76
C ILE J 459 14.20 -44.69 -26.37
N ILE J 460 13.09 -45.42 -26.27
CA ILE J 460 12.47 -45.71 -24.98
C ILE J 460 13.39 -46.62 -24.13
N HIS J 461 14.38 -47.22 -24.79
CA HIS J 461 15.29 -48.16 -24.14
C HIS J 461 16.57 -47.52 -23.63
N MET J 462 17.11 -46.58 -24.39
CA MET J 462 18.34 -45.90 -23.98
C MET J 462 18.08 -44.96 -22.83
N PHE J 463 16.86 -44.41 -22.75
CA PHE J 463 16.52 -43.53 -21.65
C PHE J 463 16.71 -44.30 -20.38
N LEU J 464 16.16 -45.52 -20.37
CA LEU J 464 16.31 -46.42 -19.20
C LEU J 464 17.78 -46.83 -19.09
N LYS J 465 18.48 -46.95 -20.22
CA LYS J 465 19.88 -47.45 -20.17
C LYS J 465 20.76 -46.54 -19.29
N HIS J 466 20.57 -45.22 -19.37
CA HIS J 466 21.42 -44.28 -18.59
C HIS J 466 20.69 -43.65 -17.41
N VAL J 467 19.51 -44.17 -17.01
CA VAL J 467 18.77 -43.52 -15.89
C VAL J 467 18.54 -44.45 -14.69
N VAL J 468 18.25 -45.73 -14.91
CA VAL J 468 17.95 -46.60 -13.77
C VAL J 468 19.23 -46.94 -12.99
N ASP J 469 19.06 -47.33 -11.72
CA ASP J 469 20.17 -47.64 -10.83
C ASP J 469 21.06 -48.71 -11.45
N ALA J 470 22.34 -48.38 -11.63
CA ALA J 470 23.26 -49.30 -12.28
C ALA J 470 23.13 -50.71 -11.70
N GLN J 471 22.74 -50.78 -10.43
CA GLN J 471 22.51 -52.04 -9.74
C GLN J 471 21.25 -52.74 -10.26
N THR J 472 20.14 -52.01 -10.28
CA THR J 472 18.83 -52.58 -10.62
C THR J 472 18.81 -53.21 -12.01
N ILE J 473 19.79 -52.84 -12.83
CA ILE J 473 19.92 -53.44 -14.15
C ILE J 473 20.41 -54.86 -13.93
N ALA J 474 21.61 -54.96 -13.35
CA ALA J 474 22.24 -56.25 -13.05
C ALA J 474 21.38 -57.11 -12.13
N ASN J 475 20.76 -56.49 -11.14
CA ASN J 475 19.90 -57.20 -10.21
C ASN J 475 18.82 -57.91 -11.01
N GLY J 476 18.15 -57.16 -11.88
CA GLY J 476 17.10 -57.69 -12.72
C GLY J 476 17.61 -58.83 -13.57
N ILE J 477 18.77 -58.65 -14.19
CA ILE J 477 19.34 -59.68 -15.05
C ILE J 477 19.71 -60.95 -14.28
N SER J 478 19.95 -60.81 -12.98
CA SER J 478 20.29 -61.95 -12.15
C SER J 478 19.00 -62.68 -11.87
N ILE J 479 17.99 -61.89 -11.48
CA ILE J 479 16.66 -62.40 -11.18
C ILE J 479 16.08 -63.22 -12.32
N LEU J 480 16.17 -62.66 -13.54
CA LEU J 480 15.62 -63.31 -14.76
C LEU J 480 16.21 -64.71 -14.97
N GLU J 481 17.45 -64.93 -14.55
CA GLU J 481 18.06 -66.24 -14.71
C GLU J 481 17.24 -67.29 -13.99
N GLN J 482 16.85 -67.00 -12.75
CA GLN J 482 16.08 -67.97 -11.94
C GLN J 482 14.78 -68.35 -12.67
N ARG J 483 14.14 -67.38 -13.30
CA ARG J 483 12.86 -67.64 -14.02
C ARG J 483 13.16 -68.08 -15.46
N LEU J 484 14.34 -67.74 -15.98
CA LEU J 484 14.72 -68.09 -17.36
C LEU J 484 14.77 -69.62 -17.53
N LEU J 485 15.34 -70.33 -16.55
CA LEU J 485 15.45 -71.82 -16.65
C LEU J 485 14.05 -72.43 -16.66
N GLU J 486 13.12 -71.91 -15.85
CA GLU J 486 11.73 -72.42 -15.76
C GLU J 486 11.76 -73.90 -15.42
N ILE J 487 11.01 -74.72 -16.18
CA ILE J 487 10.97 -76.19 -15.94
C ILE J 487 10.81 -76.90 -17.28
N THR J 522 10.46 -63.13 -36.89
CA THR J 522 9.47 -62.37 -36.14
C THR J 522 8.36 -63.28 -35.61
N VAL J 523 8.51 -64.58 -35.86
CA VAL J 523 7.53 -65.55 -35.42
C VAL J 523 8.03 -66.29 -34.18
N ILE J 524 8.68 -65.55 -33.28
CA ILE J 524 9.22 -66.14 -32.06
C ILE J 524 8.14 -66.89 -31.28
N ARG J 525 8.47 -68.10 -30.85
CA ARG J 525 7.54 -68.93 -30.10
C ARG J 525 8.14 -69.41 -28.78
N PRO J 526 8.30 -68.49 -27.82
CA PRO J 526 8.87 -68.84 -26.51
C PRO J 526 7.92 -69.74 -25.72
N GLU J 527 7.52 -70.86 -26.33
CA GLU J 527 6.62 -71.79 -25.68
C GLU J 527 7.33 -73.09 -25.33
N ASP J 528 8.41 -73.37 -26.05
CA ASP J 528 9.21 -74.58 -25.84
C ASP J 528 10.67 -74.18 -25.82
N PHE J 529 10.91 -72.94 -26.23
CA PHE J 529 12.22 -72.32 -26.29
C PHE J 529 12.39 -71.05 -25.44
N PRO J 530 11.61 -70.91 -24.35
CA PRO J 530 11.85 -69.73 -23.49
C PRO J 530 13.04 -69.97 -22.59
N LYS J 531 13.25 -71.24 -22.25
CA LYS J 531 14.35 -71.65 -21.42
C LYS J 531 15.61 -70.90 -21.85
N PHE J 532 15.67 -70.65 -23.15
CA PHE J 532 16.86 -70.02 -23.72
C PHE J 532 16.71 -68.55 -24.04
N MET J 533 17.56 -67.74 -23.44
CA MET J 533 17.59 -66.28 -23.70
C MET J 533 18.76 -65.97 -24.63
N GLN J 534 19.40 -67.02 -25.16
CA GLN J 534 20.58 -66.94 -26.07
C GLN J 534 20.20 -66.21 -27.36
N LEU J 535 18.97 -66.41 -27.84
CA LEU J 535 18.46 -65.75 -29.08
C LEU J 535 18.86 -64.27 -29.08
N HIS J 536 19.11 -63.70 -27.89
CA HIS J 536 19.52 -62.31 -27.74
C HIS J 536 20.76 -62.15 -26.87
N GLN J 537 21.59 -63.20 -26.82
CA GLN J 537 22.82 -63.16 -26.04
C GLN J 537 23.67 -61.99 -26.50
N LYS J 538 23.47 -61.59 -27.74
CA LYS J 538 24.21 -60.48 -28.32
C LYS J 538 24.01 -59.24 -27.44
N PHE J 539 22.76 -59.02 -27.04
CA PHE J 539 22.41 -57.88 -26.19
C PHE J 539 22.34 -58.31 -24.72
N TYR J 540 22.18 -59.62 -24.51
CA TYR J 540 22.06 -60.19 -23.15
C TYR J 540 23.37 -60.02 -22.38
N ASP J 541 24.51 -60.11 -23.08
CA ASP J 541 25.84 -59.97 -22.44
C ASP J 541 25.98 -58.56 -21.85
N SER J 542 25.51 -57.55 -22.59
CA SER J 542 25.59 -56.14 -22.12
C SER J 542 24.73 -55.98 -20.86
N LEU J 543 25.24 -55.23 -19.88
CA LEU J 543 24.51 -54.99 -18.59
C LEU J 543 25.17 -53.82 -17.85
N ARG K 112 20.08 14.29 -42.18
CA ARG K 112 21.12 13.87 -41.23
C ARG K 112 20.95 14.41 -39.79
N GLN K 113 19.75 14.88 -39.48
CA GLN K 113 19.48 15.42 -38.16
C GLN K 113 18.29 14.66 -37.58
N MET K 114 17.55 14.01 -38.47
CA MET K 114 16.43 13.13 -38.14
C MET K 114 16.92 11.77 -37.64
N LEU K 115 18.02 11.28 -38.23
CA LEU K 115 18.67 10.05 -37.79
C LEU K 115 18.95 10.18 -36.33
N ASP K 116 19.73 11.19 -35.98
CA ASP K 116 20.17 11.39 -34.61
C ASP K 116 19.01 11.36 -33.59
N ARG K 117 17.90 12.04 -33.93
CA ARG K 117 16.64 11.85 -33.21
C ARG K 117 16.26 10.37 -33.08
N LYS K 118 16.26 9.66 -34.20
CA LYS K 118 15.87 8.25 -34.19
C LYS K 118 16.91 7.35 -33.47
N LEU K 119 18.20 7.63 -33.68
CA LEU K 119 19.25 6.88 -32.99
C LEU K 119 19.13 7.06 -31.50
N LEU K 120 19.06 8.31 -31.04
CA LEU K 120 18.98 8.56 -29.60
C LEU K 120 17.78 7.86 -28.94
N LEU K 121 16.65 7.90 -29.60
CA LEU K 121 15.43 7.37 -29.00
C LEU K 121 15.40 5.84 -29.00
N GLY K 122 16.15 5.24 -29.92
CA GLY K 122 16.29 3.80 -30.01
C GLY K 122 17.44 3.33 -29.16
N ASN K 123 17.95 4.23 -28.33
CA ASN K 123 19.04 3.95 -27.38
C ASN K 123 20.29 3.40 -28.02
N VAL K 124 20.56 3.82 -29.25
CA VAL K 124 21.81 3.52 -29.95
C VAL K 124 22.95 4.37 -29.39
N PRO K 125 24.07 3.70 -29.08
CA PRO K 125 25.30 4.27 -28.52
C PRO K 125 26.07 5.16 -29.52
N LYS K 126 26.87 6.10 -29.03
CA LYS K 126 27.49 7.12 -29.87
C LYS K 126 28.62 6.60 -30.75
N GLN K 127 28.27 5.98 -31.89
CA GLN K 127 29.17 5.36 -32.92
C GLN K 127 30.58 5.98 -32.99
N MET K 128 31.61 5.14 -32.78
CA MET K 128 33.05 5.54 -32.72
C MET K 128 33.53 6.07 -34.08
N THR K 129 34.52 6.97 -34.07
CA THR K 129 35.00 7.59 -35.33
C THR K 129 36.53 7.57 -35.51
N CYS K 130 37.33 7.80 -34.46
CA CYS K 130 38.78 7.86 -34.68
C CYS K 130 39.40 6.66 -35.44
N TYR K 131 38.62 5.60 -35.60
CA TYR K 131 39.05 4.43 -36.36
C TYR K 131 37.83 3.58 -36.72
N ILE K 132 37.57 3.43 -38.01
CA ILE K 132 36.36 2.65 -38.44
C ILE K 132 36.79 1.52 -39.38
N ARG K 133 36.15 0.35 -39.26
CA ARG K 133 36.46 -0.79 -40.14
C ARG K 133 35.46 -0.76 -41.31
N GLU K 134 35.94 -0.34 -42.49
CA GLU K 134 35.08 -0.24 -43.70
C GLU K 134 34.59 -1.63 -44.10
N TYR K 135 35.46 -2.64 -43.99
CA TYR K 135 35.09 -4.02 -44.40
C TYR K 135 33.95 -4.57 -43.54
N HIS K 136 33.99 -4.39 -42.22
CA HIS K 136 32.90 -4.98 -41.44
C HIS K 136 31.68 -4.08 -41.40
N VAL K 137 31.83 -2.86 -40.92
CA VAL K 137 30.69 -1.95 -40.84
C VAL K 137 29.98 -1.92 -42.18
N ASP K 138 30.76 -2.03 -43.26
CA ASP K 138 30.25 -2.01 -44.61
C ASP K 138 29.66 -3.36 -45.00
N ARG K 139 29.85 -4.35 -44.14
CA ARG K 139 29.32 -5.68 -44.37
C ARG K 139 28.11 -5.93 -43.47
N VAL K 140 27.96 -5.10 -42.45
CA VAL K 140 26.85 -5.21 -41.53
C VAL K 140 25.71 -4.35 -42.05
N ILE K 141 26.04 -3.42 -42.93
CA ILE K 141 25.03 -2.54 -43.52
C ILE K 141 24.42 -3.16 -44.76
N LYS K 142 25.30 -3.75 -45.56
CA LYS K 142 24.89 -4.43 -46.77
C LYS K 142 23.86 -5.51 -46.48
N LYS K 143 24.25 -6.47 -45.66
CA LYS K 143 23.35 -7.57 -45.31
C LYS K 143 22.03 -7.07 -44.74
N LEU K 144 22.06 -5.94 -44.07
CA LEU K 144 20.85 -5.39 -43.48
C LEU K 144 19.93 -4.81 -44.55
N ASP K 145 20.53 -4.16 -45.53
CA ASP K 145 19.74 -3.64 -46.64
C ASP K 145 19.08 -4.78 -47.39
N GLU K 146 19.78 -5.90 -47.56
CA GLU K 146 19.24 -7.01 -48.34
C GLU K 146 17.97 -7.57 -47.71
N MET K 147 17.77 -7.26 -46.43
CA MET K 147 16.61 -7.77 -45.72
C MET K 147 15.57 -6.70 -45.42
N CYS K 148 14.64 -6.54 -46.37
CA CYS K 148 13.53 -5.55 -46.26
C CYS K 148 12.21 -6.29 -46.52
N ASP K 149 12.11 -6.94 -47.69
CA ASP K 149 10.89 -7.73 -48.04
C ASP K 149 10.78 -8.88 -47.04
N LEU K 150 11.92 -9.51 -46.72
CA LEU K 150 11.95 -10.62 -45.74
C LEU K 150 11.63 -10.04 -44.35
N ASP K 151 10.94 -10.81 -43.51
CA ASP K 151 10.55 -10.34 -42.15
C ASP K 151 11.06 -11.33 -41.11
N SER K 152 11.18 -10.90 -39.85
CA SER K 152 11.58 -11.76 -38.74
C SER K 152 12.88 -12.48 -39.08
N PHE K 153 13.95 -11.72 -39.27
CA PHE K 153 15.25 -12.31 -39.60
C PHE K 153 16.32 -12.05 -38.50
N PHE K 154 17.31 -12.95 -38.40
CA PHE K 154 18.41 -12.78 -37.45
C PHE K 154 19.72 -12.47 -38.12
N LEU K 155 20.37 -11.40 -37.68
CA LEU K 155 21.72 -11.14 -38.13
C LEU K 155 22.68 -11.28 -36.96
N PHE K 156 23.62 -12.24 -37.05
CA PHE K 156 24.53 -12.53 -35.95
C PHE K 156 25.91 -11.95 -36.15
N LEU K 157 26.15 -10.84 -35.46
CA LEU K 157 27.47 -10.23 -35.48
C LEU K 157 28.25 -10.83 -34.31
N HIS K 158 28.63 -12.10 -34.47
CA HIS K 158 29.34 -12.87 -33.42
C HIS K 158 30.85 -12.61 -33.48
N GLY K 159 31.41 -12.18 -32.35
CA GLY K 159 32.86 -11.90 -32.24
C GLY K 159 33.39 -12.32 -30.87
N ARG K 160 34.71 -12.54 -30.77
CA ARG K 160 35.34 -12.93 -29.49
C ARG K 160 35.27 -11.75 -28.50
N ALA K 161 35.15 -12.07 -27.21
CA ALA K 161 35.04 -11.08 -26.10
C ALA K 161 35.97 -9.89 -26.32
N GLY K 162 35.40 -8.68 -26.31
CA GLY K 162 36.14 -7.44 -26.54
C GLY K 162 36.65 -7.33 -27.97
N SER K 163 36.20 -8.26 -28.82
CA SER K 163 36.63 -8.35 -30.22
C SER K 163 36.07 -7.22 -31.02
N GLY K 164 35.14 -6.46 -30.45
CA GLY K 164 34.65 -5.23 -31.09
C GLY K 164 33.31 -5.25 -31.82
N LYS K 165 32.51 -6.30 -31.61
CA LYS K 165 31.22 -6.45 -32.29
C LYS K 165 30.23 -5.29 -32.04
N SER K 166 30.06 -4.89 -30.78
CA SER K 166 29.04 -3.94 -30.40
C SER K 166 29.35 -2.60 -31.04
N VAL K 167 30.62 -2.21 -31.10
CA VAL K 167 31.03 -0.93 -31.70
C VAL K 167 30.63 -0.81 -33.19
N ILE K 168 30.83 -1.90 -33.92
CA ILE K 168 30.52 -1.90 -35.35
C ILE K 168 29.05 -1.73 -35.67
N ALA K 169 28.17 -2.35 -34.89
CA ALA K 169 26.75 -2.28 -35.19
C ALA K 169 26.25 -0.84 -35.15
N SER K 170 26.53 -0.16 -34.06
CA SER K 170 26.11 1.22 -33.92
C SER K 170 26.77 2.06 -34.99
N GLN K 171 28.03 1.75 -35.28
CA GLN K 171 28.75 2.50 -36.29
C GLN K 171 27.98 2.44 -37.60
N ALA K 172 27.60 1.25 -38.02
CA ALA K 172 26.86 1.08 -39.25
C ALA K 172 25.52 1.80 -39.21
N LEU K 173 24.81 1.62 -38.11
CA LEU K 173 23.51 2.25 -37.98
C LEU K 173 23.64 3.75 -38.21
N SER K 174 24.71 4.34 -37.71
CA SER K 174 24.91 5.77 -37.93
C SER K 174 25.53 5.99 -39.30
N LYS K 175 26.37 5.06 -39.73
CA LYS K 175 27.01 5.19 -41.03
C LYS K 175 25.98 5.24 -42.16
N SER K 176 25.01 4.34 -42.11
CA SER K 176 24.00 4.31 -43.16
C SER K 176 22.75 5.05 -42.74
N ASP K 177 22.57 6.25 -43.26
CA ASP K 177 21.34 6.98 -42.98
C ASP K 177 20.20 6.20 -43.60
N GLN K 178 20.47 5.54 -44.71
CA GLN K 178 19.43 4.72 -45.35
C GLN K 178 18.86 3.72 -44.35
N LEU K 179 19.73 2.95 -43.70
CA LEU K 179 19.25 1.95 -42.76
C LEU K 179 18.08 2.45 -41.89
N ILE K 180 18.21 3.67 -41.39
CA ILE K 180 17.14 4.31 -40.64
C ILE K 180 16.43 5.43 -41.43
N GLY K 181 15.19 5.18 -41.84
CA GLY K 181 14.41 6.11 -42.65
C GLY K 181 14.02 5.52 -43.98
N ILE K 182 15.02 4.99 -44.68
CA ILE K 182 14.87 4.38 -46.00
C ILE K 182 14.53 2.88 -45.92
N ASN K 183 15.38 2.10 -45.24
CA ASN K 183 15.19 0.64 -45.12
C ASN K 183 14.35 0.18 -43.94
N TYR K 184 14.56 0.84 -42.79
CA TYR K 184 13.77 0.59 -41.58
C TYR K 184 13.33 1.94 -41.00
N ASP K 185 12.10 2.00 -40.50
CA ASP K 185 11.51 3.24 -39.99
C ASP K 185 12.09 3.66 -38.65
N SER K 186 12.21 2.72 -37.72
CA SER K 186 12.72 3.02 -36.37
C SER K 186 13.80 2.03 -35.91
N ILE K 187 14.48 2.39 -34.82
CA ILE K 187 15.49 1.53 -34.18
C ILE K 187 15.24 1.29 -32.67
N VAL K 188 15.37 0.02 -32.26
CA VAL K 188 15.37 -0.34 -30.82
C VAL K 188 16.62 -1.16 -30.47
N TRP K 189 17.53 -0.56 -29.72
CA TRP K 189 18.78 -1.19 -29.36
C TRP K 189 18.81 -1.38 -27.86
N LEU K 190 18.82 -2.66 -27.48
CA LEU K 190 18.73 -3.11 -26.10
C LEU K 190 19.89 -4.04 -25.79
N LYS K 191 20.58 -3.79 -24.67
CA LYS K 191 21.65 -4.68 -24.21
C LYS K 191 21.06 -5.79 -23.36
N ASP K 192 21.42 -7.03 -23.69
CA ASP K 192 20.88 -8.21 -23.01
C ASP K 192 21.73 -8.55 -21.79
N SER K 193 22.72 -9.43 -21.97
CA SER K 193 23.64 -9.84 -20.92
C SER K 193 22.94 -10.66 -19.82
N GLY K 194 21.83 -11.31 -20.21
CA GLY K 194 20.99 -12.08 -19.29
C GLY K 194 21.50 -13.47 -18.98
N THR K 195 21.50 -13.80 -17.70
CA THR K 195 22.03 -15.07 -17.20
C THR K 195 20.97 -15.82 -16.40
N ALA K 196 20.23 -15.08 -15.58
CA ALA K 196 19.10 -15.62 -14.83
C ALA K 196 18.05 -16.10 -15.81
N PRO K 197 17.06 -16.89 -15.33
CA PRO K 197 15.94 -17.34 -16.17
C PRO K 197 14.82 -16.29 -16.31
N LYS K 198 14.81 -15.34 -15.39
CA LYS K 198 13.92 -14.20 -15.41
C LYS K 198 14.42 -13.14 -16.37
N SER K 199 15.66 -13.27 -16.84
CA SER K 199 16.28 -12.24 -17.65
C SER K 199 15.63 -12.16 -19.06
N THR K 200 15.28 -13.31 -19.62
CA THR K 200 14.74 -13.33 -20.97
C THR K 200 13.34 -12.73 -21.00
N PHE K 201 12.74 -12.61 -19.82
CA PHE K 201 11.42 -12.01 -19.69
C PHE K 201 11.58 -10.54 -19.39
N ASP K 202 12.57 -10.23 -18.56
CA ASP K 202 12.83 -8.85 -18.18
C ASP K 202 13.28 -8.03 -19.37
N LEU K 203 13.99 -8.64 -20.31
CA LEU K 203 14.43 -7.88 -21.47
C LEU K 203 13.23 -7.31 -22.22
N PHE K 204 12.21 -8.16 -22.40
CA PHE K 204 11.02 -7.75 -23.13
C PHE K 204 10.14 -6.73 -22.43
N THR K 205 10.27 -6.62 -21.10
CA THR K 205 9.54 -5.60 -20.35
C THR K 205 10.17 -4.25 -20.67
N ASP K 206 11.50 -4.26 -20.85
CA ASP K 206 12.26 -3.08 -21.22
C ASP K 206 12.10 -2.79 -22.71
N ILE K 207 11.59 -3.76 -23.46
CA ILE K 207 11.35 -3.61 -24.88
C ILE K 207 9.88 -3.28 -25.15
N LEU K 208 9.08 -3.27 -24.10
CA LEU K 208 7.67 -2.95 -24.20
C LEU K 208 7.52 -1.45 -24.02
N LEU K 209 8.19 -0.92 -23.01
CA LEU K 209 8.17 0.51 -22.71
C LEU K 209 8.95 1.28 -23.77
N MET K 210 9.98 0.65 -24.33
CA MET K 210 10.76 1.26 -25.39
C MET K 210 9.76 1.56 -26.49
N LEU K 211 9.08 0.51 -26.94
CA LEU K 211 8.10 0.60 -28.02
C LEU K 211 6.91 1.49 -27.70
N LYS K 212 6.66 1.71 -26.42
CA LYS K 212 5.53 2.54 -26.01
C LYS K 212 5.72 4.02 -26.29
N SER K 213 4.62 4.75 -26.19
CA SER K 213 4.59 6.18 -26.42
C SER K 213 5.11 6.96 -25.23
N GLU K 214 5.60 8.17 -25.48
CA GLU K 214 6.09 9.03 -24.43
C GLU K 214 4.95 9.26 -23.44
N ASP K 215 3.75 9.41 -23.98
CA ASP K 215 2.53 9.34 -23.19
C ASP K 215 2.38 7.92 -22.69
N ASP K 216 1.79 7.77 -21.51
CA ASP K 216 1.59 6.45 -20.91
C ASP K 216 2.91 5.73 -20.71
N LEU K 217 3.88 6.44 -20.15
CA LEU K 217 4.97 5.84 -19.41
C LEU K 217 4.62 6.12 -17.95
N LEU K 218 3.75 7.11 -17.77
CA LEU K 218 3.13 7.41 -16.48
C LEU K 218 2.21 6.27 -16.07
N ASN K 219 1.34 5.88 -17.00
CA ASN K 219 0.42 4.78 -16.79
C ASN K 219 1.09 3.38 -16.74
N PHE K 220 2.41 3.36 -16.96
CA PHE K 220 3.25 2.14 -16.88
C PHE K 220 2.93 1.45 -15.55
N PRO K 221 2.16 0.34 -15.58
CA PRO K 221 1.80 -0.28 -14.31
C PRO K 221 2.78 -1.37 -13.96
N SER K 222 2.31 -2.41 -13.27
CA SER K 222 3.18 -3.54 -12.95
C SER K 222 3.23 -4.50 -14.11
N VAL K 223 3.74 -4.03 -15.24
CA VAL K 223 3.84 -4.88 -16.43
C VAL K 223 4.64 -6.12 -16.09
N GLU K 224 5.61 -5.99 -15.20
CA GLU K 224 6.41 -7.13 -14.80
C GLU K 224 5.52 -8.22 -14.24
N HIS K 225 4.56 -7.82 -13.41
CA HIS K 225 3.66 -8.80 -12.82
C HIS K 225 2.59 -9.24 -13.82
N VAL K 226 2.98 -10.09 -14.76
CA VAL K 226 2.02 -10.58 -15.74
C VAL K 226 2.55 -11.83 -16.44
N THR K 227 1.65 -12.72 -16.85
CA THR K 227 2.05 -13.97 -17.55
C THR K 227 2.79 -13.60 -18.84
N SER K 228 3.86 -14.32 -19.15
CA SER K 228 4.66 -14.05 -20.38
C SER K 228 3.73 -14.03 -21.60
N VAL K 229 2.70 -14.88 -21.59
CA VAL K 229 1.75 -14.97 -22.69
C VAL K 229 1.06 -13.62 -22.86
N VAL K 230 1.18 -12.77 -21.85
CA VAL K 230 0.61 -11.43 -21.90
C VAL K 230 1.68 -10.43 -22.34
N LEU K 231 2.89 -10.53 -21.80
CA LEU K 231 3.91 -9.58 -22.23
C LEU K 231 4.16 -9.77 -23.72
N LYS K 232 4.17 -11.02 -24.16
CA LYS K 232 4.37 -11.35 -25.58
C LYS K 232 3.21 -10.83 -26.44
N ARG K 233 1.98 -11.13 -26.02
CA ARG K 233 0.80 -10.68 -26.75
C ARG K 233 0.70 -9.16 -26.66
N MET K 234 0.94 -8.63 -25.48
CA MET K 234 0.96 -7.20 -25.24
C MET K 234 1.96 -6.43 -26.12
N ILE K 235 3.09 -7.06 -26.44
CA ILE K 235 4.11 -6.47 -27.32
C ILE K 235 3.70 -6.50 -28.77
N CYS K 236 3.31 -7.68 -29.26
CA CYS K 236 2.88 -7.83 -30.64
C CYS K 236 1.51 -7.21 -30.87
N ASN K 237 0.99 -6.56 -29.83
CA ASN K 237 -0.30 -5.90 -29.93
C ASN K 237 -0.09 -4.41 -30.15
N ALA K 238 1.04 -3.91 -29.68
CA ALA K 238 1.42 -2.51 -29.83
C ALA K 238 2.45 -2.36 -30.94
N LEU K 239 3.01 -3.48 -31.38
CA LEU K 239 4.01 -3.51 -32.43
C LEU K 239 3.40 -3.12 -33.77
N ILE K 240 2.08 -2.93 -33.78
CA ILE K 240 1.40 -2.53 -35.03
C ILE K 240 1.89 -1.15 -35.46
N ASP K 241 1.87 -0.22 -34.50
CA ASP K 241 2.23 1.17 -34.71
C ASP K 241 3.70 1.30 -35.11
N ARG K 242 4.39 0.16 -35.22
CA ARG K 242 5.85 0.20 -35.52
C ARG K 242 6.21 -0.79 -36.64
N PRO K 243 5.66 -0.67 -37.86
CA PRO K 243 6.01 -1.57 -38.96
C PRO K 243 7.46 -1.36 -39.40
N ASN K 244 8.13 -2.44 -39.84
CA ASN K 244 9.53 -2.40 -40.34
C ASN K 244 10.49 -1.80 -39.30
N THR K 245 10.34 -2.17 -38.03
CA THR K 245 11.24 -1.68 -36.94
C THR K 245 12.40 -2.67 -36.76
N LEU K 246 13.63 -2.18 -36.57
CA LEU K 246 14.76 -3.08 -36.39
C LEU K 246 15.15 -3.05 -34.93
N PHE K 247 15.34 -4.22 -34.33
CA PHE K 247 15.72 -4.32 -32.92
C PHE K 247 17.17 -4.79 -32.81
N VAL K 248 18.00 -4.09 -32.04
CA VAL K 248 19.39 -4.50 -31.87
C VAL K 248 19.54 -5.10 -30.47
N PHE K 249 20.07 -6.30 -30.39
CA PHE K 249 20.14 -6.98 -29.12
C PHE K 249 21.59 -7.15 -28.71
N ASP K 250 22.16 -6.07 -28.19
CA ASP K 250 23.57 -6.06 -27.93
C ASP K 250 23.78 -7.02 -26.78
N ASP K 251 24.63 -8.02 -27.03
CA ASP K 251 25.13 -9.00 -26.04
C ASP K 251 24.16 -10.09 -25.57
N VAL K 252 23.74 -10.95 -26.47
CA VAL K 252 22.92 -12.07 -26.07
C VAL K 252 23.83 -13.18 -25.61
N VAL K 253 23.50 -13.74 -24.44
CA VAL K 253 24.15 -14.96 -23.94
C VAL K 253 23.21 -16.15 -23.95
N GLN K 254 21.94 -15.92 -23.58
CA GLN K 254 20.95 -17.00 -23.56
C GLN K 254 20.13 -17.21 -24.83
N GLU K 255 20.14 -18.45 -25.34
CA GLU K 255 19.35 -18.80 -26.56
C GLU K 255 17.87 -18.54 -26.27
N GLU K 256 17.53 -18.35 -24.99
CA GLU K 256 16.12 -18.09 -24.56
C GLU K 256 15.64 -16.77 -25.18
N THR K 257 16.52 -15.76 -25.22
CA THR K 257 16.15 -14.44 -25.82
C THR K 257 15.85 -14.65 -27.30
N ILE K 258 16.65 -15.47 -27.99
CA ILE K 258 16.44 -15.75 -29.43
C ILE K 258 15.09 -16.46 -29.59
N ARG K 259 14.81 -17.42 -28.70
CA ARG K 259 13.56 -18.16 -28.71
C ARG K 259 12.34 -17.23 -28.76
N TRP K 260 12.17 -16.43 -27.72
CA TRP K 260 11.04 -15.48 -27.63
C TRP K 260 10.94 -14.63 -28.88
N ALA K 261 12.07 -14.03 -29.27
CA ALA K 261 12.13 -13.17 -30.44
C ALA K 261 11.53 -13.81 -31.68
N GLN K 262 11.87 -15.05 -31.95
CA GLN K 262 11.34 -15.74 -33.11
C GLN K 262 9.83 -15.93 -32.95
N GLU K 263 9.36 -15.96 -31.71
CA GLU K 263 7.93 -16.12 -31.47
C GLU K 263 7.28 -14.76 -31.66
N LEU K 264 8.10 -13.71 -31.56
CA LEU K 264 7.64 -12.33 -31.74
C LEU K 264 7.89 -11.83 -33.16
N ARG K 265 8.23 -12.75 -34.05
CA ARG K 265 8.48 -12.40 -35.43
C ARG K 265 9.19 -11.04 -35.54
N LEU K 266 10.34 -10.92 -34.88
CA LEU K 266 11.11 -9.69 -34.91
C LEU K 266 12.22 -9.66 -35.95
N ARG K 267 12.64 -8.44 -36.27
CA ARG K 267 13.77 -8.19 -37.14
C ARG K 267 14.93 -7.83 -36.23
N CYS K 268 15.96 -8.69 -36.15
CA CYS K 268 17.04 -8.57 -35.16
C CYS K 268 18.48 -8.50 -35.68
N LEU K 269 19.20 -7.46 -35.26
CA LEU K 269 20.64 -7.48 -35.28
C LEU K 269 21.01 -8.08 -33.93
N VAL K 270 22.05 -8.91 -33.89
CA VAL K 270 22.45 -9.58 -32.65
C VAL K 270 23.97 -9.61 -32.47
N THR K 271 24.43 -9.06 -31.36
CA THR K 271 25.84 -9.07 -30.99
C THR K 271 25.96 -10.14 -29.89
N THR K 272 26.79 -11.14 -30.12
CA THR K 272 26.95 -12.22 -29.16
C THR K 272 28.30 -12.88 -29.34
N ARG K 273 28.78 -13.55 -28.30
CA ARG K 273 30.09 -14.18 -28.38
C ARG K 273 29.98 -15.66 -28.73
N ASP K 274 28.75 -16.17 -28.77
CA ASP K 274 28.55 -17.59 -29.05
C ASP K 274 27.57 -17.82 -30.18
N VAL K 275 27.97 -18.58 -31.19
CA VAL K 275 27.09 -18.80 -32.35
C VAL K 275 26.37 -20.14 -32.30
N GLU K 276 26.29 -20.75 -31.12
CA GLU K 276 25.67 -22.06 -31.01
C GLU K 276 24.23 -22.02 -30.48
N ILE K 277 23.63 -20.84 -30.51
CA ILE K 277 22.26 -20.69 -30.03
C ILE K 277 21.27 -20.61 -31.19
N SER K 278 21.77 -20.67 -32.41
CA SER K 278 20.91 -20.56 -33.58
C SER K 278 19.94 -21.73 -33.70
N ASN K 279 20.40 -22.93 -33.35
CA ASN K 279 19.55 -24.12 -33.51
C ASN K 279 18.27 -23.99 -32.72
N ALA K 280 18.26 -23.16 -31.68
CA ALA K 280 17.05 -22.95 -30.92
C ALA K 280 15.96 -22.47 -31.86
N ALA K 281 16.33 -21.61 -32.81
CA ALA K 281 15.37 -21.12 -33.79
C ALA K 281 15.23 -22.10 -34.95
N SER K 282 14.81 -21.61 -36.11
CA SER K 282 14.60 -22.51 -37.27
C SER K 282 14.11 -21.68 -38.47
N GLN K 283 14.67 -20.46 -38.60
CA GLN K 283 14.33 -19.53 -39.71
C GLN K 283 15.63 -19.06 -40.36
N THR K 284 15.55 -18.56 -41.60
CA THR K 284 16.73 -18.06 -42.35
C THR K 284 17.60 -17.14 -41.48
N CYS K 285 18.85 -17.55 -41.24
CA CYS K 285 19.81 -16.76 -40.41
C CYS K 285 21.01 -16.39 -41.29
N GLU K 286 21.80 -15.41 -40.85
CA GLU K 286 22.94 -14.99 -41.66
C GLU K 286 23.96 -14.48 -40.67
N PHE K 287 25.24 -14.63 -40.99
CA PHE K 287 26.28 -14.43 -40.00
C PHE K 287 27.44 -13.56 -40.46
N ILE K 288 28.01 -12.79 -39.53
CA ILE K 288 29.22 -12.00 -39.78
C ILE K 288 30.18 -12.09 -38.58
N GLU K 289 31.36 -12.67 -38.79
CA GLU K 289 32.27 -12.92 -37.67
C GLU K 289 33.29 -11.81 -37.47
N VAL K 290 33.38 -11.28 -36.26
CA VAL K 290 34.36 -10.24 -36.01
C VAL K 290 35.69 -10.91 -35.66
N THR K 291 36.56 -11.03 -36.65
CA THR K 291 37.85 -11.68 -36.49
C THR K 291 38.86 -10.86 -35.69
N SER K 292 39.98 -11.48 -35.36
CA SER K 292 41.06 -10.76 -34.72
C SER K 292 41.58 -9.73 -35.73
N LEU K 293 41.95 -8.55 -35.27
CA LEU K 293 42.45 -7.50 -36.16
C LEU K 293 43.69 -7.93 -36.95
N GLU K 294 43.56 -7.98 -38.28
CA GLU K 294 44.69 -8.32 -39.17
C GLU K 294 45.90 -7.44 -38.89
N ILE K 295 47.10 -7.94 -39.22
CA ILE K 295 48.33 -7.20 -38.97
C ILE K 295 48.35 -5.81 -39.59
N ASP K 296 48.06 -5.73 -40.88
CA ASP K 296 48.05 -4.45 -41.58
C ASP K 296 47.09 -3.48 -40.91
N GLU K 297 45.89 -3.96 -40.61
CA GLU K 297 44.88 -3.13 -39.97
C GLU K 297 45.40 -2.54 -38.67
N CYS K 298 45.77 -3.40 -37.72
CA CYS K 298 46.27 -2.93 -36.44
C CYS K 298 47.02 -1.63 -36.63
N TYR K 299 48.11 -1.67 -37.40
CA TYR K 299 48.89 -0.47 -37.63
C TYR K 299 47.98 0.74 -37.71
N ASP K 300 47.01 0.69 -38.62
CA ASP K 300 46.09 1.80 -38.80
C ASP K 300 45.43 2.18 -37.49
N PHE K 301 45.01 1.19 -36.72
CA PHE K 301 44.36 1.47 -35.44
C PHE K 301 45.27 2.29 -34.55
N LEU K 302 46.53 1.89 -34.44
CA LEU K 302 47.49 2.62 -33.61
C LEU K 302 47.63 4.04 -34.13
N GLU K 303 48.16 4.19 -35.35
CA GLU K 303 48.29 5.52 -35.91
C GLU K 303 47.08 6.40 -35.62
N ALA K 304 45.88 5.84 -35.76
CA ALA K 304 44.66 6.59 -35.50
C ALA K 304 44.65 7.26 -34.13
N TYR K 305 45.04 6.54 -33.10
CA TYR K 305 44.93 7.12 -31.76
C TYR K 305 46.23 7.79 -31.30
N GLY K 306 47.28 7.68 -32.12
CA GLY K 306 48.53 8.35 -31.78
C GLY K 306 49.48 7.50 -30.99
N MET K 307 50.47 6.93 -31.66
CA MET K 307 51.45 6.09 -30.97
C MET K 307 52.82 6.31 -31.58
N PRO K 308 53.88 6.04 -30.80
CA PRO K 308 55.21 6.15 -31.39
C PRO K 308 55.22 5.46 -32.75
N MET K 309 55.77 6.11 -33.77
CA MET K 309 55.71 5.54 -35.11
C MET K 309 56.69 4.37 -35.31
N PRO K 310 56.19 3.27 -35.89
CA PRO K 310 57.04 2.10 -36.14
C PRO K 310 57.98 2.34 -37.31
N VAL K 311 59.22 2.71 -37.02
CA VAL K 311 60.17 3.00 -38.09
C VAL K 311 61.51 2.29 -37.87
N GLY K 312 62.03 2.37 -36.65
CA GLY K 312 63.31 1.75 -36.36
C GLY K 312 63.27 0.24 -36.48
N GLU K 313 64.43 -0.38 -36.60
CA GLU K 313 64.50 -1.83 -36.73
C GLU K 313 64.10 -2.52 -35.44
N LYS K 314 64.99 -2.49 -34.45
CA LYS K 314 64.70 -3.17 -33.20
C LYS K 314 63.31 -2.78 -32.71
N GLU K 315 62.89 -1.58 -33.07
CA GLU K 315 61.59 -1.08 -32.60
C GLU K 315 60.47 -1.64 -33.43
N GLU K 316 60.68 -1.73 -34.73
CA GLU K 316 59.68 -2.37 -35.57
C GLU K 316 59.51 -3.72 -34.96
N ASP K 317 60.62 -4.42 -34.84
CA ASP K 317 60.60 -5.72 -34.22
C ASP K 317 60.03 -5.60 -32.80
N VAL K 318 60.09 -4.39 -32.21
CA VAL K 318 59.51 -4.30 -30.87
C VAL K 318 58.02 -3.99 -30.93
N LEU K 319 57.61 -3.23 -31.94
CA LEU K 319 56.21 -2.90 -32.13
C LEU K 319 55.44 -4.15 -32.53
N ASN K 320 56.06 -5.03 -33.30
CA ASN K 320 55.36 -6.26 -33.78
C ASN K 320 54.92 -7.10 -32.58
N LYS K 321 55.69 -7.06 -31.48
CA LYS K 321 55.38 -7.90 -30.29
C LYS K 321 53.92 -7.67 -29.86
N THR K 322 53.54 -6.42 -29.59
CA THR K 322 52.17 -6.12 -29.11
C THR K 322 51.15 -6.82 -30.01
N ILE K 323 51.25 -6.61 -31.33
CA ILE K 323 50.29 -7.23 -32.29
C ILE K 323 50.19 -8.73 -32.01
N GLU K 324 51.18 -9.30 -31.33
CA GLU K 324 51.17 -10.72 -31.03
C GLU K 324 50.51 -11.01 -29.69
N LEU K 325 50.97 -10.33 -28.65
CA LEU K 325 50.45 -10.59 -27.31
C LEU K 325 48.94 -10.62 -27.35
N SER K 326 48.37 -9.83 -28.26
CA SER K 326 46.93 -9.84 -28.41
C SER K 326 46.65 -10.09 -29.88
N SER K 327 45.88 -11.13 -30.17
CA SER K 327 45.51 -11.40 -31.55
C SER K 327 44.65 -10.24 -31.98
N GLY K 328 45.30 -9.16 -32.41
CA GLY K 328 44.54 -7.97 -32.79
C GLY K 328 43.26 -7.86 -32.00
N ASN K 329 43.38 -7.68 -30.68
CA ASN K 329 42.17 -7.50 -29.88
C ASN K 329 41.92 -6.06 -29.44
N PRO K 330 41.06 -5.35 -30.17
CA PRO K 330 40.70 -3.96 -29.92
C PRO K 330 40.49 -3.61 -28.44
N ALA K 331 39.68 -4.34 -27.69
CA ALA K 331 39.50 -3.99 -26.29
C ALA K 331 40.79 -3.91 -25.47
N THR K 332 41.62 -4.94 -25.58
CA THR K 332 42.92 -4.99 -24.88
C THR K 332 43.99 -4.28 -25.69
N LEU K 333 43.61 -3.72 -26.82
CA LEU K 333 44.54 -2.97 -27.65
C LEU K 333 44.32 -1.52 -27.26
N MET K 334 43.16 -1.28 -26.65
CA MET K 334 42.82 0.04 -26.15
C MET K 334 43.40 0.14 -24.74
N MET K 335 43.16 -0.87 -23.92
CA MET K 335 43.63 -0.91 -22.55
C MET K 335 45.15 -0.79 -22.46
N PHE K 336 45.85 -1.21 -23.49
CA PHE K 336 47.30 -1.14 -23.50
C PHE K 336 47.79 0.22 -23.95
N PHE K 337 46.92 0.90 -24.71
CA PHE K 337 47.18 2.21 -25.33
C PHE K 337 46.69 3.33 -24.41
N LYS K 338 45.88 2.95 -23.42
CA LYS K 338 45.35 3.91 -22.40
C LYS K 338 46.38 4.01 -21.25
N SER K 339 47.39 3.14 -21.26
CA SER K 339 48.44 3.12 -20.22
C SER K 339 49.83 3.31 -20.84
N CYS K 340 49.91 3.53 -22.15
CA CYS K 340 51.20 3.85 -22.74
C CYS K 340 51.13 5.34 -22.91
N GLU K 341 50.59 6.03 -21.91
CA GLU K 341 50.43 7.47 -21.99
C GLU K 341 51.74 8.18 -22.31
N PRO K 342 52.86 7.71 -21.72
CA PRO K 342 54.11 8.35 -22.11
C PRO K 342 54.24 8.34 -23.62
N LYS K 343 53.58 7.40 -24.28
CA LYS K 343 53.66 7.29 -25.73
C LYS K 343 55.13 7.23 -26.08
N THR K 344 55.90 6.57 -25.23
CA THR K 344 57.32 6.43 -25.47
C THR K 344 57.56 4.98 -25.79
N PHE K 345 58.21 4.73 -26.93
CA PHE K 345 58.51 3.35 -27.29
C PHE K 345 59.20 2.71 -26.11
N GLU K 346 60.15 3.44 -25.54
CA GLU K 346 60.90 2.96 -24.39
C GLU K 346 59.95 2.54 -23.28
N LYS K 347 58.74 3.09 -23.29
CA LYS K 347 57.75 2.73 -22.27
C LYS K 347 56.81 1.63 -22.75
N MET K 348 56.82 1.40 -24.06
CA MET K 348 56.02 0.32 -24.61
C MET K 348 56.74 -0.97 -24.33
N ALA K 349 58.08 -0.93 -24.36
CA ALA K 349 58.86 -2.15 -24.05
C ALA K 349 58.50 -2.69 -22.66
N GLN K 350 58.35 -1.84 -21.66
CA GLN K 350 57.93 -2.32 -20.35
C GLN K 350 56.61 -3.07 -20.40
N LEU K 351 55.65 -2.52 -21.13
CA LEU K 351 54.32 -3.13 -21.18
C LEU K 351 54.31 -4.58 -21.66
N ASN K 352 55.16 -4.91 -22.63
CA ASN K 352 55.19 -6.25 -23.15
C ASN K 352 55.56 -7.23 -22.04
N ASN K 353 56.65 -6.94 -21.34
CA ASN K 353 57.10 -7.81 -20.25
C ASN K 353 56.06 -7.86 -19.16
N LYS K 354 55.36 -6.73 -18.96
CA LYS K 354 54.30 -6.70 -17.97
C LYS K 354 53.22 -7.71 -18.31
N LEU K 355 52.71 -7.67 -19.55
CA LEU K 355 51.71 -8.64 -19.96
C LEU K 355 52.26 -10.04 -19.80
N GLU K 356 53.52 -10.21 -20.15
CA GLU K 356 54.16 -11.51 -20.01
C GLU K 356 54.09 -12.08 -18.59
N SER K 357 54.44 -11.28 -17.58
CA SER K 357 54.49 -11.85 -16.21
C SER K 357 53.26 -11.56 -15.35
N ARG K 358 52.39 -10.69 -15.83
CA ARG K 358 51.22 -10.25 -15.06
C ARG K 358 49.91 -10.50 -15.82
N GLY K 359 50.01 -11.11 -16.99
CA GLY K 359 48.84 -11.38 -17.82
C GLY K 359 48.13 -10.07 -18.17
N LEU K 360 46.83 -10.12 -18.42
CA LEU K 360 46.09 -8.90 -18.74
C LEU K 360 45.97 -7.99 -17.51
N VAL K 361 46.14 -8.59 -16.34
CA VAL K 361 45.88 -7.94 -15.06
C VAL K 361 46.62 -6.62 -14.94
N GLY K 362 47.93 -6.67 -15.13
CA GLY K 362 48.75 -5.47 -15.05
C GLY K 362 48.39 -4.41 -16.07
N VAL K 363 48.00 -4.84 -17.27
CA VAL K 363 47.64 -3.92 -18.33
C VAL K 363 46.27 -3.25 -18.15
N GLU K 364 45.42 -3.83 -17.32
CA GLU K 364 44.06 -3.32 -17.15
C GLU K 364 43.99 -1.82 -16.90
N CYS K 365 42.90 -1.20 -17.32
CA CYS K 365 42.71 0.22 -17.09
C CYS K 365 41.29 0.63 -17.44
N ILE K 366 40.85 1.76 -16.92
CA ILE K 366 39.51 2.24 -17.21
C ILE K 366 39.36 2.42 -18.71
N THR K 367 38.72 1.46 -19.37
CA THR K 367 38.55 1.53 -20.81
C THR K 367 37.09 1.75 -21.16
N PRO K 368 36.82 2.34 -22.33
CA PRO K 368 35.42 2.47 -22.73
C PRO K 368 34.77 1.10 -22.77
N TYR K 369 35.56 0.05 -22.83
CA TYR K 369 35.02 -1.30 -22.82
C TYR K 369 34.34 -1.56 -21.49
N SER K 370 33.51 -2.59 -21.43
CA SER K 370 32.75 -2.86 -20.21
C SER K 370 33.55 -3.53 -19.10
N TYR K 371 34.86 -3.62 -19.26
CA TYR K 371 35.67 -4.33 -18.26
C TYR K 371 37.06 -3.77 -18.04
N LYS K 372 37.38 -3.34 -16.83
CA LYS K 372 38.75 -2.92 -16.54
C LYS K 372 39.77 -3.72 -17.35
N SER K 373 39.53 -5.02 -17.54
CA SER K 373 40.43 -5.86 -18.34
C SER K 373 39.67 -7.02 -18.99
N LEU K 374 40.25 -7.58 -20.06
CA LEU K 374 39.55 -8.65 -20.83
C LEU K 374 39.25 -9.88 -19.95
N ALA K 375 40.15 -10.21 -19.02
CA ALA K 375 39.96 -11.43 -18.20
C ALA K 375 38.57 -11.37 -17.53
N MET K 376 38.27 -10.25 -16.87
CA MET K 376 36.98 -10.07 -16.20
C MET K 376 35.87 -10.43 -17.16
N ALA K 377 36.15 -10.27 -18.44
CA ALA K 377 35.15 -10.49 -19.47
C ALA K 377 35.04 -11.98 -19.74
N LEU K 378 36.21 -12.54 -20.03
CA LEU K 378 36.34 -13.92 -20.44
C LEU K 378 35.87 -14.86 -19.34
N GLN K 379 35.99 -14.41 -18.08
CA GLN K 379 35.43 -15.13 -16.97
C GLN K 379 34.12 -15.74 -17.44
N ARG K 380 33.17 -14.83 -17.67
CA ARG K 380 31.80 -15.13 -18.09
C ARG K 380 31.70 -16.11 -19.25
N CYS K 381 32.78 -16.20 -20.02
CA CYS K 381 32.80 -17.14 -21.14
C CYS K 381 33.25 -18.52 -20.66
N VAL K 382 33.82 -18.55 -19.46
CA VAL K 382 34.28 -19.78 -18.85
C VAL K 382 33.26 -20.28 -17.82
N GLU K 383 32.23 -19.49 -17.53
CA GLU K 383 31.24 -19.98 -16.58
C GLU K 383 30.15 -20.72 -17.30
N VAL K 384 29.73 -20.14 -18.41
CA VAL K 384 28.66 -20.69 -19.23
C VAL K 384 29.01 -22.07 -19.81
N LEU K 385 30.31 -22.36 -19.84
CA LEU K 385 30.82 -23.53 -20.55
C LEU K 385 30.32 -24.82 -19.94
N SER K 386 29.93 -25.76 -20.79
CA SER K 386 29.60 -27.11 -20.33
C SER K 386 30.63 -27.52 -19.27
N ASP K 387 30.16 -28.10 -18.15
CA ASP K 387 31.05 -28.52 -17.04
C ASP K 387 32.30 -29.31 -17.52
N GLU K 388 32.07 -30.23 -18.47
CA GLU K 388 33.13 -31.06 -19.00
C GLU K 388 33.93 -30.30 -20.04
N ASP K 389 33.32 -29.30 -20.66
CA ASP K 389 33.99 -28.50 -21.66
C ASP K 389 34.87 -27.48 -20.95
N ARG K 390 34.48 -27.12 -19.74
CA ARG K 390 35.23 -26.17 -18.93
C ARG K 390 36.61 -26.75 -18.66
N SER K 391 36.66 -28.02 -18.30
CA SER K 391 37.93 -28.68 -18.04
C SER K 391 38.81 -28.57 -19.28
N ALA K 392 38.35 -29.15 -20.39
CA ALA K 392 39.14 -29.11 -21.62
C ALA K 392 39.90 -27.81 -21.72
N LEU K 393 39.21 -26.70 -21.52
CA LEU K 393 39.85 -25.39 -21.60
C LEU K 393 40.96 -25.27 -20.56
N ALA K 394 40.68 -25.68 -19.34
CA ALA K 394 41.69 -25.61 -18.29
C ALA K 394 42.91 -26.44 -18.64
N PHE K 395 42.69 -27.57 -19.30
CA PHE K 395 43.81 -28.43 -19.69
C PHE K 395 44.42 -27.96 -21.00
N ALA K 396 43.77 -27.03 -21.68
CA ALA K 396 44.30 -26.51 -22.93
C ALA K 396 45.37 -25.45 -22.65
N VAL K 397 45.54 -25.10 -21.38
CA VAL K 397 46.53 -24.09 -21.01
C VAL K 397 47.92 -24.51 -21.44
N VAL K 398 48.25 -25.79 -21.27
CA VAL K 398 49.59 -26.26 -21.60
C VAL K 398 49.74 -26.53 -23.10
N MET K 399 49.92 -25.47 -23.87
CA MET K 399 50.08 -25.62 -25.32
C MET K 399 51.04 -24.54 -25.77
N PRO K 400 51.39 -24.49 -27.07
CA PRO K 400 52.23 -23.38 -27.54
C PRO K 400 51.36 -22.22 -28.02
N PRO K 401 51.20 -21.18 -27.19
CA PRO K 401 50.29 -20.09 -27.58
C PRO K 401 50.56 -19.54 -28.98
N GLY K 402 49.67 -19.87 -29.91
CA GLY K 402 49.79 -19.41 -31.28
C GLY K 402 50.66 -20.32 -32.11
N VAL K 403 50.23 -21.59 -32.23
CA VAL K 403 50.97 -22.58 -33.06
C VAL K 403 49.95 -23.60 -33.59
N ASP K 404 50.03 -23.95 -34.87
CA ASP K 404 49.13 -25.01 -35.42
C ASP K 404 49.59 -26.36 -34.87
N ILE K 405 48.75 -27.03 -34.09
CA ILE K 405 49.16 -28.28 -33.47
C ILE K 405 48.08 -29.37 -33.56
N PRO K 406 48.50 -30.62 -33.80
CA PRO K 406 47.62 -31.77 -34.06
C PRO K 406 46.66 -32.14 -32.94
N VAL K 407 45.64 -32.93 -33.28
CA VAL K 407 44.60 -33.32 -32.33
C VAL K 407 45.18 -34.29 -31.31
N LYS K 408 45.96 -35.23 -31.80
CA LYS K 408 46.55 -36.23 -30.90
C LYS K 408 47.47 -35.56 -29.87
N LEU K 409 48.32 -34.63 -30.33
CA LEU K 409 49.16 -33.90 -29.40
C LEU K 409 48.32 -33.27 -28.31
N TRP K 410 47.04 -33.03 -28.59
CA TRP K 410 46.16 -32.39 -27.62
C TRP K 410 45.54 -33.46 -26.74
N SER K 411 45.26 -34.61 -27.34
CA SER K 411 44.65 -35.76 -26.65
C SER K 411 45.44 -36.10 -25.38
N CYS K 412 46.65 -35.58 -25.31
CA CYS K 412 47.60 -35.86 -24.23
C CYS K 412 47.25 -35.14 -22.93
N VAL K 413 46.88 -33.86 -23.00
CA VAL K 413 46.55 -33.12 -21.78
C VAL K 413 45.05 -33.13 -21.42
N ILE K 414 44.19 -33.28 -22.43
CA ILE K 414 42.75 -33.19 -22.22
C ILE K 414 42.16 -34.47 -21.59
N PRO K 415 41.34 -34.31 -20.52
CA PRO K 415 40.57 -35.37 -19.84
C PRO K 415 39.54 -36.15 -20.69
N VAL K 416 39.00 -37.25 -20.14
CA VAL K 416 37.88 -38.02 -20.73
C VAL K 416 37.47 -39.20 -19.82
N GLU K 424 39.31 -45.61 -28.24
CA GLU K 424 37.99 -46.07 -28.68
C GLU K 424 37.22 -44.94 -29.35
N GLN K 425 35.91 -44.88 -29.11
CA GLN K 425 35.09 -43.84 -29.70
C GLN K 425 35.56 -42.47 -29.22
N LEU K 426 36.32 -42.45 -28.14
CA LEU K 426 36.85 -41.19 -27.62
C LEU K 426 37.90 -40.60 -28.54
N ASP K 427 38.30 -41.36 -29.55
CA ASP K 427 39.33 -40.90 -30.47
C ASP K 427 39.04 -39.50 -30.96
N ASP K 428 37.79 -39.24 -31.34
CA ASP K 428 37.41 -37.92 -31.80
C ASP K 428 36.87 -37.08 -30.65
N GLU K 429 36.59 -37.71 -29.51
CA GLU K 429 36.01 -36.98 -28.40
C GLU K 429 36.84 -35.75 -28.12
N VAL K 430 38.16 -35.90 -28.12
CA VAL K 430 39.01 -34.74 -27.94
C VAL K 430 38.61 -33.70 -28.96
N ALA K 431 38.65 -34.07 -30.24
CA ALA K 431 38.19 -33.16 -31.27
C ALA K 431 36.82 -32.53 -30.99
N ASP K 432 35.89 -33.31 -30.46
CA ASP K 432 34.54 -32.82 -30.17
C ASP K 432 34.57 -31.70 -29.16
N ARG K 433 35.43 -31.84 -28.17
CA ARG K 433 35.58 -30.81 -27.15
C ARG K 433 36.21 -29.57 -27.77
N LEU K 434 37.24 -29.76 -28.58
CA LEU K 434 37.94 -28.65 -29.22
C LEU K 434 37.08 -27.85 -30.23
N LYS K 435 36.10 -28.51 -30.81
CA LYS K 435 35.20 -27.85 -31.76
C LYS K 435 34.15 -27.07 -30.96
N ARG K 436 33.53 -27.74 -29.99
CA ARG K 436 32.55 -27.05 -29.17
C ARG K 436 33.17 -25.84 -28.50
N LEU K 437 34.34 -26.03 -27.90
CA LEU K 437 35.02 -24.94 -27.21
C LEU K 437 35.36 -23.80 -28.17
N SER K 438 35.61 -24.14 -29.43
CA SER K 438 35.92 -23.14 -30.45
C SER K 438 34.65 -22.41 -30.91
N LYS K 439 33.50 -23.03 -30.71
CA LYS K 439 32.24 -22.39 -31.10
C LYS K 439 31.48 -21.83 -29.90
N ARG K 440 32.20 -21.20 -28.99
CA ARG K 440 31.57 -20.62 -27.81
C ARG K 440 32.48 -19.53 -27.29
N GLY K 441 32.38 -18.34 -27.87
CA GLY K 441 33.28 -17.27 -27.48
C GLY K 441 34.56 -17.37 -28.28
N ALA K 442 34.56 -18.24 -29.29
CA ALA K 442 35.76 -18.42 -30.11
C ALA K 442 36.95 -18.68 -29.22
N LEU K 443 36.73 -19.41 -28.14
CA LEU K 443 37.83 -19.69 -27.21
C LEU K 443 38.91 -20.48 -27.91
N LEU K 444 38.51 -21.37 -28.80
CA LEU K 444 39.48 -22.17 -29.54
C LEU K 444 39.42 -21.87 -31.03
N SER K 445 40.51 -22.16 -31.73
CA SER K 445 40.55 -21.93 -33.16
C SER K 445 41.12 -23.14 -33.87
N GLY K 446 40.31 -23.83 -34.65
CA GLY K 446 40.77 -25.02 -35.33
C GLY K 446 40.68 -24.93 -36.83
N LYS K 447 41.51 -25.70 -37.53
CA LYS K 447 41.49 -25.69 -38.98
C LYS K 447 41.20 -27.11 -39.44
N ARG K 448 40.75 -27.24 -40.70
CA ARG K 448 40.43 -28.53 -41.27
C ARG K 448 41.62 -29.15 -41.99
N MET K 449 42.12 -28.46 -43.01
CA MET K 449 43.26 -28.95 -43.78
C MET K 449 44.59 -28.58 -43.12
N PRO K 450 45.71 -28.97 -43.74
CA PRO K 450 46.03 -30.32 -44.22
C PRO K 450 45.55 -31.39 -43.25
N VAL K 451 45.78 -31.18 -41.96
CA VAL K 451 45.33 -32.14 -40.94
C VAL K 451 44.57 -31.40 -39.83
N LEU K 452 43.54 -32.05 -39.27
CA LEU K 452 42.74 -31.45 -38.18
C LEU K 452 43.57 -30.97 -36.99
N THR K 453 43.73 -29.65 -36.90
CA THR K 453 44.57 -29.04 -35.89
C THR K 453 43.86 -27.81 -35.34
N PHE K 454 44.08 -27.51 -34.07
CA PHE K 454 43.55 -26.30 -33.48
C PHE K 454 44.69 -25.41 -33.04
N LYS K 455 44.39 -24.30 -32.38
CA LYS K 455 45.44 -23.40 -31.95
C LYS K 455 44.90 -22.36 -30.96
N ILE K 456 45.71 -22.02 -29.97
CA ILE K 456 45.32 -21.03 -28.99
C ILE K 456 45.88 -19.67 -29.39
N ASP K 457 45.26 -18.60 -28.91
CA ASP K 457 45.74 -17.27 -29.22
C ASP K 457 46.51 -16.79 -28.02
N HIS K 458 47.53 -15.99 -28.23
CA HIS K 458 48.37 -15.57 -27.12
C HIS K 458 47.50 -15.06 -25.97
N ILE K 459 46.62 -14.11 -26.25
CA ILE K 459 45.80 -13.52 -25.20
C ILE K 459 44.99 -14.54 -24.41
N ILE K 460 44.24 -15.37 -25.12
CA ILE K 460 43.39 -16.35 -24.45
C ILE K 460 44.24 -17.29 -23.62
N HIS K 461 45.38 -17.72 -24.15
CA HIS K 461 46.22 -18.64 -23.43
C HIS K 461 46.73 -18.00 -22.14
N MET K 462 47.17 -16.77 -22.24
CA MET K 462 47.64 -16.05 -21.06
C MET K 462 46.53 -16.05 -20.04
N PHE K 463 45.34 -15.67 -20.48
CA PHE K 463 44.21 -15.62 -19.57
C PHE K 463 44.06 -16.95 -18.85
N LEU K 464 43.95 -18.02 -19.61
CA LEU K 464 43.74 -19.33 -19.01
C LEU K 464 44.82 -19.65 -17.99
N LYS K 465 46.08 -19.47 -18.37
CA LYS K 465 47.19 -19.79 -17.48
C LYS K 465 47.10 -19.02 -16.17
N HIS K 466 46.88 -17.71 -16.27
CA HIS K 466 46.83 -16.89 -15.07
C HIS K 466 45.65 -17.26 -14.18
N VAL K 467 44.52 -17.63 -14.77
CA VAL K 467 43.34 -17.92 -13.98
C VAL K 467 43.31 -19.35 -13.43
N VAL K 468 44.01 -20.27 -14.08
CA VAL K 468 43.90 -21.68 -13.68
C VAL K 468 44.79 -21.96 -12.43
N ASP K 469 44.44 -23.03 -11.72
CA ASP K 469 45.15 -23.43 -10.50
C ASP K 469 46.64 -23.59 -10.78
N ALA K 470 47.46 -22.82 -10.07
CA ALA K 470 48.90 -22.85 -10.31
C ALA K 470 49.41 -24.29 -10.39
N GLN K 471 48.74 -25.25 -9.76
CA GLN K 471 49.15 -26.66 -9.88
C GLN K 471 48.58 -27.33 -11.13
N THR K 472 47.41 -26.86 -11.56
CA THR K 472 46.75 -27.45 -12.71
C THR K 472 47.68 -27.48 -13.91
N ILE K 473 48.35 -26.37 -14.20
CA ILE K 473 49.20 -26.31 -15.40
C ILE K 473 50.31 -27.34 -15.35
N ALA K 474 50.96 -27.46 -14.20
CA ALA K 474 52.02 -28.46 -14.05
C ALA K 474 51.47 -29.84 -14.28
N ASN K 475 50.33 -30.15 -13.66
CA ASN K 475 49.75 -31.48 -13.82
C ASN K 475 49.51 -31.74 -15.29
N GLY K 476 48.98 -30.73 -15.96
CA GLY K 476 48.68 -30.86 -17.38
C GLY K 476 49.90 -31.13 -18.22
N ILE K 477 50.99 -30.39 -18.01
CA ILE K 477 52.22 -30.62 -18.76
C ILE K 477 52.77 -32.01 -18.48
N SER K 478 52.64 -32.47 -17.24
CA SER K 478 53.08 -33.81 -16.92
C SER K 478 52.31 -34.81 -17.78
N ILE K 479 50.98 -34.70 -17.76
CA ILE K 479 50.19 -35.66 -18.51
C ILE K 479 50.58 -35.57 -19.97
N LEU K 480 50.83 -34.36 -20.43
CA LEU K 480 51.22 -34.14 -21.81
C LEU K 480 52.42 -34.96 -22.15
N GLU K 481 53.52 -34.76 -21.44
CA GLU K 481 54.72 -35.55 -21.67
C GLU K 481 54.45 -37.03 -21.52
N GLN K 482 53.66 -37.39 -20.50
CA GLN K 482 53.37 -38.79 -20.24
C GLN K 482 52.70 -39.45 -21.44
N ARG K 483 51.81 -38.71 -22.09
CA ARG K 483 51.12 -39.26 -23.26
C ARG K 483 51.95 -39.03 -24.52
N LEU K 484 52.85 -38.05 -24.48
CA LEU K 484 53.66 -37.74 -25.64
C LEU K 484 54.57 -38.91 -26.03
N LEU K 485 55.09 -39.60 -25.02
CA LEU K 485 55.95 -40.74 -25.29
C LEU K 485 55.12 -41.88 -25.87
N GLU K 486 55.65 -42.56 -26.88
CA GLU K 486 54.94 -43.65 -27.51
C GLU K 486 55.91 -44.63 -28.14
N ILE K 487 55.52 -45.89 -28.25
CA ILE K 487 56.36 -46.91 -28.86
C ILE K 487 57.24 -46.30 -29.96
N THR K 522 55.70 -23.38 -40.55
CA THR K 522 54.27 -23.57 -40.32
C THR K 522 53.79 -24.91 -40.86
N VAL K 523 54.73 -25.70 -41.37
CA VAL K 523 54.40 -27.00 -41.92
C VAL K 523 54.77 -28.10 -40.93
N ILE K 524 54.53 -27.86 -39.65
CA ILE K 524 54.85 -28.82 -38.60
C ILE K 524 54.22 -30.17 -38.89
N ARG K 525 55.00 -31.23 -38.76
CA ARG K 525 54.53 -32.59 -39.00
C ARG K 525 54.81 -33.51 -37.82
N PRO K 526 54.07 -33.31 -36.71
CA PRO K 526 54.25 -34.13 -35.52
C PRO K 526 53.79 -35.57 -35.76
N GLU K 527 54.34 -36.20 -36.80
CA GLU K 527 53.98 -37.56 -37.13
C GLU K 527 55.15 -38.51 -36.87
N ASP K 528 56.36 -37.97 -36.87
CA ASP K 528 57.57 -38.74 -36.62
C ASP K 528 58.42 -37.98 -35.63
N PHE K 529 58.02 -36.74 -35.40
CA PHE K 529 58.67 -35.81 -34.48
C PHE K 529 57.78 -35.29 -33.34
N PRO K 530 56.74 -36.04 -32.94
CA PRO K 530 55.95 -35.57 -31.81
C PRO K 530 56.67 -35.89 -30.49
N LYS K 531 57.44 -36.97 -30.53
CA LYS K 531 58.22 -37.40 -29.38
C LYS K 531 58.86 -36.19 -28.74
N PHE K 532 59.21 -35.21 -29.56
CA PHE K 532 59.89 -34.03 -29.04
C PHE K 532 59.26 -32.76 -29.59
N MET K 533 58.83 -31.88 -28.70
CA MET K 533 58.25 -30.61 -29.13
C MET K 533 59.34 -29.57 -29.34
N GLN K 534 60.38 -29.93 -30.09
CA GLN K 534 61.50 -29.02 -30.28
C GLN K 534 61.02 -27.70 -30.83
N LEU K 535 59.89 -27.71 -31.52
CA LEU K 535 59.34 -26.48 -32.04
C LEU K 535 59.22 -25.51 -30.89
N HIS K 536 58.74 -26.00 -29.75
CA HIS K 536 58.56 -25.14 -28.60
C HIS K 536 59.45 -25.53 -27.45
N GLN K 537 60.41 -24.69 -27.10
CA GLN K 537 61.26 -24.97 -25.96
C GLN K 537 60.94 -23.89 -24.95
N LYS K 538 61.15 -22.65 -25.34
CA LYS K 538 60.78 -21.54 -24.47
C LYS K 538 59.52 -21.86 -23.68
N PHE K 539 58.43 -22.11 -24.39
CA PHE K 539 57.17 -22.37 -23.71
C PHE K 539 57.29 -23.52 -22.73
N TYR K 540 57.94 -24.61 -23.15
CA TYR K 540 57.98 -25.78 -22.27
C TYR K 540 58.79 -25.52 -20.99
N ASP K 541 59.88 -24.78 -21.09
CA ASP K 541 60.65 -24.45 -19.89
C ASP K 541 59.84 -23.50 -19.00
N SER K 542 59.12 -22.57 -19.63
CA SER K 542 58.29 -21.66 -18.86
C SER K 542 57.30 -22.49 -18.07
N LEU K 543 56.78 -23.54 -18.70
CA LEU K 543 55.84 -24.41 -18.02
C LEU K 543 56.51 -25.11 -16.83
N ARG L 112 20.18 41.24 -14.42
CA ARG L 112 20.87 40.71 -13.24
C ARG L 112 19.93 40.25 -12.09
N GLN L 113 18.67 40.04 -12.41
CA GLN L 113 17.71 39.61 -11.42
C GLN L 113 17.07 38.32 -11.91
N MET L 114 17.18 38.10 -13.23
CA MET L 114 16.76 36.88 -13.91
C MET L 114 17.72 35.73 -13.68
N LEU L 115 19.03 36.05 -13.64
CA LEU L 115 20.07 35.08 -13.31
C LEU L 115 19.71 34.43 -12.02
N ASP L 116 19.59 35.25 -10.98
CA ASP L 116 19.34 34.75 -9.64
C ASP L 116 18.14 33.79 -9.57
N ARG L 117 17.05 34.12 -10.24
CA ARG L 117 15.97 33.17 -10.50
C ARG L 117 16.49 31.86 -11.10
N LYS L 118 17.28 31.96 -12.15
CA LYS L 118 17.81 30.76 -12.82
C LYS L 118 18.84 30.01 -11.97
N LEU L 119 19.72 30.76 -11.28
CA LEU L 119 20.70 30.14 -10.38
C LEU L 119 19.99 29.38 -9.29
N LEU L 120 19.07 30.04 -8.58
CA LEU L 120 18.38 29.38 -7.48
C LEU L 120 17.66 28.09 -7.91
N LEU L 121 17.01 28.13 -9.06
CA LEU L 121 16.22 26.99 -9.49
C LEU L 121 17.07 25.82 -9.98
N GLY L 122 18.28 26.13 -10.43
CA GLY L 122 19.25 25.15 -10.87
C GLY L 122 20.09 24.68 -9.70
N ASN L 123 19.66 25.06 -8.49
CA ASN L 123 20.32 24.65 -7.24
C ASN L 123 21.78 25.00 -7.16
N VAL L 124 22.17 26.10 -7.78
CA VAL L 124 23.57 26.54 -7.76
C VAL L 124 23.84 27.34 -6.50
N PRO L 125 24.91 27.00 -5.78
CA PRO L 125 25.25 27.71 -4.55
C PRO L 125 25.69 29.14 -4.80
N LYS L 126 25.62 29.98 -3.79
CA LYS L 126 26.04 31.36 -3.93
C LYS L 126 27.55 31.44 -4.10
N GLN L 127 28.00 32.27 -5.02
CA GLN L 127 29.44 32.43 -5.24
C GLN L 127 30.09 33.13 -4.07
N MET L 128 31.37 32.86 -3.84
CA MET L 128 32.09 33.55 -2.77
C MET L 128 32.29 35.00 -3.16
N THR L 129 32.63 35.83 -2.18
CA THR L 129 32.86 37.24 -2.46
C THR L 129 34.16 37.71 -1.83
N CYS L 130 34.46 37.21 -0.64
CA CYS L 130 35.66 37.64 0.07
C CYS L 130 36.90 37.40 -0.78
N TYR L 131 36.98 36.22 -1.38
CA TYR L 131 38.12 35.89 -2.22
C TYR L 131 37.66 35.28 -3.53
N ILE L 132 38.08 35.87 -4.64
CA ILE L 132 37.71 35.33 -5.94
C ILE L 132 38.91 35.00 -6.79
N ARG L 133 38.97 33.78 -7.32
CA ARG L 133 40.05 33.44 -8.23
C ARG L 133 39.69 34.08 -9.55
N GLU L 134 40.67 34.29 -10.43
CA GLU L 134 40.39 34.97 -11.68
C GLU L 134 40.80 34.14 -12.90
N TYR L 135 42.10 34.12 -13.18
CA TYR L 135 42.61 33.43 -14.35
C TYR L 135 41.78 32.19 -14.66
N HIS L 136 41.56 31.37 -13.64
CA HIS L 136 40.80 30.14 -13.85
C HIS L 136 39.37 30.42 -14.25
N VAL L 137 38.63 31.15 -13.42
CA VAL L 137 37.24 31.44 -13.73
C VAL L 137 37.15 31.97 -15.16
N ASP L 138 38.16 32.73 -15.56
CA ASP L 138 38.24 33.34 -16.88
C ASP L 138 38.68 32.32 -17.92
N ARG L 139 39.07 31.14 -17.46
CA ARG L 139 39.50 30.08 -18.35
C ARG L 139 38.43 29.00 -18.43
N VAL L 140 37.49 29.03 -17.49
CA VAL L 140 36.40 28.08 -17.47
C VAL L 140 35.24 28.66 -18.25
N ILE L 141 35.27 29.98 -18.44
CA ILE L 141 34.21 30.66 -19.20
C ILE L 141 34.53 30.67 -20.68
N LYS L 142 35.80 30.92 -20.98
CA LYS L 142 36.30 30.94 -22.33
C LYS L 142 36.02 29.63 -23.04
N LYS L 143 36.57 28.55 -22.47
CA LYS L 143 36.39 27.23 -23.07
C LYS L 143 34.92 26.87 -23.24
N LEU L 144 34.07 27.39 -22.36
CA LEU L 144 32.65 27.09 -22.44
C LEU L 144 32.00 27.84 -23.61
N ASP L 145 32.42 29.08 -23.81
CA ASP L 145 31.92 29.83 -24.94
C ASP L 145 32.33 29.16 -26.25
N GLU L 146 33.54 28.62 -26.30
CA GLU L 146 34.01 28.02 -27.55
C GLU L 146 33.15 26.83 -27.97
N MET L 147 32.40 26.31 -27.02
CA MET L 147 31.71 25.03 -27.17
C MET L 147 30.21 25.22 -27.19
N CYS L 148 29.75 26.45 -27.32
CA CYS L 148 28.33 26.70 -27.40
C CYS L 148 27.79 25.88 -28.55
N ASP L 149 28.46 25.92 -29.69
CA ASP L 149 28.05 25.12 -30.83
C ASP L 149 28.24 23.65 -30.53
N LEU L 150 29.34 23.31 -29.88
CA LEU L 150 29.62 21.92 -29.55
C LEU L 150 28.57 21.39 -28.58
N ASP L 151 28.27 20.11 -28.64
CA ASP L 151 27.27 19.52 -27.74
C ASP L 151 27.81 18.32 -27.01
N SER L 152 27.25 18.03 -25.84
CA SER L 152 27.68 16.87 -25.05
C SER L 152 29.16 16.94 -24.77
N PHE L 153 29.59 17.97 -24.04
CA PHE L 153 31.00 18.13 -23.71
C PHE L 153 31.28 18.04 -22.19
N PHE L 154 32.49 17.63 -21.81
CA PHE L 154 32.90 17.57 -20.40
C PHE L 154 33.92 18.61 -20.04
N LEU L 155 33.63 19.38 -19.00
CA LEU L 155 34.65 20.26 -18.47
C LEU L 155 35.05 19.79 -17.07
N PHE L 156 36.31 19.42 -16.90
CA PHE L 156 36.74 18.88 -15.62
C PHE L 156 37.53 19.87 -14.78
N LEU L 157 37.04 20.15 -13.58
CA LEU L 157 37.77 21.04 -12.69
C LEU L 157 38.61 20.18 -11.77
N HIS L 158 39.27 19.18 -12.34
CA HIS L 158 40.08 18.26 -11.55
C HIS L 158 40.98 18.99 -10.58
N GLY L 159 40.96 18.57 -9.32
CA GLY L 159 41.78 19.22 -8.31
C GLY L 159 41.89 18.43 -7.03
N ARG L 160 42.73 18.88 -6.11
CA ARG L 160 42.89 18.19 -4.83
C ARG L 160 41.68 18.42 -3.94
N ALA L 161 41.63 17.72 -2.81
CA ALA L 161 40.53 17.89 -1.87
C ALA L 161 40.56 19.25 -1.20
N GLY L 162 39.39 19.77 -0.86
CA GLY L 162 39.30 21.07 -0.20
C GLY L 162 40.10 22.15 -0.93
N SER L 163 40.59 21.78 -2.13
CA SER L 163 41.44 22.64 -2.95
C SER L 163 40.65 23.78 -3.52
N GLY L 164 39.32 23.74 -3.40
CA GLY L 164 38.48 24.86 -3.78
C GLY L 164 37.73 24.84 -5.11
N LYS L 165 37.67 23.68 -5.75
CA LYS L 165 37.02 23.53 -7.07
C LYS L 165 35.54 23.94 -7.09
N SER L 166 34.77 23.46 -6.13
CA SER L 166 33.32 23.64 -6.14
C SER L 166 32.99 25.12 -6.00
N VAL L 167 33.75 25.86 -5.20
CA VAL L 167 33.51 27.29 -4.99
C VAL L 167 33.65 28.11 -6.30
N ILE L 168 34.69 27.80 -7.05
CA ILE L 168 34.93 28.38 -8.37
C ILE L 168 33.78 28.16 -9.38
N ALA L 169 33.06 27.04 -9.30
CA ALA L 169 31.98 26.81 -10.22
C ALA L 169 30.83 27.70 -9.77
N SER L 170 30.77 27.97 -8.47
CA SER L 170 29.72 28.82 -7.93
C SER L 170 29.91 30.23 -8.46
N GLN L 171 31.17 30.62 -8.61
CA GLN L 171 31.55 31.98 -9.02
C GLN L 171 31.56 32.16 -10.52
N ALA L 172 32.03 31.14 -11.23
CA ALA L 172 32.10 31.15 -12.69
C ALA L 172 30.71 31.19 -13.31
N LEU L 173 29.71 30.67 -12.59
CA LEU L 173 28.33 30.80 -13.05
C LEU L 173 27.59 31.96 -12.37
N SER L 174 28.32 32.80 -11.66
CA SER L 174 27.67 33.87 -10.90
C SER L 174 28.23 35.28 -11.22
N LYS L 175 29.43 35.33 -11.79
CA LYS L 175 30.00 36.62 -12.17
C LYS L 175 29.49 37.00 -13.54
N SER L 176 29.86 36.23 -14.55
CA SER L 176 29.39 36.49 -15.90
C SER L 176 27.94 36.07 -16.05
N ASP L 177 27.09 37.02 -16.43
CA ASP L 177 25.67 36.70 -16.61
C ASP L 177 25.43 36.10 -17.99
N GLN L 178 26.42 36.19 -18.86
CA GLN L 178 26.29 35.61 -20.20
C GLN L 178 26.09 34.12 -20.10
N LEU L 179 26.95 33.44 -19.35
CA LEU L 179 26.84 32.00 -19.23
C LEU L 179 25.40 31.48 -19.11
N ILE L 180 24.62 32.18 -18.29
CA ILE L 180 23.19 31.87 -18.15
C ILE L 180 22.30 32.95 -18.80
N GLY L 181 21.66 32.59 -19.92
CA GLY L 181 20.82 33.51 -20.67
C GLY L 181 21.32 33.70 -22.09
N ILE L 182 22.62 34.02 -22.19
CA ILE L 182 23.30 34.27 -23.45
C ILE L 182 23.88 32.98 -24.07
N ASN L 183 24.73 32.27 -23.31
CA ASN L 183 25.39 31.04 -23.79
C ASN L 183 24.62 29.75 -23.54
N TYR L 184 24.01 29.67 -22.36
CA TYR L 184 23.16 28.53 -21.99
C TYR L 184 21.86 29.07 -21.40
N ASP L 185 20.73 28.43 -21.71
CA ASP L 185 19.40 28.88 -21.29
C ASP L 185 19.14 28.63 -19.82
N SER L 186 19.45 27.42 -19.35
CA SER L 186 19.20 27.03 -17.95
C SER L 186 20.42 26.38 -17.28
N ILE L 187 20.36 26.25 -15.96
CA ILE L 187 21.38 25.55 -15.16
C ILE L 187 20.82 24.43 -14.26
N VAL L 188 21.50 23.29 -14.26
CA VAL L 188 21.23 22.19 -13.32
C VAL L 188 22.50 21.78 -12.58
N TRP L 189 22.58 22.09 -11.30
CA TRP L 189 23.75 21.82 -10.49
C TRP L 189 23.37 20.82 -9.42
N LEU L 190 23.99 19.65 -9.53
CA LEU L 190 23.71 18.48 -8.69
C LEU L 190 25.00 17.98 -8.08
N LYS L 191 24.99 17.75 -6.76
CA LYS L 191 26.14 17.15 -6.08
C LYS L 191 26.05 15.65 -6.14
N ASP L 192 27.14 15.01 -6.56
CA ASP L 192 27.20 13.56 -6.74
C ASP L 192 27.61 12.88 -5.43
N SER L 193 28.91 12.64 -5.28
CA SER L 193 29.47 12.02 -4.07
C SER L 193 29.05 10.55 -3.93
N GLY L 194 28.73 9.93 -5.07
CA GLY L 194 28.24 8.56 -5.12
C GLY L 194 29.31 7.50 -5.03
N THR L 195 29.06 6.51 -4.17
CA THR L 195 30.01 5.44 -3.88
C THR L 195 29.39 4.08 -4.16
N ALA L 196 28.13 3.93 -3.73
CA ALA L 196 27.35 2.71 -4.00
C ALA L 196 27.18 2.58 -5.51
N PRO L 197 26.72 1.40 -5.98
CA PRO L 197 26.44 1.18 -7.40
C PRO L 197 25.05 1.68 -7.84
N LYS L 198 24.19 1.87 -6.84
CA LYS L 198 22.88 2.46 -7.03
C LYS L 198 22.97 3.98 -7.12
N SER L 199 24.13 4.53 -6.77
CA SER L 199 24.26 5.98 -6.71
C SER L 199 24.22 6.64 -8.10
N THR L 200 24.81 5.98 -9.09
CA THR L 200 24.88 6.55 -10.43
C THR L 200 23.49 6.57 -11.07
N PHE L 201 22.57 5.80 -10.51
CA PHE L 201 21.21 5.75 -10.99
C PHE L 201 20.38 6.74 -10.21
N ASP L 202 20.65 6.82 -8.91
CA ASP L 202 19.93 7.72 -8.03
C ASP L 202 20.19 9.17 -8.42
N LEU L 203 21.40 9.48 -8.89
CA LEU L 203 21.68 10.87 -9.26
C LEU L 203 20.71 11.32 -10.35
N PHE L 204 20.50 10.47 -11.33
CA PHE L 204 19.63 10.80 -12.46
C PHE L 204 18.14 10.89 -12.12
N THR L 205 17.73 10.26 -11.02
CA THR L 205 16.35 10.35 -10.56
C THR L 205 16.16 11.77 -10.00
N ASP L 206 17.21 12.29 -9.37
CA ASP L 206 17.22 13.64 -8.82
C ASP L 206 17.44 14.66 -9.94
N ILE L 207 17.87 14.19 -11.10
CA ILE L 207 18.09 15.04 -12.27
C ILE L 207 16.91 14.97 -13.21
N LEU L 208 15.94 14.11 -12.89
CA LEU L 208 14.74 13.95 -13.70
C LEU L 208 13.71 14.94 -13.18
N LEU L 209 13.56 14.98 -11.86
CA LEU L 209 12.62 15.88 -11.20
C LEU L 209 13.11 17.31 -11.29
N MET L 210 14.43 17.50 -11.31
CA MET L 210 15.03 18.81 -11.45
C MET L 210 14.49 19.34 -12.76
N LEU L 211 14.74 18.58 -13.83
CA LEU L 211 14.32 18.96 -15.17
C LEU L 211 12.82 19.06 -15.35
N LYS L 212 12.07 18.42 -14.47
CA LYS L 212 10.61 18.44 -14.58
C LYS L 212 9.99 19.78 -14.20
N SER L 213 8.72 19.92 -14.53
CA SER L 213 7.96 21.13 -14.28
C SER L 213 7.50 21.20 -12.83
N GLU L 214 7.24 22.42 -12.37
CA GLU L 214 6.75 22.62 -11.01
C GLU L 214 5.44 21.86 -10.87
N ASP L 215 4.65 21.90 -11.93
CA ASP L 215 3.51 21.01 -12.07
C ASP L 215 4.05 19.60 -12.24
N ASP L 216 3.29 18.62 -11.75
CA ASP L 216 3.70 17.22 -11.83
C ASP L 216 5.02 16.99 -11.14
N LEU L 217 5.13 17.50 -9.93
CA LEU L 217 6.05 16.99 -8.92
C LEU L 217 5.12 16.25 -7.96
N LEU L 218 3.85 16.60 -8.00
CA LEU L 218 2.88 15.93 -7.14
C LEU L 218 2.39 14.69 -7.85
N ASN L 219 2.42 14.71 -9.17
CA ASN L 219 2.00 13.56 -9.95
C ASN L 219 3.19 12.73 -10.35
N PHE L 220 4.36 13.09 -9.83
CA PHE L 220 5.57 12.33 -10.14
C PHE L 220 5.35 10.86 -9.81
N PRO L 221 5.64 9.97 -10.77
CA PRO L 221 5.45 8.53 -10.57
C PRO L 221 6.58 7.92 -9.75
N SER L 222 6.67 6.60 -9.74
CA SER L 222 7.72 5.93 -8.99
C SER L 222 8.90 5.58 -9.88
N VAL L 223 9.99 6.33 -9.76
CA VAL L 223 11.18 6.02 -10.53
C VAL L 223 11.74 4.67 -10.10
N GLU L 224 11.37 4.23 -8.91
CA GLU L 224 11.82 2.93 -8.44
C GLU L 224 11.42 1.86 -9.43
N HIS L 225 10.16 1.86 -9.84
CA HIS L 225 9.71 0.90 -10.83
C HIS L 225 10.42 1.18 -12.14
N VAL L 226 10.63 2.46 -12.45
CA VAL L 226 11.32 2.82 -13.67
C VAL L 226 12.71 2.19 -13.74
N THR L 227 13.03 1.58 -14.86
CA THR L 227 14.34 0.97 -15.03
C THR L 227 15.32 1.99 -15.59
N SER L 228 16.60 1.61 -15.69
CA SER L 228 17.60 2.54 -16.20
C SER L 228 17.30 2.91 -17.64
N VAL L 229 17.05 1.91 -18.48
CA VAL L 229 16.73 2.18 -19.87
C VAL L 229 15.53 3.11 -19.91
N VAL L 230 14.76 3.12 -18.84
CA VAL L 230 13.57 3.97 -18.78
C VAL L 230 13.95 5.31 -18.18
N LEU L 231 14.73 5.32 -17.09
CA LEU L 231 15.09 6.62 -16.51
C LEU L 231 15.89 7.41 -17.55
N LYS L 232 16.76 6.71 -18.27
CA LYS L 232 17.58 7.34 -19.31
C LYS L 232 16.72 7.85 -20.47
N ARG L 233 15.83 6.98 -20.96
CA ARG L 233 14.94 7.38 -22.06
C ARG L 233 13.96 8.43 -21.57
N MET L 234 13.44 8.23 -20.38
CA MET L 234 12.54 9.18 -19.74
C MET L 234 13.15 10.59 -19.57
N ILE L 235 14.47 10.66 -19.35
CA ILE L 235 15.18 11.93 -19.23
C ILE L 235 15.39 12.61 -20.56
N CYS L 236 15.94 11.87 -21.52
CA CYS L 236 16.18 12.41 -22.85
C CYS L 236 14.88 12.57 -23.62
N ASN L 237 13.77 12.30 -22.95
CA ASN L 237 12.45 12.44 -23.57
C ASN L 237 11.83 13.76 -23.14
N ALA L 238 12.22 14.23 -21.97
CA ALA L 238 11.75 15.49 -21.43
C ALA L 238 12.82 16.58 -21.60
N LEU L 239 14.02 16.15 -21.96
CA LEU L 239 15.14 17.06 -22.17
C LEU L 239 14.91 17.92 -23.40
N ILE L 240 13.83 17.66 -24.12
CA ILE L 240 13.52 18.43 -25.33
C ILE L 240 13.23 19.88 -24.92
N ASP L 241 12.36 20.03 -23.93
CA ASP L 241 11.90 21.33 -23.42
C ASP L 241 13.05 22.11 -22.83
N ARG L 242 14.26 21.61 -22.96
CA ARG L 242 15.43 22.31 -22.45
C ARG L 242 16.66 22.08 -23.33
N PRO L 243 16.65 22.64 -24.55
CA PRO L 243 17.77 22.45 -25.47
C PRO L 243 19.06 23.06 -24.94
N ASN L 244 18.99 24.30 -24.48
CA ASN L 244 20.18 24.98 -23.97
C ASN L 244 20.30 24.80 -22.46
N THR L 245 20.71 23.62 -22.03
CA THR L 245 20.80 23.35 -20.60
C THR L 245 22.18 22.84 -20.21
N LEU L 246 22.79 23.49 -19.22
CA LEU L 246 24.08 23.03 -18.74
C LEU L 246 23.89 22.34 -17.41
N PHE L 247 24.62 21.26 -17.17
CA PHE L 247 24.48 20.50 -15.93
C PHE L 247 25.80 20.56 -15.15
N VAL L 248 25.75 20.91 -13.87
CA VAL L 248 26.97 20.95 -13.06
C VAL L 248 26.94 19.75 -12.11
N PHE L 249 28.01 18.96 -12.12
CA PHE L 249 28.02 17.74 -11.34
C PHE L 249 29.05 17.85 -10.24
N ASP L 250 28.67 18.54 -9.18
CA ASP L 250 29.62 18.87 -8.16
C ASP L 250 29.95 17.55 -7.48
N ASP L 251 31.24 17.21 -7.48
CA ASP L 251 31.85 16.07 -6.77
C ASP L 251 31.58 14.66 -7.32
N VAL L 252 32.08 14.39 -8.51
CA VAL L 252 31.96 13.05 -9.05
C VAL L 252 33.13 12.25 -8.52
N VAL L 253 32.86 10.99 -8.20
CA VAL L 253 33.94 10.09 -7.78
C VAL L 253 33.76 8.76 -8.50
N GLN L 254 33.05 8.76 -9.63
CA GLN L 254 32.81 7.52 -10.38
C GLN L 254 32.83 7.75 -11.90
N GLU L 255 32.71 6.68 -12.68
CA GLU L 255 32.71 6.81 -14.13
C GLU L 255 31.35 6.41 -14.72
N GLU L 256 30.63 5.53 -14.04
CA GLU L 256 29.33 5.10 -14.54
C GLU L 256 28.50 6.30 -14.96
N THR L 257 28.64 7.40 -14.23
CA THR L 257 27.90 8.61 -14.56
C THR L 257 28.38 9.15 -15.90
N ILE L 258 29.68 9.07 -16.14
CA ILE L 258 30.23 9.52 -17.41
C ILE L 258 29.64 8.69 -18.53
N ARG L 259 29.51 7.38 -18.31
CA ARG L 259 28.91 6.51 -19.31
C ARG L 259 27.47 6.91 -19.57
N TRP L 260 26.71 7.16 -18.51
CA TRP L 260 25.33 7.62 -18.68
C TRP L 260 25.30 8.86 -19.55
N ALA L 261 26.19 9.80 -19.27
CA ALA L 261 26.23 11.05 -20.03
C ALA L 261 26.55 10.82 -21.50
N GLN L 262 27.53 9.97 -21.77
CA GLN L 262 27.90 9.69 -23.14
C GLN L 262 26.71 9.09 -23.85
N GLU L 263 25.98 8.23 -23.15
CA GLU L 263 24.79 7.61 -23.72
C GLU L 263 23.71 8.63 -24.06
N LEU L 264 23.44 9.58 -23.15
CA LEU L 264 22.34 10.51 -23.42
C LEU L 264 22.77 11.70 -24.27
N ARG L 265 24.05 11.77 -24.63
CA ARG L 265 24.56 12.95 -25.34
C ARG L 265 24.32 14.27 -24.59
N LEU L 266 25.09 14.55 -23.53
CA LEU L 266 24.79 15.69 -22.64
C LEU L 266 25.98 16.59 -22.24
N ARG L 267 25.70 17.85 -21.89
CA ARG L 267 26.76 18.80 -21.50
C ARG L 267 27.06 18.77 -20.00
N CYS L 268 28.28 19.13 -19.59
CA CYS L 268 28.66 19.00 -18.17
C CYS L 268 29.88 19.81 -17.70
N LEU L 269 29.67 20.59 -16.64
CA LEU L 269 30.77 21.04 -15.82
C LEU L 269 30.93 19.94 -14.78
N VAL L 270 32.17 19.64 -14.40
CA VAL L 270 32.43 18.55 -13.46
C VAL L 270 33.52 18.91 -12.44
N THR L 271 33.16 18.84 -11.16
CA THR L 271 34.09 19.06 -10.07
C THR L 271 34.41 17.68 -9.52
N THR L 272 35.70 17.32 -9.46
CA THR L 272 36.15 16.01 -9.02
C THR L 272 37.55 16.10 -8.44
N ARG L 273 37.98 15.06 -7.72
CA ARG L 273 39.33 15.03 -7.21
C ARG L 273 40.19 14.06 -8.04
N ASP L 274 39.58 12.94 -8.39
CA ASP L 274 40.22 11.94 -9.26
C ASP L 274 40.01 12.29 -10.72
N VAL L 275 41.09 12.49 -11.47
CA VAL L 275 40.96 12.90 -12.87
C VAL L 275 40.88 11.74 -13.87
N GLU L 276 41.21 10.53 -13.44
CA GLU L 276 41.24 9.40 -14.38
C GLU L 276 39.86 8.91 -14.84
N ILE L 277 38.80 9.39 -14.22
CA ILE L 277 37.45 8.93 -14.58
C ILE L 277 37.11 9.23 -16.04
N SER L 278 37.70 10.28 -16.61
CA SER L 278 37.37 10.66 -17.99
C SER L 278 37.80 9.62 -19.02
N ASN L 279 38.72 8.74 -18.65
CA ASN L 279 39.24 7.76 -19.61
C ASN L 279 38.14 6.89 -20.21
N ALA L 280 37.08 6.62 -19.45
CA ALA L 280 35.99 5.80 -19.93
C ALA L 280 35.30 6.44 -21.13
N ALA L 281 35.08 7.75 -21.06
CA ALA L 281 34.36 8.44 -22.14
C ALA L 281 35.17 8.57 -23.41
N SER L 282 34.50 8.82 -24.52
CA SER L 282 35.19 9.02 -25.80
C SER L 282 34.69 10.29 -26.47
N GLN L 283 34.20 11.24 -25.67
CA GLN L 283 33.67 12.48 -26.23
C GLN L 283 34.53 13.69 -25.89
N THR L 284 33.95 14.89 -26.02
CA THR L 284 34.70 16.11 -25.75
C THR L 284 35.18 16.20 -24.30
N CYS L 285 36.48 16.40 -24.11
CA CYS L 285 37.03 16.50 -22.76
C CYS L 285 38.14 17.54 -22.65
N GLU L 286 37.96 18.54 -21.78
CA GLU L 286 38.99 19.56 -21.57
C GLU L 286 39.27 19.59 -20.09
N PHE L 287 40.24 20.39 -19.65
CA PHE L 287 40.57 20.32 -18.23
C PHE L 287 41.09 21.61 -17.62
N ILE L 288 40.75 21.84 -16.36
CA ILE L 288 41.29 22.96 -15.58
C ILE L 288 41.64 22.53 -14.16
N GLU L 289 42.92 22.59 -13.81
CA GLU L 289 43.36 22.06 -12.51
C GLU L 289 43.41 23.11 -11.41
N VAL L 290 42.77 22.85 -10.29
CA VAL L 290 42.81 23.81 -9.20
C VAL L 290 44.06 23.53 -8.37
N THR L 291 45.12 24.28 -8.65
CA THR L 291 46.40 24.11 -7.97
C THR L 291 46.40 24.59 -6.53
N SER L 292 47.48 24.31 -5.82
CA SER L 292 47.65 24.84 -4.48
C SER L 292 47.79 26.36 -4.61
N LEU L 293 47.22 27.11 -3.66
CA LEU L 293 47.32 28.57 -3.72
C LEU L 293 48.75 29.10 -3.72
N GLU L 294 49.13 29.77 -4.80
CA GLU L 294 50.46 30.38 -4.91
C GLU L 294 50.77 31.28 -3.71
N ILE L 295 52.05 31.48 -3.43
CA ILE L 295 52.46 32.29 -2.28
C ILE L 295 51.90 33.70 -2.29
N ASP L 296 52.08 34.40 -3.40
CA ASP L 296 51.56 35.76 -3.53
C ASP L 296 50.06 35.80 -3.28
N GLU L 297 49.34 34.88 -3.91
CA GLU L 297 47.89 34.82 -3.77
C GLU L 297 47.50 34.70 -2.30
N CYS L 298 47.95 33.62 -1.65
CA CYS L 298 47.61 33.41 -0.25
C CYS L 298 47.49 34.74 0.47
N TYR L 299 48.59 35.50 0.51
CA TYR L 299 48.56 36.79 1.18
C TYR L 299 47.21 37.45 0.96
N ASP L 300 46.83 37.62 -0.30
CA ASP L 300 45.56 38.26 -0.62
C ASP L 300 44.41 37.60 0.10
N PHE L 301 44.40 36.27 0.11
CA PHE L 301 43.33 35.54 0.77
C PHE L 301 43.23 35.94 2.23
N LEU L 302 44.37 35.96 2.92
CA LEU L 302 44.37 36.35 4.31
C LEU L 302 44.05 37.82 4.41
N GLU L 303 44.58 38.60 3.50
CA GLU L 303 44.29 40.03 3.48
C GLU L 303 42.80 40.21 3.33
N ALA L 304 42.19 39.41 2.47
CA ALA L 304 40.75 39.48 2.29
C ALA L 304 40.06 39.19 3.61
N TYR L 305 40.61 38.25 4.36
CA TYR L 305 40.03 37.89 5.65
C TYR L 305 40.62 38.74 6.77
N GLY L 306 41.33 39.80 6.40
CA GLY L 306 41.89 40.69 7.40
C GLY L 306 42.90 40.04 8.33
N MET L 307 43.67 39.10 7.80
CA MET L 307 44.71 38.46 8.61
C MET L 307 45.76 39.49 8.96
N PRO L 308 46.30 39.44 10.19
CA PRO L 308 47.23 40.51 10.51
C PRO L 308 48.26 40.65 9.39
N MET L 309 48.70 41.87 9.12
CA MET L 309 49.65 42.09 8.03
C MET L 309 51.08 41.84 8.49
N PRO L 310 51.87 41.19 7.62
CA PRO L 310 53.27 40.92 7.97
C PRO L 310 54.03 42.22 8.21
N VAL L 311 54.74 42.31 9.33
CA VAL L 311 55.49 43.54 9.65
C VAL L 311 56.94 43.25 10.04
N GLY L 312 57.15 42.48 11.11
CA GLY L 312 58.48 42.17 11.56
C GLY L 312 59.07 40.96 10.88
N GLU L 313 60.35 41.00 10.57
CA GLU L 313 60.97 39.89 9.84
C GLU L 313 60.62 38.57 10.50
N LYS L 314 60.73 38.50 11.82
CA LYS L 314 60.41 37.27 12.54
C LYS L 314 58.95 36.90 12.32
N GLU L 315 58.06 37.86 12.46
CA GLU L 315 56.66 37.59 12.20
C GLU L 315 56.51 37.19 10.76
N GLU L 316 57.18 37.91 9.85
CA GLU L 316 57.17 37.54 8.46
C GLU L 316 57.72 36.14 8.27
N ASP L 317 58.65 35.75 9.14
CA ASP L 317 59.23 34.42 9.05
C ASP L 317 58.13 33.38 9.12
N VAL L 318 57.19 33.60 10.02
CA VAL L 318 56.07 32.68 10.14
C VAL L 318 55.34 32.57 8.82
N LEU L 319 55.23 33.70 8.13
CA LEU L 319 54.40 33.79 6.94
C LEU L 319 54.62 32.63 5.98
N ASN L 320 55.81 32.52 5.40
CA ASN L 320 55.99 31.47 4.40
C ASN L 320 55.74 30.07 4.97
N LYS L 321 56.06 29.88 6.25
CA LYS L 321 55.95 28.54 6.87
C LYS L 321 54.56 27.90 6.82
N THR L 322 53.52 28.63 7.21
CA THR L 322 52.18 28.06 7.24
C THR L 322 51.80 27.63 5.84
N ILE L 323 52.22 28.41 4.85
CA ILE L 323 51.93 28.08 3.48
C ILE L 323 52.62 26.78 3.14
N GLU L 324 53.93 26.74 3.33
CA GLU L 324 54.65 25.50 3.06
C GLU L 324 53.89 24.33 3.67
N LEU L 325 53.33 24.54 4.86
CA LEU L 325 52.53 23.51 5.49
C LEU L 325 51.19 23.35 4.78
N SER L 326 50.40 24.40 4.75
CA SER L 326 49.07 24.34 4.15
C SER L 326 49.17 24.14 2.65
N SER L 327 50.38 24.14 2.12
CA SER L 327 50.58 23.92 0.68
C SER L 327 49.37 24.34 -0.13
N GLY L 328 48.97 25.60 0.00
CA GLY L 328 47.86 26.12 -0.78
C GLY L 328 46.54 25.38 -0.72
N ASN L 329 46.11 24.98 0.47
CA ASN L 329 44.80 24.35 0.61
C ASN L 329 43.82 25.35 1.19
N PRO L 330 42.90 25.85 0.35
CA PRO L 330 41.98 26.89 0.82
C PRO L 330 41.16 26.45 2.02
N ALA L 331 40.61 25.24 1.98
CA ALA L 331 39.76 24.77 3.06
C ALA L 331 40.48 24.84 4.40
N THR L 332 41.62 24.18 4.51
CA THR L 332 42.37 24.16 5.77
C THR L 332 43.04 25.50 6.02
N LEU L 333 42.85 26.45 5.11
CA LEU L 333 43.37 27.78 5.32
C LEU L 333 42.20 28.44 6.01
N MET L 334 41.00 28.12 5.53
CA MET L 334 39.81 28.63 6.17
C MET L 334 39.76 28.10 7.57
N MET L 335 40.18 26.85 7.75
CA MET L 335 40.18 26.24 9.08
C MET L 335 41.18 26.93 10.00
N PHE L 336 42.35 27.26 9.48
CA PHE L 336 43.33 27.97 10.28
C PHE L 336 42.77 29.33 10.68
N PHE L 337 42.00 29.93 9.78
CA PHE L 337 41.38 31.22 10.08
C PHE L 337 40.32 31.09 11.17
N LYS L 338 39.52 30.04 11.10
CA LYS L 338 38.51 29.80 12.11
C LYS L 338 39.19 29.56 13.43
N SER L 339 40.42 29.04 13.38
CA SER L 339 41.17 28.84 14.60
C SER L 339 41.73 30.14 15.19
N CYS L 340 42.24 31.04 14.35
CA CYS L 340 42.89 32.27 14.89
C CYS L 340 42.01 33.40 15.45
N GLU L 341 40.85 33.07 16.01
CA GLU L 341 40.01 34.11 16.63
C GLU L 341 40.81 35.30 17.18
N PRO L 342 41.88 35.05 17.96
CA PRO L 342 42.70 36.16 18.44
C PRO L 342 43.22 37.05 17.31
N LYS L 343 43.39 36.49 16.12
CA LYS L 343 43.85 37.26 14.96
C LYS L 343 45.21 37.89 15.21
N THR L 344 46.20 37.05 15.47
CA THR L 344 47.56 37.55 15.69
C THR L 344 48.57 36.58 15.13
N PHE L 345 49.65 37.06 14.54
CA PHE L 345 50.68 36.12 14.07
C PHE L 345 51.13 35.16 15.16
N GLU L 346 51.04 35.58 16.41
CA GLU L 346 51.39 34.68 17.50
C GLU L 346 50.43 33.50 17.48
N LYS L 347 49.15 33.80 17.25
CA LYS L 347 48.15 32.75 17.19
C LYS L 347 48.50 31.78 16.08
N MET L 348 48.89 32.30 14.92
CA MET L 348 49.24 31.46 13.79
C MET L 348 50.40 30.55 14.14
N ALA L 349 51.42 31.11 14.78
CA ALA L 349 52.57 30.31 15.16
C ALA L 349 52.15 29.19 16.10
N GLN L 350 51.31 29.53 17.07
CA GLN L 350 50.86 28.52 18.02
C GLN L 350 50.08 27.42 17.34
N LEU L 351 49.27 27.78 16.35
CA LEU L 351 48.49 26.78 15.62
C LEU L 351 49.39 25.89 14.78
N ASN L 352 50.43 26.45 14.19
CA ASN L 352 51.38 25.64 13.45
C ASN L 352 52.01 24.65 14.41
N ASN L 353 52.31 25.14 15.61
CA ASN L 353 52.88 24.24 16.62
C ASN L 353 51.93 23.10 16.91
N LYS L 354 50.67 23.42 17.15
CA LYS L 354 49.69 22.39 17.44
C LYS L 354 49.67 21.38 16.31
N LEU L 355 49.69 21.87 15.08
CA LEU L 355 49.65 20.99 13.92
C LEU L 355 50.85 20.03 13.86
N GLU L 356 52.06 20.54 14.07
CA GLU L 356 53.21 19.64 14.07
C GLU L 356 53.10 18.61 15.20
N SER L 357 52.08 18.75 16.04
CA SER L 357 51.89 17.85 17.21
C SER L 357 50.48 17.26 17.18
N ARG L 358 49.60 17.74 16.29
CA ARG L 358 48.21 17.28 16.30
C ARG L 358 47.66 17.09 14.89
N GLY L 359 48.49 17.31 13.88
CA GLY L 359 48.05 17.21 12.50
C GLY L 359 46.90 18.17 12.23
N LEU L 360 46.04 17.86 11.27
CA LEU L 360 44.90 18.72 10.98
C LEU L 360 43.87 18.68 12.12
N VAL L 361 43.90 17.60 12.90
CA VAL L 361 42.97 17.49 14.02
C VAL L 361 43.06 18.78 14.82
N GLY L 362 44.27 19.29 14.97
CA GLY L 362 44.46 20.52 15.71
C GLY L 362 43.76 21.69 15.05
N VAL L 363 43.83 21.76 13.72
CA VAL L 363 43.22 22.86 13.00
C VAL L 363 41.77 22.56 12.60
N GLU L 364 41.30 21.37 12.94
CA GLU L 364 39.94 20.98 12.56
C GLU L 364 38.92 21.91 13.19
N CYS L 365 37.91 22.30 12.43
CA CYS L 365 36.88 23.21 12.94
C CYS L 365 35.69 23.31 12.00
N ILE L 366 34.58 23.85 12.50
CA ILE L 366 33.40 24.05 11.66
C ILE L 366 33.66 25.12 10.63
N THR L 367 33.16 24.93 9.41
CA THR L 367 33.43 25.89 8.34
C THR L 367 32.49 25.68 7.17
N PRO L 368 32.29 26.70 6.33
CA PRO L 368 31.49 26.50 5.13
C PRO L 368 31.74 25.14 4.41
N TYR L 369 32.87 24.50 4.69
CA TYR L 369 33.13 23.12 4.24
C TYR L 369 32.20 22.12 4.96
N SER L 370 31.70 21.12 4.23
CA SER L 370 30.84 20.12 4.84
C SER L 370 31.61 19.38 5.92
N TYR L 371 32.91 19.61 5.94
CA TYR L 371 33.87 18.85 6.74
C TYR L 371 34.52 19.65 7.89
N LYS L 372 34.49 19.07 9.09
CA LYS L 372 35.12 19.74 10.26
C LYS L 372 36.64 19.55 10.17
N SER L 373 37.09 18.44 9.60
CA SER L 373 38.54 18.15 9.47
C SER L 373 38.87 17.75 8.03
N LEU L 374 40.04 18.16 7.53
CA LEU L 374 40.45 17.78 6.15
C LEU L 374 40.78 16.29 6.14
N ALA L 375 41.37 15.76 7.22
CA ALA L 375 41.64 14.34 7.28
C ALA L 375 40.37 13.54 7.03
N MET L 376 39.21 14.12 7.38
CA MET L 376 37.92 13.46 7.18
C MET L 376 37.63 13.38 5.71
N ALA L 377 38.19 14.33 4.96
CA ALA L 377 37.92 14.42 3.53
C ALA L 377 38.78 13.42 2.80
N LEU L 378 40.08 13.53 3.08
CA LEU L 378 41.11 12.77 2.42
C LEU L 378 40.92 11.27 2.68
N GLN L 379 40.32 10.94 3.82
CA GLN L 379 39.93 9.58 4.10
C GLN L 379 39.48 8.96 2.79
N ARG L 380 38.33 9.47 2.35
CA ARG L 380 37.63 9.05 1.14
C ARG L 380 38.51 8.95 -0.08
N CYS L 381 39.63 9.66 -0.07
CA CYS L 381 40.56 9.60 -1.19
C CYS L 381 41.52 8.43 -0.99
N VAL L 382 41.56 7.90 0.22
CA VAL L 382 42.40 6.77 0.55
C VAL L 382 41.58 5.48 0.57
N GLU L 383 40.26 5.58 0.43
CA GLU L 383 39.48 4.35 0.42
C GLU L 383 39.35 3.85 -1.00
N VAL L 384 39.07 4.78 -1.89
CA VAL L 384 38.89 4.49 -3.30
C VAL L 384 40.13 3.89 -3.96
N LEU L 385 41.27 4.11 -3.32
CA LEU L 385 42.56 3.80 -3.92
C LEU L 385 42.72 2.32 -4.17
N SER L 386 43.27 1.96 -5.33
CA SER L 386 43.64 0.59 -5.60
C SER L 386 44.28 -0.01 -4.34
N ASP L 387 43.89 -1.23 -3.95
CA ASP L 387 44.41 -1.90 -2.73
C ASP L 387 45.96 -1.81 -2.62
N GLU L 388 46.63 -2.05 -3.74
CA GLU L 388 48.08 -2.02 -3.79
C GLU L 388 48.61 -0.59 -3.85
N ASP L 389 47.77 0.31 -4.36
CA ASP L 389 48.15 1.71 -4.46
C ASP L 389 47.99 2.35 -3.09
N ARG L 390 47.07 1.81 -2.31
CA ARG L 390 46.82 2.31 -0.96
C ARG L 390 48.08 2.16 -0.13
N SER L 391 48.73 1.01 -0.24
CA SER L 391 49.96 0.76 0.49
C SER L 391 50.97 1.85 0.12
N ALA L 392 51.31 1.92 -1.17
CA ALA L 392 52.26 2.94 -1.63
C ALA L 392 52.13 4.28 -0.90
N LEU L 393 50.89 4.76 -0.81
CA LEU L 393 50.60 6.03 -0.18
C LEU L 393 50.95 5.96 1.28
N ALA L 394 50.56 4.84 1.88
CA ALA L 394 50.66 4.69 3.31
C ALA L 394 52.10 4.80 3.81
N PHE L 395 53.05 4.44 2.95
CA PHE L 395 54.47 4.49 3.33
C PHE L 395 55.12 5.80 2.93
N ALA L 396 54.40 6.63 2.19
CA ALA L 396 54.95 7.90 1.74
C ALA L 396 55.29 8.79 2.92
N VAL L 397 54.79 8.42 4.11
CA VAL L 397 55.03 9.23 5.30
C VAL L 397 56.52 9.39 5.56
N VAL L 398 57.29 8.32 5.37
CA VAL L 398 58.73 8.39 5.64
C VAL L 398 59.50 9.01 4.48
N MET L 399 59.11 10.23 4.10
CA MET L 399 59.79 10.93 3.01
C MET L 399 60.00 12.39 3.37
N PRO L 400 61.04 13.01 2.79
CA PRO L 400 61.21 14.44 3.04
C PRO L 400 60.05 15.22 2.44
N PRO L 401 59.27 15.91 3.27
CA PRO L 401 58.09 16.63 2.76
C PRO L 401 58.47 17.81 1.91
N GLY L 402 57.59 18.20 0.99
CA GLY L 402 57.84 19.33 0.13
C GLY L 402 59.28 19.36 -0.37
N VAL L 403 59.79 18.20 -0.76
CA VAL L 403 61.19 18.12 -1.27
C VAL L 403 61.20 17.35 -2.59
N ASP L 404 61.97 17.83 -3.58
CA ASP L 404 62.10 17.08 -4.87
C ASP L 404 63.04 15.90 -4.62
N ILE L 405 62.52 14.67 -4.64
CA ILE L 405 63.33 13.50 -4.34
C ILE L 405 63.19 12.39 -5.38
N PRO L 406 64.30 11.71 -5.72
CA PRO L 406 64.39 10.71 -6.79
C PRO L 406 63.52 9.48 -6.63
N VAL L 407 63.33 8.75 -7.72
CA VAL L 407 62.46 7.58 -7.74
C VAL L 407 63.09 6.45 -6.96
N LYS L 408 64.37 6.20 -7.20
CA LYS L 408 65.06 5.15 -6.49
C LYS L 408 64.99 5.42 -5.00
N LEU L 409 64.98 6.69 -4.64
CA LEU L 409 64.86 7.06 -3.24
C LEU L 409 63.57 6.48 -2.69
N TRP L 410 62.51 6.59 -3.46
CA TRP L 410 61.23 6.04 -3.03
C TRP L 410 61.23 4.52 -3.11
N SER L 411 61.99 3.97 -4.05
CA SER L 411 61.96 2.52 -4.24
C SER L 411 62.32 1.77 -2.94
N CYS L 412 62.89 2.53 -2.00
CA CYS L 412 63.38 2.00 -0.75
C CYS L 412 62.27 1.69 0.25
N VAL L 413 61.29 2.58 0.39
CA VAL L 413 60.19 2.34 1.34
C VAL L 413 58.97 1.63 0.72
N ILE L 414 58.76 1.83 -0.57
CA ILE L 414 57.57 1.31 -1.23
C ILE L 414 57.65 -0.21 -1.51
N PRO L 415 56.58 -0.97 -1.15
CA PRO L 415 56.38 -2.40 -1.42
C PRO L 415 56.35 -2.83 -2.91
N VAL L 416 56.40 -4.15 -3.15
CA VAL L 416 56.21 -4.76 -4.48
C VAL L 416 56.27 -6.30 -4.42
N GLU L 424 64.22 -5.55 -8.63
CA GLU L 424 64.79 -5.96 -9.95
C GLU L 424 64.76 -4.77 -10.91
N GLN L 425 65.21 -4.97 -12.15
CA GLN L 425 65.22 -3.88 -13.16
C GLN L 425 63.83 -3.25 -13.25
N LEU L 426 62.78 -3.98 -12.88
CA LEU L 426 61.42 -3.47 -13.00
C LEU L 426 61.06 -2.55 -11.83
N ASP L 427 61.99 -1.70 -11.44
CA ASP L 427 61.71 -0.77 -10.37
C ASP L 427 60.76 0.30 -10.87
N ASP L 428 60.53 0.32 -12.18
CA ASP L 428 59.62 1.29 -12.77
C ASP L 428 58.25 1.16 -12.14
N GLU L 429 57.89 -0.05 -11.74
CA GLU L 429 56.59 -0.27 -11.11
C GLU L 429 56.39 0.69 -9.95
N VAL L 430 57.44 0.94 -9.19
CA VAL L 430 57.34 1.89 -8.09
C VAL L 430 56.95 3.25 -8.63
N ALA L 431 57.62 3.68 -9.69
CA ALA L 431 57.29 4.96 -10.30
C ALA L 431 55.85 4.94 -10.76
N ASP L 432 55.44 3.84 -11.39
CA ASP L 432 54.05 3.71 -11.82
C ASP L 432 53.15 4.04 -10.66
N ARG L 433 53.36 3.37 -9.53
CA ARG L 433 52.54 3.61 -8.35
C ARG L 433 52.50 5.10 -8.07
N LEU L 434 53.66 5.75 -8.13
CA LEU L 434 53.76 7.18 -7.85
C LEU L 434 53.00 8.08 -8.84
N LYS L 435 52.84 7.60 -10.07
CA LYS L 435 52.11 8.35 -11.10
C LYS L 435 50.62 8.14 -10.86
N ARG L 436 50.21 6.90 -10.71
CA ARG L 436 48.80 6.62 -10.46
C ARG L 436 48.35 7.36 -9.21
N LEU L 437 49.13 7.25 -8.14
CA LEU L 437 48.77 7.89 -6.89
C LEU L 437 48.68 9.41 -7.04
N SER L 438 49.50 9.97 -7.94
CA SER L 438 49.50 11.39 -8.21
C SER L 438 48.30 11.80 -9.06
N LYS L 439 47.72 10.85 -9.78
CA LYS L 439 46.56 11.15 -10.61
C LYS L 439 45.26 10.64 -9.99
N ARG L 440 45.10 10.84 -8.68
CA ARG L 440 43.90 10.41 -8.00
C ARG L 440 43.69 11.31 -6.80
N GLY L 441 43.07 12.46 -7.01
CA GLY L 441 42.92 13.42 -5.93
C GLY L 441 44.22 14.17 -5.75
N ALA L 442 45.11 14.05 -6.72
CA ALA L 442 46.40 14.72 -6.65
C ALA L 442 47.10 14.36 -5.35
N LEU L 443 46.97 13.11 -4.94
CA LEU L 443 47.59 12.67 -3.69
C LEU L 443 49.11 12.82 -3.78
N LEU L 444 49.66 12.56 -4.96
CA LEU L 444 51.10 12.69 -5.15
C LEU L 444 51.43 13.75 -6.17
N SER L 445 52.66 14.22 -6.17
CA SER L 445 53.08 15.22 -7.14
C SER L 445 54.47 14.90 -7.67
N GLY L 446 54.58 14.70 -8.98
CA GLY L 446 55.86 14.36 -9.57
C GLY L 446 56.24 15.26 -10.72
N LYS L 447 57.53 15.30 -11.03
CA LYS L 447 58.01 16.14 -12.13
C LYS L 447 58.76 15.23 -13.09
N ARG L 448 58.93 15.70 -14.33
CA ARG L 448 59.63 14.95 -15.36
C ARG L 448 61.12 15.29 -15.39
N MET L 449 61.45 16.56 -15.64
CA MET L 449 62.83 16.99 -15.71
C MET L 449 63.39 17.32 -14.32
N PRO L 450 64.66 17.75 -14.25
CA PRO L 450 65.84 17.10 -14.84
C PRO L 450 65.76 15.58 -14.74
N VAL L 451 65.38 15.07 -13.58
CA VAL L 451 65.24 13.63 -13.38
C VAL L 451 63.88 13.30 -12.76
N LEU L 452 63.30 12.16 -13.14
CA LEU L 452 61.99 11.73 -12.62
C LEU L 452 61.91 11.69 -11.09
N THR L 453 61.24 12.68 -10.52
CA THR L 453 61.17 12.83 -9.07
C THR L 453 59.76 13.22 -8.69
N PHE L 454 59.32 12.80 -7.51
CA PHE L 454 58.02 13.19 -7.00
C PHE L 454 58.21 13.99 -5.72
N LYS L 455 57.12 14.34 -5.07
CA LYS L 455 57.22 15.07 -3.81
C LYS L 455 55.92 14.92 -3.04
N ILE L 456 56.04 14.69 -1.73
CA ILE L 456 54.86 14.50 -0.91
C ILE L 456 54.47 15.84 -0.29
N ASP L 457 53.44 16.47 -0.84
CA ASP L 457 53.00 17.76 -0.33
C ASP L 457 52.90 17.71 1.19
N HIS L 458 53.32 18.78 1.84
CA HIS L 458 53.34 18.76 3.30
C HIS L 458 52.00 18.29 3.85
N ILE L 459 50.90 18.78 3.30
CA ILE L 459 49.58 18.40 3.79
C ILE L 459 49.36 16.89 3.74
N ILE L 460 49.57 16.29 2.57
CA ILE L 460 49.35 14.87 2.43
C ILE L 460 50.31 14.09 3.31
N HIS L 461 51.53 14.58 3.47
CA HIS L 461 52.51 13.91 4.30
C HIS L 461 52.01 13.85 5.73
N MET L 462 51.52 14.98 6.23
CA MET L 462 50.99 15.03 7.58
C MET L 462 49.82 14.09 7.71
N PHE L 463 48.96 14.09 6.72
CA PHE L 463 47.81 13.20 6.74
C PHE L 463 48.30 11.78 6.95
N LEU L 464 49.23 11.36 6.12
CA LEU L 464 49.76 10.01 6.21
C LEU L 464 50.30 9.73 7.58
N LYS L 465 51.15 10.62 8.08
CA LYS L 465 51.76 10.43 9.38
C LYS L 465 50.72 10.20 10.46
N HIS L 466 49.70 11.05 10.49
CA HIS L 466 48.70 10.95 11.55
C HIS L 466 47.77 9.73 11.40
N VAL L 467 47.59 9.26 10.17
CA VAL L 467 46.68 8.14 9.94
C VAL L 467 47.35 6.77 9.99
N VAL L 468 48.48 6.61 9.33
CA VAL L 468 49.13 5.29 9.26
C VAL L 468 49.49 4.71 10.63
N ASP L 469 49.43 3.40 10.74
CA ASP L 469 49.78 2.73 11.99
C ASP L 469 51.04 3.35 12.59
N ALA L 470 50.98 3.71 13.86
CA ALA L 470 52.14 4.28 14.53
C ALA L 470 53.39 3.41 14.31
N GLN L 471 53.15 2.10 14.15
CA GLN L 471 54.22 1.14 13.86
C GLN L 471 54.77 1.32 12.45
N THR L 472 53.88 1.27 11.46
CA THR L 472 54.30 1.37 10.07
C THR L 472 55.28 2.51 9.85
N ILE L 473 55.02 3.64 10.49
CA ILE L 473 55.87 4.80 10.29
C ILE L 473 57.31 4.39 10.56
N ALA L 474 57.55 3.80 11.72
CA ALA L 474 58.88 3.33 12.04
C ALA L 474 59.27 2.23 11.08
N ASN L 475 58.32 1.36 10.76
CA ASN L 475 58.59 0.26 9.85
C ASN L 475 59.06 0.79 8.52
N GLY L 476 58.36 1.79 8.00
CA GLY L 476 58.72 2.35 6.71
C GLY L 476 60.11 2.96 6.73
N ILE L 477 60.40 3.72 7.78
CA ILE L 477 61.71 4.34 7.89
C ILE L 477 62.75 3.24 8.00
N SER L 478 62.41 2.16 8.66
CA SER L 478 63.33 1.03 8.77
C SER L 478 63.64 0.49 7.40
N ILE L 479 62.60 0.29 6.60
CA ILE L 479 62.79 -0.21 5.24
C ILE L 479 63.67 0.75 4.47
N LEU L 480 63.45 2.04 4.67
CA LEU L 480 64.27 3.04 4.00
C LEU L 480 65.72 2.80 4.36
N GLU L 481 65.98 2.59 5.65
CA GLU L 481 67.34 2.33 6.11
C GLU L 481 67.88 1.07 5.46
N GLN L 482 67.04 0.05 5.35
CA GLN L 482 67.47 -1.21 4.76
C GLN L 482 67.95 -0.97 3.34
N ARG L 483 67.32 -0.04 2.64
CA ARG L 483 67.71 0.25 1.27
C ARG L 483 68.45 1.57 1.21
N LEU L 484 68.92 2.05 2.36
CA LEU L 484 69.61 3.33 2.41
C LEU L 484 71.11 3.17 2.19
N LEU L 485 71.56 1.94 1.98
CA LEU L 485 73.00 1.72 1.85
C LEU L 485 73.39 1.10 0.52
N GLU L 486 74.60 1.43 0.04
CA GLU L 486 75.09 0.90 -1.22
C GLU L 486 76.55 1.29 -1.36
N ILE L 487 77.35 0.48 -2.04
CA ILE L 487 78.77 0.78 -2.13
C ILE L 487 79.02 2.21 -2.58
N THR L 522 67.79 23.35 -4.25
CA THR L 522 66.75 22.62 -4.97
C THR L 522 67.35 21.76 -6.09
N VAL L 523 68.68 21.76 -6.17
CA VAL L 523 69.37 20.98 -7.18
C VAL L 523 69.95 19.71 -6.57
N ILE L 524 69.19 19.09 -5.67
CA ILE L 524 69.63 17.87 -5.01
C ILE L 524 70.03 16.81 -6.03
N ARG L 525 71.18 16.17 -5.79
CA ARG L 525 71.68 15.15 -6.69
C ARG L 525 72.02 13.86 -5.94
N PRO L 526 70.99 13.15 -5.43
CA PRO L 526 71.39 11.97 -4.67
C PRO L 526 71.51 10.78 -5.61
N GLU L 527 71.49 11.02 -6.91
CA GLU L 527 71.69 9.93 -7.86
C GLU L 527 73.06 9.35 -7.62
N ASP L 528 74.03 10.22 -7.35
CA ASP L 528 75.41 9.75 -7.18
C ASP L 528 75.77 9.57 -5.71
N PHE L 529 74.87 9.93 -4.81
CA PHE L 529 75.15 9.80 -3.39
C PHE L 529 73.97 9.24 -2.60
N PRO L 530 73.16 8.36 -3.20
CA PRO L 530 71.98 7.90 -2.48
C PRO L 530 72.35 7.11 -1.25
N LYS L 531 73.37 6.28 -1.38
CA LYS L 531 73.79 5.43 -0.27
C LYS L 531 74.21 6.26 0.93
N PHE L 532 74.88 7.38 0.69
CA PHE L 532 75.38 8.19 1.79
C PHE L 532 74.76 9.58 1.86
N MET L 533 73.45 9.67 1.62
CA MET L 533 72.79 10.96 1.75
C MET L 533 71.74 10.93 2.85
N GLN L 534 71.81 11.88 3.77
CA GLN L 534 70.82 11.97 4.83
C GLN L 534 70.43 13.43 4.94
N LEU L 535 70.47 14.13 3.82
CA LEU L 535 70.17 15.55 3.83
C LEU L 535 68.88 15.87 4.57
N HIS L 536 68.01 14.89 4.74
CA HIS L 536 66.73 15.19 5.36
C HIS L 536 66.73 14.62 6.77
N GLN L 537 67.92 14.56 7.36
CA GLN L 537 68.04 14.01 8.71
C GLN L 537 67.03 14.69 9.61
N LYS L 538 66.86 15.98 9.44
CA LYS L 538 65.86 16.70 10.22
C LYS L 538 64.56 15.92 10.18
N PHE L 539 64.01 15.74 8.97
CA PHE L 539 62.78 14.98 8.85
C PHE L 539 62.95 13.59 9.43
N TYR L 540 64.09 12.97 9.15
CA TYR L 540 64.32 11.61 9.63
C TYR L 540 64.19 11.56 11.14
N ASP L 541 64.68 12.59 11.82
CA ASP L 541 64.57 12.65 13.27
C ASP L 541 63.11 12.66 13.67
N SER L 542 62.27 13.28 12.86
CA SER L 542 60.85 13.34 13.17
C SER L 542 60.29 11.94 13.36
N LEU L 543 60.73 11.02 12.50
CA LEU L 543 60.35 9.62 12.64
C LEU L 543 60.86 9.06 13.96
N ARG M 112 -4.65 45.85 14.83
CA ARG M 112 -4.23 45.00 15.95
C ARG M 112 -5.05 43.69 16.11
N GLN M 113 -5.76 43.32 15.07
CA GLN M 113 -6.57 42.11 15.11
C GLN M 113 -6.13 41.21 13.96
N MET M 114 -5.47 41.83 12.98
CA MET M 114 -4.86 41.17 11.83
C MET M 114 -3.55 40.48 12.21
N LEU M 115 -2.79 41.11 13.11
CA LEU M 115 -1.57 40.53 13.67
C LEU M 115 -1.90 39.18 14.22
N ASP M 116 -2.81 39.17 15.17
CA ASP M 116 -3.17 37.95 15.86
C ASP M 116 -3.53 36.79 14.92
N ARG M 117 -4.31 37.08 13.87
CA ARG M 117 -4.47 36.16 12.75
C ARG M 117 -3.14 35.68 12.20
N LYS M 118 -2.24 36.62 11.90
CA LYS M 118 -0.93 36.26 11.33
C LYS M 118 -0.02 35.54 12.34
N LEU M 119 -0.03 35.98 13.60
CA LEU M 119 0.75 35.32 14.66
C LEU M 119 0.28 33.90 14.82
N LEU M 120 -1.03 33.70 15.02
CA LEU M 120 -1.54 32.35 15.22
C LEU M 120 -1.18 31.39 14.07
N LEU M 121 -1.30 31.87 12.85
CA LEU M 121 -1.09 30.99 11.71
C LEU M 121 0.39 30.67 11.46
N GLY M 122 1.26 31.55 11.95
CA GLY M 122 2.69 31.36 11.87
C GLY M 122 3.19 30.61 13.08
N ASN M 123 2.25 30.07 13.85
CA ASN M 123 2.53 29.26 15.05
C ASN M 123 3.40 29.95 16.08
N VAL M 124 3.26 31.26 16.19
CA VAL M 124 4.04 32.02 17.16
C VAL M 124 3.34 32.05 18.51
N PRO M 125 4.08 31.74 19.58
CA PRO M 125 3.49 31.72 20.93
C PRO M 125 3.11 33.10 21.42
N LYS M 126 2.24 33.17 22.43
CA LYS M 126 1.84 34.43 23.00
C LYS M 126 2.97 35.06 23.80
N GLN M 127 3.13 36.37 23.70
CA GLN M 127 4.19 37.05 24.44
C GLN M 127 3.85 37.16 25.92
N MET M 128 4.87 37.25 26.76
CA MET M 128 4.62 37.44 28.19
C MET M 128 4.19 38.87 28.42
N THR M 129 3.23 39.09 29.31
CA THR M 129 2.71 40.43 29.54
C THR M 129 3.00 40.93 30.95
N CYS M 130 3.01 40.03 31.92
CA CYS M 130 3.23 40.43 33.30
C CYS M 130 4.60 41.07 33.48
N TYR M 131 5.61 40.50 32.83
CA TYR M 131 6.96 41.04 32.92
C TYR M 131 7.68 40.88 31.60
N ILE M 132 8.30 41.94 31.11
CA ILE M 132 8.98 41.89 29.83
C ILE M 132 10.37 42.51 29.88
N ARG M 133 11.36 41.84 29.28
CA ARG M 133 12.70 42.42 29.23
C ARG M 133 12.69 43.41 28.10
N GLU M 134 12.09 44.57 28.33
CA GLU M 134 11.95 45.56 27.25
C GLU M 134 13.22 45.79 26.46
N TYR M 135 14.31 46.11 27.14
CA TYR M 135 15.55 46.43 26.42
C TYR M 135 15.85 45.41 25.36
N HIS M 136 15.80 44.14 25.74
CA HIS M 136 16.08 43.07 24.78
C HIS M 136 14.98 42.94 23.74
N VAL M 137 13.73 42.85 24.17
CA VAL M 137 12.64 42.79 23.20
C VAL M 137 12.74 43.99 22.26
N ASP M 138 13.16 45.12 22.82
CA ASP M 138 13.30 46.36 22.08
C ASP M 138 14.58 46.37 21.26
N ARG M 139 15.42 45.36 21.46
CA ARG M 139 16.66 45.24 20.71
C ARG M 139 16.54 44.14 19.67
N VAL M 140 15.53 43.30 19.81
CA VAL M 140 15.28 42.23 18.88
C VAL M 140 14.34 42.73 17.79
N ILE M 141 13.65 43.82 18.08
CA ILE M 141 12.74 44.42 17.11
C ILE M 141 13.46 45.39 16.22
N LYS M 142 14.33 46.19 16.84
CA LYS M 142 15.14 47.16 16.15
C LYS M 142 15.96 46.51 15.05
N LYS M 143 16.81 45.57 15.44
CA LYS M 143 17.65 44.88 14.48
C LYS M 143 16.86 44.23 13.36
N LEU M 144 15.64 43.81 13.67
CA LEU M 144 14.80 43.17 12.66
C LEU M 144 14.26 44.20 11.66
N ASP M 145 13.91 45.37 12.15
CA ASP M 145 13.47 46.43 11.25
C ASP M 145 14.61 46.82 10.31
N GLU M 146 15.84 46.86 10.84
CA GLU M 146 16.96 47.30 10.00
C GLU M 146 17.18 46.39 8.81
N MET M 147 16.62 45.19 8.88
CA MET M 147 16.79 44.23 7.80
C MET M 147 15.52 44.01 7.00
N CYS M 148 15.38 44.76 5.91
CA CYS M 148 14.21 44.61 5.06
C CYS M 148 14.68 44.46 3.62
N ASP M 149 15.40 45.47 3.13
CA ASP M 149 15.92 45.41 1.78
C ASP M 149 16.86 44.23 1.65
N LEU M 150 17.71 44.03 2.65
CA LEU M 150 18.63 42.90 2.63
C LEU M 150 17.84 41.62 2.76
N ASP M 151 18.10 40.67 1.86
CA ASP M 151 17.41 39.39 1.92
C ASP M 151 18.35 38.33 2.49
N SER M 152 17.78 37.24 2.97
CA SER M 152 18.58 36.14 3.52
C SER M 152 19.53 36.61 4.62
N PHE M 153 19.00 36.78 5.83
CA PHE M 153 19.86 37.16 6.96
C PHE M 153 19.59 36.32 8.22
N PHE M 154 20.61 36.18 9.09
CA PHE M 154 20.45 35.46 10.37
C PHE M 154 20.49 36.38 11.56
N LEU M 155 19.49 36.27 12.41
CA LEU M 155 19.55 36.95 13.68
C LEU M 155 19.64 35.92 14.81
N PHE M 156 20.74 35.96 15.57
CA PHE M 156 20.94 34.97 16.62
C PHE M 156 20.66 35.52 18.00
N LEU M 157 19.88 34.78 18.79
CA LEU M 157 19.59 35.20 20.15
C LEU M 157 20.32 34.27 21.10
N HIS M 158 21.52 33.85 20.72
CA HIS M 158 22.30 32.93 21.54
C HIS M 158 22.24 33.24 23.03
N GLY M 159 21.96 32.22 23.84
CA GLY M 159 21.90 32.41 25.28
C GLY M 159 21.92 31.08 26.02
N ARG M 160 22.25 31.12 27.30
CA ARG M 160 22.31 29.91 28.12
C ARG M 160 20.98 29.15 28.11
N ALA M 161 20.98 27.93 28.62
CA ALA M 161 19.75 27.16 28.68
C ALA M 161 18.71 27.90 29.51
N GLY M 162 17.52 28.09 28.95
CA GLY M 162 16.47 28.76 29.67
C GLY M 162 16.83 30.20 30.01
N SER M 163 17.78 30.76 29.28
CA SER M 163 18.17 32.15 29.50
C SER M 163 17.03 33.06 29.11
N GLY M 164 15.89 32.47 28.77
CA GLY M 164 14.74 33.28 28.35
C GLY M 164 14.65 33.77 26.91
N LYS M 165 15.49 33.24 26.02
CA LYS M 165 15.55 33.67 24.62
C LYS M 165 14.21 33.52 23.87
N SER M 166 13.58 32.37 23.98
CA SER M 166 12.41 32.04 23.17
C SER M 166 11.27 32.98 23.55
N VAL M 167 11.14 33.31 24.83
CA VAL M 167 10.07 34.21 25.29
C VAL M 167 10.14 35.61 24.66
N ILE M 168 11.36 36.15 24.61
CA ILE M 168 11.65 37.41 23.94
C ILE M 168 11.27 37.45 22.45
N ALA M 169 11.35 36.32 21.74
CA ALA M 169 10.98 36.34 20.34
C ALA M 169 9.46 36.38 20.28
N SER M 170 8.83 35.81 21.30
CA SER M 170 7.37 35.82 21.36
C SER M 170 6.89 37.25 21.52
N GLN M 171 7.65 38.04 22.27
CA GLN M 171 7.29 39.41 22.62
C GLN M 171 7.70 40.42 21.55
N ALA M 172 8.88 40.20 20.98
CA ALA M 172 9.43 41.06 19.94
C ALA M 172 8.59 41.00 18.68
N LEU M 173 7.89 39.89 18.46
CA LEU M 173 6.95 39.80 17.34
C LEU M 173 5.50 40.05 17.78
N SER M 174 5.31 40.50 19.02
CA SER M 174 3.96 40.68 19.53
C SER M 174 3.68 42.10 20.07
N LYS M 175 4.73 42.86 20.35
CA LYS M 175 4.53 44.22 20.80
C LYS M 175 4.38 45.11 19.58
N SER M 176 5.47 45.33 18.85
CA SER M 176 5.40 46.13 17.65
C SER M 176 4.59 45.42 16.58
N ASP M 177 3.62 46.10 16.01
CA ASP M 177 2.82 45.51 14.95
C ASP M 177 3.45 45.77 13.59
N GLN M 178 4.48 46.61 13.57
CA GLN M 178 5.16 46.89 12.32
C GLN M 178 5.85 45.64 11.79
N LEU M 179 6.55 44.94 12.68
CA LEU M 179 7.27 43.75 12.24
C LEU M 179 6.45 42.83 11.32
N ILE M 180 5.19 42.63 11.69
CA ILE M 180 4.26 41.87 10.87
C ILE M 180 3.19 42.77 10.20
N GLY M 181 3.30 42.93 8.88
CA GLY M 181 2.41 43.78 8.11
C GLY M 181 3.16 44.90 7.41
N ILE M 182 3.97 45.61 8.19
CA ILE M 182 4.77 46.74 7.73
C ILE M 182 6.15 46.31 7.20
N ASN M 183 6.93 45.61 8.03
CA ASN M 183 8.30 45.17 7.69
C ASN M 183 8.38 43.80 7.02
N TYR M 184 7.57 42.86 7.51
CA TYR M 184 7.47 41.52 6.93
C TYR M 184 5.98 41.17 6.78
N ASP M 185 5.62 40.51 5.67
CA ASP M 185 4.23 40.18 5.37
C ASP M 185 3.67 39.07 6.22
N SER M 186 4.44 37.98 6.38
CA SER M 186 4.00 36.82 7.15
C SER M 186 5.05 36.33 8.15
N ILE M 187 4.62 35.45 9.07
CA ILE M 187 5.52 34.81 10.04
C ILE M 187 5.44 33.27 10.03
N VAL M 188 6.60 32.62 10.07
CA VAL M 188 6.70 31.16 10.27
C VAL M 188 7.64 30.84 11.44
N TRP M 189 7.07 30.36 12.54
CA TRP M 189 7.82 30.07 13.75
C TRP M 189 7.74 28.59 14.00
N LEU M 190 8.92 27.96 13.92
CA LEU M 190 9.10 26.51 14.01
C LEU M 190 10.14 26.21 15.06
N LYS M 191 9.81 25.26 15.97
CA LYS M 191 10.77 24.80 16.97
C LYS M 191 11.59 23.66 16.39
N ASP M 192 12.92 23.78 16.51
CA ASP M 192 13.86 22.80 15.95
C ASP M 192 14.09 21.67 16.96
N SER M 193 15.15 21.82 17.76
CA SER M 193 15.52 20.84 18.80
C SER M 193 16.00 19.52 18.20
N GLY M 194 16.50 19.59 16.97
CA GLY M 194 16.93 18.43 16.21
C GLY M 194 18.32 17.93 16.57
N THR M 195 18.41 16.61 16.75
CA THR M 195 19.63 15.94 17.18
C THR M 195 20.04 14.87 16.18
N ALA M 196 19.05 14.11 15.72
CA ALA M 196 19.26 13.10 14.67
C ALA M 196 19.72 13.79 13.41
N PRO M 197 20.22 13.02 12.43
CA PRO M 197 20.64 13.58 11.12
C PRO M 197 19.45 13.76 10.15
N LYS M 198 18.36 13.06 10.44
CA LYS M 198 17.11 13.19 9.71
C LYS M 198 16.34 14.42 10.17
N SER M 199 16.76 15.01 11.29
CA SER M 199 16.01 16.11 11.88
C SER M 199 16.07 17.39 11.01
N THR M 200 17.23 17.64 10.42
CA THR M 200 17.41 18.87 9.64
C THR M 200 16.59 18.80 8.36
N PHE M 201 16.15 17.60 8.00
CA PHE M 201 15.34 17.41 6.81
C PHE M 201 13.88 17.44 7.23
N ASP M 202 13.60 16.85 8.38
CA ASP M 202 12.24 16.79 8.90
C ASP M 202 11.73 18.19 9.22
N LEU M 203 12.61 19.08 9.67
CA LEU M 203 12.17 20.43 9.99
C LEU M 203 11.55 21.09 8.76
N PHE M 204 12.22 20.94 7.63
CA PHE M 204 11.77 21.55 6.39
C PHE M 204 10.49 20.94 5.81
N THR M 205 10.17 19.71 6.17
CA THR M 205 8.92 19.09 5.74
C THR M 205 7.78 19.76 6.49
N ASP M 206 8.04 20.13 7.75
CA ASP M 206 7.10 20.85 8.58
C ASP M 206 7.05 22.32 8.19
N ILE M 207 8.05 22.78 7.43
CA ILE M 207 8.11 24.15 6.97
C ILE M 207 7.61 24.26 5.54
N LEU M 208 7.25 23.12 4.94
CA LEU M 208 6.73 23.07 3.59
C LEU M 208 5.22 23.19 3.68
N LEU M 209 4.64 22.41 4.60
CA LEU M 209 3.20 22.42 4.81
C LEU M 209 2.78 23.72 5.49
N MET M 210 3.66 24.29 6.30
CA MET M 210 3.39 25.55 6.97
C MET M 210 3.14 26.53 5.83
N LEU M 211 4.12 26.64 4.95
CA LEU M 211 4.06 27.55 3.81
C LEU M 211 2.93 27.26 2.83
N LYS M 212 2.45 26.03 2.84
CA LYS M 212 1.38 25.64 1.93
C LYS M 212 0.02 26.24 2.27
N SER M 213 -0.89 26.12 1.32
CA SER M 213 -2.24 26.65 1.44
C SER M 213 -3.11 25.73 2.27
N GLU M 214 -4.16 26.30 2.86
CA GLU M 214 -5.11 25.52 3.64
C GLU M 214 -5.69 24.45 2.75
N ASP M 215 -5.94 24.83 1.49
CA ASP M 215 -6.23 23.87 0.44
C ASP M 215 -4.96 23.06 0.19
N ASP M 216 -5.13 21.81 -0.20
CA ASP M 216 -4.00 20.92 -0.46
C ASP M 216 -3.10 20.79 0.76
N LEU M 217 -3.74 20.52 1.90
CA LEU M 217 -3.10 19.84 3.02
C LEU M 217 -3.70 18.45 2.97
N LEU M 218 -4.84 18.35 2.29
CA LEU M 218 -5.46 17.08 1.95
C LEU M 218 -4.59 16.30 0.97
N ASN M 219 -4.18 16.98 -0.10
CA ASN M 219 -3.37 16.33 -1.12
C ASN M 219 -1.92 16.24 -0.69
N PHE M 220 -1.67 16.36 0.61
CA PHE M 220 -0.29 16.25 1.10
C PHE M 220 0.31 14.93 0.66
N PRO M 221 1.44 14.99 -0.06
CA PRO M 221 2.10 13.77 -0.54
C PRO M 221 3.13 13.28 0.46
N SER M 222 3.78 12.16 0.15
CA SER M 222 4.84 11.65 1.02
C SER M 222 6.10 12.43 0.78
N VAL M 223 6.10 13.70 1.17
CA VAL M 223 7.26 14.55 0.96
C VAL M 223 8.48 13.94 1.67
N GLU M 224 8.23 13.21 2.75
CA GLU M 224 9.33 12.57 3.45
C GLU M 224 10.04 11.60 2.53
N HIS M 225 9.28 10.81 1.78
CA HIS M 225 9.88 9.88 0.84
C HIS M 225 10.38 10.58 -0.41
N VAL M 226 10.69 11.87 -0.28
CA VAL M 226 11.25 12.61 -1.41
C VAL M 226 12.65 13.09 -1.07
N THR M 227 13.52 13.16 -2.07
CA THR M 227 14.90 13.56 -1.82
C THR M 227 15.00 15.02 -1.40
N SER M 228 16.04 15.35 -0.66
CA SER M 228 16.23 16.72 -0.19
C SER M 228 16.25 17.69 -1.36
N VAL M 229 16.99 17.36 -2.41
CA VAL M 229 17.11 18.27 -3.54
C VAL M 229 15.72 18.60 -4.07
N VAL M 230 14.72 17.83 -3.66
CA VAL M 230 13.34 18.06 -4.04
C VAL M 230 12.64 18.86 -2.94
N LEU M 231 12.84 18.49 -1.67
CA LEU M 231 12.17 19.25 -0.62
C LEU M 231 12.66 20.69 -0.67
N LYS M 232 13.96 20.86 -0.91
CA LYS M 232 14.56 22.19 -1.01
C LYS M 232 14.03 22.95 -2.23
N ARG M 233 14.04 22.31 -3.39
CA ARG M 233 13.53 22.94 -4.61
C ARG M 233 12.03 23.14 -4.49
N MET M 234 11.33 22.14 -3.97
CA MET M 234 9.90 22.21 -3.71
C MET M 234 9.49 23.38 -2.79
N ILE M 235 10.36 23.72 -1.83
CA ILE M 235 10.11 24.84 -0.92
C ILE M 235 10.33 26.18 -1.58
N CYS M 236 11.49 26.35 -2.19
CA CYS M 236 11.82 27.60 -2.89
C CYS M 236 11.02 27.73 -4.17
N ASN M 237 10.11 26.80 -4.42
CA ASN M 237 9.27 26.82 -5.60
C ASN M 237 7.91 27.39 -5.23
N ALA M 238 7.53 27.19 -3.97
CA ALA M 238 6.27 27.69 -3.44
C ALA M 238 6.49 28.94 -2.61
N LEU M 239 7.76 29.22 -2.31
CA LEU M 239 8.13 30.39 -1.53
C LEU M 239 7.90 31.66 -2.30
N ILE M 240 7.54 31.53 -3.57
CA ILE M 240 7.30 32.69 -4.39
C ILE M 240 5.95 33.29 -4.03
N ASP M 241 5.11 32.49 -3.40
CA ASP M 241 3.80 32.96 -2.99
C ASP M 241 3.94 34.05 -1.94
N ARG M 242 4.84 33.85 -0.98
CA ARG M 242 5.03 34.82 0.08
C ARG M 242 6.39 35.48 0.02
N PRO M 243 6.43 36.78 -0.28
CA PRO M 243 7.70 37.51 -0.31
C PRO M 243 8.03 38.10 1.06
N ASN M 244 9.30 38.37 1.31
CA ASN M 244 9.70 38.97 2.58
C ASN M 244 9.19 38.16 3.76
N THR M 245 9.19 36.84 3.62
CA THR M 245 8.69 35.98 4.69
C THR M 245 9.72 35.81 5.78
N LEU M 246 9.29 35.97 7.03
CA LEU M 246 10.19 35.81 8.15
C LEU M 246 9.99 34.44 8.78
N PHE M 247 11.08 33.75 9.09
CA PHE M 247 10.99 32.42 9.70
C PHE M 247 11.66 32.44 11.07
N VAL M 248 10.99 31.96 12.11
CA VAL M 248 11.59 31.92 13.43
C VAL M 248 11.95 30.47 13.75
N PHE M 249 13.19 30.21 14.12
CA PHE M 249 13.63 28.85 14.32
C PHE M 249 13.97 28.64 15.78
N ASP M 250 12.93 28.44 16.57
CA ASP M 250 13.09 28.40 17.98
C ASP M 250 13.86 27.12 18.28
N ASP M 251 15.01 27.28 18.93
CA ASP M 251 15.87 26.20 19.46
C ASP M 251 16.68 25.37 18.45
N VAL M 252 17.61 26.01 17.76
CA VAL M 252 18.48 25.27 16.87
C VAL M 252 19.63 24.73 17.69
N VAL M 253 19.90 23.44 17.50
CA VAL M 253 21.10 22.80 18.06
C VAL M 253 22.10 22.42 16.98
N GLN M 254 21.62 21.94 15.84
CA GLN M 254 22.51 21.52 14.75
C GLN M 254 22.87 22.69 13.83
N GLU M 255 23.85 22.48 12.96
CA GLU M 255 24.27 23.54 12.05
C GLU M 255 23.88 23.23 10.61
N GLU M 256 23.50 21.99 10.35
CA GLU M 256 23.16 21.58 8.99
C GLU M 256 22.04 22.45 8.46
N THR M 257 21.04 22.71 9.29
CA THR M 257 19.94 23.57 8.88
C THR M 257 20.46 24.82 8.22
N ILE M 258 21.45 25.44 8.85
CA ILE M 258 22.00 26.69 8.32
C ILE M 258 22.56 26.42 6.94
N ARG M 259 23.28 25.31 6.81
CA ARG M 259 23.86 24.96 5.52
C ARG M 259 22.79 24.93 4.44
N TRP M 260 21.68 24.25 4.71
CA TRP M 260 20.58 24.24 3.73
C TRP M 260 20.01 25.62 3.54
N ALA M 261 19.61 26.26 4.63
CA ALA M 261 19.06 27.61 4.57
C ALA M 261 19.85 28.54 3.66
N GLN M 262 21.17 28.54 3.80
CA GLN M 262 22.00 29.38 2.97
C GLN M 262 21.90 28.94 1.51
N GLU M 263 21.57 27.69 1.29
CA GLU M 263 21.43 27.18 -0.07
C GLU M 263 20.06 27.61 -0.58
N LEU M 264 19.18 27.91 0.35
CA LEU M 264 17.80 28.34 0.06
C LEU M 264 17.68 29.87 0.07
N ARG M 265 18.82 30.55 0.22
CA ARG M 265 18.78 32.01 0.34
C ARG M 265 17.65 32.43 1.27
N LEU M 266 17.71 32.03 2.54
CA LEU M 266 16.62 32.33 3.47
C LEU M 266 17.00 33.32 4.56
N ARG M 267 16.01 34.01 5.11
CA ARG M 267 16.26 34.97 6.17
C ARG M 267 15.44 34.61 7.39
N CYS M 268 16.08 34.38 8.53
CA CYS M 268 15.33 33.91 9.70
C CYS M 268 15.87 34.33 11.06
N LEU M 269 15.00 34.39 12.07
CA LEU M 269 15.44 34.69 13.43
C LEU M 269 15.84 33.36 14.03
N VAL M 270 16.68 33.36 15.06
CA VAL M 270 17.17 32.09 15.59
C VAL M 270 17.43 32.12 17.10
N THR M 271 16.77 31.23 17.81
CA THR M 271 16.96 31.07 19.24
C THR M 271 17.81 29.81 19.42
N THR M 272 18.95 29.93 20.09
CA THR M 272 19.88 28.82 20.28
C THR M 272 20.67 29.02 21.56
N ARG M 273 21.40 27.98 21.97
CA ARG M 273 22.27 28.10 23.14
C ARG M 273 23.72 28.21 22.70
N ASP M 274 23.99 28.03 21.41
CA ASP M 274 25.36 28.09 20.91
C ASP M 274 25.48 29.06 19.73
N VAL M 275 26.71 29.39 19.33
CA VAL M 275 26.91 30.37 18.26
C VAL M 275 27.87 29.91 17.17
N GLU M 276 28.57 28.80 17.40
CA GLU M 276 29.57 28.33 16.43
C GLU M 276 29.01 28.12 15.03
N ILE M 277 27.78 27.63 14.93
CA ILE M 277 27.19 27.32 13.63
C ILE M 277 27.40 28.39 12.56
N SER M 278 27.62 29.64 12.96
CA SER M 278 27.73 30.71 11.99
C SER M 278 28.97 30.55 11.13
N ASN M 279 29.95 29.85 11.66
CA ASN M 279 31.17 29.68 10.93
C ASN M 279 30.86 28.91 9.65
N ALA M 280 30.10 27.83 9.78
CA ALA M 280 29.70 27.07 8.61
C ALA M 280 28.93 27.98 7.64
N ALA M 281 28.15 28.89 8.20
CA ALA M 281 27.43 29.87 7.40
C ALA M 281 28.41 30.87 6.77
N SER M 282 27.97 31.53 5.70
CA SER M 282 28.84 32.48 5.02
C SER M 282 28.05 33.60 4.36
N GLN M 283 26.99 34.04 5.02
CA GLN M 283 26.16 35.12 4.47
C GLN M 283 25.98 36.26 5.47
N THR M 284 26.95 36.43 6.37
CA THR M 284 26.90 37.50 7.38
C THR M 284 25.82 37.25 8.44
N CYS M 285 26.09 37.67 9.68
CA CYS M 285 25.13 37.44 10.76
C CYS M 285 25.22 38.52 11.83
N GLU M 286 24.15 38.69 12.60
CA GLU M 286 24.15 39.65 13.69
C GLU M 286 23.85 38.90 14.96
N PHE M 287 24.03 39.53 16.13
CA PHE M 287 23.85 38.77 17.34
C PHE M 287 23.28 39.55 18.51
N ILE M 288 22.47 38.90 19.33
CA ILE M 288 21.95 39.47 20.58
C ILE M 288 21.98 38.45 21.71
N GLU M 289 22.77 38.71 22.75
CA GLU M 289 22.97 37.71 23.79
C GLU M 289 22.03 37.89 24.99
N VAL M 290 21.32 36.84 25.37
CA VAL M 290 20.42 36.96 26.51
C VAL M 290 21.23 36.68 27.77
N THR M 291 21.69 37.74 28.41
CA THR M 291 22.49 37.65 29.61
C THR M 291 21.73 37.18 30.85
N SER M 292 22.46 36.91 31.93
CA SER M 292 21.81 36.60 33.19
C SER M 292 21.09 37.87 33.66
N LEU M 293 19.92 37.71 34.26
CA LEU M 293 19.17 38.87 34.73
C LEU M 293 19.93 39.73 35.74
N GLU M 294 20.20 40.98 35.37
CA GLU M 294 20.88 41.94 36.26
C GLU M 294 20.18 42.03 37.62
N ILE M 295 20.92 42.43 38.65
CA ILE M 295 20.37 42.52 40.01
C ILE M 295 19.13 43.41 40.10
N ASP M 296 19.25 44.63 39.60
CA ASP M 296 18.13 45.57 39.64
C ASP M 296 16.91 44.97 38.95
N GLU M 297 17.11 44.40 37.76
CA GLU M 297 16.03 43.80 37.01
C GLU M 297 15.30 42.74 37.84
N CYS M 298 16.03 41.71 38.25
CA CYS M 298 15.43 40.64 39.02
C CYS M 298 14.33 41.21 39.91
N TYR M 299 14.69 42.10 40.82
CA TYR M 299 13.70 42.69 41.71
C TYR M 299 12.38 42.89 40.97
N ASP M 300 12.44 43.61 39.86
CA ASP M 300 11.25 43.87 39.07
C ASP M 300 10.52 42.59 38.72
N PHE M 301 11.27 41.57 38.31
CA PHE M 301 10.67 40.30 37.95
C PHE M 301 9.86 39.73 39.10
N LEU M 302 10.43 39.74 40.29
CA LEU M 302 9.75 39.23 41.48
C LEU M 302 8.48 40.04 41.72
N GLU M 303 8.64 41.33 42.03
CA GLU M 303 7.48 42.16 42.25
C GLU M 303 6.37 41.88 41.23
N ALA M 304 6.74 41.81 39.96
CA ALA M 304 5.77 41.53 38.91
C ALA M 304 5.00 40.27 39.24
N TYR M 305 5.73 39.20 39.53
CA TYR M 305 5.09 37.93 39.86
C TYR M 305 4.47 37.96 41.25
N GLY M 306 4.74 39.03 41.99
CA GLY M 306 4.16 39.17 43.32
C GLY M 306 4.95 38.40 44.36
N MET M 307 5.85 39.07 45.05
CA MET M 307 6.60 38.39 46.10
C MET M 307 6.62 39.19 47.39
N PRO M 308 6.68 38.50 48.53
CA PRO M 308 6.80 39.24 49.78
C PRO M 308 7.75 40.39 49.54
N MET M 309 7.24 41.62 49.57
CA MET M 309 8.09 42.75 49.26
C MET M 309 9.27 42.81 50.21
N PRO M 310 10.48 42.86 49.66
CA PRO M 310 11.67 42.93 50.49
C PRO M 310 11.60 44.16 51.38
N VAL M 311 11.79 43.99 52.69
CA VAL M 311 11.65 45.12 53.61
C VAL M 311 12.66 45.10 54.76
N GLY M 312 12.81 43.97 55.43
CA GLY M 312 13.71 43.88 56.56
C GLY M 312 15.17 43.75 56.19
N GLU M 313 16.06 43.97 57.15
CA GLU M 313 17.49 43.86 56.89
C GLU M 313 17.86 42.41 56.64
N LYS M 314 17.79 41.59 57.68
CA LYS M 314 18.17 40.19 57.54
C LYS M 314 17.49 39.59 56.33
N GLU M 315 16.30 40.10 56.04
CA GLU M 315 15.50 39.60 54.94
C GLU M 315 16.11 40.08 53.64
N GLU M 316 16.37 41.38 53.57
CA GLU M 316 16.94 41.91 52.34
C GLU M 316 18.14 41.02 52.09
N ASP M 317 19.00 40.92 53.09
CA ASP M 317 20.14 40.04 53.01
C ASP M 317 19.67 38.62 52.72
N VAL M 318 18.42 38.30 53.04
CA VAL M 318 17.98 36.94 52.73
C VAL M 318 17.44 36.84 51.31
N LEU M 319 16.82 37.91 50.83
CA LEU M 319 16.29 37.96 49.48
C LEU M 319 17.44 37.97 48.49
N ASN M 320 18.54 38.63 48.84
CA ASN M 320 19.72 38.68 47.98
C ASN M 320 20.15 37.26 47.70
N LYS M 321 20.51 36.52 48.75
CA LYS M 321 21.03 35.14 48.55
C LYS M 321 20.27 34.45 47.42
N THR M 322 18.94 34.57 47.39
CA THR M 322 18.12 33.89 46.36
C THR M 322 18.74 34.11 44.98
N ILE M 323 18.69 35.34 44.46
CA ILE M 323 19.23 35.64 43.11
C ILE M 323 20.57 34.92 42.91
N GLU M 324 21.52 35.13 43.82
CA GLU M 324 22.85 34.55 43.67
C GLU M 324 22.84 33.18 43.02
N LEU M 325 22.14 32.24 43.62
CA LEU M 325 22.14 30.87 43.11
C LEU M 325 21.65 30.82 41.67
N SER M 326 20.52 31.47 41.39
CA SER M 326 20.00 31.50 40.04
C SER M 326 20.96 32.25 39.15
N SER M 327 21.71 33.16 39.73
CA SER M 327 22.69 33.94 38.97
C SER M 327 22.03 34.56 37.75
N GLY M 328 20.79 35.01 37.89
CA GLY M 328 20.12 35.68 36.79
C GLY M 328 19.56 34.85 35.64
N ASN M 329 19.51 33.54 35.79
CA ASN M 329 18.90 32.73 34.73
C ASN M 329 17.38 32.81 34.82
N PRO M 330 16.75 33.51 33.86
CA PRO M 330 15.29 33.71 33.89
C PRO M 330 14.51 32.42 34.12
N ALA M 331 14.78 31.39 33.33
CA ALA M 331 14.06 30.14 33.47
C ALA M 331 14.17 29.65 34.90
N THR M 332 15.39 29.61 35.42
CA THR M 332 15.59 29.09 36.77
C THR M 332 15.25 30.14 37.81
N LEU M 333 14.83 31.31 37.35
CA LEU M 333 14.44 32.37 38.26
C LEU M 333 12.94 32.25 38.36
N MET M 334 12.36 31.57 37.38
CA MET M 334 10.94 31.29 37.36
C MET M 334 10.71 30.01 38.17
N MET M 335 11.50 28.99 37.89
CA MET M 335 11.41 27.71 38.56
C MET M 335 11.57 27.83 40.06
N PHE M 336 12.29 28.86 40.51
CA PHE M 336 12.43 29.07 41.95
C PHE M 336 11.20 29.79 42.50
N PHE M 337 10.74 30.80 41.77
CA PHE M 337 9.59 31.57 42.22
C PHE M 337 8.40 30.66 42.44
N LYS M 338 8.28 29.61 41.64
CA LYS M 338 7.15 28.70 41.76
C LYS M 338 7.25 27.83 43.00
N SER M 339 8.35 27.96 43.74
CA SER M 339 8.51 27.19 44.97
C SER M 339 8.22 28.08 46.16
N CYS M 340 7.34 29.07 45.97
CA CYS M 340 7.00 29.99 47.05
C CYS M 340 5.53 29.91 47.41
N GLU M 341 5.00 28.70 47.53
CA GLU M 341 3.60 28.53 47.86
C GLU M 341 3.20 29.37 49.08
N PRO M 342 4.03 29.36 50.14
CA PRO M 342 3.74 30.21 51.30
C PRO M 342 3.82 31.69 50.99
N LYS M 343 4.31 32.07 49.81
CA LYS M 343 4.48 33.47 49.47
C LYS M 343 5.21 34.14 50.62
N THR M 344 6.31 33.53 51.03
CA THR M 344 7.09 34.06 52.15
C THR M 344 8.59 34.15 51.84
N PHE M 345 9.17 35.31 52.12
CA PHE M 345 10.60 35.47 51.94
C PHE M 345 11.29 34.44 52.79
N GLU M 346 10.74 34.20 53.98
CA GLU M 346 11.31 33.17 54.84
C GLU M 346 11.42 31.91 54.01
N LYS M 347 10.32 31.53 53.38
CA LYS M 347 10.36 30.36 52.49
C LYS M 347 11.46 30.47 51.44
N MET M 348 11.71 31.66 50.92
CA MET M 348 12.77 31.84 49.94
C MET M 348 14.12 31.45 50.55
N ALA M 349 14.37 31.91 51.77
CA ALA M 349 15.61 31.55 52.45
C ALA M 349 15.67 30.05 52.59
N GLN M 350 14.58 29.46 53.04
CA GLN M 350 14.57 28.01 53.19
C GLN M 350 14.96 27.31 51.88
N LEU M 351 14.38 27.73 50.77
CA LEU M 351 14.67 27.11 49.47
C LEU M 351 16.12 27.30 49.05
N ASN M 352 16.65 28.49 49.26
CA ASN M 352 18.04 28.74 48.93
C ASN M 352 18.93 27.79 49.72
N ASN M 353 18.61 27.61 51.00
CA ASN M 353 19.37 26.69 51.82
C ASN M 353 19.28 25.28 51.27
N LYS M 354 18.08 24.85 50.91
CA LYS M 354 17.90 23.51 50.34
C LYS M 354 18.74 23.33 49.08
N LEU M 355 18.83 24.38 48.25
CA LEU M 355 19.62 24.33 47.01
C LEU M 355 21.09 23.95 47.17
N GLU M 356 21.86 24.70 47.95
CA GLU M 356 23.33 24.46 48.14
C GLU M 356 23.50 23.09 48.77
N SER M 357 22.48 22.24 48.71
CA SER M 357 22.60 20.89 49.23
C SER M 357 21.97 19.91 48.25
N ARG M 358 20.66 19.93 48.13
CA ARG M 358 19.98 19.05 47.20
C ARG M 358 20.18 19.50 45.75
N GLY M 359 20.09 20.82 45.52
CA GLY M 359 20.26 21.34 44.18
C GLY M 359 18.94 21.59 43.46
N LEU M 360 19.03 22.06 42.22
CA LEU M 360 17.83 22.36 41.44
C LEU M 360 16.80 21.25 41.54
N VAL M 361 17.27 20.02 41.70
CA VAL M 361 16.37 18.87 41.77
C VAL M 361 15.19 19.14 42.70
N GLY M 362 15.48 19.51 43.93
CA GLY M 362 14.43 19.81 44.88
C GLY M 362 13.58 20.99 44.45
N VAL M 363 14.19 21.95 43.77
CA VAL M 363 13.46 23.15 43.36
C VAL M 363 12.78 22.95 42.01
N GLU M 364 12.97 21.79 41.40
CA GLU M 364 12.34 21.50 40.12
C GLU M 364 10.83 21.55 40.28
N CYS M 365 10.13 22.02 39.26
CA CYS M 365 8.67 22.10 39.31
C CYS M 365 8.05 22.28 37.95
N ILE M 366 6.76 22.00 37.83
CA ILE M 366 6.08 22.21 36.55
C ILE M 366 6.08 23.70 36.18
N THR M 367 6.62 24.01 35.01
CA THR M 367 6.68 25.40 34.57
C THR M 367 6.35 25.46 33.08
N PRO M 368 5.96 26.65 32.58
CA PRO M 368 5.73 26.75 31.15
C PRO M 368 6.92 26.19 30.38
N TYR M 369 8.12 26.40 30.92
CA TYR M 369 9.34 25.96 30.23
C TYR M 369 9.32 24.48 29.90
N SER M 370 10.05 24.09 28.87
CA SER M 370 10.07 22.69 28.45
C SER M 370 10.57 21.77 29.54
N TYR M 371 11.61 22.20 30.27
CA TYR M 371 12.18 21.35 31.31
C TYR M 371 11.71 21.74 32.70
N LYS M 372 11.04 20.83 33.38
CA LYS M 372 10.62 21.10 34.75
C LYS M 372 11.84 21.33 35.60
N SER M 373 12.89 20.54 35.36
CA SER M 373 14.13 20.72 36.09
C SER M 373 15.18 21.25 35.15
N LEU M 374 15.91 22.28 35.58
CA LEU M 374 16.91 22.90 34.69
C LEU M 374 18.02 21.89 34.41
N ALA M 375 18.36 21.04 35.38
CA ALA M 375 19.36 20.02 35.14
C ALA M 375 18.96 19.15 33.95
N MET M 376 17.64 19.02 33.72
CA MET M 376 17.13 18.22 32.61
C MET M 376 17.47 18.90 31.31
N ALA M 377 17.58 20.23 31.38
CA ALA M 377 17.83 21.02 30.17
C ALA M 377 19.29 20.97 29.83
N LEU M 378 20.09 21.31 30.83
CA LEU M 378 21.52 21.43 30.70
C LEU M 378 22.15 20.09 30.31
N GLN M 379 21.52 19.00 30.72
CA GLN M 379 21.91 17.69 30.27
C GLN M 379 22.37 17.83 28.82
N ARG M 380 21.38 18.10 27.98
CA ARG M 380 21.51 18.24 26.53
C ARG M 380 22.64 19.14 26.10
N CYS M 381 23.06 20.03 26.99
CA CYS M 381 24.17 20.93 26.69
C CYS M 381 25.49 20.24 27.03
N VAL M 382 25.40 19.15 27.79
CA VAL M 382 26.57 18.38 28.18
C VAL M 382 26.69 17.14 27.30
N GLU M 383 25.70 16.86 26.46
CA GLU M 383 25.84 15.70 25.60
C GLU M 383 26.51 16.09 24.31
N VAL M 384 26.08 17.21 23.77
CA VAL M 384 26.57 17.73 22.52
C VAL M 384 28.07 18.06 22.57
N LEU M 385 28.58 18.23 23.79
CA LEU M 385 29.92 18.75 24.00
C LEU M 385 30.97 17.82 23.44
N SER M 386 31.99 18.38 22.77
CA SER M 386 33.06 17.55 22.24
C SER M 386 33.48 16.51 23.28
N ASP M 387 33.75 15.29 22.86
CA ASP M 387 34.06 14.22 23.82
C ASP M 387 35.29 14.52 24.67
N GLU M 388 36.41 14.80 24.03
CA GLU M 388 37.62 15.14 24.78
C GLU M 388 37.37 16.43 25.52
N ASP M 389 36.65 17.33 24.87
CA ASP M 389 36.34 18.61 25.47
C ASP M 389 35.37 18.38 26.63
N ARG M 390 34.59 17.32 26.53
CA ARG M 390 33.63 16.96 27.57
C ARG M 390 34.39 16.69 28.86
N SER M 391 35.48 15.93 28.76
CA SER M 391 36.29 15.62 29.92
C SER M 391 36.74 16.93 30.57
N ALA M 392 37.47 17.75 29.82
CA ALA M 392 37.94 19.05 30.35
C ALA M 392 36.92 19.73 31.26
N LEU M 393 35.68 19.79 30.79
CA LEU M 393 34.61 20.44 31.54
C LEU M 393 34.36 19.69 32.81
N ALA M 394 34.32 18.37 32.67
CA ALA M 394 33.92 17.50 33.76
C ALA M 394 34.83 17.66 34.98
N PHE M 395 36.06 18.08 34.76
CA PHE M 395 36.98 18.27 35.87
C PHE M 395 37.05 19.74 36.25
N ALA M 396 36.10 20.52 35.75
CA ALA M 396 36.07 21.95 36.07
C ALA M 396 35.07 22.24 37.16
N VAL M 397 34.82 21.27 38.04
CA VAL M 397 33.87 21.45 39.12
C VAL M 397 34.57 21.65 40.45
N VAL M 398 35.86 21.96 40.41
CA VAL M 398 36.62 22.13 41.65
C VAL M 398 37.05 23.57 41.86
N MET M 399 36.34 24.52 41.25
CA MET M 399 36.70 25.93 41.36
C MET M 399 35.63 26.76 42.07
N PRO M 400 36.03 27.86 42.70
CA PRO M 400 35.08 28.69 43.44
C PRO M 400 34.01 29.27 42.52
N PRO M 401 32.74 29.08 42.87
CA PRO M 401 31.64 29.60 42.05
C PRO M 401 31.55 31.11 42.05
N GLY M 402 31.18 31.71 40.93
CA GLY M 402 31.03 33.15 40.86
C GLY M 402 32.27 33.88 41.32
N VAL M 403 33.44 33.37 40.97
CA VAL M 403 34.69 34.01 41.36
C VAL M 403 35.58 34.21 40.15
N ASP M 404 36.20 35.39 40.03
CA ASP M 404 37.15 35.60 38.92
C ASP M 404 38.45 34.87 39.27
N ILE M 405 38.77 33.78 38.57
CA ILE M 405 39.95 32.98 38.91
C ILE M 405 40.83 32.69 37.70
N PRO M 406 42.16 32.73 37.89
CA PRO M 406 43.18 32.61 36.83
C PRO M 406 43.17 31.31 36.05
N VAL M 407 43.83 31.33 34.88
CA VAL M 407 43.86 30.18 33.99
C VAL M 407 44.71 29.07 34.59
N LYS M 408 45.85 29.46 35.15
CA LYS M 408 46.74 28.48 35.75
C LYS M 408 46.06 27.76 36.92
N LEU M 409 45.40 28.52 37.79
CA LEU M 409 44.66 27.89 38.88
C LEU M 409 43.72 26.83 38.33
N TRP M 410 43.32 26.98 37.07
CA TRP M 410 42.37 26.04 36.48
C TRP M 410 43.15 24.87 35.88
N SER M 411 44.32 25.19 35.34
CA SER M 411 45.21 24.19 34.73
C SER M 411 45.45 23.00 35.66
N CYS M 412 45.12 23.22 36.93
CA CYS M 412 45.36 22.26 38.01
C CYS M 412 44.37 21.10 38.00
N VAL M 413 43.08 21.38 37.80
CA VAL M 413 42.08 20.30 37.79
C VAL M 413 41.78 19.73 36.40
N ILE M 414 41.96 20.54 35.36
CA ILE M 414 41.59 20.15 34.01
C ILE M 414 42.62 19.19 33.36
N PRO M 415 42.13 18.07 32.77
CA PRO M 415 42.90 17.06 32.00
C PRO M 415 43.65 17.59 30.74
N VAL M 416 44.52 16.74 30.17
CA VAL M 416 45.18 16.98 28.87
C VAL M 416 46.10 15.81 28.46
N GLU M 424 55.64 20.66 28.22
CA GLU M 424 55.69 21.73 27.19
C GLU M 424 54.91 22.96 27.69
N GLN M 425 55.17 24.13 27.11
CA GLN M 425 54.45 25.37 27.51
C GLN M 425 53.11 25.42 26.78
N LEU M 426 52.41 24.29 26.71
CA LEU M 426 51.10 24.23 25.99
C LEU M 426 49.95 24.29 27.01
N ASP M 427 50.25 24.68 28.25
CA ASP M 427 49.20 24.80 29.29
C ASP M 427 48.12 25.77 28.77
N ASP M 428 48.32 26.32 27.57
CA ASP M 428 47.35 27.23 26.99
C ASP M 428 46.15 26.37 26.63
N GLU M 429 46.42 25.09 26.39
CA GLU M 429 45.38 24.13 26.10
C GLU M 429 44.24 24.26 27.10
N VAL M 430 44.56 24.62 28.34
CA VAL M 430 43.51 24.87 29.34
C VAL M 430 42.59 26.00 28.87
N ALA M 431 43.20 27.11 28.46
CA ALA M 431 42.42 28.24 27.95
C ALA M 431 41.53 27.89 26.76
N ASP M 432 42.04 27.07 25.84
CA ASP M 432 41.29 26.69 24.64
C ASP M 432 40.01 25.95 25.00
N ARG M 433 40.12 25.09 26.01
CA ARG M 433 38.98 24.34 26.47
C ARG M 433 37.98 25.28 27.14
N LEU M 434 38.50 26.19 27.97
CA LEU M 434 37.65 27.14 28.69
C LEU M 434 36.90 28.15 27.78
N LYS M 435 37.49 28.43 26.62
CA LYS M 435 36.86 29.35 25.67
C LYS M 435 35.80 28.59 24.90
N ARG M 436 36.15 27.42 24.39
CA ARG M 436 35.18 26.62 23.66
C ARG M 436 33.99 26.28 24.55
N LEU M 437 34.27 25.86 25.78
CA LEU M 437 33.20 25.52 26.72
C LEU M 437 32.32 26.73 27.02
N SER M 438 32.92 27.93 27.00
CA SER M 438 32.19 29.17 27.25
C SER M 438 31.35 29.57 26.04
N LYS M 439 31.72 29.07 24.87
CA LYS M 439 30.98 29.39 23.65
C LYS M 439 29.86 28.39 23.44
N ARG M 440 30.17 27.11 23.55
CA ARG M 440 29.14 26.09 23.38
C ARG M 440 28.25 26.07 24.60
N GLY M 441 27.00 26.48 24.44
CA GLY M 441 26.07 26.50 25.55
C GLY M 441 26.35 27.62 26.51
N ALA M 442 27.34 28.46 26.19
CA ALA M 442 27.69 29.57 27.05
C ALA M 442 27.90 29.06 28.47
N LEU M 443 28.45 27.85 28.59
CA LEU M 443 28.64 27.26 29.91
C LEU M 443 29.63 28.05 30.74
N LEU M 444 30.69 28.54 30.12
CA LEU M 444 31.71 29.29 30.85
C LEU M 444 31.75 30.75 30.43
N SER M 445 32.63 31.52 31.05
CA SER M 445 32.77 32.94 30.70
C SER M 445 34.17 33.41 31.04
N GLY M 446 34.85 34.03 30.08
CA GLY M 446 36.21 34.46 30.30
C GLY M 446 36.42 35.95 30.19
N LYS M 447 37.01 36.55 31.22
CA LYS M 447 37.29 37.98 31.19
C LYS M 447 38.70 38.22 30.68
N ARG M 448 38.82 38.94 29.56
CA ARG M 448 40.12 39.18 28.97
C ARG M 448 41.05 39.94 29.93
N MET M 449 40.65 41.14 30.33
CA MET M 449 41.45 41.96 31.24
C MET M 449 41.20 41.58 32.70
N PRO M 450 41.88 42.27 33.63
CA PRO M 450 43.33 42.50 33.68
C PRO M 450 44.12 41.27 33.23
N VAL M 451 43.72 40.10 33.71
CA VAL M 451 44.38 38.85 33.32
C VAL M 451 43.35 37.81 32.88
N LEU M 452 43.70 36.99 31.90
CA LEU M 452 42.79 35.94 31.38
C LEU M 452 42.24 35.02 32.48
N THR M 453 40.98 35.22 32.82
CA THR M 453 40.35 34.48 33.90
C THR M 453 38.93 34.11 33.48
N PHE M 454 38.45 32.96 33.97
CA PHE M 454 37.08 32.57 33.72
C PHE M 454 36.33 32.51 35.03
N LYS M 455 35.09 32.05 34.98
CA LYS M 455 34.29 31.98 36.20
C LYS M 455 33.16 30.97 36.04
N ILE M 456 33.14 29.97 36.92
CA ILE M 456 32.10 28.97 36.87
C ILE M 456 30.84 29.50 37.55
N ASP M 457 29.91 30.00 36.75
CA ASP M 457 28.69 30.58 37.32
C ASP M 457 28.00 29.60 38.24
N HIS M 458 27.57 30.08 39.40
CA HIS M 458 26.93 29.19 40.36
C HIS M 458 25.94 28.25 39.70
N ILE M 459 25.18 28.75 38.73
CA ILE M 459 24.16 27.91 38.11
C ILE M 459 24.90 26.88 37.27
N ILE M 460 25.89 27.36 36.50
CA ILE M 460 26.74 26.47 35.71
C ILE M 460 27.60 25.56 36.61
N HIS M 461 27.67 25.93 37.89
CA HIS M 461 28.49 25.21 38.87
C HIS M 461 27.73 24.15 39.64
N MET M 462 26.50 24.46 40.03
CA MET M 462 25.72 23.52 40.82
C MET M 462 25.30 22.30 40.01
N PHE M 463 24.84 22.55 38.77
CA PHE M 463 24.38 21.45 37.94
C PHE M 463 25.48 20.41 37.79
N LEU M 464 26.65 20.84 37.34
CA LEU M 464 27.76 19.91 37.14
C LEU M 464 28.09 19.22 38.44
N LYS M 465 28.19 20.00 39.51
CA LYS M 465 28.53 19.44 40.81
C LYS M 465 27.63 18.27 41.16
N HIS M 466 26.32 18.46 41.04
CA HIS M 466 25.38 17.41 41.41
C HIS M 466 25.36 16.23 40.44
N VAL M 467 25.51 16.50 39.14
CA VAL M 467 25.41 15.41 38.16
C VAL M 467 26.69 14.58 38.01
N VAL M 468 27.84 15.15 38.39
CA VAL M 468 29.11 14.44 38.18
C VAL M 468 29.54 13.57 39.36
N ASP M 469 30.78 13.10 39.31
CA ASP M 469 31.30 12.24 40.38
C ASP M 469 32.06 13.04 41.42
N ALA M 470 31.65 12.94 42.67
CA ALA M 470 32.36 13.64 43.74
C ALA M 470 33.78 13.11 43.86
N GLN M 471 33.94 11.79 43.69
CA GLN M 471 35.25 11.19 43.76
C GLN M 471 36.16 11.84 42.73
N THR M 472 35.64 12.02 41.52
CA THR M 472 36.43 12.68 40.49
C THR M 472 36.82 14.04 41.01
N ILE M 473 35.85 14.75 41.59
CA ILE M 473 36.14 16.07 42.13
C ILE M 473 37.15 15.96 43.26
N ALA M 474 37.05 14.90 44.06
CA ALA M 474 37.98 14.72 45.17
C ALA M 474 39.39 14.58 44.64
N ASN M 475 39.59 13.68 43.67
CA ASN M 475 40.90 13.54 43.07
C ASN M 475 41.20 14.85 42.40
N GLY M 476 40.22 15.38 41.69
CA GLY M 476 40.37 16.66 41.03
C GLY M 476 40.87 17.73 41.98
N ILE M 477 40.25 17.83 43.15
CA ILE M 477 40.68 18.82 44.14
C ILE M 477 42.12 18.56 44.53
N SER M 478 42.49 17.30 44.68
CA SER M 478 43.86 16.97 45.04
C SER M 478 44.82 17.48 43.98
N ILE M 479 44.52 17.20 42.73
CA ILE M 479 45.39 17.64 41.64
C ILE M 479 45.49 19.15 41.64
N LEU M 480 44.37 19.82 41.89
CA LEU M 480 44.36 21.27 41.93
C LEU M 480 45.35 21.74 42.97
N GLU M 481 45.19 21.27 44.19
CA GLU M 481 46.09 21.67 45.26
C GLU M 481 47.52 21.47 44.83
N GLN M 482 47.80 20.30 44.27
CA GLN M 482 49.17 20.00 43.87
C GLN M 482 49.68 21.05 42.90
N ARG M 483 49.03 21.19 41.76
CA ARG M 483 49.55 22.12 40.75
C ARG M 483 49.65 23.54 41.29
N LEU M 484 48.79 23.90 42.23
CA LEU M 484 48.83 25.23 42.85
C LEU M 484 50.09 25.40 43.64
N LEU M 485 50.32 24.53 44.62
CA LEU M 485 51.59 24.58 45.34
C LEU M 485 52.66 24.75 44.27
N GLU M 486 52.59 23.99 43.18
CA GLU M 486 53.54 24.26 42.04
C GLU M 486 55.00 23.99 42.37
N ILE M 487 55.57 24.77 43.28
CA ILE M 487 56.91 24.41 43.75
C ILE M 487 56.99 24.55 45.27
N THR M 522 37.58 41.81 44.69
CA THR M 522 37.47 41.34 43.32
C THR M 522 38.78 41.52 42.57
N VAL M 523 39.80 41.98 43.28
CA VAL M 523 41.12 42.20 42.69
C VAL M 523 42.07 41.07 43.08
N ILE M 524 41.56 39.84 43.08
CA ILE M 524 42.41 38.70 43.42
C ILE M 524 43.61 38.62 42.48
N ARG M 525 44.77 38.27 43.01
CA ARG M 525 45.97 38.13 42.19
C ARG M 525 46.82 36.97 42.67
N PRO M 526 46.45 35.75 42.28
CA PRO M 526 47.19 34.57 42.73
C PRO M 526 48.39 34.28 41.84
N GLU M 527 48.80 35.24 41.02
CA GLU M 527 49.97 35.05 40.19
C GLU M 527 51.16 34.73 41.11
N ASP M 528 51.26 35.46 42.20
CA ASP M 528 52.33 35.21 43.15
C ASP M 528 51.77 34.42 44.32
N PHE M 529 50.50 34.09 44.25
CA PHE M 529 49.85 33.35 45.34
C PHE M 529 48.95 32.25 44.81
N PRO M 530 49.48 31.41 43.90
CA PRO M 530 48.61 30.40 43.32
C PRO M 530 48.13 29.43 44.37
N LYS M 531 49.04 28.94 45.20
CA LYS M 531 48.70 27.96 46.22
C LYS M 531 47.89 28.56 47.36
N PHE M 532 46.66 28.97 47.07
CA PHE M 532 45.82 29.56 48.10
C PHE M 532 44.48 28.84 48.19
N MET M 533 44.50 27.66 48.80
CA MET M 533 43.27 26.90 48.97
C MET M 533 42.35 27.59 49.96
N GLN M 534 42.89 27.90 51.14
CA GLN M 534 42.09 28.55 52.16
C GLN M 534 41.34 29.74 51.58
N LEU M 535 41.86 30.31 50.50
CA LEU M 535 41.24 31.47 49.91
C LEU M 535 39.75 31.22 49.71
N HIS M 536 39.42 30.03 49.22
CA HIS M 536 38.03 29.68 49.02
C HIS M 536 37.76 28.44 49.84
N GLN M 537 38.36 28.38 51.02
CA GLN M 537 38.18 27.22 51.88
C GLN M 537 36.70 26.98 52.03
N LYS M 538 35.94 28.06 52.23
CA LYS M 538 34.50 27.93 52.35
C LYS M 538 33.97 27.12 51.19
N PHE M 539 34.53 27.32 50.01
CA PHE M 539 34.13 26.52 48.86
C PHE M 539 34.84 25.18 48.87
N TYR M 540 36.16 25.19 49.08
CA TYR M 540 36.93 23.96 49.04
C TYR M 540 36.53 22.94 50.10
N ASP M 541 36.26 23.41 51.31
CA ASP M 541 35.88 22.50 52.39
C ASP M 541 34.61 21.77 51.99
N SER M 542 33.80 22.40 51.15
CA SER M 542 32.57 21.76 50.69
C SER M 542 32.93 20.48 49.95
N LEU M 543 34.03 20.50 49.21
CA LEU M 543 34.47 19.31 48.51
C LEU M 543 35.03 18.28 49.49
#